data_4POG
#
_entry.id   4POG
#
_cell.length_a   94.277
_cell.length_b   113.398
_cell.length_c   196.855
_cell.angle_alpha   90.00
_cell.angle_beta   101.35
_cell.angle_gamma   90.00
#
_symmetry.space_group_name_H-M   'P 1 21 1'
#
loop_
_entity.id
_entity.type
_entity.pdbx_description
1 polymer 'Cell division control protein 21'
2 polymer '30-mer oligo(dT)'
3 non-polymer 'ZINC ION'
#
loop_
_entity_poly.entity_id
_entity_poly.type
_entity_poly.pdbx_seq_one_letter_code
_entity_poly.pdbx_strand_id
1 'polypeptide(L)'
;SVDREEMIERFANFLREYTDEDGNPVYRGKITDLLTITPKRSVAIDWMHLNSFDSELAHEVIENPEEGISAAEDAIQIVL
REDFQREDVGKIHARFYNLPETLMVKDIGAEHINKLIQVEGIVTRVGEIKPFVSVAVFVCKDCGHEMIVPQKPYESLEKV
KKCEQCGSKNIELDVNKSSFVNFQSFRIQDRPETLKGGEMPRFIDGILLDDIVDVALPGDRVIVTGILRVVLEKREKTPI
FRKILEVNHIEPVSKEI
;
A,B,C,D,E,F,G,H,I,J,K,L
2 'polydeoxyribonucleotide'
;(DT)(DT)(DT)(DT)(DT)(DT)(DT)(DT)(DT)(DT)(DT)(DT)(DT)(DT)(DT)(DT)(DT)(DT)(DT)(DT)
(DT)(DT)(DT)(DT)(DT)(DT)(DT)(DT)(DT)(DT)
;
X,V,Y,Z
#
loop_
_chem_comp.id
_chem_comp.type
_chem_comp.name
_chem_comp.formula
DT DNA linking THYMIDINE-5'-MONOPHOSPHATE 'C10 H15 N2 O8 P'
ZN non-polymer 'ZINC ION' 'Zn 2'
#
# COMPACT_ATOMS: atom_id res chain seq x y z
N SER A 1 -4.63 -9.18 -18.88
CA SER A 1 -3.74 -10.19 -19.54
C SER A 1 -4.56 -11.25 -20.28
N VAL A 2 -4.69 -11.05 -21.59
CA VAL A 2 -5.40 -11.99 -22.46
C VAL A 2 -4.57 -12.18 -23.74
N ASP A 3 -4.34 -13.43 -24.13
CA ASP A 3 -3.57 -13.72 -25.34
C ASP A 3 -4.41 -13.55 -26.61
N ARG A 4 -3.73 -13.40 -27.75
CA ARG A 4 -4.37 -13.13 -29.05
C ARG A 4 -5.55 -14.04 -29.37
N GLU A 5 -5.28 -15.34 -29.45
CA GLU A 5 -6.26 -16.36 -29.84
C GLU A 5 -7.66 -16.08 -29.30
N GLU A 6 -7.75 -15.93 -27.98
CA GLU A 6 -9.02 -15.69 -27.28
C GLU A 6 -9.64 -14.35 -27.65
N MET A 7 -8.80 -13.32 -27.76
CA MET A 7 -9.27 -11.97 -28.11
C MET A 7 -10.02 -12.02 -29.42
N ILE A 8 -9.42 -12.67 -30.42
CA ILE A 8 -10.02 -12.76 -31.76
C ILE A 8 -11.44 -13.27 -31.65
N GLU A 9 -11.63 -14.34 -30.90
CA GLU A 9 -12.94 -14.93 -30.68
C GLU A 9 -13.86 -14.00 -29.89
N ARG A 10 -13.36 -13.48 -28.77
CA ARG A 10 -14.11 -12.53 -27.94
C ARG A 10 -14.57 -11.31 -28.73
N PHE A 11 -13.69 -10.83 -29.61
CA PHE A 11 -14.02 -9.74 -30.52
C PHE A 11 -15.08 -10.17 -31.52
N ALA A 12 -14.84 -11.32 -32.16
CA ALA A 12 -15.79 -11.87 -33.12
C ALA A 12 -17.17 -11.87 -32.50
N ASN A 13 -17.29 -12.49 -31.32
CA ASN A 13 -18.52 -12.49 -30.55
C ASN A 13 -19.05 -11.09 -30.32
N PHE A 14 -18.20 -10.20 -29.80
CA PHE A 14 -18.58 -8.81 -29.57
C PHE A 14 -19.31 -8.20 -30.76
N LEU A 15 -18.72 -8.33 -31.94
CA LEU A 15 -19.23 -7.72 -33.17
C LEU A 15 -20.64 -8.19 -33.53
N ARG A 16 -20.82 -9.51 -33.55
CA ARG A 16 -22.08 -10.11 -33.97
C ARG A 16 -23.11 -10.15 -32.83
N GLU A 17 -22.65 -10.14 -31.59
CA GLU A 17 -23.53 -10.31 -30.42
C GLU A 17 -23.97 -9.02 -29.73
N TYR A 18 -23.15 -7.98 -29.81
CA TYR A 18 -23.47 -6.70 -29.17
C TYR A 18 -24.76 -6.12 -29.72
N THR A 19 -25.56 -5.56 -28.82
CA THR A 19 -26.77 -4.83 -29.15
C THR A 19 -26.84 -3.64 -28.20
N ASP A 20 -27.23 -2.48 -28.72
CA ASP A 20 -27.31 -1.27 -27.91
C ASP A 20 -28.55 -1.28 -27.00
N GLU A 21 -29.28 -0.17 -26.98
CA GLU A 21 -30.49 -0.05 -26.19
C GLU A 21 -31.75 -0.34 -27.02
N ASP A 22 -31.57 -0.60 -28.30
CA ASP A 22 -32.68 -0.88 -29.22
C ASP A 22 -32.50 -2.25 -29.89
N GLY A 23 -31.48 -2.98 -29.45
CA GLY A 23 -31.17 -4.28 -30.02
C GLY A 23 -30.47 -4.22 -31.36
N ASN A 24 -29.94 -3.04 -31.69
CA ASN A 24 -29.18 -2.85 -32.92
C ASN A 24 -27.83 -3.55 -32.83
N PRO A 25 -27.60 -4.56 -33.68
CA PRO A 25 -26.29 -5.18 -33.70
C PRO A 25 -25.30 -4.31 -34.48
N VAL A 26 -25.45 -2.99 -34.32
CA VAL A 26 -24.72 -1.95 -35.08
C VAL A 26 -23.48 -2.39 -35.85
N TYR A 27 -22.66 -3.24 -35.21
CA TYR A 27 -21.43 -3.71 -35.83
C TYR A 27 -21.65 -4.64 -37.02
N ARG A 28 -22.73 -5.42 -36.96
CA ARG A 28 -23.21 -6.12 -38.15
C ARG A 28 -23.56 -5.12 -39.24
N GLY A 29 -24.24 -4.04 -38.86
CA GLY A 29 -24.62 -2.97 -39.78
C GLY A 29 -23.44 -2.21 -40.35
N LYS A 30 -22.28 -2.33 -39.70
CA LYS A 30 -21.05 -1.72 -40.18
C LYS A 30 -20.19 -2.67 -41.01
N ILE A 31 -20.05 -3.93 -40.55
CA ILE A 31 -19.43 -4.99 -41.36
C ILE A 31 -20.18 -5.10 -42.69
N THR A 32 -21.38 -4.54 -42.71
CA THR A 32 -22.22 -4.49 -43.89
C THR A 32 -21.77 -3.39 -44.84
N ASP A 33 -21.55 -2.19 -44.28
CA ASP A 33 -21.11 -1.02 -45.04
C ASP A 33 -19.72 -1.24 -45.65
N LEU A 34 -19.16 -2.41 -45.36
CA LEU A 34 -17.88 -2.83 -45.91
C LEU A 34 -18.01 -3.42 -47.31
N LEU A 35 -19.16 -4.03 -47.59
CA LEU A 35 -19.37 -4.77 -48.83
C LEU A 35 -20.04 -3.97 -49.96
N THR A 36 -20.46 -2.74 -49.64
CA THR A 36 -21.32 -1.93 -50.51
C THR A 36 -20.66 -1.42 -51.79
N ILE A 37 -21.40 -0.58 -52.52
CA ILE A 37 -20.91 0.08 -53.74
C ILE A 37 -19.71 0.98 -53.44
N THR A 38 -19.84 1.82 -52.42
CA THR A 38 -18.77 2.68 -51.93
C THR A 38 -18.22 2.08 -50.64
N PRO A 39 -17.27 1.12 -50.75
CA PRO A 39 -16.83 0.41 -49.55
C PRO A 39 -15.89 1.25 -48.70
N LYS A 40 -15.91 0.98 -47.40
CA LYS A 40 -14.95 1.57 -46.48
C LYS A 40 -13.99 0.46 -46.10
N ARG A 41 -12.78 0.81 -45.66
CA ARG A 41 -11.81 -0.20 -45.27
C ARG A 41 -11.56 -0.28 -43.76
N SER A 42 -12.50 0.25 -42.98
CA SER A 42 -12.37 0.29 -41.52
C SER A 42 -13.70 0.26 -40.78
N VAL A 43 -13.68 -0.37 -39.62
CA VAL A 43 -14.83 -0.47 -38.73
C VAL A 43 -14.58 0.40 -37.49
N ALA A 44 -15.40 1.43 -37.30
CA ALA A 44 -15.24 2.34 -36.16
C ALA A 44 -15.88 1.73 -34.92
N ILE A 45 -15.06 1.34 -33.95
CA ILE A 45 -15.55 0.70 -32.71
C ILE A 45 -15.58 1.73 -31.57
N ASP A 46 -16.75 1.92 -30.97
CA ASP A 46 -16.88 2.77 -29.78
C ASP A 46 -16.40 1.94 -28.61
N TRP A 47 -15.51 2.51 -27.81
CA TRP A 47 -14.88 1.79 -26.69
C TRP A 47 -15.88 1.55 -25.57
N MET A 48 -16.84 2.45 -25.44
CA MET A 48 -17.89 2.33 -24.43
C MET A 48 -18.78 1.13 -24.71
N HIS A 49 -19.03 0.86 -26.00
CA HIS A 49 -19.79 -0.32 -26.44
C HIS A 49 -19.01 -1.60 -26.17
N LEU A 50 -17.70 -1.56 -26.40
CA LEU A 50 -16.83 -2.69 -26.11
C LEU A 50 -16.71 -2.92 -24.61
N ASN A 51 -16.62 -1.82 -23.86
CA ASN A 51 -16.47 -1.88 -22.42
C ASN A 51 -17.68 -2.51 -21.73
N SER A 52 -18.87 -1.99 -22.01
CA SER A 52 -20.10 -2.51 -21.39
C SER A 52 -20.30 -4.02 -21.62
N PHE A 53 -20.07 -4.47 -22.86
CA PHE A 53 -20.18 -5.89 -23.25
C PHE A 53 -19.08 -6.73 -22.57
N ASP A 54 -17.85 -6.22 -22.60
CA ASP A 54 -16.65 -6.95 -22.18
C ASP A 54 -15.56 -5.92 -21.84
N SER A 55 -15.57 -5.46 -20.59
CA SER A 55 -14.65 -4.42 -20.11
C SER A 55 -13.25 -4.96 -19.84
N GLU A 56 -13.16 -6.27 -19.68
CA GLU A 56 -11.89 -6.95 -19.46
C GLU A 56 -11.05 -6.99 -20.75
N LEU A 57 -11.72 -6.92 -21.89
CA LEU A 57 -11.06 -6.86 -23.19
C LEU A 57 -10.78 -5.42 -23.60
N ALA A 58 -11.74 -4.55 -23.30
CA ALA A 58 -11.62 -3.12 -23.54
C ALA A 58 -10.37 -2.57 -22.85
N HIS A 59 -10.05 -3.15 -21.69
CA HIS A 59 -8.86 -2.79 -20.94
C HIS A 59 -7.63 -3.57 -21.41
N GLU A 60 -7.68 -4.03 -22.65
CA GLU A 60 -6.55 -4.72 -23.28
C GLU A 60 -6.10 -3.94 -24.51
N VAL A 61 -7.06 -3.41 -25.26
CA VAL A 61 -6.78 -2.57 -26.42
C VAL A 61 -6.09 -1.27 -26.01
N ILE A 62 -6.36 -0.83 -24.79
CA ILE A 62 -5.69 0.33 -24.24
C ILE A 62 -4.30 -0.05 -23.71
N GLU A 63 -4.23 -1.12 -22.94
CA GLU A 63 -2.95 -1.52 -22.36
C GLU A 63 -2.05 -2.28 -23.33
N ASN A 64 -2.63 -2.77 -24.42
CA ASN A 64 -1.85 -3.51 -25.41
C ASN A 64 -2.43 -3.39 -26.83
N PRO A 65 -2.48 -2.15 -27.34
CA PRO A 65 -3.14 -1.87 -28.63
C PRO A 65 -2.62 -2.69 -29.81
N GLU A 66 -1.33 -3.01 -29.84
CA GLU A 66 -0.75 -3.73 -30.97
C GLU A 66 -1.36 -5.12 -31.11
N GLU A 67 -1.54 -5.81 -29.99
CA GLU A 67 -2.26 -7.09 -29.99
C GLU A 67 -3.76 -6.83 -30.19
N GLY A 68 -4.29 -5.88 -29.41
CA GLY A 68 -5.71 -5.55 -29.40
C GLY A 68 -6.29 -5.21 -30.75
N ILE A 69 -5.69 -4.21 -31.40
CA ILE A 69 -6.17 -3.79 -32.72
C ILE A 69 -5.99 -4.94 -33.70
N SER A 70 -4.82 -5.56 -33.69
CA SER A 70 -4.53 -6.65 -34.61
C SER A 70 -5.47 -7.85 -34.47
N ALA A 71 -5.81 -8.22 -33.23
CA ALA A 71 -6.76 -9.30 -32.98
C ALA A 71 -8.15 -8.96 -33.51
N ALA A 72 -8.60 -7.73 -33.24
CA ALA A 72 -9.92 -7.24 -33.66
C ALA A 72 -10.07 -7.20 -35.17
N GLU A 73 -8.95 -6.99 -35.87
CA GLU A 73 -8.95 -6.99 -37.33
C GLU A 73 -9.07 -8.40 -37.89
N ASP A 74 -8.44 -9.37 -37.22
CA ASP A 74 -8.59 -10.78 -37.55
C ASP A 74 -10.01 -11.25 -37.27
N ALA A 75 -10.64 -10.64 -36.25
CA ALA A 75 -12.02 -10.91 -35.92
C ALA A 75 -12.92 -10.48 -37.06
N ILE A 76 -12.74 -9.23 -37.53
CA ILE A 76 -13.55 -8.70 -38.63
C ILE A 76 -13.30 -9.52 -39.90
N GLN A 77 -12.09 -10.07 -40.01
CA GLN A 77 -11.74 -10.95 -41.12
C GLN A 77 -12.55 -12.25 -41.07
N ILE A 78 -12.81 -12.73 -39.86
CA ILE A 78 -13.53 -13.98 -39.65
C ILE A 78 -15.04 -13.82 -39.83
N VAL A 79 -15.63 -12.80 -39.21
CA VAL A 79 -17.08 -12.55 -39.30
C VAL A 79 -17.55 -12.12 -40.71
N LEU A 80 -16.60 -12.09 -41.65
CA LEU A 80 -16.91 -11.87 -43.06
C LEU A 80 -16.84 -13.20 -43.77
N ARG A 81 -15.77 -13.94 -43.50
CA ARG A 81 -15.50 -15.25 -44.09
C ARG A 81 -16.59 -16.27 -43.75
N GLU A 82 -17.12 -16.18 -42.53
CA GLU A 82 -18.17 -17.10 -42.08
C GLU A 82 -19.56 -16.58 -42.40
N ASP A 83 -19.86 -15.35 -41.94
CA ASP A 83 -21.22 -14.81 -41.97
C ASP A 83 -21.63 -14.19 -43.31
N PHE A 84 -20.66 -14.00 -44.20
CA PHE A 84 -20.93 -13.35 -45.48
C PHE A 84 -20.22 -14.04 -46.65
N GLN A 85 -19.53 -15.15 -46.35
CA GLN A 85 -18.79 -15.96 -47.33
C GLN A 85 -17.77 -15.16 -48.17
N ARG A 86 -17.45 -13.96 -47.71
CA ARG A 86 -16.49 -13.09 -48.38
C ARG A 86 -15.09 -13.25 -47.78
N GLU A 87 -14.13 -13.54 -48.66
CA GLU A 87 -12.72 -13.67 -48.27
C GLU A 87 -11.89 -12.80 -49.20
N ASP A 88 -12.51 -12.39 -50.30
CA ASP A 88 -11.88 -11.53 -51.30
C ASP A 88 -11.53 -10.16 -50.75
N VAL A 89 -12.37 -9.63 -49.87
CA VAL A 89 -12.15 -8.31 -49.25
C VAL A 89 -10.74 -8.23 -48.68
N GLY A 90 -10.09 -7.09 -48.86
CA GLY A 90 -8.72 -6.89 -48.39
C GLY A 90 -8.60 -6.90 -46.88
N LYS A 91 -7.83 -5.95 -46.35
CA LYS A 91 -7.66 -5.81 -44.90
C LYS A 91 -8.52 -4.65 -44.40
N ILE A 92 -9.19 -4.86 -43.27
CA ILE A 92 -10.07 -3.86 -42.71
C ILE A 92 -9.47 -3.38 -41.40
N HIS A 93 -9.49 -2.07 -41.17
CA HIS A 93 -8.90 -1.51 -39.96
C HIS A 93 -9.85 -1.48 -38.78
N ALA A 94 -9.34 -1.86 -37.61
CA ALA A 94 -10.12 -1.77 -36.38
C ALA A 94 -9.77 -0.47 -35.67
N ARG A 95 -10.64 0.51 -35.82
CA ARG A 95 -10.38 1.85 -35.29
C ARG A 95 -11.25 2.14 -34.06
N PHE A 96 -10.64 2.20 -32.88
CA PHE A 96 -11.38 2.44 -31.62
C PHE A 96 -11.47 3.92 -31.36
N TYR A 97 -12.56 4.34 -30.73
CA TYR A 97 -12.71 5.74 -30.41
C TYR A 97 -13.50 5.88 -29.13
N ASN A 98 -13.56 7.10 -28.60
CA ASN A 98 -14.31 7.38 -27.37
C ASN A 98 -13.81 6.52 -26.20
N LEU A 99 -12.58 6.80 -25.79
CA LEU A 99 -11.94 6.15 -24.65
C LEU A 99 -12.22 6.96 -23.37
N PRO A 100 -12.04 6.34 -22.18
CA PRO A 100 -12.39 7.06 -20.95
C PRO A 100 -11.42 8.20 -20.65
N GLU A 101 -10.13 7.90 -20.58
CA GLU A 101 -9.07 8.88 -20.34
C GLU A 101 -8.80 9.67 -21.62
N THR A 102 -8.97 10.99 -21.53
CA THR A 102 -8.74 11.90 -22.65
C THR A 102 -7.65 12.94 -22.31
N LEU A 103 -6.43 12.67 -22.77
CA LEU A 103 -5.25 13.48 -22.43
C LEU A 103 -5.19 14.83 -23.14
N MET A 104 -4.26 15.66 -22.69
CA MET A 104 -3.92 16.91 -23.36
C MET A 104 -2.47 16.76 -23.84
N VAL A 105 -2.19 17.24 -25.05
CA VAL A 105 -0.86 17.08 -25.66
C VAL A 105 0.32 17.22 -24.68
N LYS A 106 0.22 18.21 -23.78
CA LYS A 106 1.25 18.46 -22.76
C LYS A 106 1.35 17.36 -21.70
N ASP A 107 0.27 16.60 -21.51
CA ASP A 107 0.24 15.53 -20.52
C ASP A 107 0.77 14.20 -21.05
N ILE A 108 1.04 14.14 -22.36
CA ILE A 108 1.56 12.92 -22.97
C ILE A 108 2.98 12.70 -22.51
N GLY A 109 3.27 11.55 -21.93
CA GLY A 109 4.62 11.27 -21.47
C GLY A 109 5.07 9.84 -21.64
N ALA A 110 6.17 9.52 -20.97
CA ALA A 110 6.72 8.18 -20.97
C ALA A 110 5.74 7.10 -20.49
N GLU A 111 4.82 7.47 -19.58
CA GLU A 111 3.84 6.52 -19.04
C GLU A 111 3.10 5.83 -20.18
N HIS A 112 2.77 6.64 -21.18
CA HIS A 112 1.90 6.24 -22.27
C HIS A 112 2.57 5.53 -23.43
N ILE A 113 3.88 5.31 -23.33
CA ILE A 113 4.58 4.65 -24.43
C ILE A 113 3.91 3.29 -24.76
N ASN A 114 3.55 3.13 -26.03
CA ASN A 114 2.89 1.93 -26.56
C ASN A 114 1.54 1.55 -25.95
N LYS A 115 0.91 2.52 -25.29
CA LYS A 115 -0.48 2.37 -24.83
C LYS A 115 -1.36 3.20 -25.73
N LEU A 116 -2.53 2.69 -26.12
CA LEU A 116 -3.47 3.49 -26.90
C LEU A 116 -3.98 4.63 -26.03
N ILE A 117 -3.78 5.85 -26.51
CA ILE A 117 -4.25 7.01 -25.77
C ILE A 117 -5.25 7.78 -26.62
N GLN A 118 -5.87 8.77 -26.00
CA GLN A 118 -6.80 9.66 -26.67
C GLN A 118 -6.33 11.08 -26.40
N VAL A 119 -6.31 11.89 -27.44
CA VAL A 119 -5.86 13.28 -27.33
C VAL A 119 -6.80 14.19 -28.07
N GLU A 120 -7.24 15.24 -27.38
CA GLU A 120 -7.92 16.35 -28.03
C GLU A 120 -6.85 17.36 -28.35
N GLY A 121 -7.03 18.07 -29.46
CA GLY A 121 -6.08 19.11 -29.89
C GLY A 121 -6.50 19.87 -31.13
N ILE A 122 -5.58 20.70 -31.63
CA ILE A 122 -5.80 21.47 -32.86
C ILE A 122 -4.64 21.24 -33.83
N VAL A 123 -5.01 20.84 -35.05
CA VAL A 123 -4.01 20.49 -36.06
C VAL A 123 -3.32 21.78 -36.52
N THR A 124 -1.98 21.80 -36.46
CA THR A 124 -1.19 22.95 -36.93
C THR A 124 -0.49 22.70 -38.29
N ARG A 125 -0.32 21.43 -38.66
CA ARG A 125 0.34 21.06 -39.91
C ARG A 125 -0.19 19.75 -40.45
N VAL A 126 -0.11 19.61 -41.77
CA VAL A 126 -0.32 18.33 -42.45
C VAL A 126 0.72 18.18 -43.59
N GLY A 127 1.31 17.00 -43.73
CA GLY A 127 2.29 16.80 -44.80
C GLY A 127 1.69 16.36 -46.12
N GLU A 128 2.53 16.18 -47.14
CA GLU A 128 2.08 15.62 -48.41
C GLU A 128 1.73 14.15 -48.25
N ILE A 129 0.76 13.69 -49.03
CA ILE A 129 0.38 12.28 -49.01
C ILE A 129 1.43 11.45 -49.77
N LYS A 130 2.36 10.88 -49.02
CA LYS A 130 3.43 10.09 -49.60
C LYS A 130 3.15 8.59 -49.46
N PRO A 131 3.68 7.80 -50.40
CA PRO A 131 3.57 6.35 -50.38
C PRO A 131 4.48 5.74 -49.36
N PHE A 132 3.92 4.98 -48.43
CA PHE A 132 4.71 4.21 -47.47
C PHE A 132 4.85 2.74 -47.93
N VAL A 133 6.04 2.19 -47.81
CA VAL A 133 6.23 0.76 -48.07
C VAL A 133 5.85 -0.08 -46.84
N SER A 134 4.59 -0.53 -46.79
CA SER A 134 4.08 -1.30 -45.65
C SER A 134 4.75 -2.66 -45.52
N VAL A 135 5.07 -3.25 -46.68
CA VAL A 135 5.80 -4.50 -46.75
C VAL A 135 6.86 -4.32 -47.82
N ALA A 136 8.12 -4.34 -47.44
CA ALA A 136 9.20 -4.19 -48.42
C ALA A 136 9.77 -5.53 -48.88
N VAL A 137 9.98 -5.64 -50.19
CA VAL A 137 10.48 -6.86 -50.81
C VAL A 137 11.85 -6.61 -51.41
N PHE A 138 12.86 -7.24 -50.83
CA PHE A 138 14.23 -7.14 -51.33
C PHE A 138 14.55 -8.28 -52.28
N VAL A 139 15.27 -7.96 -53.36
CA VAL A 139 15.66 -8.96 -54.33
C VAL A 139 17.16 -8.94 -54.56
N CYS A 140 17.74 -10.14 -54.61
CA CYS A 140 19.16 -10.34 -54.83
C CYS A 140 19.47 -10.29 -56.33
N LYS A 141 20.52 -9.57 -56.71
CA LYS A 141 20.90 -9.49 -58.11
C LYS A 141 22.04 -10.43 -58.50
N ASP A 142 22.22 -11.47 -57.68
CA ASP A 142 23.23 -12.51 -57.93
C ASP A 142 22.57 -13.87 -58.11
N CYS A 143 21.64 -14.19 -57.21
CA CYS A 143 20.89 -15.44 -57.28
C CYS A 143 19.39 -15.19 -57.46
N GLY A 144 18.98 -13.94 -57.31
CA GLY A 144 17.59 -13.54 -57.53
C GLY A 144 16.65 -13.83 -56.37
N HIS A 145 17.20 -14.34 -55.27
CA HIS A 145 16.41 -14.69 -54.09
C HIS A 145 15.59 -13.51 -53.61
N GLU A 146 14.40 -13.79 -53.09
CA GLU A 146 13.50 -12.76 -52.58
C GLU A 146 13.38 -12.79 -51.07
N MET A 147 13.38 -11.60 -50.46
CA MET A 147 13.28 -11.47 -49.02
C MET A 147 12.24 -10.43 -48.63
N ILE A 148 11.26 -10.84 -47.83
CA ILE A 148 10.18 -9.96 -47.37
C ILE A 148 10.53 -9.37 -46.01
N VAL A 149 10.37 -8.06 -45.86
CA VAL A 149 10.60 -7.38 -44.59
C VAL A 149 9.53 -6.32 -44.36
N PRO A 150 8.55 -6.61 -43.49
CA PRO A 150 7.53 -5.60 -43.20
C PRO A 150 8.15 -4.39 -42.52
N GLN A 151 7.71 -3.20 -42.92
CA GLN A 151 8.19 -1.95 -42.34
C GLN A 151 7.16 -1.35 -41.42
N LYS A 152 7.58 -0.35 -40.64
CA LYS A 152 6.70 0.36 -39.74
C LYS A 152 6.84 1.84 -40.06
N PRO A 153 5.71 2.58 -40.20
CA PRO A 153 5.71 4.00 -40.63
C PRO A 153 6.51 4.99 -39.78
N TYR A 154 6.74 4.68 -38.51
CA TYR A 154 7.50 5.58 -37.62
C TYR A 154 8.99 5.24 -37.48
N GLU A 155 9.29 3.94 -37.47
CA GLU A 155 10.67 3.45 -37.42
C GLU A 155 11.33 3.75 -38.75
N SER A 156 12.65 3.82 -38.74
CA SER A 156 13.40 3.99 -39.98
C SER A 156 13.38 2.72 -40.87
N LEU A 157 13.82 2.87 -42.11
CA LEU A 157 13.76 1.79 -43.09
C LEU A 157 14.68 0.66 -42.71
N GLU A 158 14.11 -0.53 -42.60
CA GLU A 158 14.89 -1.72 -42.29
C GLU A 158 15.28 -2.42 -43.58
N LYS A 159 16.53 -2.26 -43.98
CA LYS A 159 17.05 -2.92 -45.17
C LYS A 159 17.57 -4.31 -44.81
N VAL A 160 18.37 -4.87 -45.71
CA VAL A 160 19.12 -6.09 -45.44
C VAL A 160 20.37 -6.09 -46.33
N LYS A 161 21.55 -6.08 -45.70
CA LYS A 161 22.81 -5.90 -46.42
C LYS A 161 23.40 -7.20 -46.98
N LYS A 162 22.88 -8.35 -46.53
CA LYS A 162 23.39 -9.63 -46.99
C LYS A 162 22.25 -10.57 -47.41
N CYS A 163 22.47 -11.31 -48.49
CA CYS A 163 21.48 -12.26 -49.01
C CYS A 163 21.30 -13.46 -48.10
N GLU A 164 20.04 -13.85 -47.91
CA GLU A 164 19.67 -14.97 -47.07
C GLU A 164 20.07 -16.31 -47.70
N GLN A 165 20.04 -16.35 -49.03
CA GLN A 165 20.36 -17.56 -49.79
C GLN A 165 21.84 -17.67 -50.07
N CYS A 166 22.36 -16.81 -50.95
CA CYS A 166 23.75 -16.90 -51.40
C CYS A 166 24.73 -16.02 -50.62
N GLY A 167 24.21 -15.16 -49.76
CA GLY A 167 25.04 -14.29 -48.94
C GLY A 167 25.74 -13.17 -49.69
N SER A 168 25.25 -12.84 -50.88
CA SER A 168 25.83 -11.77 -51.68
C SER A 168 25.35 -10.41 -51.22
N LYS A 169 26.31 -9.52 -50.98
CA LYS A 169 26.03 -8.17 -50.48
C LYS A 169 25.57 -7.26 -51.62
N ASN A 170 24.78 -7.82 -52.51
CA ASN A 170 24.27 -7.14 -53.69
C ASN A 170 22.75 -7.24 -53.68
N ILE A 171 22.12 -6.56 -52.73
CA ILE A 171 20.67 -6.58 -52.57
C ILE A 171 20.08 -5.22 -52.90
N GLU A 172 18.87 -5.22 -53.47
CA GLU A 172 18.17 -3.99 -53.84
C GLU A 172 16.68 -4.12 -53.53
N LEU A 173 16.03 -2.97 -53.35
CA LEU A 173 14.59 -2.96 -53.12
C LEU A 173 13.84 -3.00 -54.45
N ASP A 174 12.90 -3.95 -54.59
CA ASP A 174 12.09 -4.07 -55.80
C ASP A 174 10.75 -3.35 -55.61
N VAL A 175 10.66 -2.15 -56.16
CA VAL A 175 9.46 -1.31 -56.02
C VAL A 175 8.17 -2.08 -56.32
N ASN A 176 8.14 -2.80 -57.44
CA ASN A 176 6.94 -3.54 -57.87
C ASN A 176 6.49 -4.63 -56.92
N LYS A 177 7.44 -5.47 -56.52
CA LYS A 177 7.13 -6.61 -55.67
C LYS A 177 6.70 -6.16 -54.27
N SER A 178 7.05 -4.92 -53.93
CA SER A 178 6.71 -4.32 -52.63
C SER A 178 5.26 -3.82 -52.57
N SER A 179 4.76 -3.64 -51.35
CA SER A 179 3.43 -3.11 -51.12
C SER A 179 3.52 -1.71 -50.55
N PHE A 180 2.72 -0.79 -51.09
CA PHE A 180 2.70 0.60 -50.63
C PHE A 180 1.32 1.02 -50.17
N VAL A 181 1.26 1.88 -49.16
CA VAL A 181 0.00 2.50 -48.71
C VAL A 181 0.19 3.99 -48.55
N ASN A 182 -0.91 4.74 -48.68
CA ASN A 182 -0.87 6.18 -48.42
C ASN A 182 -0.51 6.50 -46.98
N PHE A 183 0.20 7.59 -46.83
CA PHE A 183 0.79 7.98 -45.57
C PHE A 183 0.73 9.48 -45.53
N GLN A 184 0.44 10.06 -44.37
CA GLN A 184 0.50 11.50 -44.20
C GLN A 184 0.86 11.88 -42.78
N SER A 185 1.90 12.69 -42.62
CA SER A 185 2.22 13.26 -41.32
C SER A 185 1.37 14.51 -40.95
N PHE A 186 1.30 14.79 -39.66
CA PHE A 186 0.54 15.92 -39.18
C PHE A 186 0.93 16.25 -37.76
N ARG A 187 0.77 17.51 -37.40
CA ARG A 187 1.10 17.97 -36.07
C ARG A 187 -0.13 18.52 -35.40
N ILE A 188 -0.32 18.17 -34.12
CA ILE A 188 -1.29 18.87 -33.29
C ILE A 188 -0.66 19.36 -32.00
N GLN A 189 -1.19 20.47 -31.50
CA GLN A 189 -0.78 21.00 -30.22
C GLN A 189 -2.03 21.24 -29.39
N ASP A 190 -1.84 21.49 -28.09
CA ASP A 190 -2.95 21.89 -27.24
C ASP A 190 -3.59 23.13 -27.82
N ARG A 191 -4.92 23.10 -27.94
CA ARG A 191 -5.71 24.25 -28.39
C ARG A 191 -5.60 25.37 -27.35
N PRO A 192 -4.91 26.49 -27.69
CA PRO A 192 -4.62 27.59 -26.75
C PRO A 192 -5.76 28.11 -25.86
N GLU A 193 -6.93 27.46 -25.89
CA GLU A 193 -7.99 27.72 -24.92
C GLU A 193 -7.57 27.14 -23.57
N THR A 194 -8.04 25.93 -23.25
CA THR A 194 -7.68 25.27 -21.98
C THR A 194 -6.17 25.07 -21.84
N LEU A 195 -5.54 26.04 -21.16
CA LEU A 195 -4.10 26.11 -21.02
C LEU A 195 -3.80 27.51 -20.49
N LYS A 196 -3.40 27.60 -19.21
CA LYS A 196 -3.13 28.87 -18.55
C LYS A 196 -2.46 29.86 -19.49
N GLY A 197 -2.89 31.10 -19.46
CA GLY A 197 -2.46 32.13 -20.40
C GLY A 197 -0.96 32.33 -20.56
N GLY A 198 -0.16 31.70 -19.70
CA GLY A 198 1.30 31.84 -19.75
C GLY A 198 2.06 30.53 -19.91
N GLU A 199 1.50 29.63 -20.70
CA GLU A 199 2.16 28.38 -21.06
C GLU A 199 2.45 28.40 -22.54
N MET A 200 3.60 27.84 -22.92
CA MET A 200 3.96 27.67 -24.31
C MET A 200 3.33 26.34 -24.75
N PRO A 201 2.30 26.40 -25.63
CA PRO A 201 1.58 25.20 -26.07
C PRO A 201 2.50 24.12 -26.63
N ARG A 202 2.50 22.96 -25.98
CA ARG A 202 3.30 21.82 -26.41
C ARG A 202 2.54 21.07 -27.49
N PHE A 203 3.28 20.42 -28.40
CA PHE A 203 2.69 19.79 -29.57
C PHE A 203 3.21 18.37 -29.72
N ILE A 204 2.61 17.63 -30.66
CA ILE A 204 3.08 16.29 -30.98
C ILE A 204 2.82 15.96 -32.45
N ASP A 205 3.79 15.30 -33.08
CA ASP A 205 3.67 14.82 -34.45
C ASP A 205 3.01 13.43 -34.51
N GLY A 206 2.19 13.22 -35.54
CA GLY A 206 1.46 11.97 -35.76
C GLY A 206 1.47 11.46 -37.19
N ILE A 207 1.04 10.22 -37.33
CA ILE A 207 1.06 9.51 -38.62
C ILE A 207 -0.32 8.94 -38.97
N LEU A 208 -0.77 9.21 -40.20
CA LEU A 208 -2.03 8.67 -40.70
C LEU A 208 -1.72 7.68 -41.79
N LEU A 209 -2.54 6.64 -41.91
CA LEU A 209 -2.38 5.64 -42.96
C LEU A 209 -3.69 5.26 -43.67
N ASP A 210 -3.57 4.71 -44.88
CA ASP A 210 -4.73 4.26 -45.64
C ASP A 210 -5.90 5.26 -45.63
N ASP A 211 -7.07 4.73 -45.31
CA ASP A 211 -8.34 5.47 -45.30
C ASP A 211 -8.38 6.73 -44.43
N ILE A 212 -7.61 6.78 -43.34
CA ILE A 212 -7.61 7.99 -42.48
C ILE A 212 -6.65 9.10 -42.96
N VAL A 213 -6.01 8.88 -44.10
CA VAL A 213 -5.12 9.87 -44.72
C VAL A 213 -5.98 11.02 -45.21
N ASP A 214 -5.42 12.23 -45.22
CA ASP A 214 -6.09 13.44 -45.68
C ASP A 214 -7.49 13.67 -45.11
N VAL A 215 -7.64 13.47 -43.80
CA VAL A 215 -8.97 13.65 -43.19
C VAL A 215 -9.09 14.97 -42.42
N ALA A 216 -7.97 15.67 -42.24
CA ALA A 216 -7.95 16.92 -41.49
C ALA A 216 -6.93 17.86 -42.07
N LEU A 217 -7.25 19.14 -41.97
CA LEU A 217 -6.42 20.21 -42.48
C LEU A 217 -5.93 21.01 -41.31
N PRO A 218 -4.91 21.85 -41.52
CA PRO A 218 -4.48 22.82 -40.50
C PRO A 218 -5.63 23.71 -40.01
N GLY A 219 -5.80 23.78 -38.70
CA GLY A 219 -6.87 24.57 -38.10
C GLY A 219 -8.10 23.79 -37.66
N ASP A 220 -8.04 22.47 -37.80
CA ASP A 220 -9.13 21.58 -37.35
C ASP A 220 -8.96 21.18 -35.89
N ARG A 221 -10.05 21.30 -35.13
CA ARG A 221 -10.09 20.76 -33.78
C ARG A 221 -10.43 19.29 -33.92
N VAL A 222 -9.52 18.44 -33.46
CA VAL A 222 -9.70 17.00 -33.62
C VAL A 222 -9.63 16.27 -32.28
N ILE A 223 -10.21 15.08 -32.25
CA ILE A 223 -9.98 14.14 -31.17
C ILE A 223 -9.43 12.86 -31.77
N VAL A 224 -8.14 12.66 -31.58
CA VAL A 224 -7.48 11.49 -32.11
C VAL A 224 -7.36 10.40 -31.06
N THR A 225 -7.34 9.17 -31.52
CA THR A 225 -6.92 8.07 -30.70
C THR A 225 -5.63 7.58 -31.34
N GLY A 226 -4.72 7.04 -30.54
CA GLY A 226 -3.44 6.65 -31.11
C GLY A 226 -2.47 5.96 -30.20
N ILE A 227 -1.55 5.22 -30.79
CA ILE A 227 -0.51 4.59 -30.02
C ILE A 227 0.64 5.59 -29.92
N LEU A 228 1.05 5.86 -28.69
CA LEU A 228 2.18 6.72 -28.42
C LEU A 228 3.48 5.95 -28.68
N ARG A 229 4.22 6.38 -29.69
CA ARG A 229 5.42 5.68 -30.12
C ARG A 229 6.67 6.51 -29.89
N VAL A 230 7.81 5.84 -29.72
CA VAL A 230 9.07 6.54 -29.46
C VAL A 230 10.16 6.02 -30.41
N VAL A 231 11.13 6.89 -30.71
CA VAL A 231 12.33 6.49 -31.46
C VAL A 231 13.57 7.27 -31.00
N LEU A 232 14.74 6.62 -31.10
CA LEU A 232 16.02 7.21 -30.74
C LEU A 232 16.20 8.59 -31.37
N GLU A 233 16.48 9.59 -30.54
CA GLU A 233 16.64 10.98 -30.97
C GLU A 233 17.76 11.13 -32.00
N LYS A 234 17.60 12.15 -32.86
CA LYS A 234 18.58 12.57 -33.89
C LYS A 234 19.71 11.56 -34.21
N ARG A 235 20.81 11.66 -33.46
CA ARG A 235 22.02 10.89 -33.73
C ARG A 235 21.90 9.36 -33.59
N GLU A 236 20.92 8.91 -32.80
CA GLU A 236 20.75 7.49 -32.48
C GLU A 236 21.99 6.96 -31.75
N LYS A 237 22.59 7.86 -30.97
CA LYS A 237 23.68 7.56 -30.06
C LYS A 237 23.09 7.62 -28.67
N THR A 238 22.34 8.70 -28.42
CA THR A 238 21.83 9.05 -27.11
C THR A 238 20.60 8.21 -26.70
N PRO A 239 20.45 7.90 -25.39
CA PRO A 239 19.35 7.11 -24.84
C PRO A 239 18.05 7.89 -24.69
N ILE A 240 17.88 8.91 -25.52
CA ILE A 240 16.71 9.77 -25.49
C ILE A 240 15.81 9.47 -26.70
N PHE A 241 14.55 9.92 -26.68
CA PHE A 241 13.63 9.52 -27.73
C PHE A 241 12.87 10.67 -28.39
N ARG A 242 11.86 10.32 -29.20
CA ARG A 242 10.98 11.28 -29.82
C ARG A 242 9.57 10.72 -29.86
N LYS A 243 8.61 11.47 -29.30
CA LYS A 243 7.24 11.00 -29.21
C LYS A 243 6.51 11.21 -30.54
N ILE A 244 6.03 10.10 -31.11
CA ILE A 244 5.22 10.14 -32.33
C ILE A 244 3.92 9.44 -32.07
N LEU A 245 2.85 9.93 -32.69
CA LEU A 245 1.52 9.43 -32.39
C LEU A 245 0.93 8.71 -33.59
N GLU A 246 1.08 7.38 -33.60
CA GLU A 246 0.58 6.58 -34.70
C GLU A 246 -0.93 6.50 -34.54
N VAL A 247 -1.64 7.35 -35.26
CA VAL A 247 -3.10 7.51 -35.08
C VAL A 247 -3.90 6.25 -35.46
N ASN A 248 -4.87 5.92 -34.61
CA ASN A 248 -5.71 4.75 -34.78
C ASN A 248 -7.14 5.12 -35.10
N HIS A 249 -7.46 6.40 -34.95
CA HIS A 249 -8.77 6.91 -35.27
C HIS A 249 -8.77 8.39 -35.00
N ILE A 250 -9.30 9.14 -35.96
CA ILE A 250 -9.39 10.59 -35.81
C ILE A 250 -10.81 11.05 -36.08
N GLU A 251 -11.25 12.06 -35.35
CA GLU A 251 -12.64 12.53 -35.42
C GLU A 251 -12.72 14.04 -35.14
N PRO A 252 -13.46 14.77 -35.99
CA PRO A 252 -13.63 16.22 -35.81
C PRO A 252 -14.50 16.57 -34.62
N VAL A 253 -14.42 17.83 -34.17
CA VAL A 253 -15.33 18.38 -33.14
C VAL A 253 -15.40 19.91 -33.21
N SER A 254 -16.61 20.45 -33.42
CA SER A 254 -16.77 21.90 -33.54
C SER A 254 -17.13 22.54 -32.20
N LYS A 255 -16.15 23.16 -31.56
CA LYS A 255 -16.34 23.78 -30.24
C LYS A 255 -16.96 25.16 -30.36
N SER B 1 34.16 8.53 4.55
CA SER B 1 34.12 7.16 3.96
C SER B 1 33.21 6.23 4.75
N VAL B 2 32.01 5.99 4.21
CA VAL B 2 31.01 5.08 4.79
C VAL B 2 30.39 4.26 3.66
N ASP B 3 30.41 2.93 3.81
CA ASP B 3 29.87 2.04 2.77
C ASP B 3 28.33 2.06 2.76
N ARG B 4 27.76 1.64 1.64
CA ARG B 4 26.31 1.66 1.41
C ARG B 4 25.48 1.08 2.55
N GLU B 5 25.72 -0.20 2.85
CA GLU B 5 24.97 -0.95 3.86
C GLU B 5 24.55 -0.11 5.05
N GLU B 6 25.53 0.56 5.66
CA GLU B 6 25.35 1.38 6.86
C GLU B 6 24.55 2.65 6.56
N MET B 7 24.86 3.31 5.44
CA MET B 7 24.18 4.54 5.02
C MET B 7 22.67 4.35 4.92
N ILE B 8 22.27 3.23 4.32
CA ILE B 8 20.86 2.85 4.23
C ILE B 8 20.23 2.95 5.62
N GLU B 9 20.83 2.22 6.57
CA GLU B 9 20.37 2.18 7.95
C GLU B 9 20.38 3.56 8.59
N ARG B 10 21.54 4.22 8.57
CA ARG B 10 21.68 5.56 9.14
C ARG B 10 20.62 6.50 8.60
N PHE B 11 20.37 6.38 7.30
CA PHE B 11 19.36 7.17 6.61
C PHE B 11 17.97 6.80 7.09
N ALA B 12 17.68 5.50 7.14
CA ALA B 12 16.43 5.01 7.69
C ALA B 12 16.21 5.71 9.03
N ASN B 13 17.17 5.54 9.93
CA ASN B 13 17.17 6.17 11.23
C ASN B 13 16.93 7.68 11.15
N PHE B 14 17.68 8.36 10.30
CA PHE B 14 17.52 9.80 10.14
C PHE B 14 16.08 10.18 9.86
N LEU B 15 15.44 9.45 8.95
CA LEU B 15 14.09 9.78 8.49
C LEU B 15 13.04 9.70 9.59
N ARG B 16 13.01 8.56 10.29
CA ARG B 16 12.02 8.32 11.33
C ARG B 16 12.38 9.01 12.67
N GLU B 17 13.67 9.20 12.91
CA GLU B 17 14.14 9.69 14.22
C GLU B 17 14.36 11.19 14.32
N TYR B 18 14.61 11.86 13.20
CA TYR B 18 14.87 13.30 13.25
C TYR B 18 13.63 14.06 13.70
N THR B 19 13.86 15.07 14.53
CA THR B 19 12.81 15.99 14.99
C THR B 19 13.41 17.39 15.04
N ASP B 20 12.68 18.39 14.56
CA ASP B 20 13.21 19.76 14.47
C ASP B 20 13.26 20.42 15.84
N GLU B 21 12.90 21.70 15.89
CA GLU B 21 12.85 22.43 17.16
C GLU B 21 11.48 22.29 17.83
N ASP B 22 10.66 21.39 17.31
CA ASP B 22 9.28 21.26 17.74
C ASP B 22 8.88 19.79 17.90
N GLY B 23 9.84 18.90 17.68
CA GLY B 23 9.60 17.47 17.76
C GLY B 23 8.94 16.90 16.52
N ASN B 24 8.86 17.70 15.46
CA ASN B 24 8.26 17.28 14.20
C ASN B 24 9.14 16.27 13.51
N PRO B 25 8.64 15.03 13.36
CA PRO B 25 9.39 14.06 12.57
C PRO B 25 9.19 14.31 11.07
N VAL B 26 9.21 15.60 10.70
CA VAL B 26 8.96 16.10 9.32
C VAL B 26 9.02 15.09 8.19
N TYR B 27 10.03 14.23 8.22
CA TYR B 27 10.22 13.24 7.16
C TYR B 27 9.20 12.11 7.21
N ARG B 28 8.69 11.81 8.40
CA ARG B 28 7.51 10.93 8.53
C ARG B 28 6.27 11.56 7.91
N GLY B 29 6.10 12.87 8.09
CA GLY B 29 5.02 13.63 7.46
C GLY B 29 5.17 13.72 5.95
N LYS B 30 6.39 13.49 5.47
CA LYS B 30 6.69 13.55 4.04
C LYS B 30 6.66 12.17 3.39
N ILE B 31 7.15 11.16 4.09
CA ILE B 31 6.97 9.78 3.63
C ILE B 31 5.47 9.49 3.54
N THR B 32 4.68 10.34 4.20
CA THR B 32 3.21 10.25 4.21
C THR B 32 2.59 10.83 2.95
N ASP B 33 3.08 12.00 2.52
CA ASP B 33 2.65 12.64 1.26
C ASP B 33 3.04 11.79 0.05
N LEU B 34 3.58 10.60 0.31
CA LEU B 34 3.94 9.63 -0.73
C LEU B 34 2.80 8.67 -1.06
N LEU B 35 1.90 8.44 -0.10
CA LEU B 35 0.84 7.44 -0.28
C LEU B 35 -0.51 8.02 -0.69
N THR B 36 -0.67 9.34 -0.59
CA THR B 36 -1.97 10.00 -0.75
C THR B 36 -2.60 9.93 -2.15
N ILE B 37 -3.78 10.53 -2.29
CA ILE B 37 -4.53 10.61 -3.55
C ILE B 37 -3.65 11.10 -4.71
N THR B 38 -3.03 12.26 -4.50
CA THR B 38 -2.10 12.84 -5.45
C THR B 38 -0.67 12.58 -4.97
N PRO B 39 -0.14 11.37 -5.25
CA PRO B 39 1.16 10.97 -4.71
C PRO B 39 2.34 11.64 -5.40
N LYS B 40 3.37 11.96 -4.62
CA LYS B 40 4.64 12.46 -5.13
C LYS B 40 5.58 11.29 -5.22
N ARG B 41 6.66 11.43 -5.97
CA ARG B 41 7.61 10.34 -6.13
C ARG B 41 9.00 10.68 -5.63
N SER B 42 9.09 11.64 -4.72
CA SER B 42 10.37 12.10 -4.21
C SER B 42 10.25 12.73 -2.83
N VAL B 43 11.27 12.52 -2.01
CA VAL B 43 11.35 13.12 -0.67
C VAL B 43 12.38 14.24 -0.67
N ALA B 44 11.95 15.46 -0.37
CA ALA B 44 12.87 16.59 -0.41
C ALA B 44 13.56 16.75 0.95
N ILE B 45 14.86 16.46 0.99
CA ILE B 45 15.62 16.47 2.25
C ILE B 45 16.50 17.72 2.38
N ASP B 46 16.26 18.49 3.43
CA ASP B 46 17.13 19.62 3.71
C ASP B 46 18.46 19.09 4.22
N TRP B 47 19.55 19.48 3.57
CA TRP B 47 20.88 19.01 3.94
C TRP B 47 21.18 19.35 5.38
N MET B 48 20.85 20.58 5.77
CA MET B 48 21.11 21.08 7.11
C MET B 48 20.50 20.17 8.16
N HIS B 49 19.28 19.69 7.89
CA HIS B 49 18.61 18.76 8.79
C HIS B 49 19.45 17.50 8.93
N LEU B 50 19.88 16.94 7.80
CA LEU B 50 20.74 15.77 7.82
C LEU B 50 22.03 16.06 8.56
N ASN B 51 22.56 17.27 8.35
CA ASN B 51 23.83 17.67 8.94
C ASN B 51 23.81 17.72 10.46
N SER B 52 22.80 18.40 11.04
CA SER B 52 22.71 18.50 12.50
C SER B 52 22.54 17.14 13.16
N PHE B 53 21.75 16.27 12.54
CA PHE B 53 21.51 14.92 13.06
C PHE B 53 22.73 14.00 12.88
N ASP B 54 23.30 14.04 11.67
CA ASP B 54 24.41 13.17 11.30
C ASP B 54 25.26 13.88 10.24
N SER B 55 26.25 14.65 10.71
CA SER B 55 27.08 15.46 9.82
C SER B 55 28.17 14.65 9.13
N GLU B 56 28.48 13.46 9.67
CA GLU B 56 29.43 12.57 9.03
C GLU B 56 28.80 11.91 7.78
N LEU B 57 27.47 11.83 7.75
CA LEU B 57 26.76 11.30 6.59
C LEU B 57 26.52 12.38 5.56
N ALA B 58 26.08 13.54 6.01
CA ALA B 58 25.84 14.70 5.15
C ALA B 58 27.08 15.08 4.36
N HIS B 59 28.25 14.71 4.89
CA HIS B 59 29.52 14.85 4.17
C HIS B 59 29.90 13.56 3.45
N GLU B 60 28.89 12.92 2.89
CA GLU B 60 29.07 11.74 2.07
C GLU B 60 28.18 11.88 0.87
N VAL B 61 26.98 12.40 1.10
CA VAL B 61 26.09 12.70 -0.01
C VAL B 61 26.77 13.71 -0.92
N ILE B 62 27.53 14.61 -0.31
CA ILE B 62 28.25 15.61 -1.07
C ILE B 62 29.46 14.96 -1.74
N GLU B 63 30.25 14.23 -0.94
CA GLU B 63 31.49 13.62 -1.43
C GLU B 63 31.27 12.35 -2.23
N ASN B 64 30.05 11.84 -2.22
CA ASN B 64 29.76 10.61 -2.91
C ASN B 64 28.27 10.47 -3.22
N PRO B 65 27.74 11.40 -4.04
CA PRO B 65 26.29 11.47 -4.27
C PRO B 65 25.69 10.24 -4.95
N GLU B 66 26.45 9.55 -5.80
CA GLU B 66 25.91 8.33 -6.38
C GLU B 66 25.49 7.37 -5.26
N GLU B 67 26.44 7.00 -4.41
CA GLU B 67 26.17 6.09 -3.29
C GLU B 67 25.14 6.68 -2.36
N GLY B 68 25.36 7.95 -2.00
CA GLY B 68 24.54 8.67 -1.03
C GLY B 68 23.09 8.84 -1.40
N ILE B 69 22.83 9.33 -2.60
CA ILE B 69 21.46 9.46 -3.06
C ILE B 69 20.85 8.07 -3.11
N SER B 70 21.53 7.15 -3.79
CA SER B 70 21.05 5.76 -3.93
C SER B 70 20.65 5.17 -2.60
N ALA B 71 21.56 5.25 -1.63
CA ALA B 71 21.38 4.71 -0.28
C ALA B 71 20.10 5.23 0.36
N ALA B 72 19.96 6.55 0.41
CA ALA B 72 18.80 7.21 0.99
C ALA B 72 17.49 6.74 0.35
N GLU B 73 17.53 6.41 -0.93
CA GLU B 73 16.33 5.92 -1.62
C GLU B 73 15.93 4.50 -1.23
N ASP B 74 16.91 3.65 -0.94
CA ASP B 74 16.65 2.34 -0.34
C ASP B 74 16.14 2.49 1.09
N ALA B 75 16.54 3.56 1.74
CA ALA B 75 16.11 3.84 3.10
C ALA B 75 14.66 4.22 3.07
N ILE B 76 14.30 5.13 2.15
CA ILE B 76 12.92 5.51 1.96
C ILE B 76 12.09 4.25 1.62
N GLN B 77 12.69 3.36 0.86
CA GLN B 77 12.07 2.10 0.45
C GLN B 77 11.71 1.26 1.68
N ILE B 78 12.67 1.15 2.60
CA ILE B 78 12.53 0.34 3.79
C ILE B 78 11.52 0.95 4.77
N VAL B 79 11.68 2.24 5.08
CA VAL B 79 10.77 2.91 6.02
C VAL B 79 9.35 3.00 5.49
N LEU B 80 9.11 2.37 4.35
CA LEU B 80 7.76 2.18 3.80
C LEU B 80 7.34 0.74 4.01
N ARG B 81 8.23 -0.19 3.65
CA ARG B 81 8.00 -1.62 3.76
C ARG B 81 7.75 -2.06 5.20
N GLU B 82 8.46 -1.43 6.14
CA GLU B 82 8.33 -1.75 7.56
C GLU B 82 7.22 -0.96 8.25
N ASP B 83 7.32 0.37 8.19
CA ASP B 83 6.46 1.26 8.96
C ASP B 83 5.09 1.54 8.35
N PHE B 84 4.86 1.07 7.12
CA PHE B 84 3.60 1.35 6.41
C PHE B 84 3.09 0.15 5.61
N GLN B 85 3.79 -0.98 5.69
CA GLN B 85 3.42 -2.23 5.00
C GLN B 85 3.22 -2.09 3.48
N ARG B 86 3.73 -1.01 2.92
CA ARG B 86 3.65 -0.73 1.48
C ARG B 86 4.92 -1.17 0.77
N GLU B 87 4.75 -1.92 -0.31
CA GLU B 87 5.84 -2.40 -1.15
C GLU B 87 5.44 -2.25 -2.60
N ASP B 88 4.17 -1.90 -2.80
CA ASP B 88 3.58 -1.66 -4.11
C ASP B 88 4.10 -0.39 -4.77
N VAL B 89 4.36 0.63 -3.94
CA VAL B 89 4.83 1.94 -4.41
C VAL B 89 6.10 1.75 -5.25
N GLY B 90 6.20 2.51 -6.35
CA GLY B 90 7.35 2.42 -7.24
C GLY B 90 8.64 2.90 -6.60
N LYS B 91 9.42 3.66 -7.36
CA LYS B 91 10.70 4.18 -6.89
C LYS B 91 10.58 5.65 -6.50
N ILE B 92 11.05 5.97 -5.30
CA ILE B 92 10.99 7.33 -4.76
C ILE B 92 12.36 7.98 -4.78
N HIS B 93 12.41 9.24 -5.21
CA HIS B 93 13.67 9.98 -5.33
C HIS B 93 14.05 10.65 -4.03
N ALA B 94 15.33 10.57 -3.69
CA ALA B 94 15.85 11.34 -2.56
C ALA B 94 16.51 12.58 -3.12
N ARG B 95 15.89 13.73 -2.89
CA ARG B 95 16.35 15.00 -3.45
C ARG B 95 16.80 15.98 -2.36
N PHE B 96 18.11 16.10 -2.17
CA PHE B 96 18.69 17.02 -1.18
C PHE B 96 18.63 18.43 -1.72
N TYR B 97 18.69 19.39 -0.81
CA TYR B 97 18.71 20.79 -1.18
C TYR B 97 19.33 21.59 -0.07
N ASN B 98 19.54 22.89 -0.32
CA ASN B 98 20.11 23.81 0.66
C ASN B 98 21.44 23.29 1.22
N LEU B 99 22.46 23.32 0.35
CA LEU B 99 23.81 22.83 0.64
C LEU B 99 24.64 23.96 1.20
N PRO B 100 25.75 23.64 1.88
CA PRO B 100 26.55 24.70 2.48
C PRO B 100 27.24 25.55 1.42
N GLU B 101 28.08 24.92 0.61
CA GLU B 101 28.81 25.55 -0.49
C GLU B 101 27.91 25.74 -1.72
N THR B 102 27.62 26.99 -2.05
CA THR B 102 26.80 27.32 -3.21
C THR B 102 27.60 28.02 -4.32
N LEU B 103 28.08 27.21 -5.27
CA LEU B 103 28.95 27.65 -6.37
C LEU B 103 28.32 28.59 -7.39
N MET B 104 29.16 29.12 -8.26
CA MET B 104 28.74 29.97 -9.34
C MET B 104 29.19 29.26 -10.61
N VAL B 105 28.34 29.27 -11.63
CA VAL B 105 28.60 28.53 -12.87
C VAL B 105 30.07 28.53 -13.32
N LYS B 106 30.72 29.70 -13.27
CA LYS B 106 32.12 29.84 -13.73
C LYS B 106 33.11 29.12 -12.80
N ASP B 107 32.73 28.97 -11.53
CA ASP B 107 33.58 28.34 -10.53
C ASP B 107 33.59 26.81 -10.67
N ILE B 108 32.51 26.23 -11.17
CA ILE B 108 32.41 24.79 -11.29
C ILE B 108 33.63 24.27 -12.02
N GLY B 109 34.38 23.39 -11.37
CA GLY B 109 35.59 22.84 -11.98
C GLY B 109 35.78 21.34 -11.88
N ALA B 110 36.95 20.88 -12.30
CA ALA B 110 37.34 19.46 -12.24
C ALA B 110 37.27 18.88 -10.83
N GLU B 111 37.48 19.73 -9.83
CA GLU B 111 37.41 19.29 -8.44
C GLU B 111 36.06 18.68 -8.09
N HIS B 112 35.00 19.17 -8.72
CA HIS B 112 33.63 18.77 -8.38
C HIS B 112 33.12 17.58 -9.17
N ILE B 113 33.96 17.01 -10.03
CA ILE B 113 33.53 15.86 -10.81
C ILE B 113 32.97 14.79 -9.88
N ASN B 114 31.74 14.37 -10.15
CA ASN B 114 31.04 13.35 -9.38
C ASN B 114 30.74 13.66 -7.92
N LYS B 115 30.77 14.94 -7.56
CA LYS B 115 30.40 15.38 -6.21
C LYS B 115 29.11 16.15 -6.32
N LEU B 116 28.26 16.06 -5.29
CA LEU B 116 27.03 16.86 -5.32
C LEU B 116 27.36 18.32 -5.05
N ILE B 117 27.10 19.18 -6.03
CA ILE B 117 27.33 20.62 -5.86
C ILE B 117 26.03 21.43 -5.86
N GLN B 118 26.13 22.67 -5.40
CA GLN B 118 24.97 23.57 -5.44
C GLN B 118 25.29 24.73 -6.36
N VAL B 119 24.34 25.10 -7.20
CA VAL B 119 24.58 26.19 -8.14
C VAL B 119 23.41 27.16 -8.19
N GLU B 120 23.68 28.44 -7.97
CA GLU B 120 22.70 29.46 -8.27
C GLU B 120 22.96 29.94 -9.68
N GLY B 121 21.90 30.27 -10.41
CA GLY B 121 22.04 30.75 -11.78
C GLY B 121 20.71 31.12 -12.40
N ILE B 122 20.75 31.55 -13.65
CA ILE B 122 19.53 31.87 -14.40
C ILE B 122 19.38 30.93 -15.60
N VAL B 123 18.19 30.36 -15.72
CA VAL B 123 17.87 29.45 -16.81
C VAL B 123 17.82 30.24 -18.10
N THR B 124 18.58 29.79 -19.11
CA THR B 124 18.58 30.44 -20.42
C THR B 124 17.86 29.61 -21.49
N ARG B 125 17.77 28.30 -21.28
CA ARG B 125 17.08 27.43 -22.22
C ARG B 125 16.39 26.28 -21.50
N VAL B 126 15.39 25.69 -22.19
CA VAL B 126 14.78 24.42 -21.78
C VAL B 126 14.41 23.62 -23.02
N GLY B 127 14.76 22.34 -23.05
CA GLY B 127 14.43 21.46 -24.18
C GLY B 127 13.04 20.87 -24.09
N GLU B 128 12.66 20.10 -25.11
CA GLU B 128 11.38 19.41 -25.14
C GLU B 128 11.41 18.27 -24.15
N ILE B 129 10.25 17.85 -23.69
CA ILE B 129 10.22 16.75 -22.75
C ILE B 129 10.15 15.45 -23.52
N LYS B 130 11.29 14.78 -23.61
CA LYS B 130 11.41 13.57 -24.37
C LYS B 130 11.55 12.40 -23.43
N PRO B 131 11.07 11.24 -23.85
CA PRO B 131 11.23 9.99 -23.12
C PRO B 131 12.68 9.56 -23.05
N PHE B 132 13.12 9.22 -21.84
CA PHE B 132 14.42 8.62 -21.62
C PHE B 132 14.29 7.17 -21.14
N VAL B 133 15.02 6.27 -21.80
CA VAL B 133 15.06 4.86 -21.42
C VAL B 133 16.01 4.71 -20.24
N SER B 134 15.47 4.70 -19.02
CA SER B 134 16.31 4.50 -17.84
C SER B 134 16.80 3.05 -17.69
N VAL B 135 16.01 2.09 -18.18
CA VAL B 135 16.41 0.68 -18.22
C VAL B 135 16.03 0.09 -19.58
N ALA B 136 17.03 -0.17 -20.41
CA ALA B 136 16.82 -0.75 -21.74
C ALA B 136 16.83 -2.28 -21.72
N VAL B 137 15.64 -2.87 -21.82
CA VAL B 137 15.54 -4.32 -21.93
C VAL B 137 15.69 -4.72 -23.38
N PHE B 138 16.81 -5.37 -23.68
CA PHE B 138 17.07 -5.87 -25.02
C PHE B 138 16.53 -7.28 -25.16
N VAL B 139 15.95 -7.57 -26.31
CA VAL B 139 15.40 -8.89 -26.59
C VAL B 139 16.08 -9.46 -27.83
N CYS B 140 16.40 -10.75 -27.77
CA CYS B 140 16.95 -11.47 -28.90
C CYS B 140 15.80 -11.98 -29.78
N LYS B 141 15.96 -11.91 -31.09
CA LYS B 141 14.90 -12.39 -32.00
C LYS B 141 15.20 -13.77 -32.59
N ASP B 142 16.11 -14.50 -31.96
CA ASP B 142 16.47 -15.84 -32.42
C ASP B 142 16.14 -16.88 -31.36
N CYS B 143 16.33 -16.52 -30.09
CA CYS B 143 16.07 -17.43 -28.99
C CYS B 143 15.10 -16.83 -27.97
N GLY B 144 14.93 -15.51 -28.05
CA GLY B 144 14.01 -14.80 -27.16
C GLY B 144 14.59 -14.40 -25.80
N HIS B 145 15.91 -14.52 -25.64
CA HIS B 145 16.59 -14.19 -24.39
C HIS B 145 16.48 -12.70 -24.08
N GLU B 146 16.32 -12.38 -22.81
CA GLU B 146 16.21 -11.00 -22.35
C GLU B 146 17.48 -10.55 -21.64
N MET B 147 17.88 -9.31 -21.92
CA MET B 147 19.09 -8.72 -21.33
C MET B 147 18.82 -7.30 -20.81
N ILE B 148 18.98 -7.11 -19.50
CA ILE B 148 18.73 -5.81 -18.88
C ILE B 148 20.01 -4.97 -18.85
N VAL B 149 19.92 -3.75 -19.36
CA VAL B 149 21.03 -2.78 -19.30
C VAL B 149 20.55 -1.40 -18.84
N PRO B 150 20.91 -1.00 -17.60
CA PRO B 150 20.48 0.30 -17.15
C PRO B 150 21.23 1.38 -17.91
N GLN B 151 20.56 2.51 -18.15
CA GLN B 151 21.19 3.62 -18.86
C GLN B 151 21.45 4.81 -17.94
N LYS B 152 22.27 5.74 -18.39
CA LYS B 152 22.50 6.98 -17.68
C LYS B 152 22.10 8.09 -18.64
N PRO B 153 21.41 9.12 -18.14
CA PRO B 153 20.86 10.21 -18.95
C PRO B 153 21.86 11.04 -19.71
N TYR B 154 23.10 11.14 -19.20
CA TYR B 154 24.16 11.93 -19.86
C TYR B 154 25.08 11.10 -20.76
N GLU B 155 25.37 9.86 -20.36
CA GLU B 155 26.16 8.94 -21.17
C GLU B 155 25.33 8.51 -22.39
N SER B 156 26.00 8.11 -23.45
CA SER B 156 25.29 7.65 -24.66
C SER B 156 24.67 6.25 -24.48
N LEU B 157 23.72 5.93 -25.34
CA LEU B 157 22.98 4.68 -25.25
C LEU B 157 23.91 3.49 -25.34
N GLU B 158 23.91 2.71 -24.28
CA GLU B 158 24.67 1.47 -24.25
C GLU B 158 23.77 0.37 -24.77
N LYS B 159 24.05 -0.09 -26.00
CA LYS B 159 23.38 -1.24 -26.57
C LYS B 159 24.14 -2.52 -26.22
N VAL B 160 23.86 -3.57 -26.98
CA VAL B 160 24.61 -4.82 -26.92
C VAL B 160 24.47 -5.51 -28.27
N LYS B 161 25.60 -5.74 -28.92
CA LYS B 161 25.61 -6.28 -30.29
C LYS B 161 25.56 -7.80 -30.37
N LYS B 162 25.70 -8.48 -29.21
CA LYS B 162 25.68 -9.93 -29.17
C LYS B 162 24.78 -10.44 -28.05
N CYS B 163 24.05 -11.52 -28.35
CA CYS B 163 23.17 -12.19 -27.39
C CYS B 163 23.99 -12.91 -26.34
N GLU B 164 23.58 -12.76 -25.09
CA GLU B 164 24.24 -13.39 -23.95
C GLU B 164 24.08 -14.91 -23.97
N GLN B 165 22.95 -15.37 -24.51
CA GLN B 165 22.60 -16.79 -24.51
C GLN B 165 23.09 -17.51 -25.76
N CYS B 166 22.51 -17.15 -26.90
CA CYS B 166 22.81 -17.84 -28.17
C CYS B 166 23.81 -17.10 -29.05
N GLY B 167 24.30 -15.96 -28.57
CA GLY B 167 25.29 -15.18 -29.30
C GLY B 167 24.85 -14.59 -30.63
N SER B 168 23.53 -14.55 -30.84
CA SER B 168 22.97 -13.98 -32.06
C SER B 168 23.16 -12.49 -32.12
N LYS B 169 23.73 -12.02 -33.23
CA LYS B 169 23.88 -10.58 -33.44
C LYS B 169 22.58 -9.97 -33.95
N ASN B 170 21.48 -10.54 -33.47
CA ASN B 170 20.14 -10.11 -33.86
C ASN B 170 19.34 -9.64 -32.64
N ILE B 171 19.79 -8.55 -32.03
CA ILE B 171 19.18 -8.03 -30.81
C ILE B 171 18.50 -6.70 -31.09
N GLU B 172 17.36 -6.48 -30.44
CA GLU B 172 16.61 -5.23 -30.56
C GLU B 172 16.17 -4.76 -29.18
N LEU B 173 15.97 -3.45 -29.05
CA LEU B 173 15.41 -2.91 -27.83
C LEU B 173 13.91 -3.19 -27.80
N ASP B 174 13.43 -3.72 -26.67
CA ASP B 174 11.98 -3.88 -26.45
C ASP B 174 11.43 -2.71 -25.65
N VAL B 175 10.65 -1.87 -26.33
CA VAL B 175 10.15 -0.65 -25.75
C VAL B 175 9.24 -0.94 -24.55
N ASN B 176 8.36 -1.92 -24.70
CA ASN B 176 7.45 -2.30 -23.63
C ASN B 176 8.19 -2.74 -22.38
N LYS B 177 8.99 -3.79 -22.50
CA LYS B 177 9.73 -4.37 -21.38
C LYS B 177 10.70 -3.40 -20.70
N SER B 178 11.03 -2.31 -21.39
CA SER B 178 11.92 -1.30 -20.85
C SER B 178 11.21 -0.37 -19.86
N SER B 179 11.99 0.38 -19.09
CA SER B 179 11.45 1.41 -18.23
C SER B 179 11.83 2.78 -18.76
N PHE B 180 10.84 3.66 -18.86
CA PHE B 180 11.05 5.00 -19.37
C PHE B 180 10.72 6.05 -18.32
N VAL B 181 11.30 7.22 -18.49
CA VAL B 181 10.95 8.37 -17.67
C VAL B 181 11.05 9.62 -18.52
N ASN B 182 10.23 10.61 -18.17
CA ASN B 182 10.34 11.94 -18.77
C ASN B 182 11.70 12.54 -18.50
N PHE B 183 12.21 13.23 -19.51
CA PHE B 183 13.56 13.82 -19.52
C PHE B 183 13.44 15.24 -20.11
N GLN B 184 14.27 16.16 -19.63
CA GLN B 184 14.28 17.50 -20.17
C GLN B 184 15.62 18.15 -19.92
N SER B 185 16.28 18.58 -21.00
CA SER B 185 17.53 19.33 -20.87
C SER B 185 17.28 20.83 -20.67
N PHE B 186 18.25 21.50 -20.07
CA PHE B 186 18.12 22.92 -19.79
C PHE B 186 19.51 23.48 -19.50
N ARG B 187 19.66 24.76 -19.80
CA ARG B 187 20.92 25.47 -19.61
C ARG B 187 20.75 26.62 -18.65
N ILE B 188 21.75 26.80 -17.77
CA ILE B 188 21.81 27.97 -16.89
C ILE B 188 23.18 28.59 -16.90
N GLN B 189 23.21 29.92 -16.84
CA GLN B 189 24.44 30.66 -16.77
C GLN B 189 24.35 31.68 -15.65
N ASP B 190 25.51 32.02 -15.08
CA ASP B 190 25.59 33.07 -14.08
C ASP B 190 24.93 34.31 -14.65
N ARG B 191 24.28 35.07 -13.78
CA ARG B 191 23.73 36.37 -14.19
C ARG B 191 24.85 37.41 -14.29
N PRO B 192 25.02 38.04 -15.48
CA PRO B 192 26.08 39.02 -15.69
C PRO B 192 25.87 40.36 -14.98
N GLU B 193 24.76 40.47 -14.24
CA GLU B 193 24.49 41.64 -13.39
C GLU B 193 25.29 41.55 -12.10
N THR B 194 25.43 40.33 -11.58
CA THR B 194 26.19 40.04 -10.35
C THR B 194 27.59 39.52 -10.70
N LEU B 195 28.15 40.06 -11.77
CA LEU B 195 29.44 39.64 -12.29
C LEU B 195 29.91 40.72 -13.25
N LYS B 196 31.04 41.36 -12.91
CA LYS B 196 31.56 42.48 -13.70
C LYS B 196 31.14 42.46 -15.17
N GLY B 197 30.23 43.36 -15.51
CA GLY B 197 29.64 43.44 -16.86
C GLY B 197 30.63 43.59 -18.00
N GLY B 198 31.91 43.51 -17.67
CA GLY B 198 32.99 43.48 -18.65
C GLY B 198 33.52 42.08 -18.84
N GLU B 199 32.67 41.07 -18.59
CA GLU B 199 33.00 39.65 -18.75
C GLU B 199 31.90 38.94 -19.53
N MET B 200 32.26 37.87 -20.25
CA MET B 200 31.27 37.07 -20.97
C MET B 200 30.77 35.92 -20.09
N PRO B 201 29.50 35.99 -19.64
CA PRO B 201 28.96 35.00 -18.71
C PRO B 201 29.10 33.58 -19.25
N ARG B 202 29.39 32.63 -18.36
CA ARG B 202 29.53 31.24 -18.76
C ARG B 202 28.38 30.41 -18.25
N PHE B 203 28.03 29.37 -18.99
CA PHE B 203 26.88 28.54 -18.64
C PHE B 203 27.21 27.07 -18.42
N ILE B 204 26.16 26.29 -18.19
CA ILE B 204 26.25 24.86 -17.99
C ILE B 204 24.91 24.21 -18.33
N ASP B 205 24.96 23.10 -19.05
CA ASP B 205 23.77 22.32 -19.37
C ASP B 205 23.46 21.30 -18.28
N GLY B 206 22.18 21.04 -18.09
CA GLY B 206 21.73 20.10 -17.07
C GLY B 206 20.62 19.18 -17.55
N ILE B 207 20.30 18.20 -16.72
CA ILE B 207 19.33 17.18 -17.04
C ILE B 207 18.30 17.12 -15.91
N LEU B 208 17.03 17.00 -16.29
CA LEU B 208 15.94 16.84 -15.34
C LEU B 208 15.22 15.54 -15.67
N LEU B 209 14.82 14.79 -14.66
CA LEU B 209 14.11 13.53 -14.91
C LEU B 209 12.83 13.47 -14.09
N ASP B 210 11.97 12.52 -14.41
CA ASP B 210 10.72 12.28 -13.65
C ASP B 210 9.91 13.50 -13.23
N ASP B 211 9.72 13.65 -11.92
CA ASP B 211 8.91 14.71 -11.32
C ASP B 211 9.49 16.13 -11.41
N ILE B 212 10.81 16.27 -11.56
CA ILE B 212 11.47 17.59 -11.65
C ILE B 212 11.54 18.11 -13.09
N VAL B 213 10.99 17.34 -14.01
CA VAL B 213 10.89 17.76 -15.40
C VAL B 213 9.89 18.91 -15.52
N ASP B 214 10.18 19.89 -16.37
CA ASP B 214 9.26 20.98 -16.66
C ASP B 214 8.94 21.82 -15.43
N VAL B 215 9.95 22.05 -14.61
CA VAL B 215 9.77 22.85 -13.41
C VAL B 215 10.22 24.31 -13.61
N ALA B 216 10.96 24.56 -14.68
CA ALA B 216 11.48 25.90 -14.92
C ALA B 216 11.33 26.29 -16.39
N LEU B 217 11.11 27.59 -16.62
CA LEU B 217 11.10 28.16 -17.97
C LEU B 217 12.30 29.12 -18.13
N PRO B 218 12.63 29.48 -19.39
CA PRO B 218 13.74 30.41 -19.61
C PRO B 218 13.51 31.75 -18.92
N GLY B 219 14.52 32.21 -18.17
CA GLY B 219 14.46 33.46 -17.44
C GLY B 219 14.35 33.30 -15.93
N ASP B 220 14.07 32.08 -15.47
CA ASP B 220 13.89 31.82 -14.04
C ASP B 220 15.23 31.86 -13.32
N ARG B 221 15.24 32.45 -12.14
CA ARG B 221 16.38 32.36 -11.22
C ARG B 221 16.19 31.11 -10.38
N VAL B 222 17.14 30.18 -10.47
CA VAL B 222 17.01 28.91 -9.77
C VAL B 222 18.23 28.60 -8.91
N ILE B 223 18.05 27.71 -7.95
CA ILE B 223 19.16 27.19 -7.17
C ILE B 223 19.06 25.69 -7.27
N VAL B 224 19.85 25.14 -8.18
CA VAL B 224 19.83 23.71 -8.38
C VAL B 224 20.87 23.06 -7.50
N THR B 225 20.62 21.81 -7.16
CA THR B 225 21.64 20.96 -6.60
C THR B 225 21.85 19.84 -7.62
N GLY B 226 23.01 19.21 -7.62
CA GLY B 226 23.20 18.13 -8.58
C GLY B 226 24.56 17.49 -8.65
N ILE B 227 24.66 16.47 -9.48
CA ILE B 227 25.95 15.85 -9.69
C ILE B 227 26.60 16.39 -10.96
N LEU B 228 27.84 16.85 -10.80
CA LEU B 228 28.65 17.37 -11.91
C LEU B 228 29.21 16.16 -12.63
N ARG B 229 28.82 16.03 -13.88
CA ARG B 229 29.18 14.87 -14.69
C ARG B 229 30.09 15.32 -15.81
N VAL B 230 30.86 14.38 -16.36
CA VAL B 230 31.75 14.72 -17.46
C VAL B 230 31.65 13.73 -18.61
N VAL B 231 31.67 14.28 -19.82
CA VAL B 231 31.67 13.52 -21.05
C VAL B 231 32.54 14.26 -22.03
N LEU B 232 33.03 13.56 -23.05
CA LEU B 232 33.93 14.16 -24.03
C LEU B 232 33.21 15.17 -24.91
N GLU B 233 33.97 16.10 -25.48
CA GLU B 233 33.42 17.09 -26.41
C GLU B 233 33.06 16.39 -27.72
N LYS B 234 31.92 16.78 -28.28
CA LYS B 234 31.36 16.21 -29.51
C LYS B 234 32.27 15.24 -30.27
N ARG B 235 33.26 15.78 -30.99
CA ARG B 235 34.16 15.01 -31.85
C ARG B 235 34.84 13.82 -31.18
N GLU B 236 35.51 14.05 -30.05
CA GLU B 236 36.21 12.99 -29.27
C GLU B 236 37.63 12.67 -29.74
N LYS B 237 38.36 13.70 -30.17
CA LYS B 237 39.77 13.54 -30.53
C LYS B 237 40.58 14.37 -29.54
N THR B 238 40.03 14.53 -28.34
CA THR B 238 40.62 15.36 -27.29
C THR B 238 40.42 14.71 -25.93
N PRO B 239 41.38 14.88 -25.00
CA PRO B 239 41.23 14.45 -23.63
C PRO B 239 40.63 15.58 -22.79
N ILE B 240 39.79 16.38 -23.44
CA ILE B 240 39.12 17.52 -22.84
C ILE B 240 37.62 17.20 -22.75
N PHE B 241 37.01 17.41 -21.58
CA PHE B 241 35.63 16.97 -21.34
C PHE B 241 34.58 18.08 -21.26
N ARG B 242 33.31 17.66 -21.25
CA ARG B 242 32.17 18.56 -21.20
C ARG B 242 31.38 18.37 -19.89
N LYS B 243 31.10 19.48 -19.19
CA LYS B 243 30.47 19.40 -17.89
C LYS B 243 28.95 19.44 -18.05
N ILE B 244 28.29 18.48 -17.44
CA ILE B 244 26.84 18.43 -17.43
C ILE B 244 26.38 18.24 -16.01
N LEU B 245 25.30 18.91 -15.66
CA LEU B 245 24.80 18.90 -14.30
C LEU B 245 23.56 18.05 -14.17
N GLU B 246 23.69 16.84 -13.66
CA GLU B 246 22.56 15.94 -13.48
C GLU B 246 21.80 16.39 -12.25
N VAL B 247 20.74 17.18 -12.47
CA VAL B 247 20.04 17.84 -11.36
C VAL B 247 19.48 16.83 -10.38
N ASN B 248 19.69 17.10 -9.08
CA ASN B 248 19.13 16.29 -8.01
C ASN B 248 18.06 17.02 -7.23
N HIS B 249 17.92 18.31 -7.46
CA HIS B 249 16.86 19.11 -6.83
C HIS B 249 16.98 20.52 -7.40
N ILE B 250 15.84 21.11 -7.71
CA ILE B 250 15.82 22.46 -8.25
C ILE B 250 14.73 23.27 -7.58
N GLU B 251 15.04 24.52 -7.24
CA GLU B 251 14.15 25.37 -6.47
C GLU B 251 14.27 26.80 -6.94
N PRO B 252 13.13 27.46 -7.20
CA PRO B 252 13.13 28.86 -7.64
C PRO B 252 13.48 29.83 -6.52
N VAL B 253 13.78 31.07 -6.90
CA VAL B 253 14.08 32.17 -5.96
C VAL B 253 13.86 33.53 -6.60
N SER B 254 13.00 34.35 -6.02
CA SER B 254 12.73 35.69 -6.56
C SER B 254 13.62 36.75 -5.90
N LYS B 255 14.67 37.15 -6.59
CA LYS B 255 15.62 38.15 -6.07
C LYS B 255 15.08 39.57 -6.21
N SER C 1 74.07 18.69 -20.79
CA SER C 1 73.68 17.25 -20.82
C SER C 1 73.78 16.63 -19.43
N VAL C 2 72.65 16.56 -18.74
CA VAL C 2 72.58 15.93 -17.41
C VAL C 2 71.33 15.06 -17.35
N ASP C 3 71.51 13.81 -16.92
CA ASP C 3 70.40 12.87 -16.82
C ASP C 3 69.54 13.12 -15.58
N ARG C 4 68.31 12.63 -15.63
CA ARG C 4 67.31 12.85 -14.58
C ARG C 4 67.85 12.63 -13.16
N GLU C 5 68.32 11.41 -12.90
CA GLU C 5 68.75 10.97 -11.57
C GLU C 5 69.46 12.06 -10.76
N GLU C 6 70.48 12.65 -11.38
CA GLU C 6 71.32 13.67 -10.77
C GLU C 6 70.59 15.01 -10.63
N MET C 7 69.78 15.35 -11.64
CA MET C 7 69.00 16.59 -11.64
C MET C 7 68.14 16.66 -10.39
N ILE C 8 67.40 15.59 -10.13
CA ILE C 8 66.53 15.53 -8.95
C ILE C 8 67.35 15.93 -7.74
N GLU C 9 68.47 15.24 -7.54
CA GLU C 9 69.36 15.51 -6.42
C GLU C 9 69.84 16.96 -6.40
N ARG C 10 70.36 17.43 -7.54
CA ARG C 10 70.83 18.80 -7.68
C ARG C 10 69.73 19.80 -7.34
N PHE C 11 68.52 19.50 -7.79
CA PHE C 11 67.35 20.33 -7.52
C PHE C 11 67.01 20.31 -6.05
N ALA C 12 67.00 19.12 -5.46
CA ALA C 12 66.81 18.96 -4.04
C ALA C 12 67.76 19.90 -3.30
N ASN C 13 69.05 19.72 -3.57
CA ASN C 13 70.10 20.57 -3.00
C ASN C 13 69.89 22.04 -3.27
N PHE C 14 69.43 22.38 -4.46
CA PHE C 14 69.14 23.77 -4.77
C PHE C 14 68.10 24.35 -3.80
N LEU C 15 66.98 23.65 -3.66
CA LEU C 15 65.84 24.13 -2.87
C LEU C 15 66.18 24.41 -1.41
N ARG C 16 66.78 23.42 -0.77
CA ARG C 16 67.11 23.48 0.65
C ARG C 16 68.38 24.28 0.92
N GLU C 17 69.27 24.36 -0.07
CA GLU C 17 70.58 24.97 0.11
C GLU C 17 70.67 26.42 -0.40
N TYR C 18 69.84 26.79 -1.36
CA TYR C 18 69.88 28.15 -1.91
C TYR C 18 69.50 29.19 -0.87
N THR C 19 70.24 30.29 -0.88
CA THR C 19 70.01 31.43 -0.02
C THR C 19 70.30 32.67 -0.83
N ASP C 20 69.46 33.70 -0.68
CA ASP C 20 69.63 34.93 -1.46
C ASP C 20 70.74 35.82 -0.87
N GLU C 21 70.47 37.11 -0.78
CA GLU C 21 71.43 38.07 -0.26
C GLU C 21 71.25 38.33 1.24
N ASP C 22 70.39 37.55 1.88
CA ASP C 22 70.10 37.74 3.29
C ASP C 22 70.15 36.43 4.07
N GLY C 23 70.45 35.34 3.37
CA GLY C 23 70.45 34.01 3.98
C GLY C 23 69.08 33.35 4.00
N ASN C 24 68.12 33.93 3.26
CA ASN C 24 66.76 33.38 3.12
C ASN C 24 66.74 32.12 2.25
N PRO C 25 66.42 30.96 2.85
CA PRO C 25 66.32 29.76 2.03
C PRO C 25 65.02 29.74 1.23
N VAL C 26 64.49 30.94 0.95
CA VAL C 26 63.17 31.17 0.31
C VAL C 26 62.41 29.96 -0.23
N TYR C 27 63.12 28.99 -0.79
CA TYR C 27 62.49 27.77 -1.29
C TYR C 27 62.00 26.83 -0.19
N ARG C 28 62.65 26.87 0.97
CA ARG C 28 62.12 26.26 2.18
C ARG C 28 60.82 26.98 2.58
N GLY C 29 60.83 28.31 2.49
CA GLY C 29 59.67 29.14 2.79
C GLY C 29 58.55 29.02 1.79
N LYS C 30 58.83 28.40 0.64
CA LYS C 30 57.81 28.15 -0.39
C LYS C 30 57.33 26.69 -0.38
N ILE C 31 58.21 25.79 0.03
CA ILE C 31 57.80 24.41 0.31
C ILE C 31 56.96 24.36 1.60
N THR C 32 57.01 25.45 2.36
CA THR C 32 56.20 25.63 3.59
C THR C 32 54.77 26.07 3.27
N ASP C 33 54.62 26.99 2.31
CA ASP C 33 53.30 27.47 1.86
C ASP C 33 52.55 26.38 1.13
N LEU C 34 53.21 25.26 0.92
CA LEU C 34 52.58 24.07 0.38
C LEU C 34 51.71 23.30 1.38
N LEU C 35 51.95 23.51 2.69
CA LEU C 35 51.35 22.68 3.74
C LEU C 35 50.39 23.39 4.69
N THR C 36 49.97 24.59 4.31
CA THR C 36 49.11 25.41 5.18
C THR C 36 47.61 25.12 4.99
N ILE C 37 46.77 25.89 5.70
CA ILE C 37 45.31 25.80 5.60
C ILE C 37 44.83 25.93 4.15
N THR C 38 45.28 27.01 3.48
CA THR C 38 45.03 27.22 2.06
C THR C 38 46.35 26.87 1.32
N PRO C 39 46.50 25.59 0.92
CA PRO C 39 47.75 25.13 0.33
C PRO C 39 47.82 25.47 -1.14
N LYS C 40 49.03 25.64 -1.62
CA LYS C 40 49.26 25.86 -3.05
C LYS C 40 49.74 24.56 -3.66
N ARG C 41 49.62 24.45 -4.97
CA ARG C 41 50.02 23.22 -5.65
C ARG C 41 51.27 23.39 -6.51
N SER C 42 51.94 24.53 -6.39
CA SER C 42 53.15 24.76 -7.19
C SER C 42 54.18 25.64 -6.51
N VAL C 43 55.42 25.46 -6.93
CA VAL C 43 56.56 26.17 -6.40
C VAL C 43 57.09 27.09 -7.48
N ALA C 44 57.02 28.40 -7.24
CA ALA C 44 57.53 29.36 -8.21
C ALA C 44 59.04 29.52 -8.05
N ILE C 45 59.80 28.98 -9.00
CA ILE C 45 61.25 29.07 -8.99
C ILE C 45 61.72 30.16 -9.94
N ASP C 46 62.40 31.16 -9.39
CA ASP C 46 63.04 32.19 -10.19
C ASP C 46 64.27 31.58 -10.88
N TRP C 47 64.33 31.66 -12.20
CA TRP C 47 65.42 31.04 -12.96
C TRP C 47 66.78 31.59 -12.59
N MET C 48 66.84 32.90 -12.38
CA MET C 48 68.08 33.59 -12.01
C MET C 48 68.64 33.07 -10.70
N HIS C 49 67.75 32.72 -9.78
CA HIS C 49 68.15 32.07 -8.53
C HIS C 49 68.75 30.71 -8.81
N LEU C 50 68.14 29.96 -9.74
CA LEU C 50 68.65 28.64 -10.10
C LEU C 50 69.96 28.77 -10.83
N ASN C 51 70.05 29.79 -11.67
CA ASN C 51 71.24 30.02 -12.47
C ASN C 51 72.45 30.33 -11.60
N SER C 52 72.30 31.31 -10.70
CA SER C 52 73.41 31.70 -9.83
C SER C 52 73.95 30.54 -9.00
N PHE C 53 73.04 29.72 -8.46
CA PHE C 53 73.41 28.56 -7.64
C PHE C 53 74.00 27.44 -8.51
N ASP C 54 73.35 27.18 -9.64
CA ASP C 54 73.76 26.13 -10.57
C ASP C 54 73.22 26.47 -11.96
N SER C 55 74.04 27.21 -12.71
CA SER C 55 73.70 27.62 -14.08
C SER C 55 73.76 26.45 -15.05
N GLU C 56 74.59 25.45 -14.74
CA GLU C 56 74.72 24.26 -15.56
C GLU C 56 73.39 23.48 -15.60
N LEU C 57 72.61 23.60 -14.54
CA LEU C 57 71.31 22.96 -14.47
C LEU C 57 70.24 23.89 -15.04
N ALA C 58 70.37 25.17 -14.74
CA ALA C 58 69.47 26.20 -15.27
C ALA C 58 69.43 26.20 -16.80
N HIS C 59 70.53 25.73 -17.41
CA HIS C 59 70.61 25.58 -18.86
C HIS C 59 70.25 24.17 -19.31
N GLU C 60 69.35 23.55 -18.57
CA GLU C 60 68.83 22.24 -18.90
C GLU C 60 67.32 22.28 -18.90
N VAL C 61 66.75 23.01 -17.95
CA VAL C 61 65.32 23.25 -17.90
C VAL C 61 64.89 23.99 -19.15
N ILE C 62 65.78 24.84 -19.66
CA ILE C 62 65.52 25.57 -20.88
C ILE C 62 65.69 24.64 -22.09
N GLU C 63 66.83 23.95 -22.14
CA GLU C 63 67.14 23.08 -23.28
C GLU C 63 66.43 21.72 -23.23
N ASN C 64 65.78 21.42 -22.11
CA ASN C 64 65.08 20.14 -21.95
C ASN C 64 64.01 20.15 -20.84
N PRO C 65 62.98 21.03 -20.97
CA PRO C 65 62.00 21.29 -19.93
C PRO C 65 61.21 20.06 -19.48
N GLU C 66 60.94 19.14 -20.40
CA GLU C 66 60.20 17.93 -20.03
C GLU C 66 60.92 17.14 -18.91
N GLU C 67 62.25 17.02 -19.00
CA GLU C 67 63.02 16.34 -17.93
C GLU C 67 63.33 17.26 -16.76
N GLY C 68 63.71 18.50 -17.07
CA GLY C 68 64.02 19.51 -16.06
C GLY C 68 62.88 19.80 -15.10
N ILE C 69 61.72 20.15 -15.64
CA ILE C 69 60.55 20.40 -14.80
C ILE C 69 60.18 19.14 -14.05
N SER C 70 60.11 18.02 -14.76
CA SER C 70 59.74 16.74 -14.16
C SER C 70 60.66 16.39 -12.99
N ALA C 71 61.97 16.48 -13.22
CA ALA C 71 62.96 16.19 -12.20
C ALA C 71 62.78 17.09 -10.97
N ALA C 72 62.63 18.39 -11.21
CA ALA C 72 62.44 19.36 -10.12
C ALA C 72 61.21 19.06 -9.28
N GLU C 73 60.21 18.46 -9.92
CA GLU C 73 58.98 18.08 -9.22
C GLU C 73 59.21 16.86 -8.34
N ASP C 74 60.06 15.95 -8.80
CA ASP C 74 60.47 14.82 -7.98
C ASP C 74 61.32 15.32 -6.82
N ALA C 75 61.98 16.45 -7.03
CA ALA C 75 62.83 17.07 -6.02
C ALA C 75 62.02 17.66 -4.88
N ILE C 76 61.01 18.45 -5.24
CA ILE C 76 60.09 18.97 -4.25
C ILE C 76 59.46 17.79 -3.52
N GLN C 77 59.11 16.75 -4.27
CA GLN C 77 58.51 15.54 -3.71
C GLN C 77 59.38 14.96 -2.58
N ILE C 78 60.69 15.01 -2.79
CA ILE C 78 61.65 14.42 -1.85
C ILE C 78 61.86 15.29 -0.62
N VAL C 79 62.12 16.58 -0.83
CA VAL C 79 62.35 17.50 0.27
C VAL C 79 61.10 17.70 1.13
N LEU C 80 60.03 17.02 0.77
CA LEU C 80 58.83 16.99 1.58
C LEU C 80 58.84 15.70 2.38
N ARG C 81 59.00 14.59 1.65
CA ARG C 81 59.05 13.25 2.23
C ARG C 81 60.17 13.11 3.26
N GLU C 82 61.22 13.92 3.11
CA GLU C 82 62.36 13.86 4.02
C GLU C 82 62.30 14.95 5.09
N ASP C 83 62.14 16.20 4.66
CA ASP C 83 62.29 17.33 5.57
C ASP C 83 61.02 17.72 6.34
N PHE C 84 59.90 17.06 6.03
CA PHE C 84 58.60 17.40 6.63
C PHE C 84 57.71 16.18 6.92
N GLN C 85 58.24 14.99 6.61
CA GLN C 85 57.53 13.70 6.76
C GLN C 85 56.16 13.65 6.09
N ARG C 86 55.97 14.49 5.09
CA ARG C 86 54.74 14.54 4.29
C ARG C 86 54.88 13.76 2.99
N GLU C 87 54.04 12.75 2.82
CA GLU C 87 53.98 11.99 1.57
C GLU C 87 52.56 12.07 1.02
N ASP C 88 51.62 12.32 1.93
CA ASP C 88 50.20 12.48 1.60
C ASP C 88 49.94 13.54 0.52
N VAL C 89 50.74 14.62 0.53
CA VAL C 89 50.60 15.72 -0.45
C VAL C 89 50.47 15.18 -1.87
N GLY C 90 49.57 15.78 -2.64
CA GLY C 90 49.38 15.41 -4.03
C GLY C 90 50.59 15.81 -4.85
N LYS C 91 50.39 16.04 -6.14
CA LYS C 91 51.48 16.48 -7.01
C LYS C 91 51.63 18.00 -7.00
N ILE C 92 52.89 18.46 -6.93
CA ILE C 92 53.22 19.89 -6.91
C ILE C 92 53.99 20.29 -8.17
N HIS C 93 53.61 21.43 -8.75
CA HIS C 93 54.17 21.93 -10.01
C HIS C 93 55.42 22.78 -9.84
N ALA C 94 56.45 22.48 -10.64
CA ALA C 94 57.67 23.28 -10.68
C ALA C 94 57.56 24.32 -11.78
N ARG C 95 57.26 25.56 -11.39
CA ARG C 95 56.99 26.62 -12.37
C ARG C 95 58.12 27.64 -12.39
N PHE C 96 58.96 27.60 -13.43
CA PHE C 96 60.12 28.51 -13.57
C PHE C 96 59.70 29.77 -14.25
N TYR C 97 60.22 30.89 -13.77
CA TYR C 97 59.90 32.17 -14.38
C TYR C 97 61.14 33.02 -14.46
N ASN C 98 61.00 34.18 -15.09
CA ASN C 98 62.08 35.15 -15.22
C ASN C 98 63.33 34.53 -15.89
N LEU C 99 63.15 34.17 -17.17
CA LEU C 99 64.21 33.59 -18.00
C LEU C 99 65.06 34.68 -18.66
N PRO C 100 66.21 34.30 -19.27
CA PRO C 100 67.06 35.35 -19.84
C PRO C 100 66.47 35.88 -21.14
N GLU C 101 66.33 34.98 -22.11
CA GLU C 101 65.80 35.28 -23.44
C GLU C 101 64.27 35.42 -23.40
N THR C 102 63.81 36.62 -23.72
CA THR C 102 62.38 36.92 -23.71
C THR C 102 61.90 37.24 -25.13
N LEU C 103 61.34 36.24 -25.80
CA LEU C 103 60.87 36.33 -27.18
C LEU C 103 59.60 37.14 -27.40
N MET C 104 59.31 37.39 -28.68
CA MET C 104 58.06 38.00 -29.10
C MET C 104 57.32 36.94 -29.89
N VAL C 105 55.99 36.95 -29.80
CA VAL C 105 55.15 35.91 -30.40
C VAL C 105 55.52 35.63 -31.87
N LYS C 106 55.83 36.70 -32.61
CA LYS C 106 56.24 36.58 -34.01
C LYS C 106 57.58 35.84 -34.17
N ASP C 107 58.45 35.97 -33.17
CA ASP C 107 59.79 35.39 -33.21
C ASP C 107 59.80 33.89 -32.91
N ILE C 108 58.77 33.41 -32.24
CA ILE C 108 58.72 32.00 -31.88
C ILE C 108 58.88 31.18 -33.16
N GLY C 109 59.97 30.42 -33.24
CA GLY C 109 60.22 29.58 -34.40
C GLY C 109 60.39 28.11 -34.07
N ALA C 110 60.59 27.30 -35.10
CA ALA C 110 60.77 25.86 -34.91
C ALA C 110 62.04 25.52 -34.12
N GLU C 111 62.94 26.50 -33.97
CA GLU C 111 64.12 26.35 -33.12
C GLU C 111 63.69 26.04 -31.69
N HIS C 112 62.57 26.61 -31.26
CA HIS C 112 62.09 26.51 -29.88
C HIS C 112 61.13 25.34 -29.62
N ILE C 113 60.90 24.50 -30.62
CA ILE C 113 60.09 23.30 -30.40
C ILE C 113 60.63 22.50 -29.21
N ASN C 114 59.76 22.29 -28.23
CA ASN C 114 60.11 21.55 -27.01
C ASN C 114 61.26 22.16 -26.20
N LYS C 115 61.38 23.49 -26.27
CA LYS C 115 62.28 24.22 -25.38
C LYS C 115 61.45 25.19 -24.56
N LEU C 116 61.80 25.35 -23.29
CA LEU C 116 61.13 26.32 -22.45
C LEU C 116 61.48 27.71 -22.95
N ILE C 117 60.50 28.41 -23.49
CA ILE C 117 60.70 29.79 -23.90
C ILE C 117 59.90 30.74 -23.02
N GLN C 118 60.30 32.00 -23.01
CA GLN C 118 59.53 33.00 -22.30
C GLN C 118 58.94 33.93 -23.36
N VAL C 119 57.71 34.41 -23.14
CA VAL C 119 57.06 35.28 -24.13
C VAL C 119 56.31 36.43 -23.47
N GLU C 120 56.54 37.65 -23.94
CA GLU C 120 55.71 38.77 -23.50
C GLU C 120 54.62 39.00 -24.52
N GLY C 121 53.46 39.49 -24.10
CA GLY C 121 52.34 39.75 -25.00
C GLY C 121 51.07 40.20 -24.29
N ILE C 122 49.96 40.20 -25.02
CA ILE C 122 48.68 40.57 -24.44
C ILE C 122 47.65 39.50 -24.74
N VAL C 123 46.89 39.13 -23.71
CA VAL C 123 45.85 38.13 -23.84
C VAL C 123 44.73 38.69 -24.71
N THR C 124 44.27 37.88 -25.65
CA THR C 124 43.13 38.28 -26.49
C THR C 124 41.92 37.40 -26.27
N ARG C 125 42.14 36.18 -25.78
CA ARG C 125 41.04 35.23 -25.53
C ARG C 125 41.33 34.34 -24.35
N VAL C 126 40.26 33.81 -23.77
CA VAL C 126 40.33 32.84 -22.69
C VAL C 126 39.14 31.87 -22.80
N GLY C 127 39.40 30.57 -22.86
CA GLY C 127 38.32 29.57 -22.95
C GLY C 127 37.61 29.27 -21.64
N GLU C 128 36.56 28.47 -21.71
CA GLU C 128 35.91 27.95 -20.49
C GLU C 128 36.85 26.99 -19.75
N ILE C 129 36.77 26.97 -18.43
CA ILE C 129 37.57 26.05 -17.63
C ILE C 129 36.95 24.65 -17.72
N LYS C 130 37.61 23.80 -18.49
CA LYS C 130 37.09 22.46 -18.77
C LYS C 130 37.95 21.43 -18.10
N PRO C 131 37.34 20.33 -17.65
CA PRO C 131 38.05 19.14 -17.18
C PRO C 131 38.95 18.51 -18.24
N PHE C 132 40.22 18.29 -17.89
CA PHE C 132 41.15 17.52 -18.72
C PHE C 132 41.60 16.23 -18.07
N VAL C 133 41.43 15.12 -18.77
CA VAL C 133 41.85 13.82 -18.24
C VAL C 133 43.38 13.68 -18.31
N SER C 134 44.06 13.99 -17.21
CA SER C 134 45.51 13.87 -17.17
C SER C 134 45.98 12.41 -17.10
N VAL C 135 45.12 11.54 -16.58
CA VAL C 135 45.39 10.11 -16.55
C VAL C 135 44.12 9.32 -16.84
N ALA C 136 44.02 8.79 -18.05
CA ALA C 136 42.84 8.03 -18.48
C ALA C 136 42.95 6.54 -18.14
N VAL C 137 42.14 6.12 -17.16
CA VAL C 137 42.07 4.73 -16.72
C VAL C 137 40.96 4.00 -17.46
N PHE C 138 41.38 3.16 -18.41
CA PHE C 138 40.45 2.37 -19.19
C PHE C 138 40.12 1.05 -18.48
N VAL C 139 38.86 0.63 -18.58
CA VAL C 139 38.40 -0.61 -17.98
C VAL C 139 37.77 -1.50 -19.05
N CYS C 140 38.03 -2.80 -18.92
CA CYS C 140 37.48 -3.81 -19.82
C CYS C 140 36.16 -4.33 -19.27
N LYS C 141 35.15 -4.40 -20.13
CA LYS C 141 33.84 -4.90 -19.70
C LYS C 141 33.61 -6.38 -20.00
N ASP C 142 34.70 -7.13 -20.17
CA ASP C 142 34.63 -8.58 -20.37
C ASP C 142 35.36 -9.33 -19.26
N CYS C 143 36.52 -8.80 -18.85
CA CYS C 143 37.32 -9.38 -17.78
C CYS C 143 37.50 -8.41 -16.61
N GLY C 144 37.29 -7.12 -16.89
CA GLY C 144 37.43 -6.08 -15.88
C GLY C 144 38.87 -5.62 -15.67
N HIS C 145 39.76 -5.95 -16.60
CA HIS C 145 41.17 -5.54 -16.52
C HIS C 145 41.32 -4.02 -16.61
N GLU C 146 42.26 -3.48 -15.83
CA GLU C 146 42.50 -2.02 -15.78
C GLU C 146 43.77 -1.62 -16.51
N MET C 147 43.66 -0.59 -17.34
CA MET C 147 44.79 -0.05 -18.12
C MET C 147 44.97 1.44 -17.87
N ILE C 148 46.17 1.85 -17.45
CA ILE C 148 46.50 3.27 -17.19
C ILE C 148 47.20 3.90 -18.40
N VAL C 149 46.67 5.04 -18.86
CA VAL C 149 47.30 5.81 -19.93
C VAL C 149 47.32 7.29 -19.56
N PRO C 150 48.52 7.85 -19.31
CA PRO C 150 48.61 9.28 -19.08
C PRO C 150 48.37 10.03 -20.39
N GLN C 151 47.70 11.18 -20.29
CA GLN C 151 47.37 12.00 -21.45
C GLN C 151 48.15 13.30 -21.45
N LYS C 152 48.14 14.01 -22.57
CA LYS C 152 48.81 15.29 -22.69
C LYS C 152 47.79 16.32 -23.15
N PRO C 153 47.75 17.51 -22.51
CA PRO C 153 46.74 18.54 -22.76
C PRO C 153 46.67 19.09 -24.19
N TYR C 154 47.72 18.92 -24.97
CA TYR C 154 47.73 19.41 -26.37
C TYR C 154 47.59 18.29 -27.40
N GLU C 155 48.05 17.09 -27.04
CA GLU C 155 47.87 15.90 -27.86
C GLU C 155 46.41 15.46 -27.81
N SER C 156 46.00 14.66 -28.79
CA SER C 156 44.64 14.13 -28.85
C SER C 156 44.48 13.02 -27.84
N LEU C 157 43.23 12.66 -27.53
CA LEU C 157 42.99 11.59 -26.58
C LEU C 157 43.56 10.29 -27.11
N GLU C 158 44.38 9.66 -26.29
CA GLU C 158 44.97 8.39 -26.62
C GLU C 158 44.16 7.30 -25.98
N LYS C 159 43.32 6.65 -26.79
CA LYS C 159 42.49 5.53 -26.34
C LYS C 159 43.28 4.22 -26.40
N VAL C 160 42.55 3.11 -26.27
CA VAL C 160 43.08 1.79 -26.56
C VAL C 160 41.91 0.90 -27.02
N LYS C 161 42.04 0.32 -28.20
CA LYS C 161 40.95 -0.41 -28.84
C LYS C 161 40.94 -1.92 -28.55
N LYS C 162 41.96 -2.40 -27.83
CA LYS C 162 42.08 -3.81 -27.48
C LYS C 162 42.61 -4.01 -26.06
N CYS C 163 41.97 -4.93 -25.34
CA CYS C 163 42.35 -5.26 -23.97
C CYS C 163 43.75 -5.86 -23.90
N GLU C 164 44.49 -5.45 -22.87
CA GLU C 164 45.84 -5.94 -22.62
C GLU C 164 45.84 -7.39 -22.10
N GLN C 165 44.76 -7.76 -21.40
CA GLN C 165 44.66 -9.08 -20.78
C GLN C 165 43.98 -10.10 -21.69
N CYS C 166 42.68 -9.92 -21.90
CA CYS C 166 41.87 -10.88 -22.65
C CYS C 166 41.74 -10.56 -24.14
N GLY C 167 42.21 -9.37 -24.53
CA GLY C 167 42.20 -8.96 -25.95
C GLY C 167 40.84 -8.58 -26.50
N SER C 168 39.88 -8.33 -25.61
CA SER C 168 38.53 -7.95 -26.02
C SER C 168 38.48 -6.50 -26.48
N LYS C 169 37.85 -6.26 -27.62
CA LYS C 169 37.70 -4.92 -28.18
C LYS C 169 36.50 -4.20 -27.57
N ASN C 170 36.28 -4.44 -26.28
CA ASN C 170 35.17 -3.87 -25.53
C ASN C 170 35.71 -3.10 -24.32
N ILE C 171 36.38 -1.99 -24.60
CA ILE C 171 37.02 -1.17 -23.57
C ILE C 171 36.32 0.17 -23.44
N GLU C 172 36.13 0.63 -22.20
CA GLU C 172 35.53 1.91 -21.92
C GLU C 172 36.36 2.74 -20.92
N LEU C 173 36.16 4.05 -20.96
CA LEU C 173 36.84 4.96 -20.04
C LEU C 173 36.09 5.06 -18.72
N ASP C 174 36.78 4.72 -17.64
CA ASP C 174 36.20 4.83 -16.30
C ASP C 174 36.48 6.18 -15.67
N VAL C 175 35.47 7.05 -15.69
CA VAL C 175 35.61 8.42 -15.21
C VAL C 175 36.13 8.49 -13.77
N ASN C 176 35.58 7.66 -12.89
CA ASN C 176 35.95 7.66 -11.47
C ASN C 176 37.40 7.30 -11.20
N LYS C 177 37.84 6.19 -11.81
CA LYS C 177 39.19 5.70 -11.60
C LYS C 177 40.24 6.65 -12.21
N SER C 178 39.78 7.50 -13.12
CA SER C 178 40.63 8.45 -13.85
C SER C 178 40.99 9.68 -13.01
N SER C 179 42.05 10.37 -13.40
CA SER C 179 42.45 11.65 -12.78
C SER C 179 42.10 12.83 -13.67
N PHE C 180 41.48 13.84 -13.09
CA PHE C 180 41.09 15.03 -13.84
C PHE C 180 41.70 16.28 -13.23
N VAL C 181 42.01 17.26 -14.08
CA VAL C 181 42.53 18.55 -13.65
C VAL C 181 41.89 19.66 -14.46
N ASN C 182 41.70 20.82 -13.84
CA ASN C 182 41.22 21.98 -14.56
C ASN C 182 42.15 22.34 -15.71
N PHE C 183 41.54 22.85 -16.78
CA PHE C 183 42.20 23.19 -18.05
C PHE C 183 41.53 24.43 -18.62
N GLN C 184 42.32 25.33 -19.20
CA GLN C 184 41.78 26.51 -19.86
C GLN C 184 42.67 26.95 -20.99
N SER C 185 42.09 27.05 -22.20
CA SER C 185 42.81 27.59 -23.37
C SER C 185 42.78 29.12 -23.40
N PHE C 186 43.83 29.72 -23.96
CA PHE C 186 43.90 31.17 -24.07
C PHE C 186 44.86 31.56 -25.19
N ARG C 187 44.64 32.74 -25.74
CA ARG C 187 45.44 33.26 -26.85
C ARG C 187 46.13 34.56 -26.46
N ILE C 188 47.42 34.69 -26.81
CA ILE C 188 48.12 35.97 -26.70
C ILE C 188 48.84 36.31 -27.99
N GLN C 189 48.85 37.62 -28.30
CA GLN C 189 49.45 38.16 -29.52
C GLN C 189 50.28 39.38 -29.18
N ASP C 190 51.44 39.53 -29.81
CA ASP C 190 52.29 40.70 -29.61
C ASP C 190 51.42 41.95 -29.62
N ARG C 191 51.73 42.86 -28.70
CA ARG C 191 51.04 44.15 -28.63
C ARG C 191 51.32 44.91 -29.92
N PRO C 192 50.29 45.61 -30.46
CA PRO C 192 50.39 46.32 -31.75
C PRO C 192 51.55 47.33 -31.83
N GLU C 193 51.83 48.02 -30.73
CA GLU C 193 52.92 49.00 -30.66
C GLU C 193 54.33 48.46 -31.00
N THR C 194 54.72 47.34 -30.38
CA THR C 194 56.05 46.74 -30.58
C THR C 194 56.38 46.45 -32.04
N LEU C 195 55.33 46.28 -32.84
CA LEU C 195 55.44 45.89 -34.25
C LEU C 195 55.86 47.03 -35.17
N LYS C 196 55.68 46.81 -36.47
CA LYS C 196 56.03 47.79 -37.49
C LYS C 196 54.84 48.01 -38.44
N GLY C 197 54.46 49.27 -38.63
CA GLY C 197 53.38 49.72 -39.51
C GLY C 197 52.59 48.75 -40.38
N GLY C 198 53.28 47.97 -41.19
CA GLY C 198 52.60 47.05 -42.10
C GLY C 198 52.43 45.64 -41.57
N GLU C 199 52.87 45.40 -40.33
CA GLU C 199 52.83 44.06 -39.75
C GLU C 199 51.44 43.66 -39.24
N MET C 200 51.16 42.36 -39.33
CA MET C 200 49.94 41.77 -38.82
C MET C 200 50.20 41.14 -37.44
N PRO C 201 49.70 41.77 -36.36
CA PRO C 201 49.95 41.17 -35.05
C PRO C 201 49.74 39.67 -35.11
N ARG C 202 50.76 38.92 -34.74
CA ARG C 202 50.71 37.47 -34.77
C ARG C 202 50.34 36.92 -33.40
N PHE C 203 49.52 35.88 -33.36
CA PHE C 203 49.06 35.32 -32.08
C PHE C 203 49.49 33.87 -31.87
N ILE C 204 49.51 33.47 -30.59
CA ILE C 204 49.77 32.08 -30.21
C ILE C 204 48.77 31.58 -29.16
N ASP C 205 48.25 30.38 -29.39
CA ASP C 205 47.38 29.73 -28.44
C ASP C 205 48.20 28.99 -27.38
N GLY C 206 47.68 28.99 -26.15
CA GLY C 206 48.32 28.35 -25.01
C GLY C 206 47.36 27.58 -24.10
N ILE C 207 47.94 26.79 -23.21
CA ILE C 207 47.20 25.92 -22.34
C ILE C 207 47.60 26.28 -20.92
N LEU C 208 46.63 26.21 -20.00
CA LEU C 208 46.87 26.39 -18.57
C LEU C 208 46.29 25.19 -17.81
N LEU C 209 46.99 24.73 -16.78
CA LEU C 209 46.49 23.61 -16.00
C LEU C 209 46.47 23.87 -14.51
N ASP C 210 45.67 23.11 -13.80
CA ASP C 210 45.63 23.19 -12.36
C ASP C 210 45.54 24.62 -11.85
N ASP C 211 46.46 24.96 -10.94
CA ASP C 211 46.47 26.25 -10.23
C ASP C 211 46.59 27.51 -11.10
N ILE C 212 47.24 27.41 -12.26
CA ILE C 212 47.40 28.58 -13.12
C ILE C 212 46.21 28.78 -14.05
N VAL C 213 45.16 27.99 -13.87
CA VAL C 213 43.92 28.17 -14.62
C VAL C 213 43.22 29.43 -14.11
N ASP C 214 42.52 30.11 -15.01
CA ASP C 214 41.73 31.32 -14.65
C ASP C 214 42.54 32.38 -13.92
N VAL C 215 43.78 32.58 -14.34
CA VAL C 215 44.61 33.59 -13.73
C VAL C 215 44.65 34.89 -14.54
N ALA C 216 44.19 34.84 -15.79
CA ALA C 216 44.21 36.01 -16.67
C ALA C 216 42.90 36.19 -17.42
N LEU C 217 42.58 37.45 -17.73
CA LEU C 217 41.39 37.79 -18.51
C LEU C 217 41.80 38.46 -19.82
N PRO C 218 40.90 38.48 -20.83
CA PRO C 218 41.26 39.17 -22.07
C PRO C 218 41.68 40.61 -21.78
N GLY C 219 42.82 41.01 -22.34
CA GLY C 219 43.31 42.38 -22.20
C GLY C 219 44.42 42.56 -21.19
N ASP C 220 44.83 41.49 -20.53
CA ASP C 220 45.94 41.55 -19.59
C ASP C 220 47.27 41.42 -20.33
N ARG C 221 48.20 42.30 -19.99
CA ARG C 221 49.58 42.12 -20.41
C ARG C 221 50.17 41.05 -19.52
N VAL C 222 50.79 40.05 -20.13
CA VAL C 222 51.36 38.93 -19.36
C VAL C 222 52.78 38.61 -19.82
N ILE C 223 53.51 37.88 -19.00
CA ILE C 223 54.77 37.32 -19.44
C ILE C 223 54.74 35.86 -19.09
N VAL C 224 54.39 35.05 -20.06
CA VAL C 224 54.31 33.63 -19.81
C VAL C 224 55.65 32.96 -20.09
N THR C 225 55.88 31.86 -19.40
CA THR C 225 56.96 30.97 -19.71
C THR C 225 56.25 29.70 -20.12
N GLY C 226 56.92 28.84 -20.89
CA GLY C 226 56.29 27.58 -21.24
C GLY C 226 56.97 26.80 -22.32
N ILE C 227 56.48 25.60 -22.55
CA ILE C 227 57.09 24.74 -23.55
C ILE C 227 56.38 24.95 -24.86
N LEU C 228 57.16 25.19 -25.91
CA LEU C 228 56.64 25.34 -27.26
C LEU C 228 56.33 23.96 -27.82
N ARG C 229 55.08 23.72 -28.19
CA ARG C 229 54.68 22.41 -28.64
C ARG C 229 54.22 22.53 -30.07
N VAL C 230 54.23 21.41 -30.80
CA VAL C 230 53.71 21.43 -32.18
C VAL C 230 52.73 20.32 -32.50
N VAL C 231 51.79 20.61 -33.40
CA VAL C 231 50.74 19.67 -33.80
C VAL C 231 50.35 19.91 -35.25
N LEU C 232 49.54 19.03 -35.83
CA LEU C 232 49.10 19.26 -37.20
C LEU C 232 47.94 20.24 -37.27
N GLU C 233 47.91 21.04 -38.33
CA GLU C 233 46.78 21.90 -38.60
C GLU C 233 45.56 21.02 -38.75
N LYS C 234 44.49 21.40 -38.05
CA LYS C 234 43.21 20.67 -38.03
C LYS C 234 43.10 19.52 -39.04
N ARG C 235 43.16 19.88 -40.33
CA ARG C 235 43.00 18.94 -41.44
C ARG C 235 44.01 17.80 -41.47
N GLU C 236 45.26 18.11 -41.11
CA GLU C 236 46.34 17.13 -41.04
C GLU C 236 46.64 16.53 -42.42
N LYS C 237 46.68 17.39 -43.43
CA LYS C 237 46.99 16.97 -44.80
C LYS C 237 48.38 17.37 -45.24
N THR C 238 48.90 18.46 -44.66
CA THR C 238 50.21 18.99 -45.01
C THR C 238 51.22 18.85 -43.89
N PRO C 239 52.53 18.89 -44.23
CA PRO C 239 53.64 18.76 -43.29
C PRO C 239 53.97 20.05 -42.55
N ILE C 240 53.00 20.94 -42.43
CA ILE C 240 53.15 22.19 -41.69
C ILE C 240 52.44 22.09 -40.35
N PHE C 241 53.02 22.68 -39.30
CA PHE C 241 52.51 22.49 -37.93
C PHE C 241 51.82 23.69 -37.26
N ARG C 242 51.18 23.44 -36.13
CA ARG C 242 50.58 24.46 -35.32
C ARG C 242 51.41 24.66 -34.04
N LYS C 243 51.68 25.91 -33.67
CA LYS C 243 52.46 26.20 -32.47
C LYS C 243 51.54 26.45 -31.27
N ILE C 244 51.72 25.65 -30.22
CA ILE C 244 50.94 25.76 -28.99
C ILE C 244 51.91 25.95 -27.85
N LEU C 245 51.54 26.84 -26.94
CA LEU C 245 52.36 27.15 -25.80
C LEU C 245 51.85 26.53 -24.50
N GLU C 246 52.44 25.40 -24.09
CA GLU C 246 52.06 24.73 -22.84
C GLU C 246 52.66 25.50 -21.68
N VAL C 247 51.86 26.41 -21.12
CA VAL C 247 52.37 27.39 -20.15
C VAL C 247 52.86 26.73 -18.87
N ASN C 248 54.04 27.15 -18.44
CA ASN C 248 54.65 26.64 -17.23
C ASN C 248 54.62 27.65 -16.11
N HIS C 249 54.42 28.93 -16.44
CA HIS C 249 54.34 29.99 -15.44
C HIS C 249 53.94 31.29 -16.07
N ILE C 250 52.93 31.92 -15.49
CA ILE C 250 52.37 33.15 -16.03
C ILE C 250 52.39 34.22 -14.97
N GLU C 251 52.69 35.45 -15.38
CA GLU C 251 52.86 36.54 -14.45
C GLU C 251 52.48 37.87 -15.10
N PRO C 252 51.55 38.61 -14.48
CA PRO C 252 51.11 39.90 -15.04
C PRO C 252 52.17 41.00 -14.90
N VAL C 253 52.02 42.04 -15.72
CA VAL C 253 52.86 43.24 -15.69
C VAL C 253 52.07 44.45 -16.18
N SER C 254 52.08 45.51 -15.38
CA SER C 254 51.39 46.76 -15.73
C SER C 254 52.38 47.75 -16.37
N LYS C 255 52.30 47.88 -17.69
CA LYS C 255 53.21 48.77 -18.44
C LYS C 255 52.72 50.21 -18.46
N SER D 1 73.46 19.92 -70.19
CA SER D 1 73.47 18.56 -69.59
C SER D 1 74.77 18.32 -68.83
N VAL D 2 74.68 18.36 -67.50
CA VAL D 2 75.82 18.09 -66.60
C VAL D 2 75.31 17.33 -65.37
N ASP D 3 75.86 16.15 -65.10
CA ASP D 3 75.45 15.40 -63.92
C ASP D 3 76.00 16.04 -62.64
N ARG D 4 75.49 15.58 -61.50
CA ARG D 4 75.86 16.08 -60.19
C ARG D 4 77.37 16.03 -59.93
N GLU D 5 77.92 14.82 -59.93
CA GLU D 5 79.31 14.57 -59.57
C GLU D 5 80.24 15.70 -59.97
N GLU D 6 80.24 16.03 -61.26
CA GLU D 6 81.10 17.07 -61.81
C GLU D 6 80.69 18.47 -61.34
N MET D 7 79.38 18.71 -61.31
CA MET D 7 78.86 20.01 -60.87
C MET D 7 79.39 20.39 -59.51
N ILE D 8 79.40 19.42 -58.59
CA ILE D 8 79.96 19.62 -57.26
C ILE D 8 81.37 20.20 -57.38
N GLU D 9 82.23 19.48 -58.12
CA GLU D 9 83.63 19.85 -58.31
C GLU D 9 83.78 21.19 -59.01
N ARG D 10 83.05 21.35 -60.11
CA ARG D 10 83.03 22.61 -60.85
C ARG D 10 82.60 23.78 -59.97
N PHE D 11 81.64 23.53 -59.09
CA PHE D 11 81.20 24.54 -58.11
C PHE D 11 82.30 24.83 -57.10
N ALA D 12 82.88 23.76 -56.57
CA ALA D 12 84.02 23.86 -55.64
C ALA D 12 85.05 24.81 -56.22
N ASN D 13 85.57 24.47 -57.39
CA ASN D 13 86.51 25.32 -58.11
C ASN D 13 86.00 26.75 -58.21
N PHE D 14 84.80 26.92 -58.76
CA PHE D 14 84.20 28.25 -58.92
C PHE D 14 84.35 29.09 -57.67
N LEU D 15 84.03 28.48 -56.53
CA LEU D 15 84.03 29.17 -55.24
C LEU D 15 85.42 29.69 -54.85
N ARG D 16 86.40 28.78 -54.83
CA ARG D 16 87.74 29.12 -54.39
C ARG D 16 88.56 29.81 -55.47
N GLU D 17 88.18 29.60 -56.74
CA GLU D 17 88.97 30.11 -57.86
C GLU D 17 88.44 31.41 -58.49
N TYR D 18 87.16 31.70 -58.31
CA TYR D 18 86.59 32.92 -58.88
C TYR D 18 87.20 34.17 -58.27
N THR D 19 87.45 35.15 -59.14
CA THR D 19 87.94 36.46 -58.75
C THR D 19 87.26 37.49 -59.63
N ASP D 20 86.82 38.60 -59.04
CA ASP D 20 86.14 39.64 -59.81
C ASP D 20 87.11 40.48 -60.66
N GLU D 21 86.95 41.80 -60.62
CA GLU D 21 87.82 42.71 -61.37
C GLU D 21 88.98 43.21 -60.50
N ASP D 22 89.00 42.79 -59.25
CA ASP D 22 90.01 43.22 -58.27
C ASP D 22 90.76 42.06 -57.63
N GLY D 23 90.49 40.85 -58.10
CA GLY D 23 91.14 39.66 -57.58
C GLY D 23 90.54 39.19 -56.27
N ASN D 24 89.36 39.70 -55.96
CA ASN D 24 88.61 39.29 -54.78
C ASN D 24 88.03 37.90 -54.99
N PRO D 25 88.45 36.92 -54.16
CA PRO D 25 87.80 35.62 -54.23
C PRO D 25 86.49 35.66 -53.44
N VAL D 26 85.73 36.75 -53.58
CA VAL D 26 84.51 37.06 -52.79
C VAL D 26 83.81 35.90 -52.11
N TYR D 27 83.77 34.76 -52.79
CA TYR D 27 83.14 33.56 -52.24
C TYR D 27 83.94 32.91 -51.12
N ARG D 28 85.27 33.06 -51.16
CA ARG D 28 86.13 32.74 -50.01
C ARG D 28 85.84 33.67 -48.83
N GLY D 29 85.48 34.92 -49.14
CA GLY D 29 85.10 35.90 -48.13
C GLY D 29 83.74 35.63 -47.54
N LYS D 30 82.89 34.94 -48.29
CA LYS D 30 81.54 34.57 -47.85
C LYS D 30 81.50 33.21 -47.17
N ILE D 31 82.39 32.30 -47.58
CA ILE D 31 82.62 31.04 -46.87
C ILE D 31 83.22 31.35 -45.49
N THR D 32 83.72 32.59 -45.35
CA THR D 32 84.33 33.06 -44.12
C THR D 32 83.28 33.57 -43.12
N ASP D 33 82.31 34.34 -43.63
CA ASP D 33 81.19 34.84 -42.82
C ASP D 33 80.20 33.72 -42.49
N LEU D 34 80.66 32.48 -42.66
CA LEU D 34 79.91 31.30 -42.27
C LEU D 34 80.37 30.76 -40.92
N LEU D 35 81.59 31.14 -40.53
CA LEU D 35 82.23 30.61 -39.32
C LEU D 35 82.27 31.59 -38.14
N THR D 36 81.84 32.83 -38.36
CA THR D 36 81.98 33.91 -37.36
C THR D 36 81.01 33.82 -36.16
N ILE D 37 81.00 34.87 -35.34
CA ILE D 37 80.09 34.99 -34.18
C ILE D 37 78.64 34.81 -34.58
N THR D 38 78.20 35.66 -35.50
CA THR D 38 76.83 35.68 -35.99
C THR D 38 76.81 34.98 -37.35
N PRO D 39 76.82 33.64 -37.34
CA PRO D 39 76.98 32.91 -38.60
C PRO D 39 75.70 32.86 -39.42
N LYS D 40 75.83 33.03 -40.73
CA LYS D 40 74.72 32.88 -41.66
C LYS D 40 74.69 31.45 -42.13
N ARG D 41 73.55 31.00 -42.65
CA ARG D 41 73.46 29.63 -43.13
C ARG D 41 73.36 29.49 -44.65
N SER D 42 73.73 30.55 -45.38
CA SER D 42 73.62 30.56 -46.83
C SER D 42 74.64 31.44 -47.55
N VAL D 43 75.08 30.99 -48.72
CA VAL D 43 76.02 31.71 -49.58
C VAL D 43 75.28 32.36 -50.75
N ALA D 44 75.20 33.70 -50.74
CA ALA D 44 74.58 34.44 -51.83
C ALA D 44 75.48 34.41 -53.08
N ILE D 45 75.05 33.68 -54.11
CA ILE D 45 75.81 33.58 -55.37
C ILE D 45 75.18 34.41 -56.49
N ASP D 46 75.95 35.37 -57.00
CA ASP D 46 75.55 36.21 -58.13
C ASP D 46 75.68 35.40 -59.42
N TRP D 47 74.57 35.18 -60.13
CA TRP D 47 74.57 34.32 -61.32
C TRP D 47 75.55 34.75 -62.39
N MET D 48 75.67 36.06 -62.58
CA MET D 48 76.59 36.66 -63.54
C MET D 48 78.04 36.29 -63.26
N HIS D 49 78.38 36.18 -61.99
CA HIS D 49 79.69 35.75 -61.57
C HIS D 49 79.92 34.29 -61.98
N LEU D 50 78.93 33.44 -61.73
CA LEU D 50 79.00 32.05 -62.15
C LEU D 50 79.15 31.96 -63.67
N ASN D 51 78.27 32.66 -64.39
CA ASN D 51 78.24 32.63 -65.85
C ASN D 51 79.56 33.01 -66.51
N SER D 52 80.17 34.10 -66.05
CA SER D 52 81.43 34.58 -66.64
C SER D 52 82.59 33.58 -66.46
N PHE D 53 82.61 32.89 -65.32
CA PHE D 53 83.62 31.89 -65.02
C PHE D 53 83.31 30.54 -65.69
N ASP D 54 82.04 30.14 -65.68
CA ASP D 54 81.59 28.86 -66.22
C ASP D 54 80.13 28.95 -66.65
N SER D 55 79.90 29.49 -67.84
CA SER D 55 78.55 29.71 -68.37
C SER D 55 77.81 28.44 -68.76
N GLU D 56 78.54 27.34 -68.97
CA GLU D 56 77.92 26.04 -69.25
C GLU D 56 77.25 25.49 -67.99
N LEU D 57 77.81 25.82 -66.83
CA LEU D 57 77.25 25.47 -65.53
C LEU D 57 76.09 26.39 -65.18
N ALA D 58 76.32 27.69 -65.36
CA ALA D 58 75.32 28.70 -65.07
C ALA D 58 74.03 28.40 -65.81
N HIS D 59 74.13 27.68 -66.92
CA HIS D 59 72.97 27.22 -67.69
C HIS D 59 72.54 25.80 -67.33
N GLU D 60 72.68 25.46 -66.06
CA GLU D 60 72.23 24.19 -65.54
C GLU D 60 71.47 24.45 -64.29
N VAL D 61 71.94 25.42 -63.51
CA VAL D 61 71.22 25.87 -62.31
C VAL D 61 69.84 26.40 -62.71
N ILE D 62 69.75 26.89 -63.94
CA ILE D 62 68.51 27.43 -64.44
C ILE D 62 67.66 26.33 -65.08
N GLU D 63 68.29 25.44 -65.82
CA GLU D 63 67.54 24.36 -66.47
C GLU D 63 67.27 23.16 -65.55
N ASN D 64 67.88 23.17 -64.37
CA ASN D 64 67.83 22.02 -63.47
C ASN D 64 68.25 22.42 -62.05
N PRO D 65 67.54 23.40 -61.45
CA PRO D 65 67.90 23.98 -60.14
C PRO D 65 67.87 23.00 -58.98
N GLU D 66 67.09 21.93 -59.08
CA GLU D 66 67.12 20.87 -58.06
C GLU D 66 68.53 20.30 -57.94
N GLU D 67 69.05 19.76 -59.03
CA GLU D 67 70.43 19.27 -59.08
C GLU D 67 71.42 20.41 -58.82
N GLY D 68 71.23 21.51 -59.56
CA GLY D 68 72.10 22.69 -59.52
C GLY D 68 72.37 23.26 -58.13
N ILE D 69 71.34 23.74 -57.46
CA ILE D 69 71.49 24.19 -56.09
C ILE D 69 72.11 23.07 -55.23
N SER D 70 71.54 21.87 -55.30
CA SER D 70 71.96 20.75 -54.45
C SER D 70 73.46 20.52 -54.59
N ALA D 71 73.95 20.48 -55.82
CA ALA D 71 75.37 20.31 -56.13
C ALA D 71 76.24 21.40 -55.48
N ALA D 72 75.87 22.66 -55.73
CA ALA D 72 76.54 23.82 -55.17
C ALA D 72 76.68 23.76 -53.65
N GLU D 73 75.65 23.25 -52.99
CA GLU D 73 75.65 23.14 -51.53
C GLU D 73 76.64 22.10 -51.03
N ASP D 74 76.74 20.98 -51.76
CA ASP D 74 77.75 19.96 -51.50
C ASP D 74 79.14 20.51 -51.78
N ALA D 75 79.21 21.48 -52.69
CA ALA D 75 80.46 22.17 -52.98
C ALA D 75 80.91 23.00 -51.78
N ILE D 76 80.05 23.88 -51.29
CA ILE D 76 80.35 24.69 -50.11
C ILE D 76 80.72 23.78 -48.92
N GLN D 77 80.09 22.61 -48.86
CA GLN D 77 80.32 21.61 -47.82
C GLN D 77 81.74 21.06 -47.89
N ILE D 78 82.25 20.92 -49.11
CA ILE D 78 83.58 20.38 -49.35
C ILE D 78 84.66 21.44 -49.10
N VAL D 79 84.46 22.64 -49.61
CA VAL D 79 85.45 23.73 -49.46
C VAL D 79 85.53 24.27 -48.04
N LEU D 80 84.76 23.67 -47.14
CA LEU D 80 84.86 23.95 -45.72
C LEU D 80 85.63 22.81 -45.05
N ARG D 81 85.27 21.58 -45.43
CA ARG D 81 85.86 20.37 -44.91
C ARG D 81 87.35 20.29 -45.25
N GLU D 82 87.71 20.78 -46.43
CA GLU D 82 89.09 20.76 -46.91
C GLU D 82 89.85 22.02 -46.52
N ASP D 83 89.29 23.19 -46.85
CA ASP D 83 90.01 24.46 -46.75
C ASP D 83 89.91 25.14 -45.38
N PHE D 84 89.10 24.58 -44.49
CA PHE D 84 88.90 25.18 -43.17
C PHE D 84 88.84 24.12 -42.07
N GLN D 85 88.87 22.84 -42.47
CA GLN D 85 88.81 21.68 -41.56
C GLN D 85 87.53 21.60 -40.71
N ARG D 86 86.50 22.33 -41.12
CA ARG D 86 85.23 22.34 -40.39
C ARG D 86 84.23 21.37 -41.01
N GLU D 87 83.64 20.52 -40.18
CA GLU D 87 82.65 19.52 -40.60
C GLU D 87 81.47 19.56 -39.65
N ASP D 88 81.65 20.34 -38.59
CA ASP D 88 80.66 20.54 -37.55
C ASP D 88 79.51 21.39 -38.03
N VAL D 89 79.82 22.39 -38.86
CA VAL D 89 78.82 23.32 -39.38
C VAL D 89 77.68 22.56 -40.04
N GLY D 90 76.46 23.03 -39.82
CA GLY D 90 75.27 22.43 -40.42
C GLY D 90 75.26 22.56 -41.93
N LYS D 91 74.07 22.54 -42.51
CA LYS D 91 73.93 22.67 -43.95
C LYS D 91 73.87 24.14 -44.34
N ILE D 92 74.50 24.47 -45.47
CA ILE D 92 74.52 25.85 -45.99
C ILE D 92 73.86 25.99 -47.35
N HIS D 93 72.89 26.92 -47.45
CA HIS D 93 72.05 27.09 -48.64
C HIS D 93 72.73 27.85 -49.75
N ALA D 94 72.74 27.27 -50.95
CA ALA D 94 73.24 28.00 -52.12
C ALA D 94 72.09 28.79 -52.72
N ARG D 95 72.14 30.11 -52.59
CA ARG D 95 71.03 30.98 -53.03
C ARG D 95 71.42 31.88 -54.19
N PHE D 96 70.98 31.53 -55.41
CA PHE D 96 71.37 32.27 -56.63
C PHE D 96 70.51 33.48 -56.84
N TYR D 97 71.12 34.56 -57.30
CA TYR D 97 70.39 35.77 -57.60
C TYR D 97 70.91 36.44 -58.86
N ASN D 98 70.20 37.47 -59.30
CA ASN D 98 70.57 38.24 -60.47
C ASN D 98 70.69 37.36 -61.73
N LEU D 99 69.58 36.75 -62.10
CA LEU D 99 69.50 35.92 -63.30
C LEU D 99 69.34 36.80 -64.53
N PRO D 100 69.52 36.25 -65.76
CA PRO D 100 69.39 37.06 -66.96
C PRO D 100 67.92 37.37 -67.31
N GLU D 101 67.13 36.32 -67.47
CA GLU D 101 65.70 36.40 -67.72
C GLU D 101 64.94 36.74 -66.43
N THR D 102 64.22 37.86 -66.44
CA THR D 102 63.43 38.31 -65.31
C THR D 102 61.93 38.41 -65.63
N LEU D 103 61.20 37.33 -65.38
CA LEU D 103 59.75 37.23 -65.68
C LEU D 103 58.83 38.16 -64.88
N MET D 104 57.59 38.25 -65.34
CA MET D 104 56.56 39.00 -64.66
C MET D 104 55.47 38.00 -64.27
N VAL D 105 54.93 38.13 -63.05
CA VAL D 105 54.03 37.12 -62.49
C VAL D 105 53.11 36.50 -63.56
N LYS D 106 52.53 37.35 -64.39
CA LYS D 106 51.60 36.91 -65.44
C LYS D 106 52.21 35.97 -66.50
N ASP D 107 53.51 36.14 -66.78
CA ASP D 107 54.23 35.34 -67.77
C ASP D 107 54.74 34.00 -67.21
N ILE D 108 54.41 33.71 -65.96
CA ILE D 108 54.85 32.45 -65.35
C ILE D 108 53.92 31.31 -65.76
N GLY D 109 54.45 30.36 -66.52
CA GLY D 109 53.62 29.28 -67.02
C GLY D 109 54.19 27.88 -66.86
N ALA D 110 53.59 26.96 -67.59
CA ALA D 110 53.99 25.56 -67.57
C ALA D 110 55.38 25.32 -68.15
N GLU D 111 55.88 26.23 -68.99
CA GLU D 111 57.23 26.12 -69.54
C GLU D 111 58.25 26.15 -68.42
N HIS D 112 57.96 26.90 -67.36
CA HIS D 112 58.88 27.09 -66.25
C HIS D 112 58.80 26.05 -65.14
N ILE D 113 58.00 25.01 -65.33
CA ILE D 113 57.86 24.02 -64.26
C ILE D 113 59.23 23.41 -63.96
N ASN D 114 59.62 23.49 -62.69
CA ASN D 114 60.88 22.93 -62.18
C ASN D 114 62.14 23.56 -62.76
N LYS D 115 62.02 24.77 -63.28
CA LYS D 115 63.18 25.53 -63.76
C LYS D 115 63.34 26.70 -62.80
N LEU D 116 64.57 27.11 -62.52
CA LEU D 116 64.78 28.32 -61.69
C LEU D 116 64.45 29.59 -62.47
N ILE D 117 63.43 30.29 -62.03
CA ILE D 117 63.05 31.56 -62.67
C ILE D 117 63.30 32.72 -61.73
N GLN D 118 63.27 33.92 -62.29
CA GLN D 118 63.41 35.15 -61.51
C GLN D 118 62.20 36.00 -61.72
N VAL D 119 61.62 36.47 -60.62
CA VAL D 119 60.40 37.28 -60.69
C VAL D 119 60.50 38.55 -59.86
N GLU D 120 60.22 39.69 -60.48
CA GLU D 120 60.05 40.91 -59.71
C GLU D 120 58.57 41.07 -59.46
N GLY D 121 58.23 41.72 -58.35
CA GLY D 121 56.83 41.93 -57.98
C GLY D 121 56.64 42.56 -56.60
N ILE D 122 55.39 42.64 -56.17
CA ILE D 122 55.08 43.26 -54.89
C ILE D 122 54.31 42.29 -53.99
N VAL D 123 54.81 42.10 -52.77
CA VAL D 123 54.22 41.18 -51.81
C VAL D 123 52.87 41.73 -51.38
N THR D 124 51.85 40.87 -51.37
CA THR D 124 50.54 41.27 -50.90
C THR D 124 50.13 40.53 -49.63
N ARG D 125 50.81 39.41 -49.36
CA ARG D 125 50.50 38.51 -48.24
C ARG D 125 51.72 37.80 -47.71
N VAL D 126 51.70 37.51 -46.41
CA VAL D 126 52.72 36.72 -45.72
C VAL D 126 52.02 35.93 -44.62
N GLY D 127 52.29 34.64 -44.52
CA GLY D 127 51.69 33.77 -43.50
C GLY D 127 52.49 33.74 -42.21
N GLU D 128 51.94 33.12 -41.17
CA GLU D 128 52.64 32.96 -39.88
C GLU D 128 53.87 32.09 -40.09
N ILE D 129 54.88 32.27 -39.24
CA ILE D 129 56.07 31.45 -39.33
C ILE D 129 55.84 30.09 -38.67
N LYS D 130 55.56 29.10 -39.50
CA LYS D 130 55.19 27.79 -39.01
C LYS D 130 56.35 26.80 -39.11
N PRO D 131 56.42 25.86 -38.15
CA PRO D 131 57.37 24.78 -38.25
C PRO D 131 56.97 23.85 -39.39
N PHE D 132 57.94 23.56 -40.26
CA PHE D 132 57.79 22.55 -41.29
C PHE D 132 58.69 21.36 -41.00
N VAL D 133 58.13 20.14 -41.10
CA VAL D 133 58.93 18.93 -40.90
C VAL D 133 59.72 18.53 -42.17
N SER D 134 60.98 18.97 -42.22
CA SER D 134 61.86 18.69 -43.36
C SER D 134 62.11 17.20 -43.53
N VAL D 135 62.21 16.51 -42.40
CA VAL D 135 62.46 15.09 -42.38
C VAL D 135 61.58 14.52 -41.28
N ALA D 136 60.57 13.74 -41.66
CA ALA D 136 59.65 13.12 -40.70
C ALA D 136 60.10 11.74 -40.26
N VAL D 137 59.86 11.45 -38.98
CA VAL D 137 60.22 10.16 -38.37
C VAL D 137 58.99 9.53 -37.69
N PHE D 138 58.49 8.45 -38.30
CA PHE D 138 57.33 7.72 -37.79
C PHE D 138 57.77 6.60 -36.87
N VAL D 139 57.02 6.41 -35.78
CA VAL D 139 57.30 5.35 -34.82
C VAL D 139 56.10 4.43 -34.65
N CYS D 140 56.38 3.12 -34.65
CA CYS D 140 55.38 2.11 -34.41
C CYS D 140 55.17 1.92 -32.90
N LYS D 141 53.92 1.77 -32.49
CA LYS D 141 53.61 1.57 -31.07
C LYS D 141 53.35 0.12 -30.70
N ASP D 142 53.77 -0.80 -31.57
CA ASP D 142 53.63 -2.23 -31.32
C ASP D 142 54.99 -2.90 -31.16
N CYS D 143 55.92 -2.52 -32.04
CA CYS D 143 57.27 -3.06 -32.04
C CYS D 143 58.33 -1.97 -31.86
N GLY D 144 57.90 -0.71 -31.97
CA GLY D 144 58.79 0.42 -31.76
C GLY D 144 59.78 0.65 -32.89
N HIS D 145 59.52 0.06 -34.04
CA HIS D 145 60.36 0.26 -35.22
C HIS D 145 60.31 1.71 -35.69
N GLU D 146 61.42 2.20 -36.22
CA GLU D 146 61.51 3.57 -36.70
C GLU D 146 61.59 3.66 -38.22
N MET D 147 60.85 4.60 -38.79
CA MET D 147 60.82 4.83 -40.24
C MET D 147 61.03 6.30 -40.57
N ILE D 148 62.05 6.61 -41.38
CA ILE D 148 62.31 8.00 -41.77
C ILE D 148 61.81 8.31 -43.18
N VAL D 149 61.05 9.40 -43.29
CA VAL D 149 60.47 9.84 -44.54
C VAL D 149 60.71 11.35 -44.68
N PRO D 150 61.53 11.76 -45.67
CA PRO D 150 61.70 13.20 -45.89
C PRO D 150 60.46 13.81 -46.56
N GLN D 151 60.10 15.01 -46.14
CA GLN D 151 58.95 15.70 -46.71
C GLN D 151 59.38 16.83 -47.60
N LYS D 152 58.42 17.36 -48.36
CA LYS D 152 58.68 18.50 -49.25
C LYS D 152 57.69 19.60 -48.88
N PRO D 153 58.18 20.82 -48.60
CA PRO D 153 57.36 21.96 -48.13
C PRO D 153 56.15 22.36 -49.02
N TYR D 154 56.14 21.94 -50.28
CA TYR D 154 54.98 22.18 -51.16
C TYR D 154 54.04 20.97 -51.32
N GLU D 155 54.60 19.77 -51.26
CA GLU D 155 53.80 18.54 -51.35
C GLU D 155 53.10 18.31 -50.02
N SER D 156 52.01 17.56 -50.07
CA SER D 156 51.26 17.23 -48.87
C SER D 156 52.02 16.19 -48.04
N LEU D 157 51.74 16.15 -46.75
CA LEU D 157 52.43 15.26 -45.83
C LEU D 157 52.31 13.83 -46.31
N GLU D 158 53.45 13.17 -46.43
CA GLU D 158 53.49 11.77 -46.84
C GLU D 158 53.62 10.89 -45.60
N LYS D 159 52.54 10.23 -45.23
CA LYS D 159 52.52 9.36 -44.06
C LYS D 159 52.82 7.92 -44.46
N VAL D 160 52.73 7.02 -43.49
CA VAL D 160 52.83 5.58 -43.74
C VAL D 160 51.82 4.85 -42.85
N LYS D 161 50.89 4.14 -43.49
CA LYS D 161 49.78 3.48 -42.79
C LYS D 161 50.11 2.09 -42.24
N LYS D 162 51.26 1.54 -42.64
CA LYS D 162 51.65 0.19 -42.26
C LYS D 162 53.12 0.13 -41.85
N CYS D 163 53.40 -0.64 -40.79
CA CYS D 163 54.75 -0.82 -40.27
C CYS D 163 55.64 -1.61 -41.23
N GLU D 164 56.85 -1.10 -41.44
CA GLU D 164 57.85 -1.73 -42.30
C GLU D 164 58.33 -3.05 -41.70
N GLN D 165 58.35 -3.12 -40.36
CA GLN D 165 58.86 -4.29 -39.64
C GLN D 165 57.76 -5.32 -39.36
N CYS D 166 56.86 -4.99 -38.44
CA CYS D 166 55.84 -5.93 -37.99
C CYS D 166 54.54 -5.83 -38.80
N GLY D 167 54.42 -4.79 -39.62
CA GLY D 167 53.23 -4.58 -40.44
C GLY D 167 52.00 -4.15 -39.65
N SER D 168 52.20 -3.68 -38.42
CA SER D 168 51.10 -3.16 -37.61
C SER D 168 50.65 -1.81 -38.13
N LYS D 169 49.34 -1.69 -38.34
CA LYS D 169 48.76 -0.44 -38.81
C LYS D 169 48.50 0.49 -37.63
N ASN D 170 49.50 0.56 -36.74
CA ASN D 170 49.48 1.41 -35.54
C ASN D 170 50.75 2.26 -35.49
N ILE D 171 50.83 3.24 -36.37
CA ILE D 171 52.01 4.11 -36.49
C ILE D 171 51.63 5.54 -36.11
N GLU D 172 52.58 6.26 -35.52
CA GLU D 172 52.39 7.66 -35.15
C GLU D 172 53.64 8.49 -35.44
N LEU D 173 53.44 9.79 -35.64
CA LEU D 173 54.56 10.70 -35.89
C LEU D 173 55.23 11.11 -34.58
N ASP D 174 56.54 10.89 -34.48
CA ASP D 174 57.29 11.30 -33.31
C ASP D 174 57.86 12.69 -33.52
N VAL D 175 57.36 13.67 -32.78
CA VAL D 175 57.79 15.06 -32.93
C VAL D 175 59.25 15.29 -32.56
N ASN D 176 59.72 14.65 -31.50
CA ASN D 176 61.10 14.83 -31.08
C ASN D 176 62.07 14.30 -32.12
N LYS D 177 61.91 13.02 -32.46
CA LYS D 177 62.77 12.31 -33.41
C LYS D 177 62.77 12.92 -34.82
N SER D 178 61.76 13.74 -35.11
CA SER D 178 61.68 14.43 -36.40
C SER D 178 62.51 15.71 -36.43
N SER D 179 62.76 16.22 -37.63
CA SER D 179 63.51 17.46 -37.83
C SER D 179 62.55 18.52 -38.30
N PHE D 180 62.71 19.73 -37.77
CA PHE D 180 61.86 20.85 -38.17
C PHE D 180 62.65 22.07 -38.64
N VAL D 181 62.04 22.84 -39.55
CA VAL D 181 62.59 24.13 -40.01
C VAL D 181 61.51 25.19 -40.09
N ASN D 182 61.89 26.45 -39.88
CA ASN D 182 60.97 27.55 -40.10
C ASN D 182 60.45 27.57 -41.54
N PHE D 183 59.18 27.92 -41.67
CA PHE D 183 58.47 27.98 -42.95
C PHE D 183 57.53 29.20 -42.91
N GLN D 184 57.41 29.88 -44.05
CA GLN D 184 56.46 30.99 -44.18
C GLN D 184 55.95 31.07 -45.59
N SER D 185 54.62 31.10 -45.74
CA SER D 185 54.00 31.32 -47.05
C SER D 185 53.79 32.81 -47.33
N PHE D 186 53.76 33.18 -48.60
CA PHE D 186 53.60 34.57 -48.97
C PHE D 186 53.12 34.65 -50.42
N ARG D 187 52.44 35.74 -50.74
CA ARG D 187 51.94 35.98 -52.10
C ARG D 187 52.50 37.26 -52.72
N ILE D 188 52.86 37.19 -54.00
CA ILE D 188 53.24 38.37 -54.76
C ILE D 188 52.62 38.39 -56.11
N GLN D 189 52.36 39.63 -56.56
CA GLN D 189 51.65 39.94 -57.79
C GLN D 189 52.46 40.96 -58.57
N ASP D 190 52.20 41.05 -59.87
CA ASP D 190 52.84 42.05 -60.72
C ASP D 190 52.58 43.46 -60.23
N ARG D 191 53.62 44.28 -60.33
CA ARG D 191 53.49 45.71 -60.05
C ARG D 191 52.51 46.20 -61.08
N PRO D 192 51.57 47.05 -60.66
CA PRO D 192 50.52 47.49 -61.58
C PRO D 192 51.05 48.45 -62.64
N GLU D 193 51.98 49.32 -62.27
CA GLU D 193 52.56 50.27 -63.21
C GLU D 193 53.24 49.63 -64.44
N THR D 194 53.64 48.36 -64.34
CA THR D 194 54.23 47.66 -65.49
C THR D 194 53.22 46.91 -66.35
N LEU D 195 52.00 46.79 -65.87
CA LEU D 195 50.92 46.18 -66.64
C LEU D 195 50.25 47.27 -67.46
N LYS D 196 49.64 46.89 -68.58
CA LYS D 196 49.07 47.86 -69.52
C LYS D 196 47.55 48.02 -69.39
N GLY D 197 47.09 49.22 -69.68
CA GLY D 197 45.66 49.54 -69.83
C GLY D 197 44.71 48.83 -68.87
N GLY D 198 43.78 48.08 -69.44
CA GLY D 198 42.75 47.39 -68.65
C GLY D 198 43.11 46.01 -68.11
N GLU D 199 44.41 45.78 -67.87
CA GLU D 199 44.87 44.53 -67.30
C GLU D 199 44.60 44.51 -65.81
N MET D 200 44.35 43.31 -65.29
CA MET D 200 44.18 43.05 -63.88
C MET D 200 45.40 42.24 -63.47
N PRO D 201 46.17 42.71 -62.47
CA PRO D 201 47.42 42.05 -62.05
C PRO D 201 47.23 40.63 -61.53
N ARG D 202 48.06 39.71 -62.00
CA ARG D 202 48.03 38.31 -61.57
C ARG D 202 48.99 38.11 -60.40
N PHE D 203 48.80 37.02 -59.66
CA PHE D 203 49.57 36.74 -58.44
C PHE D 203 50.22 35.36 -58.46
N ILE D 204 50.95 35.04 -57.39
CA ILE D 204 51.52 33.71 -57.21
C ILE D 204 51.90 33.51 -55.75
N ASP D 205 51.56 32.35 -55.20
CA ASP D 205 51.97 32.03 -53.85
C ASP D 205 53.33 31.33 -53.84
N GLY D 206 54.06 31.59 -52.75
CA GLY D 206 55.41 31.07 -52.57
C GLY D 206 55.69 30.63 -51.15
N ILE D 207 56.87 30.05 -50.99
CA ILE D 207 57.29 29.42 -49.76
C ILE D 207 58.67 29.99 -49.44
N LEU D 208 58.91 30.32 -48.18
CA LEU D 208 60.27 30.64 -47.75
C LEU D 208 60.69 29.62 -46.68
N LEU D 209 61.98 29.31 -46.61
CA LEU D 209 62.46 28.38 -45.60
C LEU D 209 63.71 28.87 -44.86
N ASP D 210 63.98 28.30 -43.69
CA ASP D 210 65.15 28.67 -42.88
C ASP D 210 65.40 30.17 -42.81
N ASP D 211 66.62 30.56 -43.17
CA ASP D 211 67.11 31.92 -43.06
C ASP D 211 66.31 32.97 -43.80
N ILE D 212 65.69 32.59 -44.92
CA ILE D 212 64.92 33.55 -45.74
C ILE D 212 63.48 33.78 -45.23
N VAL D 213 63.15 33.13 -44.12
CA VAL D 213 61.85 33.27 -43.49
C VAL D 213 61.73 34.66 -42.87
N ASP D 214 60.54 35.26 -42.97
CA ASP D 214 60.24 36.57 -42.40
C ASP D 214 61.23 37.63 -42.86
N VAL D 215 61.51 37.66 -44.16
CA VAL D 215 62.40 38.70 -44.70
C VAL D 215 61.61 39.83 -45.38
N ALA D 216 60.31 39.62 -45.59
CA ALA D 216 59.49 40.62 -46.28
C ALA D 216 58.11 40.75 -45.66
N LEU D 217 57.59 41.97 -45.72
CA LEU D 217 56.27 42.29 -45.18
C LEU D 217 55.35 42.71 -46.30
N PRO D 218 54.03 42.67 -46.06
CA PRO D 218 53.08 43.08 -47.09
C PRO D 218 53.38 44.49 -47.59
N GLY D 219 53.55 44.61 -48.90
CA GLY D 219 53.79 45.90 -49.54
C GLY D 219 55.23 46.18 -49.97
N ASP D 220 56.10 45.17 -49.85
CA ASP D 220 57.50 45.30 -50.24
C ASP D 220 57.65 44.98 -51.72
N ARG D 221 58.47 45.74 -52.43
CA ARG D 221 58.86 45.39 -53.80
C ARG D 221 60.01 44.44 -53.64
N VAL D 222 59.92 43.27 -54.24
CA VAL D 222 60.96 42.28 -54.08
C VAL D 222 61.39 41.75 -55.45
N ILE D 223 62.53 41.08 -55.47
CA ILE D 223 62.95 40.34 -56.63
C ILE D 223 63.27 38.98 -56.09
N VAL D 224 62.40 38.03 -56.35
CA VAL D 224 62.65 36.67 -55.90
C VAL D 224 63.20 35.80 -57.04
N THR D 225 64.05 34.86 -56.67
CA THR D 225 64.48 33.84 -57.59
C THR D 225 63.75 32.62 -57.04
N GLY D 226 63.39 31.65 -57.88
CA GLY D 226 62.79 30.45 -57.32
C GLY D 226 62.50 29.33 -58.26
N ILE D 227 62.19 28.17 -57.70
CA ILE D 227 61.72 27.06 -58.52
C ILE D 227 60.20 27.09 -58.60
N LEU D 228 59.69 27.09 -59.84
CA LEU D 228 58.26 26.96 -60.09
C LEU D 228 57.83 25.51 -59.89
N ARG D 229 56.91 25.31 -58.95
CA ARG D 229 56.47 24.00 -58.52
C ARG D 229 54.99 23.88 -58.74
N VAL D 230 54.51 22.67 -58.98
CA VAL D 230 53.10 22.46 -59.28
C VAL D 230 52.52 21.40 -58.40
N VAL D 231 51.23 21.50 -58.09
CA VAL D 231 50.47 20.45 -57.37
C VAL D 231 48.95 20.58 -57.56
N LEU D 232 48.25 19.44 -57.48
CA LEU D 232 46.81 19.34 -57.72
C LEU D 232 45.98 20.02 -56.64
N GLU D 233 44.92 20.73 -57.03
CA GLU D 233 44.15 21.58 -56.09
C GLU D 233 43.26 20.80 -55.10
N LYS D 234 42.20 21.46 -54.62
CA LYS D 234 41.25 20.96 -53.60
C LYS D 234 40.76 19.50 -53.73
N ARG D 235 41.03 18.88 -54.87
CA ARG D 235 40.76 17.45 -55.06
C ARG D 235 42.10 16.71 -55.16
N GLU D 236 42.16 15.70 -56.02
CA GLU D 236 43.36 14.90 -56.23
C GLU D 236 43.11 13.97 -57.40
N LYS D 237 42.02 14.21 -58.11
CA LYS D 237 41.61 13.38 -59.24
C LYS D 237 41.38 14.20 -60.50
N THR D 238 41.97 15.39 -60.54
CA THR D 238 41.94 16.25 -61.72
C THR D 238 43.38 16.52 -62.16
N PRO D 239 43.65 16.50 -63.49
CA PRO D 239 45.00 16.70 -64.04
C PRO D 239 45.43 18.18 -64.16
N ILE D 240 44.75 19.04 -63.41
CA ILE D 240 45.09 20.47 -63.32
C ILE D 240 45.82 20.71 -62.01
N PHE D 241 46.76 21.66 -62.01
CA PHE D 241 47.62 21.81 -60.84
C PHE D 241 47.50 23.16 -60.11
N ARG D 242 48.63 23.68 -59.65
CA ARG D 242 48.66 24.95 -58.94
C ARG D 242 50.10 25.42 -58.87
N LYS D 243 50.35 26.65 -59.31
CA LYS D 243 51.71 27.15 -59.37
C LYS D 243 52.14 27.64 -57.98
N ILE D 244 53.18 26.99 -57.42
CA ILE D 244 53.82 27.48 -56.19
C ILE D 244 55.28 27.80 -56.42
N LEU D 245 55.73 28.93 -55.92
CA LEU D 245 57.10 29.39 -56.16
C LEU D 245 58.02 29.11 -54.98
N GLU D 246 58.73 27.98 -55.01
CA GLU D 246 59.71 27.66 -53.94
C GLU D 246 60.88 28.62 -54.03
N VAL D 247 60.79 29.73 -53.29
CA VAL D 247 61.81 30.77 -53.38
C VAL D 247 63.20 30.29 -52.95
N ASN D 248 64.17 30.56 -53.82
CA ASN D 248 65.56 30.21 -53.60
C ASN D 248 66.37 31.39 -53.08
N HIS D 249 65.85 32.60 -53.29
CA HIS D 249 66.53 33.83 -52.89
C HIS D 249 65.62 35.02 -53.09
N ILE D 250 65.58 35.90 -52.11
CA ILE D 250 64.74 37.09 -52.16
C ILE D 250 65.55 38.29 -51.78
N GLU D 251 65.31 39.39 -52.47
CA GLU D 251 66.08 40.60 -52.29
C GLU D 251 65.21 41.81 -52.56
N PRO D 252 65.22 42.79 -51.65
CA PRO D 252 64.42 44.00 -51.77
C PRO D 252 64.93 44.93 -52.85
N VAL D 253 64.06 45.84 -53.30
CA VAL D 253 64.39 46.90 -54.24
C VAL D 253 63.46 48.09 -54.03
N SER D 254 64.04 49.27 -53.85
CA SER D 254 63.25 50.49 -53.71
C SER D 254 63.13 51.22 -55.05
N LYS D 255 61.98 51.08 -55.70
CA LYS D 255 61.73 51.70 -57.00
C LYS D 255 61.25 53.15 -56.85
N SER E 1 32.82 8.48 -93.55
CA SER E 1 33.57 7.26 -93.11
C SER E 1 34.93 7.18 -93.82
N VAL E 2 35.93 7.82 -93.24
CA VAL E 2 37.30 7.80 -93.77
C VAL E 2 38.26 7.53 -92.62
N ASP E 3 39.17 6.58 -92.80
CA ASP E 3 40.16 6.24 -91.76
C ASP E 3 41.32 7.24 -91.74
N ARG E 4 42.07 7.24 -90.64
CA ARG E 4 43.18 8.18 -90.39
C ARG E 4 44.20 8.29 -91.52
N GLU E 5 44.80 7.16 -91.88
CA GLU E 5 45.87 7.07 -92.89
C GLU E 5 45.63 7.98 -94.09
N GLU E 6 44.45 7.86 -94.69
CA GLU E 6 44.05 8.62 -95.88
C GLU E 6 43.79 10.09 -95.56
N MET E 7 43.21 10.35 -94.39
CA MET E 7 42.95 11.72 -93.91
C MET E 7 44.23 12.55 -93.85
N ILE E 8 45.27 11.96 -93.24
CA ILE E 8 46.59 12.58 -93.16
C ILE E 8 47.00 13.10 -94.53
N GLU E 9 46.96 12.20 -95.52
CA GLU E 9 47.34 12.51 -96.90
C GLU E 9 46.43 13.55 -97.57
N ARG E 10 45.12 13.36 -97.43
CA ARG E 10 44.11 14.29 -97.99
C ARG E 10 44.24 15.68 -97.38
N PHE E 11 44.65 15.71 -96.11
CA PHE E 11 44.92 16.96 -95.41
C PHE E 11 46.23 17.58 -95.88
N ALA E 12 47.25 16.74 -96.04
CA ALA E 12 48.54 17.15 -96.59
C ALA E 12 48.32 17.85 -97.92
N ASN E 13 47.68 17.14 -98.84
CA ASN E 13 47.31 17.70 -100.14
C ASN E 13 46.51 18.99 -100.00
N PHE E 14 45.52 19.00 -99.10
CA PHE E 14 44.69 20.19 -98.89
C PHE E 14 45.52 21.44 -98.60
N LEU E 15 46.45 21.32 -97.64
CA LEU E 15 47.28 22.44 -97.21
C LEU E 15 48.15 23.02 -98.33
N ARG E 16 48.83 22.13 -99.04
CA ARG E 16 49.77 22.53 -100.08
C ARG E 16 49.09 22.87 -101.41
N GLU E 17 47.97 22.23 -101.69
CA GLU E 17 47.31 22.37 -102.99
C GLU E 17 46.16 23.39 -103.02
N TYR E 18 45.59 23.72 -101.86
CA TYR E 18 44.46 24.64 -101.83
C TYR E 18 44.87 26.04 -102.24
N THR E 19 44.05 26.65 -103.08
CA THR E 19 44.21 28.03 -103.52
C THR E 19 42.85 28.70 -103.42
N ASP E 20 42.82 29.96 -102.98
CA ASP E 20 41.55 30.70 -102.91
C ASP E 20 41.10 31.19 -104.29
N GLU E 21 40.62 32.43 -104.35
CA GLU E 21 40.17 33.03 -105.61
C GLU E 21 41.26 33.82 -106.32
N ASP E 22 42.46 33.82 -105.72
CA ASP E 22 43.62 34.55 -106.26
C ASP E 22 44.83 33.64 -106.45
N GLY E 23 44.63 32.34 -106.25
CA GLY E 23 45.71 31.37 -106.36
C GLY E 23 46.61 31.36 -105.15
N ASN E 24 46.16 31.95 -104.04
CA ASN E 24 46.89 31.98 -102.78
C ASN E 24 46.86 30.63 -102.07
N PRO E 25 48.02 29.96 -101.96
CA PRO E 25 48.09 28.71 -101.22
C PRO E 25 48.06 28.99 -99.72
N VAL E 26 47.27 29.98 -99.33
CA VAL E 26 47.12 30.50 -97.97
C VAL E 26 47.70 29.66 -96.83
N TYR E 27 47.52 28.34 -96.91
CA TYR E 27 48.00 27.42 -95.89
C TYR E 27 49.51 27.18 -95.95
N ARG E 28 50.09 27.36 -97.14
CA ARG E 28 51.54 27.41 -97.27
C ARG E 28 52.12 28.66 -96.59
N GLY E 29 51.40 29.78 -96.71
CA GLY E 29 51.79 31.04 -96.06
C GLY E 29 51.54 31.03 -94.56
N LYS E 30 50.77 30.05 -94.10
CA LYS E 30 50.53 29.86 -92.68
C LYS E 30 51.53 28.90 -92.05
N ILE E 31 51.78 27.76 -92.71
CA ILE E 31 52.83 26.84 -92.26
C ILE E 31 54.20 27.56 -92.24
N THR E 32 54.24 28.73 -92.91
CA THR E 32 55.41 29.61 -92.94
C THR E 32 55.52 30.45 -91.66
N ASP E 33 54.40 31.03 -91.25
CA ASP E 33 54.34 31.82 -90.00
C ASP E 33 54.65 30.96 -88.77
N LEU E 34 54.88 29.67 -89.00
CA LEU E 34 55.25 28.73 -87.93
C LEU E 34 56.76 28.73 -87.67
N LEU E 35 57.54 29.15 -88.66
CA LEU E 35 59.01 29.05 -88.58
C LEU E 35 59.71 30.39 -88.36
N THR E 36 58.91 31.45 -88.17
CA THR E 36 59.44 32.81 -88.06
C THR E 36 60.04 33.13 -86.67
N ILE E 37 60.46 34.38 -86.49
CA ILE E 37 61.03 34.88 -85.22
C ILE E 37 60.07 34.67 -84.05
N THR E 38 58.84 35.14 -84.23
CA THR E 38 57.78 34.99 -83.26
C THR E 38 56.85 33.88 -83.74
N PRO E 39 57.25 32.60 -83.52
CA PRO E 39 56.51 31.49 -84.12
C PRO E 39 55.18 31.21 -83.42
N LYS E 40 54.22 30.69 -84.20
CA LYS E 40 52.91 30.30 -83.70
C LYS E 40 52.83 28.78 -83.64
N ARG E 41 52.05 28.23 -82.72
CA ARG E 41 51.96 26.78 -82.56
C ARG E 41 50.68 26.13 -83.11
N SER E 42 49.92 26.88 -83.91
CA SER E 42 48.69 26.37 -84.53
C SER E 42 48.44 26.93 -85.94
N VAL E 43 47.71 26.15 -86.75
CA VAL E 43 47.34 26.54 -88.12
C VAL E 43 45.81 26.71 -88.22
N ALA E 44 45.34 27.97 -88.31
CA ALA E 44 43.91 28.27 -88.28
C ALA E 44 43.18 27.96 -89.61
N ILE E 45 42.57 26.78 -89.71
CA ILE E 45 41.90 26.34 -90.95
C ILE E 45 40.45 26.77 -91.03
N ASP E 46 40.10 27.51 -92.09
CA ASP E 46 38.71 27.85 -92.37
C ASP E 46 38.02 26.61 -92.92
N TRP E 47 36.92 26.21 -92.28
CA TRP E 47 36.18 25.01 -92.68
C TRP E 47 35.62 25.09 -94.10
N MET E 48 35.21 26.30 -94.48
CA MET E 48 34.68 26.58 -95.81
C MET E 48 35.72 26.30 -96.90
N HIS E 49 36.97 26.61 -96.59
CA HIS E 49 38.09 26.32 -97.50
C HIS E 49 38.31 24.82 -97.65
N LEU E 50 38.17 24.08 -96.54
CA LEU E 50 38.28 22.63 -96.56
C LEU E 50 37.11 22.01 -97.29
N ASN E 51 35.91 22.51 -97.00
CA ASN E 51 34.68 22.02 -97.63
C ASN E 51 34.71 22.12 -99.15
N SER E 52 35.02 23.32 -99.65
CA SER E 52 35.06 23.56 -101.10
C SER E 52 36.07 22.66 -101.82
N PHE E 53 37.25 22.46 -101.22
CA PHE E 53 38.29 21.58 -101.78
C PHE E 53 37.91 20.10 -101.61
N ASP E 54 37.48 19.75 -100.41
CA ASP E 54 37.15 18.38 -100.05
C ASP E 54 36.09 18.42 -98.95
N SER E 55 34.81 18.44 -99.36
CA SER E 55 33.70 18.44 -98.41
C SER E 55 33.50 17.08 -97.76
N GLU E 56 34.01 16.04 -98.40
CA GLU E 56 33.90 14.67 -97.88
C GLU E 56 34.82 14.45 -96.69
N LEU E 57 35.78 15.36 -96.52
CA LEU E 57 36.67 15.34 -95.37
C LEU E 57 36.22 16.36 -94.32
N ALA E 58 35.70 17.49 -94.80
CA ALA E 58 35.15 18.53 -93.93
C ALA E 58 33.95 18.01 -93.13
N HIS E 59 33.29 16.98 -93.65
CA HIS E 59 32.23 16.28 -92.94
C HIS E 59 32.74 15.09 -92.12
N GLU E 60 34.03 15.13 -91.81
CA GLU E 60 34.66 14.13 -90.95
C GLU E 60 35.26 14.78 -89.71
N VAL E 61 35.78 16.00 -89.86
CA VAL E 61 36.27 16.77 -88.72
C VAL E 61 35.12 17.16 -87.79
N ILE E 62 33.93 17.31 -88.38
CA ILE E 62 32.73 17.61 -87.61
C ILE E 62 32.20 16.34 -86.93
N GLU E 63 31.99 15.29 -87.72
CA GLU E 63 31.42 14.03 -87.23
C GLU E 63 32.44 13.15 -86.49
N ASN E 64 33.72 13.51 -86.54
CA ASN E 64 34.76 12.76 -85.84
C ASN E 64 36.03 13.59 -85.54
N PRO E 65 35.88 14.71 -84.79
CA PRO E 65 36.96 15.70 -84.56
C PRO E 65 38.21 15.15 -83.86
N GLU E 66 38.08 14.09 -83.08
CA GLU E 66 39.25 13.49 -82.43
C GLU E 66 40.25 12.99 -83.48
N GLU E 67 39.75 12.20 -84.44
CA GLU E 67 40.54 11.71 -85.57
C GLU E 67 40.85 12.86 -86.53
N GLY E 68 39.81 13.62 -86.88
CA GLY E 68 39.92 14.73 -87.84
C GLY E 68 40.98 15.75 -87.49
N ILE E 69 40.93 16.26 -86.26
CA ILE E 69 41.94 17.20 -85.75
C ILE E 69 43.33 16.55 -85.72
N SER E 70 43.40 15.36 -85.10
CA SER E 70 44.65 14.59 -84.94
C SER E 70 45.34 14.34 -86.28
N ALA E 71 44.58 13.85 -87.27
CA ALA E 71 45.11 13.57 -88.60
C ALA E 71 45.66 14.82 -89.29
N ALA E 72 44.92 15.92 -89.22
CA ALA E 72 45.32 17.20 -89.80
C ALA E 72 46.60 17.76 -89.17
N GLU E 73 46.90 17.33 -87.94
CA GLU E 73 48.11 17.75 -87.26
C GLU E 73 49.32 16.95 -87.72
N ASP E 74 49.12 15.66 -87.98
CA ASP E 74 50.15 14.81 -88.59
C ASP E 74 50.43 15.25 -90.02
N ALA E 75 49.43 15.88 -90.63
CA ALA E 75 49.56 16.44 -91.98
C ALA E 75 50.42 17.69 -91.98
N ILE E 76 50.18 18.60 -91.03
CA ILE E 76 51.02 19.80 -90.86
C ILE E 76 52.44 19.37 -90.48
N GLN E 77 52.54 18.27 -89.71
CA GLN E 77 53.81 17.67 -89.31
C GLN E 77 54.64 17.20 -90.51
N ILE E 78 53.98 16.58 -91.48
CA ILE E 78 54.62 16.03 -92.67
C ILE E 78 55.00 17.13 -93.68
N VAL E 79 54.08 18.06 -93.94
CA VAL E 79 54.33 19.16 -94.88
C VAL E 79 55.40 20.14 -94.39
N LEU E 80 55.92 19.88 -93.19
CA LEU E 80 57.07 20.59 -92.67
C LEU E 80 58.31 19.74 -92.86
N ARG E 81 58.18 18.46 -92.54
CA ARG E 81 59.27 17.49 -92.65
C ARG E 81 59.74 17.32 -94.10
N GLU E 82 58.81 17.41 -95.04
CA GLU E 82 59.10 17.24 -96.47
C GLU E 82 59.41 18.56 -97.18
N ASP E 83 58.53 19.55 -97.01
CA ASP E 83 58.57 20.80 -97.78
C ASP E 83 59.48 21.87 -97.20
N PHE E 84 59.93 21.68 -95.96
CA PHE E 84 60.79 22.66 -95.28
C PHE E 84 61.96 22.02 -94.54
N GLN E 85 62.03 20.69 -94.58
CA GLN E 85 63.10 19.89 -93.94
C GLN E 85 63.17 20.04 -92.40
N ARG E 86 62.18 20.71 -91.82
CA ARG E 86 62.15 20.92 -90.36
C ARG E 86 61.45 19.77 -89.65
N GLU E 87 62.11 19.24 -88.62
CA GLU E 87 61.59 18.15 -87.81
C GLU E 87 61.79 18.49 -86.33
N ASP E 88 62.51 19.58 -86.10
CA ASP E 88 62.79 20.09 -84.77
C ASP E 88 61.55 20.70 -84.13
N VAL E 89 60.74 21.40 -84.94
CA VAL E 89 59.51 22.06 -84.50
C VAL E 89 58.67 21.11 -83.65
N GLY E 90 58.10 21.64 -82.56
CA GLY E 90 57.24 20.87 -81.67
C GLY E 90 55.91 20.52 -82.32
N LYS E 91 54.89 20.31 -81.50
CA LYS E 91 53.58 19.95 -82.00
C LYS E 91 52.80 21.20 -82.39
N ILE E 92 52.12 21.14 -83.53
CA ILE E 92 51.27 22.24 -84.00
C ILE E 92 49.78 21.85 -83.98
N HIS E 93 48.94 22.78 -83.52
CA HIS E 93 47.50 22.54 -83.37
C HIS E 93 46.74 22.86 -84.64
N ALA E 94 45.88 21.94 -85.07
CA ALA E 94 44.98 22.20 -86.21
C ALA E 94 43.65 22.69 -85.66
N ARG E 95 43.41 23.99 -85.80
CA ARG E 95 42.23 24.61 -85.20
C ARG E 95 41.29 25.08 -86.30
N PHE E 96 40.17 24.38 -86.46
CA PHE E 96 39.15 24.69 -87.48
C PHE E 96 38.18 25.74 -86.98
N TYR E 97 37.79 26.66 -87.86
CA TYR E 97 36.82 27.70 -87.50
C TYR E 97 35.84 27.92 -88.63
N ASN E 98 34.81 28.74 -88.37
CA ASN E 98 33.79 29.05 -89.37
C ASN E 98 33.11 27.77 -89.92
N LEU E 99 32.36 27.12 -89.05
CA LEU E 99 31.61 25.92 -89.42
C LEU E 99 30.24 26.33 -89.97
N PRO E 100 29.48 25.36 -90.53
CA PRO E 100 28.16 25.73 -91.05
C PRO E 100 27.13 25.97 -89.95
N GLU E 101 26.98 24.99 -89.05
CA GLU E 101 25.98 25.02 -87.97
C GLU E 101 26.49 25.81 -86.76
N THR E 102 25.85 26.94 -86.47
CA THR E 102 26.22 27.81 -85.34
C THR E 102 25.18 27.78 -84.20
N LEU E 103 25.41 26.94 -83.21
CA LEU E 103 24.48 26.72 -82.10
C LEU E 103 24.43 27.84 -81.04
N MET E 104 23.37 27.81 -80.25
CA MET E 104 23.22 28.69 -79.08
C MET E 104 23.33 27.80 -77.85
N VAL E 105 23.95 28.30 -76.78
CA VAL E 105 24.27 27.50 -75.59
C VAL E 105 23.11 26.59 -75.15
N LYS E 106 21.89 27.13 -75.14
CA LYS E 106 20.69 26.38 -74.73
C LYS E 106 20.31 25.24 -75.69
N ASP E 107 20.74 25.36 -76.95
CA ASP E 107 20.44 24.35 -77.98
C ASP E 107 21.42 23.17 -77.95
N ILE E 108 22.55 23.35 -77.28
CA ILE E 108 23.54 22.29 -77.19
C ILE E 108 22.93 21.10 -76.48
N GLY E 109 22.86 19.96 -77.17
CA GLY E 109 22.24 18.78 -76.61
C GLY E 109 23.03 17.49 -76.79
N ALA E 110 22.43 16.39 -76.33
CA ALA E 110 23.00 15.05 -76.42
C ALA E 110 23.44 14.70 -77.85
N GLU E 111 22.72 15.25 -78.82
CA GLU E 111 23.02 14.99 -80.23
C GLU E 111 24.47 15.31 -80.55
N HIS E 112 24.98 16.37 -79.92
CA HIS E 112 26.29 16.89 -80.25
C HIS E 112 27.46 16.24 -79.50
N ILE E 113 27.15 15.30 -78.62
CA ILE E 113 28.21 14.61 -77.86
C ILE E 113 29.34 14.14 -78.79
N ASN E 114 30.55 14.64 -78.53
CA ASN E 114 31.75 14.29 -79.27
C ASN E 114 31.78 14.71 -80.75
N LYS E 115 30.85 15.59 -81.14
CA LYS E 115 30.93 16.22 -82.47
C LYS E 115 31.50 17.62 -82.29
N LEU E 116 32.26 18.08 -83.28
CA LEU E 116 32.73 19.45 -83.27
C LEU E 116 31.55 20.37 -83.56
N ILE E 117 31.27 21.26 -82.62
CA ILE E 117 30.19 22.22 -82.81
C ILE E 117 30.76 23.63 -82.74
N GLN E 118 29.93 24.61 -83.10
CA GLN E 118 30.29 26.02 -83.05
C GLN E 118 29.24 26.77 -82.25
N VAL E 119 29.69 27.58 -81.29
CA VAL E 119 28.79 28.26 -80.37
C VAL E 119 29.10 29.75 -80.30
N GLU E 120 28.09 30.59 -80.47
CA GLU E 120 28.25 32.00 -80.12
C GLU E 120 27.78 32.22 -78.69
N GLY E 121 28.35 33.23 -78.02
CA GLY E 121 27.93 33.60 -76.68
C GLY E 121 28.72 34.74 -76.05
N ILE E 122 28.50 34.92 -74.75
CA ILE E 122 29.26 35.89 -73.96
C ILE E 122 29.99 35.15 -72.83
N VAL E 123 31.26 35.50 -72.62
CA VAL E 123 32.06 34.94 -71.53
C VAL E 123 31.65 35.57 -70.19
N THR E 124 31.36 34.73 -69.21
CA THR E 124 30.96 35.19 -67.88
C THR E 124 32.06 34.99 -66.83
N ARG E 125 32.90 33.97 -67.04
CA ARG E 125 33.99 33.67 -66.11
C ARG E 125 35.25 33.19 -66.85
N VAL E 126 36.40 33.42 -66.23
CA VAL E 126 37.67 32.84 -66.66
C VAL E 126 38.47 32.40 -65.41
N GLY E 127 38.99 31.18 -65.46
CA GLY E 127 39.75 30.63 -64.32
C GLY E 127 41.20 31.02 -64.38
N GLU E 128 41.95 30.65 -63.34
CA GLU E 128 43.39 30.88 -63.31
C GLU E 128 44.05 29.96 -64.34
N ILE E 129 45.21 30.38 -64.84
CA ILE E 129 45.99 29.56 -65.76
C ILE E 129 46.83 28.54 -64.98
N LYS E 130 46.28 27.36 -64.83
CA LYS E 130 47.00 26.29 -64.15
C LYS E 130 47.64 25.36 -65.17
N PRO E 131 48.74 24.73 -64.79
CA PRO E 131 49.39 23.65 -65.55
C PRO E 131 48.56 22.36 -65.61
N PHE E 132 48.38 21.82 -66.81
CA PHE E 132 47.66 20.56 -67.01
C PHE E 132 48.62 19.47 -67.47
N VAL E 133 48.60 18.32 -66.80
CA VAL E 133 49.46 17.21 -67.21
C VAL E 133 48.86 16.53 -68.43
N SER E 134 49.37 16.85 -69.61
CA SER E 134 48.84 16.26 -70.84
C SER E 134 49.36 14.84 -71.02
N VAL E 135 50.54 14.57 -70.48
CA VAL E 135 51.13 13.23 -70.54
C VAL E 135 51.73 12.88 -69.17
N ALA E 136 51.03 12.05 -68.43
CA ALA E 136 51.49 11.60 -67.12
C ALA E 136 52.48 10.43 -67.28
N VAL E 137 53.75 10.68 -66.98
CA VAL E 137 54.76 9.63 -66.99
C VAL E 137 54.95 9.08 -65.57
N PHE E 138 54.33 7.92 -65.32
CA PHE E 138 54.40 7.28 -64.02
C PHE E 138 55.67 6.45 -63.87
N VAL E 139 56.30 6.57 -62.70
CA VAL E 139 57.53 5.86 -62.40
C VAL E 139 57.31 4.90 -61.22
N CYS E 140 57.87 3.69 -61.36
CA CYS E 140 57.88 2.72 -60.28
C CYS E 140 59.09 2.95 -59.38
N LYS E 141 58.87 2.90 -58.07
CA LYS E 141 59.98 3.07 -57.12
C LYS E 141 60.51 1.73 -56.59
N ASP E 142 60.25 0.66 -57.33
CA ASP E 142 60.74 -0.67 -56.98
C ASP E 142 61.67 -1.22 -58.06
N CYS E 143 61.29 -1.04 -59.33
CA CYS E 143 62.10 -1.50 -60.45
C CYS E 143 62.48 -0.34 -61.38
N GLY E 144 61.84 0.81 -61.18
CA GLY E 144 62.12 1.99 -61.98
C GLY E 144 61.51 1.99 -63.36
N HIS E 145 60.53 1.11 -63.58
CA HIS E 145 59.84 1.02 -64.87
C HIS E 145 59.02 2.28 -65.13
N GLU E 146 59.00 2.71 -66.40
CA GLU E 146 58.24 3.89 -66.81
C GLU E 146 56.97 3.53 -67.56
N MET E 147 55.88 4.21 -67.22
CA MET E 147 54.59 4.04 -67.88
C MET E 147 54.08 5.40 -68.36
N ILE E 148 53.67 5.46 -69.63
CA ILE E 148 53.13 6.68 -70.21
C ILE E 148 51.60 6.59 -70.33
N VAL E 149 50.91 7.58 -69.74
CA VAL E 149 49.44 7.66 -69.82
C VAL E 149 49.01 9.07 -70.20
N PRO E 150 48.53 9.25 -71.44
CA PRO E 150 47.98 10.55 -71.83
C PRO E 150 46.72 10.87 -71.06
N GLN E 151 46.53 12.15 -70.75
CA GLN E 151 45.39 12.62 -69.99
C GLN E 151 44.49 13.49 -70.85
N LYS E 152 43.25 13.67 -70.40
CA LYS E 152 42.28 14.50 -71.09
C LYS E 152 41.82 15.62 -70.14
N PRO E 153 41.87 16.89 -70.61
CA PRO E 153 41.68 18.09 -69.77
C PRO E 153 40.33 18.18 -69.08
N TYR E 154 39.36 17.37 -69.51
CA TYR E 154 38.04 17.33 -68.88
C TYR E 154 37.87 16.10 -67.98
N GLU E 155 38.35 14.95 -68.45
CA GLU E 155 38.28 13.71 -67.68
C GLU E 155 39.09 13.85 -66.40
N SER E 156 38.82 12.99 -65.44
CA SER E 156 39.59 12.96 -64.21
C SER E 156 40.96 12.33 -64.45
N LEU E 157 41.91 12.64 -63.57
CA LEU E 157 43.27 12.11 -63.67
C LEU E 157 43.26 10.59 -63.64
N GLU E 158 43.83 10.00 -64.70
CA GLU E 158 43.93 8.56 -64.83
C GLU E 158 45.31 8.10 -64.34
N LYS E 159 45.35 7.58 -63.12
CA LYS E 159 46.59 7.03 -62.56
C LYS E 159 46.74 5.56 -62.94
N VAL E 160 47.65 4.87 -62.26
CA VAL E 160 47.79 3.42 -62.38
C VAL E 160 48.31 2.87 -61.04
N LYS E 161 47.51 2.00 -60.42
CA LYS E 161 47.81 1.52 -59.06
C LYS E 161 48.82 0.37 -59.00
N LYS E 162 49.14 -0.24 -60.14
CA LYS E 162 50.04 -1.38 -60.18
C LYS E 162 51.05 -1.29 -61.33
N CYS E 163 52.29 -1.69 -61.04
CA CYS E 163 53.39 -1.65 -62.00
C CYS E 163 53.19 -2.62 -63.15
N GLU E 164 53.44 -2.15 -64.37
CA GLU E 164 53.30 -2.96 -65.57
C GLU E 164 54.38 -4.04 -65.66
N GLN E 165 55.53 -3.78 -65.04
CA GLN E 165 56.67 -4.70 -65.11
C GLN E 165 56.72 -5.65 -63.91
N CYS E 166 56.98 -5.12 -62.72
CA CYS E 166 57.15 -5.94 -61.53
C CYS E 166 55.86 -6.13 -60.74
N GLY E 167 54.83 -5.34 -61.06
CA GLY E 167 53.54 -5.44 -60.39
C GLY E 167 53.52 -4.86 -59.00
N SER E 168 54.48 -3.99 -58.70
CA SER E 168 54.56 -3.32 -57.40
C SER E 168 53.57 -2.17 -57.33
N LYS E 169 52.74 -2.17 -56.30
CA LYS E 169 51.77 -1.11 -56.07
C LYS E 169 52.43 0.10 -55.43
N ASN E 170 53.65 0.40 -55.87
CA ASN E 170 54.42 1.53 -55.39
C ASN E 170 54.82 2.43 -56.56
N ILE E 171 53.82 3.07 -57.15
CA ILE E 171 54.02 3.94 -58.31
C ILE E 171 53.81 5.40 -57.92
N GLU E 172 54.52 6.30 -58.60
CA GLU E 172 54.36 7.72 -58.38
C GLU E 172 54.42 8.48 -59.71
N LEU E 173 53.84 9.67 -59.72
CA LEU E 173 53.87 10.53 -60.88
C LEU E 173 55.22 11.26 -60.94
N ASP E 174 55.89 11.19 -62.10
CA ASP E 174 57.14 11.94 -62.32
C ASP E 174 56.88 13.27 -63.03
N VAL E 175 57.00 14.37 -62.28
CA VAL E 175 56.74 15.71 -62.80
C VAL E 175 57.58 16.04 -64.03
N ASN E 176 58.89 15.78 -63.95
CA ASN E 176 59.85 16.14 -64.99
C ASN E 176 59.65 15.42 -66.32
N LYS E 177 59.61 14.08 -66.25
CA LYS E 177 59.42 13.24 -67.42
C LYS E 177 58.06 13.49 -68.08
N SER E 178 57.12 13.99 -67.28
CA SER E 178 55.79 14.35 -67.77
C SER E 178 55.80 15.62 -68.63
N SER E 179 54.80 15.73 -69.50
CA SER E 179 54.61 16.93 -70.30
C SER E 179 53.44 17.73 -69.74
N PHE E 180 53.68 19.02 -69.57
CA PHE E 180 52.65 19.92 -69.08
C PHE E 180 52.29 21.00 -70.09
N VAL E 181 51.05 21.46 -70.03
CA VAL E 181 50.60 22.54 -70.90
C VAL E 181 49.75 23.51 -70.09
N ASN E 182 49.73 24.77 -70.51
CA ASN E 182 48.85 25.75 -69.88
C ASN E 182 47.41 25.37 -70.07
N PHE E 183 46.58 25.72 -69.08
CA PHE E 183 45.17 25.36 -69.04
C PHE E 183 44.40 26.52 -68.43
N GLN E 184 43.19 26.76 -68.93
CA GLN E 184 42.32 27.75 -68.31
C GLN E 184 40.84 27.49 -68.57
N SER E 185 40.08 27.30 -67.48
CA SER E 185 38.64 27.12 -67.57
C SER E 185 37.91 28.46 -67.80
N PHE E 186 36.75 28.39 -68.43
CA PHE E 186 35.93 29.58 -68.70
C PHE E 186 34.48 29.19 -68.97
N ARG E 187 33.57 30.08 -68.60
CA ARG E 187 32.16 29.83 -68.78
C ARG E 187 31.55 30.85 -69.74
N ILE E 188 30.73 30.36 -70.67
CA ILE E 188 29.93 31.23 -71.55
C ILE E 188 28.44 30.88 -71.49
N GLN E 189 27.59 31.90 -71.55
CA GLN E 189 26.16 31.67 -71.54
C GLN E 189 25.49 32.40 -72.69
N ASP E 190 24.20 32.12 -72.87
CA ASP E 190 23.38 32.82 -73.84
C ASP E 190 23.29 34.28 -73.45
N ARG E 191 23.23 35.14 -74.46
CA ARG E 191 22.99 36.56 -74.26
C ARG E 191 21.51 36.69 -73.84
N PRO E 192 21.26 37.20 -72.61
CA PRO E 192 19.88 37.28 -72.10
C PRO E 192 18.97 38.14 -72.98
N GLU E 193 19.56 38.74 -74.02
CA GLU E 193 18.82 39.53 -75.01
C GLU E 193 17.94 38.62 -75.90
N THR E 194 18.57 37.68 -76.61
CA THR E 194 17.85 36.69 -77.41
C THR E 194 17.55 35.46 -76.53
N LEU E 195 16.73 35.72 -75.51
CA LEU E 195 16.36 34.73 -74.51
C LEU E 195 15.13 35.29 -73.80
N LYS E 196 13.97 34.74 -74.17
CA LYS E 196 12.64 35.21 -73.77
C LYS E 196 12.54 36.04 -72.48
N GLY E 197 11.69 37.06 -72.52
CA GLY E 197 11.46 38.03 -71.44
C GLY E 197 12.07 37.81 -70.07
N GLY E 198 11.23 37.37 -69.12
CA GLY E 198 11.65 37.10 -67.75
C GLY E 198 12.00 35.64 -67.56
N GLU E 199 12.90 35.15 -68.41
CA GLU E 199 13.35 33.75 -68.40
C GLU E 199 14.65 33.64 -67.59
N MET E 200 15.58 32.83 -68.10
CA MET E 200 16.86 32.57 -67.45
C MET E 200 17.80 31.84 -68.42
N PRO E 201 19.09 32.23 -68.43
CA PRO E 201 20.11 31.61 -69.29
C PRO E 201 20.79 30.35 -68.73
N ARG E 202 20.89 29.32 -69.57
CA ARG E 202 21.69 28.14 -69.26
C ARG E 202 23.04 28.25 -69.98
N PHE E 203 24.10 28.31 -69.17
CA PHE E 203 25.47 28.50 -69.64
C PHE E 203 26.19 27.18 -69.90
N ILE E 204 27.45 27.27 -70.34
CA ILE E 204 28.34 26.11 -70.46
C ILE E 204 29.76 26.45 -69.97
N ASP E 205 30.43 25.47 -69.35
CA ASP E 205 31.84 25.63 -68.99
C ASP E 205 32.74 25.03 -70.06
N GLY E 206 33.87 25.68 -70.29
CA GLY E 206 34.78 25.31 -71.38
C GLY E 206 36.25 25.24 -70.99
N ILE E 207 37.05 24.62 -71.84
CA ILE E 207 38.45 24.40 -71.53
C ILE E 207 39.30 25.05 -72.63
N LEU E 208 40.42 25.65 -72.24
CA LEU E 208 41.39 26.20 -73.19
C LEU E 208 42.76 25.60 -72.93
N LEU E 209 43.51 25.28 -73.98
CA LEU E 209 44.85 24.73 -73.82
C LEU E 209 45.90 25.47 -74.62
N ASP E 210 47.16 25.31 -74.24
CA ASP E 210 48.30 25.93 -74.91
C ASP E 210 48.08 27.38 -75.35
N ASP E 211 48.32 27.63 -76.62
CA ASP E 211 48.23 28.96 -77.23
C ASP E 211 46.88 29.69 -77.07
N ILE E 212 45.78 28.96 -77.00
CA ILE E 212 44.46 29.60 -76.89
C ILE E 212 44.11 29.96 -75.45
N VAL E 213 44.99 29.64 -74.52
CA VAL E 213 44.78 30.02 -73.13
C VAL E 213 44.83 31.54 -73.03
N ASP E 214 44.11 32.10 -72.06
CA ASP E 214 44.15 33.54 -71.77
C ASP E 214 43.90 34.39 -73.00
N VAL E 215 42.93 34.00 -73.81
CA VAL E 215 42.61 34.80 -74.98
C VAL E 215 41.34 35.64 -74.81
N ALA E 216 40.57 35.35 -73.76
CA ALA E 216 39.33 36.06 -73.50
C ALA E 216 39.20 36.48 -72.03
N LEU E 217 38.45 37.56 -71.80
CA LEU E 217 38.18 38.08 -70.47
C LEU E 217 36.67 38.23 -70.24
N PRO E 218 36.21 38.15 -68.97
CA PRO E 218 34.76 38.20 -68.70
C PRO E 218 34.09 39.40 -69.35
N GLY E 219 33.08 39.14 -70.17
CA GLY E 219 32.35 40.19 -70.87
C GLY E 219 32.54 40.21 -72.37
N ASP E 220 33.45 39.37 -72.88
CA ASP E 220 33.72 39.28 -74.31
C ASP E 220 32.70 38.43 -75.06
N ARG E 221 32.17 38.96 -76.15
CA ARG E 221 31.38 38.17 -77.09
C ARG E 221 32.35 37.35 -77.91
N VAL E 222 32.14 36.04 -77.95
CA VAL E 222 33.05 35.15 -78.67
C VAL E 222 32.29 34.19 -79.58
N ILE E 223 33.00 33.60 -80.54
CA ILE E 223 32.45 32.50 -81.33
C ILE E 223 33.43 31.32 -81.30
N VAL E 224 33.21 30.43 -80.32
CA VAL E 224 34.08 29.28 -80.13
C VAL E 224 33.64 28.10 -80.97
N THR E 225 34.63 27.30 -81.36
CA THR E 225 34.40 26.00 -81.91
C THR E 225 34.91 25.04 -80.84
N GLY E 226 34.47 23.78 -80.88
CA GLY E 226 34.95 22.81 -79.91
C GLY E 226 34.21 21.50 -79.87
N ILE E 227 34.79 20.55 -79.17
CA ILE E 227 34.17 19.26 -79.00
C ILE E 227 33.30 19.30 -77.74
N LEU E 228 32.03 18.95 -77.91
CA LEU E 228 31.14 18.79 -76.77
C LEU E 228 31.53 17.49 -76.08
N ARG E 229 31.77 17.58 -74.78
CA ARG E 229 32.17 16.42 -73.99
C ARG E 229 31.18 16.21 -72.84
N VAL E 230 31.25 15.04 -72.22
CA VAL E 230 30.35 14.73 -71.12
C VAL E 230 31.05 13.97 -69.99
N VAL E 231 30.59 14.20 -68.77
CA VAL E 231 31.18 13.61 -67.58
C VAL E 231 30.14 13.52 -66.46
N LEU E 232 30.23 12.46 -65.65
CA LEU E 232 29.26 12.13 -64.59
C LEU E 232 28.95 13.27 -63.64
N GLU E 233 27.67 13.67 -63.59
CA GLU E 233 27.19 14.79 -62.75
C GLU E 233 27.86 14.79 -61.37
N LYS E 234 28.83 15.69 -61.21
CA LYS E 234 29.73 15.76 -60.05
C LYS E 234 29.93 14.43 -59.32
N ARG E 235 29.16 14.23 -58.25
CA ARG E 235 29.19 12.99 -57.49
C ARG E 235 28.69 11.85 -58.37
N GLU E 236 29.65 11.05 -58.84
CA GLU E 236 29.42 10.01 -59.84
C GLU E 236 28.50 8.89 -59.36
N LYS E 237 27.22 9.22 -59.20
CA LYS E 237 26.22 8.29 -58.66
C LYS E 237 24.84 8.44 -59.30
N THR E 238 24.79 8.95 -60.54
CA THR E 238 23.53 9.17 -61.25
C THR E 238 23.75 9.02 -62.76
N PRO E 239 22.70 8.70 -63.54
CA PRO E 239 22.94 8.47 -64.96
C PRO E 239 22.94 9.74 -65.81
N ILE E 240 22.86 10.90 -65.16
CA ILE E 240 22.93 12.19 -65.86
C ILE E 240 24.37 12.72 -65.96
N PHE E 241 24.67 13.47 -67.03
CA PHE E 241 26.03 13.96 -67.29
C PHE E 241 26.12 15.48 -67.44
N ARG E 242 27.34 15.99 -67.42
CA ARG E 242 27.61 17.41 -67.45
C ARG E 242 28.27 17.77 -68.78
N LYS E 243 27.79 18.85 -69.42
CA LYS E 243 28.34 19.27 -70.72
C LYS E 243 29.55 20.18 -70.57
N ILE E 244 30.68 19.74 -71.13
CA ILE E 244 31.92 20.51 -71.15
C ILE E 244 32.34 20.71 -72.61
N LEU E 245 32.70 21.95 -72.94
CA LEU E 245 33.13 22.29 -74.28
C LEU E 245 34.64 22.42 -74.43
N GLU E 246 35.30 21.34 -74.83
CA GLU E 246 36.74 21.36 -75.09
C GLU E 246 37.03 22.19 -76.34
N VAL E 247 37.34 23.48 -76.13
CA VAL E 247 37.55 24.44 -77.22
C VAL E 247 38.69 24.11 -78.19
N ASN E 248 38.37 24.15 -79.48
CA ASN E 248 39.30 23.88 -80.57
C ASN E 248 39.70 25.17 -81.30
N HIS E 249 38.98 26.24 -81.04
CA HIS E 249 39.24 27.52 -81.68
C HIS E 249 38.30 28.58 -81.10
N ILE E 250 38.85 29.74 -80.79
CA ILE E 250 38.05 30.86 -80.27
C ILE E 250 38.39 32.13 -81.06
N GLU E 251 37.35 32.93 -81.33
CA GLU E 251 37.47 34.14 -82.13
C GLU E 251 36.46 35.18 -81.66
N PRO E 252 36.94 36.38 -81.27
CA PRO E 252 36.07 37.45 -80.78
C PRO E 252 35.18 38.04 -81.87
N VAL E 253 34.16 38.80 -81.46
CA VAL E 253 33.25 39.50 -82.38
C VAL E 253 32.62 40.71 -81.69
N SER E 254 32.78 41.88 -82.28
CA SER E 254 32.18 43.10 -81.74
C SER E 254 30.83 43.37 -82.39
N LYS E 255 29.76 43.04 -81.66
CA LYS E 255 28.39 43.20 -82.17
C LYS E 255 27.83 44.59 -81.91
N SER F 1 -5.65 -7.68 -68.94
CA SER F 1 -4.45 -8.57 -69.06
C SER F 1 -4.21 -8.99 -70.51
N VAL F 2 -3.25 -8.32 -71.14
CA VAL F 2 -2.87 -8.58 -72.53
C VAL F 2 -1.35 -8.58 -72.62
N ASP F 3 -0.78 -9.66 -73.17
CA ASP F 3 0.67 -9.79 -73.33
C ASP F 3 1.21 -8.95 -74.50
N ARG F 4 2.50 -8.60 -74.43
CA ARG F 4 3.17 -7.74 -75.41
C ARG F 4 2.87 -8.12 -76.86
N GLU F 5 3.22 -9.35 -77.22
CA GLU F 5 3.05 -9.88 -78.59
C GLU F 5 1.79 -9.32 -79.26
N GLU F 6 0.66 -9.62 -78.63
CA GLU F 6 -0.65 -9.25 -79.14
C GLU F 6 -0.86 -7.74 -79.17
N MET F 7 -0.36 -7.06 -78.14
CA MET F 7 -0.48 -5.60 -78.03
C MET F 7 0.15 -4.90 -79.22
N ILE F 8 1.35 -5.33 -79.61
CA ILE F 8 2.05 -4.73 -80.74
C ILE F 8 1.16 -4.80 -81.99
N GLU F 9 0.58 -5.97 -82.23
CA GLU F 9 -0.32 -6.22 -83.36
C GLU F 9 -1.57 -5.36 -83.34
N ARG F 10 -2.29 -5.38 -82.21
CA ARG F 10 -3.50 -4.57 -82.03
C ARG F 10 -3.22 -3.08 -82.21
N PHE F 11 -2.01 -2.67 -81.80
CA PHE F 11 -1.55 -1.29 -81.95
C PHE F 11 -1.29 -0.98 -83.41
N ALA F 12 -0.55 -1.86 -84.06
CA ALA F 12 -0.33 -1.79 -85.49
C ALA F 12 -1.67 -1.56 -86.17
N ASN F 13 -2.60 -2.50 -85.98
CA ASN F 13 -3.94 -2.40 -86.53
C ASN F 13 -4.60 -1.07 -86.18
N PHE F 14 -4.53 -0.69 -84.90
CA PHE F 14 -5.11 0.57 -84.48
C PHE F 14 -4.67 1.71 -85.39
N LEU F 15 -3.36 1.86 -85.53
CA LEU F 15 -2.75 2.96 -86.28
C LEU F 15 -3.28 3.08 -87.70
N ARG F 16 -3.12 1.99 -88.46
CA ARG F 16 -3.47 1.97 -89.86
C ARG F 16 -4.98 1.90 -90.07
N GLU F 17 -5.70 1.27 -89.14
CA GLU F 17 -7.14 1.01 -89.31
C GLU F 17 -8.07 2.08 -88.72
N TYR F 18 -7.58 2.84 -87.75
CA TYR F 18 -8.42 3.87 -87.11
C TYR F 18 -8.82 4.98 -88.07
N THR F 19 -10.10 5.32 -88.06
CA THR F 19 -10.65 6.40 -88.87
C THR F 19 -11.63 7.19 -88.04
N ASP F 20 -11.44 8.52 -87.98
CA ASP F 20 -12.29 9.35 -87.13
C ASP F 20 -13.73 9.44 -87.68
N GLU F 21 -14.35 10.60 -87.52
CA GLU F 21 -15.70 10.84 -87.98
C GLU F 21 -15.75 11.29 -89.44
N ASP F 22 -14.59 11.32 -90.09
CA ASP F 22 -14.47 11.73 -91.49
C ASP F 22 -13.67 10.72 -92.31
N GLY F 23 -13.40 9.55 -91.74
CA GLY F 23 -12.61 8.53 -92.42
C GLY F 23 -11.12 8.83 -92.49
N ASN F 24 -10.69 9.84 -91.72
CA ASN F 24 -9.29 10.20 -91.60
C ASN F 24 -8.53 9.16 -90.78
N PRO F 25 -7.59 8.44 -91.42
CA PRO F 25 -6.76 7.49 -90.68
C PRO F 25 -5.65 8.20 -89.92
N VAL F 26 -5.97 9.40 -89.42
CA VAL F 26 -5.02 10.36 -88.82
C VAL F 26 -3.64 9.82 -88.46
N TYR F 27 -3.59 8.62 -87.89
CA TYR F 27 -2.31 8.04 -87.46
C TYR F 27 -1.41 7.63 -88.62
N ARG F 28 -2.01 7.36 -89.78
CA ARG F 28 -1.24 7.28 -91.01
C ARG F 28 -0.63 8.65 -91.31
N GLY F 29 -1.47 9.70 -91.24
CA GLY F 29 -1.03 11.07 -91.47
C GLY F 29 0.01 11.59 -90.49
N LYS F 30 0.20 10.87 -89.37
CA LYS F 30 1.22 11.20 -88.38
C LYS F 30 2.44 10.30 -88.50
N ILE F 31 2.25 9.06 -88.99
CA ILE F 31 3.39 8.21 -89.33
C ILE F 31 4.08 8.85 -90.53
N THR F 32 3.33 9.70 -91.23
CA THR F 32 3.81 10.47 -92.39
C THR F 32 4.73 11.63 -91.99
N ASP F 33 4.31 12.40 -90.97
CA ASP F 33 5.07 13.56 -90.49
C ASP F 33 6.37 13.12 -89.80
N LEU F 34 6.63 11.81 -89.82
CA LEU F 34 7.86 11.23 -89.32
C LEU F 34 8.98 11.20 -90.37
N LEU F 35 8.58 11.23 -91.65
CA LEU F 35 9.52 11.01 -92.76
C LEU F 35 9.86 12.26 -93.56
N THR F 36 9.28 13.39 -93.16
CA THR F 36 9.47 14.65 -93.91
C THR F 36 10.80 15.36 -93.62
N ILE F 37 10.94 16.57 -94.18
CA ILE F 37 12.13 17.42 -94.00
C ILE F 37 12.47 17.66 -92.53
N THR F 38 11.48 18.13 -91.79
CA THR F 38 11.59 18.39 -90.37
C THR F 38 10.91 17.25 -89.62
N PRO F 39 11.62 16.11 -89.47
CA PRO F 39 10.98 14.91 -88.91
C PRO F 39 10.85 14.98 -87.39
N LYS F 40 9.70 14.51 -86.90
CA LYS F 40 9.45 14.38 -85.47
C LYS F 40 9.80 12.96 -85.07
N ARG F 41 10.01 12.74 -83.77
CA ARG F 41 10.43 11.42 -83.30
C ARG F 41 9.37 10.72 -82.43
N SER F 42 8.15 11.26 -82.42
CA SER F 42 7.08 10.70 -81.61
C SER F 42 5.69 10.83 -82.24
N VAL F 43 4.84 9.86 -81.96
CA VAL F 43 3.45 9.85 -82.42
C VAL F 43 2.49 10.18 -81.26
N ALA F 44 1.80 11.31 -81.35
CA ALA F 44 0.91 11.75 -80.26
C ALA F 44 -0.47 11.10 -80.33
N ILE F 45 -0.65 10.02 -79.56
CA ILE F 45 -1.89 9.24 -79.60
C ILE F 45 -2.91 9.80 -78.61
N ASP F 46 -4.10 10.16 -79.11
CA ASP F 46 -5.22 10.53 -78.22
C ASP F 46 -5.84 9.25 -77.65
N TRP F 47 -5.89 9.17 -76.33
CA TRP F 47 -6.38 7.97 -75.64
C TRP F 47 -7.83 7.66 -76.04
N MET F 48 -8.63 8.72 -76.19
CA MET F 48 -10.03 8.57 -76.56
C MET F 48 -10.20 7.84 -77.89
N HIS F 49 -9.36 8.18 -78.86
CA HIS F 49 -9.30 7.46 -80.14
C HIS F 49 -8.99 5.97 -79.92
N LEU F 50 -7.88 5.70 -79.23
CA LEU F 50 -7.51 4.34 -78.88
C LEU F 50 -8.65 3.60 -78.19
N ASN F 51 -9.24 4.24 -77.17
CA ASN F 51 -10.34 3.67 -76.41
C ASN F 51 -11.55 3.24 -77.26
N SER F 52 -12.04 4.15 -78.11
CA SER F 52 -13.22 3.86 -78.94
C SER F 52 -12.98 2.70 -79.92
N PHE F 53 -11.76 2.62 -80.46
CA PHE F 53 -11.38 1.56 -81.38
C PHE F 53 -11.13 0.25 -80.63
N ASP F 54 -10.40 0.36 -79.52
CA ASP F 54 -10.07 -0.78 -78.68
C ASP F 54 -9.86 -0.33 -77.23
N SER F 55 -10.95 -0.36 -76.47
CA SER F 55 -10.94 0.10 -75.09
C SER F 55 -10.31 -0.90 -74.12
N GLU F 56 -10.20 -2.16 -74.55
CA GLU F 56 -9.57 -3.20 -73.76
C GLU F 56 -8.04 -3.06 -73.78
N LEU F 57 -7.53 -2.33 -74.77
CA LEU F 57 -6.11 -2.04 -74.84
C LEU F 57 -5.82 -0.72 -74.15
N ALA F 58 -6.72 0.24 -74.33
CA ALA F 58 -6.62 1.55 -73.73
C ALA F 58 -6.63 1.45 -72.20
N HIS F 59 -7.19 0.36 -71.70
CA HIS F 59 -7.12 0.04 -70.29
C HIS F 59 -5.97 -0.91 -69.99
N GLU F 60 -4.87 -0.70 -70.70
CA GLU F 60 -3.65 -1.45 -70.47
C GLU F 60 -2.48 -0.47 -70.43
N VAL F 61 -2.50 0.50 -71.34
CA VAL F 61 -1.48 1.56 -71.33
C VAL F 61 -1.58 2.34 -70.03
N ILE F 62 -2.75 2.29 -69.42
CA ILE F 62 -2.97 2.96 -68.14
C ILE F 62 -2.58 2.07 -66.97
N GLU F 63 -2.97 0.80 -67.03
CA GLU F 63 -2.66 -0.15 -65.95
C GLU F 63 -1.27 -0.78 -66.06
N ASN F 64 -0.57 -0.54 -67.17
CA ASN F 64 0.74 -1.15 -67.38
C ASN F 64 1.57 -0.43 -68.45
N PRO F 65 1.78 0.89 -68.30
CA PRO F 65 2.36 1.77 -69.33
C PRO F 65 3.75 1.34 -69.83
N GLU F 66 4.57 0.74 -68.98
CA GLU F 66 5.88 0.27 -69.42
C GLU F 66 5.77 -0.78 -70.55
N GLU F 67 4.77 -1.67 -70.46
CA GLU F 67 4.50 -2.60 -71.54
C GLU F 67 3.77 -1.87 -72.66
N GLY F 68 2.71 -1.15 -72.27
CA GLY F 68 1.84 -0.45 -73.20
C GLY F 68 2.65 0.42 -74.14
N ILE F 69 3.32 1.41 -73.57
CA ILE F 69 4.08 2.35 -74.38
C ILE F 69 5.08 1.63 -75.28
N SER F 70 5.88 0.74 -74.70
CA SER F 70 6.90 0.00 -75.46
C SER F 70 6.29 -0.72 -76.66
N ALA F 71 5.22 -1.47 -76.40
CA ALA F 71 4.53 -2.24 -77.43
C ALA F 71 4.09 -1.33 -78.59
N ALA F 72 3.43 -0.23 -78.26
CA ALA F 72 2.97 0.73 -79.25
C ALA F 72 4.11 1.30 -80.08
N GLU F 73 5.31 1.32 -79.50
CA GLU F 73 6.49 1.83 -80.19
C GLU F 73 7.06 0.82 -81.19
N ASP F 74 6.95 -0.46 -80.88
CA ASP F 74 7.29 -1.53 -81.82
C ASP F 74 6.31 -1.56 -82.97
N ALA F 75 5.05 -1.20 -82.67
CA ALA F 75 3.99 -1.17 -83.67
C ALA F 75 4.25 -0.10 -84.70
N ILE F 76 4.60 1.11 -84.24
CA ILE F 76 4.99 2.20 -85.13
C ILE F 76 6.24 1.83 -85.92
N GLN F 77 7.12 1.05 -85.28
CA GLN F 77 8.31 0.53 -85.92
C GLN F 77 7.95 -0.42 -87.09
N ILE F 78 6.90 -1.22 -86.89
CA ILE F 78 6.45 -2.19 -87.88
C ILE F 78 5.69 -1.52 -89.03
N VAL F 79 4.77 -0.61 -88.70
CA VAL F 79 3.98 0.10 -89.72
C VAL F 79 4.81 1.11 -90.50
N LEU F 80 6.11 1.14 -90.24
CA LEU F 80 7.04 1.88 -91.09
C LEU F 80 7.81 0.88 -91.95
N ARG F 81 8.23 -0.21 -91.31
CA ARG F 81 9.00 -1.26 -91.95
C ARG F 81 8.23 -1.97 -93.07
N GLU F 82 6.91 -2.08 -92.92
CA GLU F 82 6.06 -2.73 -93.93
C GLU F 82 5.44 -1.74 -94.92
N ASP F 83 4.81 -0.69 -94.40
CA ASP F 83 3.98 0.21 -95.20
C ASP F 83 4.73 1.35 -95.90
N PHE F 84 6.01 1.50 -95.58
CA PHE F 84 6.81 2.62 -96.09
C PHE F 84 8.25 2.20 -96.43
N GLN F 85 8.55 0.93 -96.20
CA GLN F 85 9.87 0.33 -96.46
C GLN F 85 11.04 1.01 -95.74
N ARG F 86 10.73 1.80 -94.71
CA ARG F 86 11.75 2.50 -93.93
C ARG F 86 12.12 1.69 -92.69
N GLU F 87 13.42 1.50 -92.49
CA GLU F 87 13.94 0.80 -91.32
C GLU F 87 15.09 1.62 -90.77
N ASP F 88 15.49 2.60 -91.57
CA ASP F 88 16.56 3.54 -91.24
C ASP F 88 16.19 4.48 -90.11
N VAL F 89 14.92 4.87 -90.05
CA VAL F 89 14.40 5.79 -89.02
C VAL F 89 14.76 5.24 -87.64
N GLY F 90 15.20 6.14 -86.75
CA GLY F 90 15.56 5.76 -85.39
C GLY F 90 14.35 5.30 -84.60
N LYS F 91 14.35 5.60 -83.31
CA LYS F 91 13.26 5.20 -82.45
C LYS F 91 12.20 6.32 -82.42
N ILE F 92 10.94 5.91 -82.38
CA ILE F 92 9.79 6.83 -82.30
C ILE F 92 8.99 6.60 -81.03
N HIS F 93 8.61 7.69 -80.34
CA HIS F 93 7.97 7.62 -79.03
C HIS F 93 6.47 7.56 -79.17
N ALA F 94 5.84 6.64 -78.44
CA ALA F 94 4.38 6.56 -78.39
C ALA F 94 3.89 7.35 -77.18
N ARG F 95 3.50 8.59 -77.43
CA ARG F 95 3.10 9.52 -76.35
C ARG F 95 1.59 9.65 -76.29
N PHE F 96 0.97 9.13 -75.23
CA PHE F 96 -0.50 9.14 -75.09
C PHE F 96 -0.94 10.40 -74.39
N TYR F 97 -2.09 10.93 -74.79
CA TYR F 97 -2.62 12.11 -74.12
C TYR F 97 -4.12 12.04 -74.01
N ASN F 98 -4.69 12.96 -73.22
CA ASN F 98 -6.12 13.07 -73.06
C ASN F 98 -6.72 11.78 -72.47
N LEU F 99 -6.40 11.52 -71.20
CA LEU F 99 -6.87 10.33 -70.49
C LEU F 99 -8.22 10.63 -69.84
N PRO F 100 -8.90 9.61 -69.27
CA PRO F 100 -10.17 9.91 -68.62
C PRO F 100 -9.98 10.58 -67.26
N GLU F 101 -9.19 9.95 -66.41
CA GLU F 101 -8.90 10.42 -65.05
C GLU F 101 -7.82 11.50 -65.04
N THR F 102 -8.23 12.74 -64.74
CA THR F 102 -7.29 13.87 -64.64
C THR F 102 -7.06 14.33 -63.18
N LEU F 103 -5.98 13.82 -62.59
CA LEU F 103 -5.60 14.04 -61.17
C LEU F 103 -5.07 15.43 -60.86
N MET F 104 -5.10 15.75 -59.56
CA MET F 104 -4.51 16.97 -59.06
C MET F 104 -3.27 16.58 -58.28
N VAL F 105 -2.17 17.32 -58.42
CA VAL F 105 -0.90 16.95 -57.78
C VAL F 105 -1.11 16.36 -56.39
N LYS F 106 -1.84 17.10 -55.56
CA LYS F 106 -2.13 16.70 -54.17
C LYS F 106 -2.87 15.37 -54.06
N ASP F 107 -3.54 14.96 -55.13
CA ASP F 107 -4.29 13.70 -55.16
C ASP F 107 -3.45 12.49 -55.56
N ILE F 108 -2.32 12.72 -56.23
CA ILE F 108 -1.48 11.63 -56.66
C ILE F 108 -1.05 10.82 -55.46
N GLY F 109 -1.44 9.54 -55.43
CA GLY F 109 -1.21 8.69 -54.27
C GLY F 109 -0.57 7.36 -54.59
N ALA F 110 -0.38 6.53 -53.57
CA ALA F 110 0.33 5.26 -53.71
C ALA F 110 -0.38 4.37 -54.69
N GLU F 111 -1.69 4.54 -54.75
CA GLU F 111 -2.51 3.78 -55.69
C GLU F 111 -1.93 3.87 -57.10
N HIS F 112 -1.47 5.04 -57.51
CA HIS F 112 -1.04 5.29 -58.89
C HIS F 112 0.38 4.83 -59.22
N ILE F 113 1.14 4.35 -58.22
CA ILE F 113 2.51 3.91 -58.48
C ILE F 113 2.54 3.01 -59.70
N ASN F 114 3.36 3.41 -60.68
CA ASN F 114 3.56 2.68 -61.92
C ASN F 114 2.36 2.58 -62.84
N LYS F 115 1.37 3.45 -62.63
CA LYS F 115 0.26 3.56 -63.56
C LYS F 115 0.44 4.86 -64.33
N LEU F 116 -0.07 4.91 -65.55
CA LEU F 116 -0.01 6.15 -66.33
C LEU F 116 -1.10 7.07 -65.83
N ILE F 117 -0.70 8.20 -65.27
CA ILE F 117 -1.66 9.15 -64.73
C ILE F 117 -1.62 10.45 -65.53
N GLN F 118 -2.69 11.24 -65.39
CA GLN F 118 -2.78 12.55 -66.05
C GLN F 118 -2.92 13.63 -65.01
N VAL F 119 -2.15 14.70 -65.15
CA VAL F 119 -2.08 15.70 -64.10
C VAL F 119 -2.11 17.08 -64.72
N GLU F 120 -3.05 17.91 -64.27
CA GLU F 120 -3.03 19.33 -64.63
C GLU F 120 -2.24 20.05 -63.57
N GLY F 121 -1.55 21.12 -63.95
CA GLY F 121 -0.77 21.88 -62.98
C GLY F 121 -0.03 23.07 -63.55
N ILE F 122 0.79 23.71 -62.70
CA ILE F 122 1.59 24.87 -63.11
C ILE F 122 3.09 24.62 -62.93
N VAL F 123 3.85 24.80 -64.02
CA VAL F 123 5.30 24.62 -63.99
C VAL F 123 5.95 25.68 -63.11
N THR F 124 6.68 25.23 -62.10
CA THR F 124 7.37 26.16 -61.21
C THR F 124 8.89 26.15 -61.40
N ARG F 125 9.42 25.08 -61.99
CA ARG F 125 10.86 25.01 -62.29
C ARG F 125 11.15 24.18 -63.53
N VAL F 126 12.26 24.50 -64.19
CA VAL F 126 12.80 23.69 -65.28
C VAL F 126 14.33 23.61 -65.18
N GLY F 127 14.87 22.39 -65.17
CA GLY F 127 16.32 22.18 -65.07
C GLY F 127 17.05 22.37 -66.38
N GLU F 128 18.37 22.39 -66.33
CA GLU F 128 19.19 22.45 -67.54
C GLU F 128 18.98 21.18 -68.36
N ILE F 129 19.21 21.27 -69.67
CA ILE F 129 19.08 20.11 -70.54
C ILE F 129 20.38 19.30 -70.55
N LYS F 130 20.42 18.27 -69.73
CA LYS F 130 21.62 17.44 -69.57
C LYS F 130 21.49 16.12 -70.36
N PRO F 131 22.64 15.58 -70.79
CA PRO F 131 22.70 14.29 -71.45
C PRO F 131 22.47 13.14 -70.47
N PHE F 132 21.54 12.26 -70.81
CA PHE F 132 21.28 11.09 -69.99
C PHE F 132 21.78 9.87 -70.75
N VAL F 133 22.49 8.98 -70.06
CA VAL F 133 22.87 7.72 -70.69
C VAL F 133 21.71 6.71 -70.63
N SER F 134 20.96 6.59 -71.73
CA SER F 134 19.84 5.65 -71.75
C SER F 134 20.30 4.19 -71.82
N VAL F 135 21.51 3.99 -72.35
CA VAL F 135 22.13 2.67 -72.48
C VAL F 135 23.61 2.79 -72.18
N ALA F 136 24.01 2.33 -71.01
CA ALA F 136 25.41 2.35 -70.62
C ALA F 136 26.14 1.12 -71.16
N VAL F 137 27.05 1.35 -72.11
CA VAL F 137 27.88 0.28 -72.65
C VAL F 137 29.22 0.25 -71.93
N PHE F 138 29.40 -0.77 -71.10
CA PHE F 138 30.63 -0.94 -70.33
C PHE F 138 31.67 -1.73 -71.11
N VAL F 139 32.93 -1.29 -71.03
CA VAL F 139 34.05 -1.94 -71.72
C VAL F 139 35.11 -2.41 -70.73
N CYS F 140 35.56 -3.65 -70.92
CA CYS F 140 36.62 -4.24 -70.11
C CYS F 140 37.98 -3.85 -70.68
N LYS F 141 38.88 -3.38 -69.81
CA LYS F 141 40.22 -3.00 -70.24
C LYS F 141 41.27 -4.10 -70.04
N ASP F 142 40.80 -5.34 -69.97
CA ASP F 142 41.67 -6.50 -69.84
C ASP F 142 41.49 -7.47 -71.00
N CYS F 143 40.25 -7.66 -71.41
CA CYS F 143 39.94 -8.53 -72.54
C CYS F 143 39.19 -7.80 -73.65
N GLY F 144 38.66 -6.62 -73.34
CA GLY F 144 37.92 -5.82 -74.31
C GLY F 144 36.48 -6.28 -74.52
N HIS F 145 35.95 -7.07 -73.58
CA HIS F 145 34.56 -7.53 -73.65
C HIS F 145 33.60 -6.37 -73.47
N GLU F 146 32.46 -6.44 -74.16
CA GLU F 146 31.44 -5.40 -74.09
C GLU F 146 30.18 -5.88 -73.36
N MET F 147 29.64 -5.01 -72.50
CA MET F 147 28.45 -5.31 -71.72
C MET F 147 27.44 -4.17 -71.80
N ILE F 148 26.22 -4.49 -72.25
CA ILE F 148 25.16 -3.50 -72.39
C ILE F 148 24.25 -3.52 -71.16
N VAL F 149 24.00 -2.34 -70.59
CA VAL F 149 23.07 -2.20 -69.46
C VAL F 149 22.19 -0.98 -69.66
N PRO F 150 20.89 -1.19 -69.96
CA PRO F 150 19.99 -0.05 -70.13
C PRO F 150 19.80 0.66 -68.80
N GLN F 151 19.63 1.98 -68.85
CA GLN F 151 19.46 2.79 -67.64
C GLN F 151 18.09 3.45 -67.61
N LYS F 152 17.69 3.90 -66.43
CA LYS F 152 16.40 4.54 -66.23
C LYS F 152 16.66 5.93 -65.65
N PRO F 153 16.03 6.99 -66.20
CA PRO F 153 16.31 8.38 -65.82
C PRO F 153 15.95 8.76 -64.39
N TYR F 154 15.28 7.89 -63.64
CA TYR F 154 14.97 8.15 -62.21
C TYR F 154 15.76 7.25 -61.24
N GLU F 155 16.18 6.08 -61.71
CA GLU F 155 16.99 5.17 -60.91
C GLU F 155 18.41 5.68 -60.94
N SER F 156 19.21 5.23 -59.99
CA SER F 156 20.62 5.59 -59.97
C SER F 156 21.37 4.78 -61.03
N LEU F 157 22.53 5.28 -61.45
CA LEU F 157 23.33 4.60 -62.46
C LEU F 157 23.70 3.19 -62.03
N GLU F 158 23.28 2.21 -62.80
CA GLU F 158 23.65 0.83 -62.55
C GLU F 158 24.94 0.50 -63.30
N LYS F 159 26.02 0.39 -62.54
CA LYS F 159 27.31 -0.02 -63.09
C LYS F 159 27.45 -1.53 -62.99
N VAL F 160 28.63 -2.04 -63.33
CA VAL F 160 28.97 -3.45 -63.15
C VAL F 160 30.44 -3.58 -62.74
N LYS F 161 30.68 -4.15 -61.56
CA LYS F 161 32.01 -4.19 -60.95
C LYS F 161 32.91 -5.32 -61.45
N LYS F 162 32.32 -6.31 -62.12
CA LYS F 162 33.07 -7.46 -62.60
C LYS F 162 32.75 -7.80 -64.06
N CYS F 163 33.79 -8.17 -64.81
CA CYS F 163 33.65 -8.54 -66.21
C CYS F 163 32.85 -9.83 -66.38
N GLU F 164 31.96 -9.84 -67.36
CA GLU F 164 31.13 -11.00 -67.67
C GLU F 164 31.94 -12.12 -68.32
N GLN F 165 33.02 -11.74 -69.00
CA GLN F 165 33.86 -12.70 -69.72
C GLN F 165 35.05 -13.22 -68.91
N CYS F 166 36.03 -12.34 -68.63
CA CYS F 166 37.25 -12.76 -67.93
C CYS F 166 37.19 -12.55 -66.41
N GLY F 167 36.17 -11.82 -65.96
CA GLY F 167 35.97 -11.60 -64.53
C GLY F 167 36.91 -10.58 -63.93
N SER F 168 37.50 -9.74 -64.78
CA SER F 168 38.42 -8.70 -64.33
C SER F 168 37.67 -7.52 -63.77
N LYS F 169 38.03 -7.12 -62.55
CA LYS F 169 37.40 -5.98 -61.89
C LYS F 169 37.98 -4.66 -62.41
N ASN F 170 38.21 -4.63 -63.71
CA ASN F 170 38.75 -3.45 -64.39
C ASN F 170 37.82 -3.04 -65.54
N ILE F 171 36.66 -2.50 -65.18
CA ILE F 171 35.62 -2.12 -66.15
C ILE F 171 35.42 -0.60 -66.16
N GLU F 172 35.19 -0.06 -67.35
CA GLU F 172 34.91 1.37 -67.51
C GLU F 172 33.74 1.60 -68.45
N LEU F 173 33.14 2.78 -68.35
CA LEU F 173 32.05 3.17 -69.23
C LEU F 173 32.60 3.76 -70.52
N ASP F 174 32.11 3.27 -71.65
CA ASP F 174 32.53 3.80 -72.95
C ASP F 174 31.52 4.82 -73.46
N VAL F 175 31.92 6.10 -73.39
CA VAL F 175 31.08 7.23 -73.79
C VAL F 175 30.49 7.10 -75.20
N ASN F 176 31.34 6.72 -76.16
CA ASN F 176 30.94 6.63 -77.58
C ASN F 176 30.02 5.47 -77.95
N LYS F 177 30.32 4.29 -77.41
CA LYS F 177 29.52 3.09 -77.63
C LYS F 177 28.14 3.21 -76.97
N SER F 178 28.04 4.07 -75.96
CA SER F 178 26.81 4.26 -75.21
C SER F 178 25.83 5.20 -75.90
N SER F 179 24.55 5.05 -75.57
CA SER F 179 23.49 5.88 -76.15
C SER F 179 23.08 6.99 -75.19
N PHE F 180 23.01 8.21 -75.73
CA PHE F 180 22.66 9.37 -74.92
C PHE F 180 21.45 10.08 -75.49
N VAL F 181 20.64 10.61 -74.59
CA VAL F 181 19.41 11.30 -74.96
C VAL F 181 19.27 12.56 -74.12
N ASN F 182 18.66 13.59 -74.68
CA ASN F 182 18.42 14.82 -73.92
C ASN F 182 17.51 14.53 -72.74
N PHE F 183 17.80 15.19 -71.61
CA PHE F 183 17.06 15.01 -70.34
C PHE F 183 16.84 16.37 -69.68
N GLN F 184 15.65 16.57 -69.12
CA GLN F 184 15.35 17.82 -68.40
C GLN F 184 14.36 17.66 -67.26
N SER F 185 14.80 18.02 -66.06
CA SER F 185 13.93 18.00 -64.89
C SER F 185 13.04 19.24 -64.84
N PHE F 186 11.90 19.12 -64.18
CA PHE F 186 10.96 20.22 -64.02
C PHE F 186 9.98 19.87 -62.92
N ARG F 187 9.49 20.89 -62.23
CA ARG F 187 8.53 20.72 -61.14
C ARG F 187 7.21 21.38 -61.48
N ILE F 188 6.11 20.75 -61.05
CA ILE F 188 4.77 21.34 -61.18
C ILE F 188 3.97 21.11 -59.91
N GLN F 189 3.18 22.11 -59.53
CA GLN F 189 2.36 22.03 -58.33
C GLN F 189 0.97 22.54 -58.63
N ASP F 190 0.00 22.10 -57.85
CA ASP F 190 -1.32 22.70 -57.93
C ASP F 190 -1.17 24.18 -57.64
N ARG F 191 -2.00 25.01 -58.30
CA ARG F 191 -1.90 26.44 -58.05
C ARG F 191 -2.81 26.88 -56.91
N PRO F 192 -2.28 27.70 -55.99
CA PRO F 192 -2.94 28.19 -54.78
C PRO F 192 -4.41 28.56 -54.92
N GLU F 193 -4.80 29.09 -56.08
CA GLU F 193 -6.19 29.47 -56.30
C GLU F 193 -7.18 28.30 -56.29
N THR F 194 -6.68 27.10 -56.60
CA THR F 194 -7.54 25.91 -56.72
C THR F 194 -7.66 25.05 -55.46
N LEU F 195 -7.23 25.58 -54.31
CA LEU F 195 -7.18 24.81 -53.07
C LEU F 195 -8.25 25.23 -52.06
N LYS F 196 -8.58 24.35 -51.14
CA LYS F 196 -9.81 24.46 -50.34
C LYS F 196 -9.64 24.97 -48.90
N GLY F 197 -8.76 25.95 -48.71
CA GLY F 197 -8.58 26.51 -47.37
C GLY F 197 -7.27 26.11 -46.72
N GLY F 198 -7.34 25.35 -45.64
CA GLY F 198 -6.16 24.99 -44.86
C GLY F 198 -5.01 24.33 -45.61
N GLU F 199 -5.31 23.68 -46.74
CA GLU F 199 -4.32 22.93 -47.50
C GLU F 199 -3.30 23.83 -48.17
N MET F 200 -2.05 23.37 -48.16
CA MET F 200 -0.93 24.14 -48.67
C MET F 200 -0.36 23.43 -49.91
N PRO F 201 -0.25 24.15 -51.04
CA PRO F 201 0.05 23.64 -52.38
C PRO F 201 1.18 22.62 -52.44
N ARG F 202 0.88 21.44 -52.97
CA ARG F 202 1.90 20.40 -53.11
C ARG F 202 2.44 20.33 -54.54
N PHE F 203 3.75 20.17 -54.67
CA PHE F 203 4.41 20.08 -55.96
C PHE F 203 4.85 18.64 -56.29
N ILE F 204 5.10 18.38 -57.56
CA ILE F 204 5.77 17.15 -57.99
C ILE F 204 6.84 17.41 -59.06
N ASP F 205 8.00 16.76 -58.87
CA ASP F 205 9.08 16.78 -59.85
C ASP F 205 8.88 15.71 -60.91
N GLY F 206 9.37 16.03 -62.11
CA GLY F 206 9.16 15.23 -63.30
C GLY F 206 10.39 15.17 -64.17
N ILE F 207 10.33 14.29 -65.17
CA ILE F 207 11.45 14.06 -66.07
C ILE F 207 10.92 14.15 -67.50
N LEU F 208 11.72 14.77 -68.36
CA LEU F 208 11.44 14.86 -69.79
C LEU F 208 12.61 14.23 -70.55
N LEU F 209 12.31 13.57 -71.65
CA LEU F 209 13.34 12.95 -72.46
C LEU F 209 13.19 13.31 -73.93
N ASP F 210 14.29 13.21 -74.68
CA ASP F 210 14.24 13.40 -76.13
C ASP F 210 13.37 14.58 -76.54
N ASP F 211 12.51 14.34 -77.53
CA ASP F 211 11.69 15.37 -78.16
C ASP F 211 10.88 16.27 -77.23
N ILE F 212 10.45 15.75 -76.08
CA ILE F 212 9.65 16.54 -75.14
C ILE F 212 10.51 17.41 -74.21
N VAL F 213 11.82 17.36 -74.41
CA VAL F 213 12.71 18.22 -73.64
C VAL F 213 12.47 19.68 -74.02
N ASP F 214 12.62 20.58 -73.06
CA ASP F 214 12.57 22.02 -73.31
C ASP F 214 11.29 22.46 -74.02
N VAL F 215 10.18 21.89 -73.60
CA VAL F 215 8.88 22.28 -74.18
C VAL F 215 8.15 23.30 -73.31
N ALA F 216 8.53 23.38 -72.04
CA ALA F 216 7.86 24.25 -71.08
C ALA F 216 8.83 25.11 -70.33
N LEU F 217 8.38 26.31 -69.97
CA LEU F 217 9.12 27.22 -69.11
C LEU F 217 8.34 27.47 -67.83
N PRO F 218 9.03 27.96 -66.76
CA PRO F 218 8.37 28.27 -65.49
C PRO F 218 7.23 29.28 -65.64
N GLY F 219 6.03 28.89 -65.20
CA GLY F 219 4.84 29.71 -65.33
C GLY F 219 3.84 29.23 -66.38
N ASP F 220 4.11 28.10 -67.00
CA ASP F 220 3.21 27.52 -68.00
C ASP F 220 2.20 26.60 -67.32
N ARG F 221 0.92 26.79 -67.62
CA ARG F 221 -0.09 25.82 -67.25
C ARG F 221 0.06 24.63 -68.19
N VAL F 222 0.24 23.43 -67.63
CA VAL F 222 0.39 22.23 -68.45
C VAL F 222 -0.53 21.09 -68.03
N ILE F 223 -0.72 20.12 -68.92
CA ILE F 223 -1.47 18.91 -68.63
C ILE F 223 -0.60 17.76 -69.09
N VAL F 224 0.23 17.28 -68.18
CA VAL F 224 1.11 16.16 -68.47
C VAL F 224 0.40 14.84 -68.28
N THR F 225 0.91 13.83 -68.98
CA THR F 225 0.55 12.46 -68.76
C THR F 225 1.87 11.87 -68.33
N GLY F 226 1.85 10.73 -67.66
CA GLY F 226 3.10 10.11 -67.27
C GLY F 226 2.99 8.95 -66.33
N ILE F 227 4.12 8.32 -66.07
CA ILE F 227 4.15 7.20 -65.16
C ILE F 227 4.63 7.68 -63.81
N LEU F 228 3.79 7.46 -62.81
CA LEU F 228 4.08 7.81 -61.43
C LEU F 228 5.13 6.86 -60.90
N ARG F 229 6.29 7.40 -60.53
CA ARG F 229 7.41 6.59 -60.10
C ARG F 229 7.73 6.90 -58.63
N VAL F 230 8.42 5.99 -57.94
CA VAL F 230 8.81 6.24 -56.56
C VAL F 230 10.27 5.91 -56.27
N VAL F 231 10.88 6.71 -55.40
CA VAL F 231 12.28 6.56 -54.98
C VAL F 231 12.46 6.91 -53.50
N LEU F 232 13.62 6.59 -52.93
CA LEU F 232 13.81 6.90 -51.52
C LEU F 232 14.11 8.38 -51.36
N GLU F 233 13.71 8.94 -50.21
CA GLU F 233 14.08 10.31 -49.86
C GLU F 233 15.58 10.38 -49.70
N LYS F 234 16.20 11.34 -50.39
CA LYS F 234 17.65 11.53 -50.43
C LYS F 234 18.45 10.64 -49.46
N ARG F 235 18.16 10.81 -48.16
CA ARG F 235 18.87 10.12 -47.08
C ARG F 235 18.75 8.61 -47.12
N GLU F 236 17.57 8.12 -47.52
CA GLU F 236 17.33 6.69 -47.68
C GLU F 236 17.39 5.97 -46.33
N LYS F 237 16.89 6.63 -45.29
CA LYS F 237 16.88 6.02 -43.96
C LYS F 237 15.50 5.53 -43.57
N THR F 238 14.46 6.09 -44.18
CA THR F 238 13.08 5.77 -43.80
C THR F 238 12.31 5.12 -44.93
N PRO F 239 11.29 4.30 -44.59
CA PRO F 239 10.48 3.59 -45.58
C PRO F 239 9.43 4.47 -46.26
N ILE F 240 9.67 5.78 -46.25
CA ILE F 240 8.82 6.73 -46.97
C ILE F 240 9.45 7.17 -48.31
N PHE F 241 8.65 7.25 -49.38
CA PHE F 241 9.15 7.46 -50.75
C PHE F 241 8.84 8.81 -51.39
N ARG F 242 9.53 9.08 -52.49
CA ARG F 242 9.41 10.33 -53.19
C ARG F 242 8.67 10.06 -54.48
N LYS F 243 7.73 10.94 -54.84
CA LYS F 243 6.95 10.73 -56.07
C LYS F 243 7.54 11.50 -57.26
N ILE F 244 7.96 10.75 -58.28
CA ILE F 244 8.50 11.38 -59.48
C ILE F 244 7.61 10.97 -60.61
N LEU F 245 7.40 11.92 -61.53
CA LEU F 245 6.51 11.71 -62.64
C LEU F 245 7.29 11.62 -63.95
N GLU F 246 7.52 10.40 -64.43
CA GLU F 246 8.16 10.19 -65.73
C GLU F 246 7.20 10.59 -66.83
N VAL F 247 7.39 11.79 -67.39
CA VAL F 247 6.43 12.33 -68.37
C VAL F 247 6.41 11.48 -69.64
N ASN F 248 5.20 11.23 -70.14
CA ASN F 248 5.01 10.50 -71.38
C ASN F 248 4.47 11.41 -72.45
N HIS F 249 3.92 12.55 -72.03
CA HIS F 249 3.34 13.51 -72.94
C HIS F 249 2.92 14.75 -72.19
N ILE F 250 3.19 15.89 -72.80
CA ILE F 250 2.92 17.18 -72.18
C ILE F 250 2.26 18.10 -73.17
N GLU F 251 1.28 18.87 -72.71
CA GLU F 251 0.49 19.73 -73.57
C GLU F 251 0.08 20.98 -72.82
N PRO F 252 0.32 22.16 -73.40
CA PRO F 252 -0.08 23.41 -72.76
C PRO F 252 -1.58 23.64 -72.82
N VAL F 253 -2.08 24.56 -72.01
CA VAL F 253 -3.49 24.98 -72.00
C VAL F 253 -3.63 26.39 -71.44
N SER F 254 -4.20 27.30 -72.22
CA SER F 254 -4.39 28.67 -71.78
C SER F 254 -5.76 28.84 -71.11
N LYS F 255 -5.76 28.95 -69.78
CA LYS F 255 -6.99 29.09 -69.00
C LYS F 255 -7.45 30.54 -68.85
N SER G 1 -7.93 9.61 11.17
CA SER G 1 -9.08 8.92 10.50
C SER G 1 -9.75 9.80 9.44
N VAL G 2 -9.73 9.31 8.21
CA VAL G 2 -10.41 9.93 7.06
C VAL G 2 -11.92 9.96 7.30
N ASP G 3 -12.56 11.07 6.95
CA ASP G 3 -13.99 11.25 7.21
C ASP G 3 -14.88 10.27 6.44
N ARG G 4 -16.06 10.02 7.02
CA ARG G 4 -17.02 9.02 6.54
C ARG G 4 -17.32 9.07 5.03
N GLU G 5 -17.86 10.19 4.56
CA GLU G 5 -18.20 10.37 3.14
C GLU G 5 -17.02 10.23 2.19
N GLU G 6 -15.85 10.71 2.63
CA GLU G 6 -14.61 10.54 1.88
C GLU G 6 -14.26 9.06 1.78
N MET G 7 -14.33 8.33 2.90
CA MET G 7 -14.18 6.88 2.90
C MET G 7 -15.11 6.28 1.84
N ILE G 8 -16.40 6.58 1.97
CA ILE G 8 -17.43 6.15 1.01
C ILE G 8 -16.91 6.25 -0.42
N GLU G 9 -16.56 7.48 -0.80
CA GLU G 9 -16.10 7.75 -2.16
C GLU G 9 -14.95 6.84 -2.56
N ARG G 10 -13.83 6.96 -1.85
CA ARG G 10 -12.61 6.25 -2.21
C ARG G 10 -12.78 4.73 -2.20
N PHE G 11 -13.50 4.20 -1.21
CA PHE G 11 -13.84 2.77 -1.21
C PHE G 11 -14.63 2.46 -2.45
N ALA G 12 -15.75 3.15 -2.61
CA ALA G 12 -16.59 3.05 -3.80
C ALA G 12 -15.75 3.17 -5.06
N ASN G 13 -14.84 4.13 -5.08
CA ASN G 13 -13.89 4.24 -6.16
C ASN G 13 -13.09 2.95 -6.32
N PHE G 14 -12.33 2.56 -5.29
CA PHE G 14 -11.59 1.30 -5.33
C PHE G 14 -12.40 0.25 -6.07
N LEU G 15 -13.66 0.12 -5.65
CA LEU G 15 -14.57 -0.90 -6.12
C LEU G 15 -14.61 -1.02 -7.65
N ARG G 16 -14.89 0.10 -8.32
CA ARG G 16 -15.00 0.10 -9.78
C ARG G 16 -13.66 0.38 -10.48
N GLU G 17 -12.58 -0.19 -9.94
CA GLU G 17 -11.23 -0.06 -10.53
C GLU G 17 -10.18 -0.74 -9.66
N THR G 19 -7.67 -7.62 -13.36
CA THR G 19 -6.71 -8.61 -13.83
C THR G 19 -5.79 -9.05 -12.70
N ASP G 20 -5.26 -10.27 -12.82
CA ASP G 20 -4.29 -10.81 -11.87
C ASP G 20 -3.01 -11.27 -12.58
N GLU G 21 -2.11 -11.92 -11.83
CA GLU G 21 -0.90 -12.52 -12.40
C GLU G 21 -1.20 -13.88 -13.03
N ASP G 22 -2.49 -14.19 -13.16
CA ASP G 22 -2.99 -15.37 -13.87
C ASP G 22 -3.68 -14.97 -15.17
N GLY G 23 -4.21 -13.74 -15.20
CA GLY G 23 -4.87 -13.19 -16.39
C GLY G 23 -6.38 -13.03 -16.22
N ASN G 24 -7.11 -14.12 -16.42
CA ASN G 24 -8.57 -14.14 -16.33
C ASN G 24 -9.10 -13.40 -15.10
N PRO G 25 -9.97 -12.42 -15.34
CA PRO G 25 -10.48 -11.53 -14.28
C PRO G 25 -11.35 -12.25 -13.25
N VAL G 26 -11.39 -11.69 -12.04
CA VAL G 26 -12.16 -12.25 -10.92
C VAL G 26 -12.76 -11.19 -9.98
N TYR G 27 -12.24 -9.96 -10.05
CA TYR G 27 -12.74 -8.82 -9.25
C TYR G 27 -14.21 -8.50 -9.53
N ARG G 28 -14.79 -9.29 -10.44
CA ARG G 28 -16.21 -9.28 -10.80
C ARG G 28 -16.53 -10.53 -11.62
N GLY G 29 -15.50 -11.33 -11.91
CA GLY G 29 -15.64 -12.59 -12.64
C GLY G 29 -16.62 -13.55 -11.99
N LYS G 30 -16.81 -13.38 -10.68
CA LYS G 30 -17.82 -14.11 -9.91
C LYS G 30 -18.83 -13.16 -9.26
N ILE G 31 -18.51 -11.87 -9.23
CA ILE G 31 -19.46 -10.84 -8.80
C ILE G 31 -20.59 -10.72 -9.82
N THR G 32 -20.39 -11.39 -10.96
CA THR G 32 -21.41 -11.60 -11.98
C THR G 32 -21.82 -13.08 -12.04
N ASP G 33 -21.29 -13.88 -11.11
CA ASP G 33 -21.73 -15.26 -10.90
C ASP G 33 -22.53 -15.36 -9.60
N LEU G 34 -23.22 -14.27 -9.26
CA LEU G 34 -23.98 -14.16 -8.02
C LEU G 34 -25.47 -14.46 -8.20
N LEU G 35 -26.15 -13.68 -9.05
CA LEU G 35 -27.58 -13.89 -9.33
C LEU G 35 -27.84 -15.16 -10.15
N THR G 36 -26.77 -15.91 -10.39
CA THR G 36 -26.80 -17.13 -11.21
C THR G 36 -27.41 -18.33 -10.48
N ILE G 37 -26.59 -19.34 -10.18
CA ILE G 37 -27.03 -20.58 -9.52
C ILE G 37 -27.54 -20.34 -8.10
N THR G 38 -26.91 -20.99 -7.12
CA THR G 38 -27.22 -20.72 -5.71
C THR G 38 -26.64 -19.37 -5.35
N PRO G 39 -27.50 -18.35 -5.36
CA PRO G 39 -27.10 -16.95 -5.14
C PRO G 39 -26.40 -16.72 -3.79
N LYS G 40 -25.13 -17.11 -3.72
CA LYS G 40 -24.35 -17.03 -2.48
C LYS G 40 -23.88 -15.60 -2.23
N ARG G 41 -23.91 -15.17 -0.96
CA ARG G 41 -23.52 -13.81 -0.58
C ARG G 41 -22.32 -13.78 0.38
N ILE G 45 -11.98 -11.97 -1.67
CA ILE G 45 -11.17 -10.76 -1.50
C ILE G 45 -9.73 -11.10 -1.07
N ASP G 46 -8.94 -10.05 -0.79
CA ASP G 46 -7.55 -10.14 -0.28
C ASP G 46 -7.05 -8.72 0.01
N TRP G 47 -6.33 -8.50 1.12
CA TRP G 47 -5.86 -7.15 1.48
C TRP G 47 -4.62 -6.71 0.70
N MET G 48 -3.65 -7.61 0.52
CA MET G 48 -2.43 -7.35 -0.27
C MET G 48 -2.75 -6.89 -1.69
N HIS G 49 -4.05 -6.93 -2.00
CA HIS G 49 -4.62 -6.54 -3.28
C HIS G 49 -5.24 -5.14 -3.19
N LEU G 50 -5.96 -4.84 -2.10
CA LEU G 50 -6.47 -3.49 -1.84
C LEU G 50 -5.28 -2.54 -1.71
N ASN G 51 -4.22 -3.03 -1.07
CA ASN G 51 -2.94 -2.34 -0.92
C ASN G 51 -2.48 -1.70 -2.22
N SER G 52 -2.45 -2.51 -3.27
CA SER G 52 -2.05 -2.08 -4.60
C SER G 52 -2.77 -0.79 -5.05
N PHE G 53 -4.09 -0.77 -4.87
CA PHE G 53 -4.90 0.43 -5.13
C PHE G 53 -4.71 1.44 -4.02
N ASP G 54 -5.16 1.07 -2.83
CA ASP G 54 -5.12 1.96 -1.69
C ASP G 54 -4.49 1.35 -0.43
N SER G 55 -3.91 2.24 0.37
CA SER G 55 -3.45 1.91 1.71
C SER G 55 -3.11 3.23 2.38
N GLU G 56 -3.88 4.24 1.97
CA GLU G 56 -3.88 5.56 2.55
C GLU G 56 -5.19 5.63 3.33
N LEU G 57 -6.04 4.65 3.04
CA LEU G 57 -7.36 4.49 3.63
C LEU G 57 -7.47 3.07 4.18
N ALA G 58 -6.85 2.12 3.48
CA ALA G 58 -6.88 0.70 3.84
C ALA G 58 -6.51 0.45 5.29
N HIS G 59 -5.76 1.37 5.87
CA HIS G 59 -5.40 1.31 7.29
C HIS G 59 -6.54 1.78 8.19
N GLU G 60 -7.70 2.04 7.60
CA GLU G 60 -8.91 2.36 8.37
C GLU G 60 -9.89 1.21 8.38
N VAL G 61 -9.69 0.27 7.45
CA VAL G 61 -10.33 -1.04 7.49
C VAL G 61 -10.01 -1.66 8.85
N ILE G 62 -8.72 -1.60 9.18
CA ILE G 62 -8.20 -1.87 10.51
C ILE G 62 -8.27 -0.49 11.15
N GLU G 63 -8.58 -0.41 12.45
CA GLU G 63 -8.71 0.88 13.16
C GLU G 63 -9.92 1.66 12.63
N ASN G 64 -11.00 1.66 13.40
CA ASN G 64 -12.30 2.21 12.98
C ASN G 64 -12.98 1.44 11.84
N PRO G 65 -13.15 0.11 12.01
CA PRO G 65 -13.86 -0.61 10.95
C PRO G 65 -15.32 -0.21 10.85
N GLU G 66 -15.95 0.17 11.96
CA GLU G 66 -17.36 0.60 11.94
C GLU G 66 -17.59 1.76 10.96
N GLU G 67 -16.50 2.29 10.41
CA GLU G 67 -16.56 3.25 9.30
C GLU G 67 -16.01 2.63 8.03
N GLY G 68 -14.81 2.02 8.15
CA GLY G 68 -14.13 1.35 7.04
C GLY G 68 -14.93 0.24 6.36
N ILE G 69 -15.16 -0.85 7.08
CA ILE G 69 -16.01 -1.92 6.55
C ILE G 69 -17.44 -1.42 6.31
N SER G 70 -17.79 -0.31 6.97
CA SER G 70 -19.12 0.31 6.80
C SER G 70 -19.29 1.05 5.48
N ALA G 71 -18.29 1.83 5.10
CA ALA G 71 -18.34 2.56 3.83
C ALA G 71 -18.27 1.60 2.65
N ALA G 72 -17.29 0.71 2.63
CA ALA G 72 -17.15 -0.29 1.56
C ALA G 72 -18.37 -1.20 1.51
N GLU G 73 -19.32 -0.93 2.42
CA GLU G 73 -20.65 -1.54 2.45
C GLU G 73 -21.67 -0.69 1.67
N ASP G 74 -22.02 0.48 2.22
CA ASP G 74 -22.95 1.37 1.53
C ASP G 74 -22.23 2.16 0.42
N ALA G 75 -21.17 1.57 -0.09
CA ALA G 75 -20.53 1.98 -1.34
C ALA G 75 -20.57 0.78 -2.28
N ILE G 76 -20.52 -0.43 -1.69
CA ILE G 76 -20.81 -1.67 -2.41
C ILE G 76 -22.28 -1.60 -2.81
N GLN G 77 -22.93 -0.53 -2.34
CA GLN G 77 -24.34 -0.20 -2.58
C GLN G 77 -24.55 0.75 -3.76
N ILE G 78 -23.90 1.91 -3.70
CA ILE G 78 -24.01 2.97 -4.73
C ILE G 78 -23.46 2.53 -6.11
N VAL G 79 -22.32 1.84 -6.07
CA VAL G 79 -21.60 1.34 -7.27
C VAL G 79 -22.13 -0.04 -7.74
N LEU G 80 -23.08 -0.58 -6.99
CA LEU G 80 -23.82 -1.77 -7.40
C LEU G 80 -25.29 -1.43 -7.22
N ARG G 81 -25.67 -0.29 -7.81
CA ARG G 81 -27.04 0.21 -7.89
C ARG G 81 -27.25 0.67 -9.33
N GLU G 82 -26.16 1.15 -9.91
CA GLU G 82 -26.12 1.56 -11.30
C GLU G 82 -25.50 0.46 -12.16
N ASP G 83 -25.56 -0.77 -11.67
CA ASP G 83 -25.04 -1.94 -12.39
C ASP G 83 -25.86 -3.19 -12.17
N ARG G 86 -30.43 -4.29 -11.29
CA ARG G 86 -31.25 -4.18 -10.10
C ARG G 86 -30.99 -2.86 -9.34
N GLU G 87 -31.86 -2.56 -8.38
CA GLU G 87 -31.72 -1.39 -7.50
C GLU G 87 -32.57 -1.56 -6.24
N ASP G 88 -32.92 -2.81 -5.93
CA ASP G 88 -33.83 -3.12 -4.81
C ASP G 88 -33.14 -3.92 -3.69
N VAL G 89 -31.85 -4.18 -3.83
CA VAL G 89 -31.07 -4.93 -2.84
C VAL G 89 -31.04 -4.25 -1.46
N GLY G 90 -30.86 -5.04 -0.40
CA GLY G 90 -30.83 -4.51 0.96
C GLY G 90 -29.48 -3.88 1.27
N LYS G 91 -28.64 -4.61 2.00
CA LYS G 91 -27.24 -4.26 2.21
C LYS G 91 -26.40 -5.47 1.82
N ILE G 92 -25.23 -5.24 1.21
CA ILE G 92 -24.38 -6.34 0.78
C ILE G 92 -23.37 -6.72 1.87
N HIS G 93 -22.31 -7.42 1.48
CA HIS G 93 -21.28 -7.86 2.43
C HIS G 93 -19.92 -7.17 2.19
N ALA G 94 -19.38 -6.54 3.23
CA ALA G 94 -18.04 -5.91 3.19
C ALA G 94 -17.01 -6.74 3.96
N ARG G 95 -16.59 -7.84 3.35
CA ARG G 95 -15.64 -8.77 3.96
C ARG G 95 -14.27 -8.68 3.30
N PHE G 96 -13.27 -8.25 4.08
CA PHE G 96 -11.87 -8.27 3.66
C PHE G 96 -11.23 -9.58 4.15
N TYR G 97 -10.02 -9.91 3.69
CA TYR G 97 -9.31 -11.10 4.20
C TYR G 97 -7.88 -11.28 3.68
N ASN G 98 -7.02 -11.83 4.54
CA ASN G 98 -5.58 -11.97 4.30
C ASN G 98 -4.88 -10.62 4.23
N LEU G 99 -4.33 -10.22 5.37
CA LEU G 99 -3.57 -8.98 5.53
C LEU G 99 -2.36 -9.20 6.45
N PRO G 100 -1.50 -10.19 6.13
CA PRO G 100 -0.40 -10.66 6.96
C PRO G 100 -0.23 -9.88 8.25
N GLU G 101 -0.61 -10.56 9.33
CA GLU G 101 -0.85 -10.02 10.66
C GLU G 101 -1.76 -11.13 11.19
N THR G 102 -1.27 -12.35 11.01
CA THR G 102 -2.00 -13.57 11.32
C THR G 102 -1.70 -14.02 12.76
N LEU G 103 -2.49 -13.51 13.71
CA LEU G 103 -2.28 -13.74 15.14
C LEU G 103 -2.59 -15.15 15.64
N MET G 104 -2.17 -15.42 16.85
CA MET G 104 -2.46 -16.66 17.53
C MET G 104 -3.39 -16.24 18.66
N VAL G 105 -4.37 -17.07 19.01
CA VAL G 105 -5.40 -16.72 19.99
C VAL G 105 -4.80 -16.08 21.24
N LYS G 106 -3.70 -16.65 21.73
CA LYS G 106 -3.06 -16.18 22.95
C LYS G 106 -2.51 -14.75 22.79
N ASP G 107 -2.07 -14.44 21.57
CA ASP G 107 -1.45 -13.14 21.27
C ASP G 107 -2.47 -12.01 21.16
N ILE G 108 -3.73 -12.35 20.92
CA ILE G 108 -4.79 -11.35 20.85
C ILE G 108 -4.90 -10.60 22.17
N GLY G 109 -4.64 -9.30 22.13
CA GLY G 109 -4.63 -8.51 23.34
C GLY G 109 -5.36 -7.19 23.19
N ALA G 110 -5.26 -6.35 24.21
CA ALA G 110 -5.94 -5.05 24.27
C ALA G 110 -5.61 -4.15 23.07
N GLU G 111 -4.41 -4.29 22.53
CA GLU G 111 -3.98 -3.50 21.39
C GLU G 111 -4.93 -3.60 20.20
N HIS G 112 -5.50 -4.79 19.98
CA HIS G 112 -6.34 -5.07 18.81
C HIS G 112 -7.82 -4.71 18.96
N ILE G 113 -8.20 -4.13 20.09
CA ILE G 113 -9.61 -3.80 20.33
C ILE G 113 -10.15 -2.91 19.21
N ASN G 114 -11.19 -3.41 18.54
CA ASN G 114 -11.86 -2.72 17.44
C ASN G 114 -11.01 -2.56 16.19
N LYS G 115 -10.12 -3.51 15.95
CA LYS G 115 -9.36 -3.49 14.71
C LYS G 115 -9.61 -4.84 14.09
N LEU G 116 -9.52 -4.90 12.77
CA LEU G 116 -9.71 -6.17 12.07
C LEU G 116 -8.46 -7.03 12.22
N ILE G 117 -8.59 -8.13 12.96
CA ILE G 117 -7.48 -9.04 13.20
C ILE G 117 -7.70 -10.36 12.47
N GLN G 118 -6.63 -11.09 12.18
CA GLN G 118 -6.76 -12.39 11.57
C GLN G 118 -6.26 -13.44 12.55
N VAL G 119 -6.93 -14.58 12.60
CA VAL G 119 -6.58 -15.62 13.60
C VAL G 119 -6.65 -17.03 13.01
N GLU G 120 -5.56 -17.78 13.16
CA GLU G 120 -5.60 -19.20 12.85
C GLU G 120 -5.89 -19.93 14.14
N GLY G 121 -6.42 -21.14 14.03
CA GLY G 121 -6.65 -21.99 15.19
C GLY G 121 -7.57 -23.14 14.87
N ILE G 122 -8.03 -23.81 15.93
CA ILE G 122 -8.96 -24.91 15.77
C ILE G 122 -10.31 -24.59 16.44
N VAL G 123 -11.41 -24.95 15.77
CA VAL G 123 -12.74 -24.78 16.33
C VAL G 123 -12.99 -25.90 17.31
N THR G 124 -13.44 -25.54 18.51
CA THR G 124 -13.69 -26.51 19.57
C THR G 124 -15.17 -26.61 19.86
N ARG G 125 -15.92 -25.55 19.56
CA ARG G 125 -17.35 -25.52 19.82
C ARG G 125 -18.14 -24.74 18.78
N VAL G 126 -19.38 -25.13 18.58
CA VAL G 126 -20.34 -24.40 17.76
C VAL G 126 -21.72 -24.42 18.43
N GLY G 127 -22.36 -23.26 18.47
CA GLY G 127 -23.69 -23.14 19.08
C GLY G 127 -24.80 -23.45 18.10
N GLU G 128 -26.04 -23.47 18.60
CA GLU G 128 -27.20 -23.66 17.75
C GLU G 128 -27.43 -22.40 16.92
N ILE G 129 -27.95 -22.58 15.70
CA ILE G 129 -28.21 -21.41 14.87
C ILE G 129 -29.49 -20.78 15.40
N LYS G 130 -29.34 -19.62 16.05
CA LYS G 130 -30.49 -18.88 16.60
C LYS G 130 -30.66 -17.54 15.87
N PRO G 131 -31.91 -17.09 15.70
CA PRO G 131 -32.21 -15.81 15.10
C PRO G 131 -31.77 -14.64 15.94
N PHE G 132 -31.07 -13.71 15.30
CA PHE G 132 -30.64 -12.46 15.91
C PHE G 132 -31.38 -11.24 15.33
N VAL G 133 -31.91 -10.39 16.21
CA VAL G 133 -32.56 -9.14 15.79
C VAL G 133 -31.55 -8.05 15.45
N SER G 134 -31.12 -8.00 14.20
CA SER G 134 -30.16 -7.00 13.72
C SER G 134 -30.70 -5.56 13.70
N VAL G 135 -32.02 -5.40 13.64
CA VAL G 135 -32.67 -4.07 13.73
C VAL G 135 -34.02 -4.14 14.47
N ALA G 136 -33.98 -3.82 15.76
CA ALA G 136 -35.16 -3.88 16.61
C ALA G 136 -36.03 -2.65 16.38
N VAL G 137 -37.12 -2.84 15.64
CA VAL G 137 -38.07 -1.77 15.39
C VAL G 137 -39.12 -1.77 16.50
N PHE G 138 -39.04 -0.74 17.36
CA PHE G 138 -39.95 -0.63 18.48
C PHE G 138 -41.17 0.16 18.09
N VAL G 139 -42.31 -0.23 18.63
CA VAL G 139 -43.59 0.38 18.31
C VAL G 139 -44.33 0.78 19.56
N CYS G 140 -44.93 1.96 19.52
CA CYS G 140 -45.69 2.50 20.62
C CYS G 140 -47.13 1.97 20.54
N LYS G 141 -47.69 1.56 21.67
CA LYS G 141 -49.08 1.10 21.68
C LYS G 141 -50.06 2.19 22.16
N ASP G 142 -49.61 3.43 22.15
CA ASP G 142 -50.45 4.56 22.53
C ASP G 142 -50.63 5.52 21.36
N CYS G 143 -49.57 5.75 20.61
CA CYS G 143 -49.64 6.64 19.44
C CYS G 143 -49.28 5.89 18.16
N GLY G 144 -48.64 4.74 18.31
CA GLY G 144 -48.19 3.96 17.16
C GLY G 144 -46.95 4.50 16.48
N HIS G 145 -46.13 5.27 17.21
CA HIS G 145 -44.88 5.81 16.67
C HIS G 145 -43.83 4.71 16.53
N GLU G 146 -43.06 4.78 15.44
CA GLU G 146 -42.03 3.79 15.14
C GLU G 146 -40.63 4.33 15.41
N MET G 147 -39.81 3.53 16.09
CA MET G 147 -38.42 3.90 16.39
C MET G 147 -37.47 2.78 15.96
N ILE G 148 -36.48 3.14 15.16
CA ILE G 148 -35.47 2.17 14.69
C ILE G 148 -34.23 2.15 15.60
N VAL G 149 -33.80 0.96 16.01
CA VAL G 149 -32.61 0.80 16.84
C VAL G 149 -31.81 -0.41 16.32
N PRO G 150 -30.64 -0.17 15.69
CA PRO G 150 -29.81 -1.28 15.23
C PRO G 150 -29.04 -1.88 16.37
N GLN G 151 -29.01 -3.21 16.38
CA GLN G 151 -28.45 -3.96 17.50
C GLN G 151 -27.10 -4.54 17.11
N LYS G 152 -26.38 -5.00 18.13
CA LYS G 152 -25.10 -5.62 17.91
C LYS G 152 -25.17 -7.01 18.52
N PRO G 153 -24.78 -8.05 17.75
CA PRO G 153 -24.79 -9.45 18.18
C PRO G 153 -24.01 -9.76 19.46
N TYR G 154 -23.05 -8.92 19.85
CA TYR G 154 -22.30 -9.16 21.08
C TYR G 154 -22.76 -8.32 22.27
N GLU G 155 -23.18 -7.08 22.01
CA GLU G 155 -23.71 -6.23 23.07
C GLU G 155 -25.07 -6.76 23.47
N SER G 156 -25.53 -6.39 24.65
CA SER G 156 -26.87 -6.78 25.11
C SER G 156 -27.95 -5.98 24.37
N LEU G 157 -29.18 -6.49 24.37
CA LEU G 157 -30.30 -5.86 23.66
C LEU G 157 -30.55 -4.46 24.18
N GLU G 158 -30.50 -3.51 23.25
CA GLU G 158 -30.76 -2.13 23.57
C GLU G 158 -32.21 -1.78 23.28
N LYS G 159 -33.01 -1.75 24.34
CA LYS G 159 -34.43 -1.40 24.26
C LYS G 159 -34.57 0.12 24.26
N VAL G 160 -35.80 0.59 24.50
CA VAL G 160 -36.07 2.00 24.79
C VAL G 160 -37.34 2.10 25.65
N LYS G 161 -37.22 2.71 26.82
CA LYS G 161 -38.29 2.68 27.82
C LYS G 161 -39.32 3.80 27.66
N LYS G 162 -39.03 4.77 26.80
CA LYS G 162 -39.94 5.89 26.59
C LYS G 162 -40.11 6.20 25.10
N CYS G 163 -41.35 6.53 24.72
CA CYS G 163 -41.67 6.87 23.34
C CYS G 163 -41.04 8.19 22.94
N GLU G 164 -40.50 8.23 21.73
CA GLU G 164 -39.84 9.42 21.20
C GLU G 164 -40.86 10.54 20.94
N GLN G 165 -42.05 10.15 20.51
CA GLN G 165 -43.10 11.08 20.11
C GLN G 165 -43.98 11.50 21.29
N CYS G 166 -44.74 10.55 21.83
CA CYS G 166 -45.69 10.84 22.90
C CYS G 166 -45.14 10.66 24.31
N GLY G 167 -44.02 9.95 24.42
CA GLY G 167 -43.37 9.74 25.71
C GLY G 167 -43.98 8.64 26.56
N SER G 168 -44.81 7.81 25.94
CA SER G 168 -45.44 6.69 26.63
C SER G 168 -44.42 5.65 26.99
N LYS G 169 -44.50 5.18 28.23
CA LYS G 169 -43.65 4.11 28.71
C LYS G 169 -44.28 2.75 28.39
N ASN G 170 -44.94 2.71 27.23
CA ASN G 170 -45.69 1.55 26.77
C ASN G 170 -45.20 1.15 25.38
N ILE G 171 -43.93 0.77 25.30
CA ILE G 171 -43.35 0.42 24.02
C ILE G 171 -43.02 -1.07 23.98
N GLU G 172 -43.14 -1.66 22.79
CA GLU G 172 -42.81 -3.06 22.58
C GLU G 172 -41.96 -3.21 21.34
N LEU G 173 -41.28 -4.34 21.21
CA LEU G 173 -40.55 -4.67 20.00
C LEU G 173 -41.51 -5.29 18.98
N ASP G 174 -41.45 -4.83 17.73
CA ASP G 174 -42.28 -5.42 16.68
C ASP G 174 -41.50 -6.36 15.79
N VAL G 175 -41.75 -7.66 15.94
CA VAL G 175 -41.01 -8.70 15.24
C VAL G 175 -41.12 -8.61 13.71
N ASN G 176 -42.31 -8.35 13.22
CA ASN G 176 -42.51 -8.30 11.78
C ASN G 176 -41.69 -7.17 11.18
N LYS G 177 -41.87 -5.97 11.74
CA LYS G 177 -41.18 -4.77 11.27
C LYS G 177 -39.66 -4.86 11.44
N SER G 178 -39.19 -5.75 12.31
CA SER G 178 -37.76 -5.89 12.63
C SER G 178 -37.02 -6.78 11.65
N SER G 179 -35.71 -6.58 11.58
CA SER G 179 -34.85 -7.35 10.70
C SER G 179 -34.08 -8.40 11.47
N PHE G 180 -34.19 -9.64 11.01
CA PHE G 180 -33.57 -10.76 11.70
C PHE G 180 -32.57 -11.45 10.79
N VAL G 181 -31.56 -12.03 11.40
CA VAL G 181 -30.56 -12.78 10.64
C VAL G 181 -30.12 -13.97 11.47
N ASN G 182 -29.84 -15.07 10.77
CA ASN G 182 -29.23 -16.22 11.43
C ASN G 182 -27.97 -15.79 12.21
N PHE G 183 -27.66 -16.52 13.28
CA PHE G 183 -26.55 -16.21 14.19
C PHE G 183 -26.03 -17.53 14.73
N GLN G 184 -24.73 -17.63 14.94
CA GLN G 184 -24.15 -18.83 15.54
C GLN G 184 -22.85 -18.54 16.27
N SER G 185 -22.82 -18.82 17.57
CA SER G 185 -21.59 -18.67 18.36
C SER G 185 -20.67 -19.88 18.15
N PHE G 186 -19.38 -19.64 18.35
CA PHE G 186 -18.37 -20.69 18.20
C PHE G 186 -17.09 -20.30 18.93
N ARG G 187 -16.31 -21.31 19.29
CA ARG G 187 -15.06 -21.10 20.02
C ARG G 187 -13.89 -21.68 19.24
N ILE G 188 -12.78 -20.95 19.22
CA ILE G 188 -11.51 -21.44 18.65
C ILE G 188 -10.34 -21.17 19.58
N GLN G 189 -9.36 -22.08 19.56
CA GLN G 189 -8.13 -21.92 20.35
C GLN G 189 -6.88 -22.32 19.58
N ASP G 190 -5.73 -21.94 20.12
CA ASP G 190 -4.45 -22.29 19.54
C ASP G 190 -4.20 -23.77 19.72
N ARG G 191 -3.67 -24.41 18.69
CA ARG G 191 -3.24 -25.81 18.80
C ARG G 191 -2.07 -25.86 19.78
N PRO G 192 -1.96 -26.95 20.57
CA PRO G 192 -0.95 -27.04 21.63
C PRO G 192 0.48 -27.10 21.10
N GLU G 193 0.62 -27.51 19.84
CA GLU G 193 1.91 -27.72 19.20
C GLU G 193 2.89 -26.56 19.39
N THR G 194 2.43 -25.33 19.13
CA THR G 194 3.29 -24.14 19.17
C THR G 194 3.41 -23.50 20.56
N LEU G 195 2.86 -24.17 21.57
CA LEU G 195 2.94 -23.68 22.94
C LEU G 195 3.96 -24.52 23.68
N LYS G 196 4.70 -23.90 24.58
CA LYS G 196 5.90 -24.55 25.13
C LYS G 196 6.00 -24.61 26.65
N GLY G 197 5.39 -25.63 27.24
CA GLY G 197 5.51 -25.91 28.69
C GLY G 197 4.82 -24.88 29.56
N GLY G 198 3.63 -25.22 30.05
CA GLY G 198 2.64 -24.21 30.42
C GLY G 198 1.77 -24.19 29.18
N GLU G 199 1.80 -25.35 28.53
CA GLU G 199 1.11 -25.66 27.29
C GLU G 199 -0.40 -25.63 27.52
N MET G 200 -0.88 -24.57 28.16
CA MET G 200 -2.31 -24.42 28.43
C MET G 200 -2.88 -23.44 27.41
N PRO G 201 -3.48 -23.98 26.33
CA PRO G 201 -3.93 -23.13 25.22
C PRO G 201 -5.05 -22.19 25.63
N ARG G 202 -5.00 -20.98 25.09
CA ARG G 202 -6.05 -19.99 25.32
C ARG G 202 -7.02 -20.02 24.13
N PHE G 203 -8.29 -19.72 24.40
CA PHE G 203 -9.34 -19.81 23.40
C PHE G 203 -10.11 -18.50 23.36
N ILE G 204 -10.82 -18.28 22.25
CA ILE G 204 -11.69 -17.12 22.09
C ILE G 204 -13.03 -17.51 21.48
N ASP G 205 -14.09 -16.90 21.99
CA ASP G 205 -15.42 -17.08 21.45
C ASP G 205 -15.69 -16.09 20.32
N GLY G 206 -16.42 -16.55 19.31
CA GLY G 206 -16.73 -15.76 18.12
C GLY G 206 -18.18 -15.81 17.67
N ILE G 207 -18.54 -14.87 16.80
CA ILE G 207 -19.91 -14.70 16.32
C ILE G 207 -19.97 -14.76 14.79
N LEU G 208 -20.81 -15.65 14.27
CA LEU G 208 -21.08 -15.73 12.84
C LEU G 208 -22.51 -15.23 12.54
N LEU G 209 -22.69 -14.55 11.42
CA LEU G 209 -24.01 -14.06 11.02
C LEU G 209 -24.31 -14.37 9.55
N ASP G 210 -25.60 -14.35 9.20
CA ASP G 210 -26.05 -14.55 7.82
C ASP G 210 -25.43 -15.76 7.10
N ASP G 211 -24.78 -15.48 5.97
CA ASP G 211 -24.21 -16.50 5.09
C ASP G 211 -23.11 -17.34 5.72
N ILE G 212 -22.30 -16.71 6.59
CA ILE G 212 -21.14 -17.36 7.20
C ILE G 212 -21.50 -18.24 8.41
N VAL G 213 -22.79 -18.34 8.72
CA VAL G 213 -23.29 -19.23 9.75
C VAL G 213 -23.17 -20.69 9.30
N ASP G 214 -23.02 -21.59 10.26
CA ASP G 214 -22.93 -23.04 9.99
C ASP G 214 -21.91 -23.44 8.93
N VAL G 215 -20.77 -22.76 8.92
CA VAL G 215 -19.73 -23.06 7.95
C VAL G 215 -18.64 -23.97 8.52
N ALA G 216 -18.66 -24.16 9.83
CA ALA G 216 -17.62 -24.93 10.50
C ALA G 216 -18.18 -25.85 11.57
N LEU G 217 -17.51 -26.98 11.76
CA LEU G 217 -17.84 -27.95 12.81
C LEU G 217 -16.69 -28.07 13.81
N PRO G 218 -16.96 -28.61 15.02
CA PRO G 218 -15.90 -28.76 16.01
C PRO G 218 -14.76 -29.61 15.49
N GLY G 219 -13.54 -29.09 15.56
CA GLY G 219 -12.36 -29.83 15.13
C GLY G 219 -11.78 -29.37 13.81
N ASP G 220 -12.43 -28.38 13.19
CA ASP G 220 -11.96 -27.81 11.92
C ASP G 220 -10.86 -26.78 12.16
N ARG G 221 -9.74 -26.93 11.45
CA ARG G 221 -8.73 -25.88 11.42
C ARG G 221 -9.29 -24.76 10.55
N VAL G 222 -9.33 -23.55 11.10
CA VAL G 222 -9.84 -22.40 10.35
C VAL G 222 -8.94 -21.18 10.44
N ILE G 223 -9.09 -20.28 9.47
CA ILE G 223 -8.41 -19.00 9.50
C ILE G 223 -9.47 -17.91 9.41
N VAL G 224 -9.85 -17.40 10.57
CA VAL G 224 -10.89 -16.40 10.64
C VAL G 224 -10.30 -14.98 10.67
N THR G 225 -10.98 -14.07 10.00
CA THR G 225 -10.71 -12.66 10.16
C THR G 225 -11.89 -12.12 10.96
N GLY G 226 -11.73 -10.98 11.63
CA GLY G 226 -12.87 -10.37 12.31
C GLY G 226 -12.51 -9.21 13.20
N ILE G 227 -13.51 -8.59 13.79
CA ILE G 227 -13.26 -7.50 14.72
C ILE G 227 -13.21 -7.98 16.16
N LEU G 228 -12.12 -7.65 16.83
CA LEU G 228 -11.96 -7.95 18.25
C LEU G 228 -12.84 -6.98 19.03
N ARG G 229 -13.81 -7.55 19.74
CA ARG G 229 -14.78 -6.75 20.47
C ARG G 229 -14.68 -7.03 21.94
N VAL G 230 -15.06 -6.03 22.74
CA VAL G 230 -14.98 -6.20 24.20
C VAL G 230 -16.30 -5.94 24.91
N VAL G 231 -16.48 -6.65 26.02
CA VAL G 231 -17.68 -6.54 26.85
C VAL G 231 -17.32 -6.88 28.29
N LEU G 232 -18.22 -6.61 29.23
CA LEU G 232 -17.94 -6.95 30.62
C LEU G 232 -18.11 -8.44 30.93
N GLU G 233 -17.28 -8.96 31.82
CA GLU G 233 -17.43 -10.32 32.32
C GLU G 233 -18.78 -10.44 32.96
N LYS G 234 -19.54 -11.46 32.56
CA LYS G 234 -20.91 -11.72 33.05
C LYS G 234 -21.36 -10.81 34.20
N ARG G 235 -20.68 -10.95 35.35
CA ARG G 235 -21.02 -10.24 36.59
C ARG G 235 -21.04 -8.73 36.44
N GLU G 236 -20.10 -8.20 35.66
CA GLU G 236 -19.99 -6.76 35.39
C GLU G 236 -19.70 -5.97 36.68
N LYS G 237 -18.79 -6.50 37.50
CA LYS G 237 -18.40 -5.83 38.74
C LYS G 237 -17.01 -5.18 38.65
N THR G 238 -16.15 -5.74 37.80
CA THR G 238 -14.78 -5.27 37.65
C THR G 238 -14.52 -4.63 36.27
N PRO G 239 -13.51 -3.74 36.18
CA PRO G 239 -13.13 -3.07 34.95
C PRO G 239 -12.32 -3.93 33.99
N ILE G 240 -12.47 -5.24 34.08
CA ILE G 240 -11.80 -6.18 33.18
C ILE G 240 -12.82 -6.65 32.15
N PHE G 241 -12.38 -6.89 30.92
CA PHE G 241 -13.30 -7.18 29.82
C PHE G 241 -13.21 -8.59 29.22
N ARG G 242 -14.16 -8.92 28.37
CA ARG G 242 -14.20 -10.21 27.71
C ARG G 242 -13.92 -10.01 26.24
N LYS G 243 -13.11 -10.87 25.64
CA LYS G 243 -12.78 -10.73 24.22
C LYS G 243 -13.68 -11.60 23.34
N ILE G 244 -14.40 -10.97 22.43
CA ILE G 244 -15.32 -11.61 21.49
C ILE G 244 -14.89 -11.27 20.09
N LEU G 245 -14.78 -12.28 19.24
CA LEU G 245 -14.34 -12.06 17.85
C LEU G 245 -15.50 -12.04 16.88
N GLU G 246 -15.87 -10.84 16.42
CA GLU G 246 -17.02 -10.67 15.52
C GLU G 246 -16.65 -11.03 14.07
N VAL G 247 -16.66 -12.33 13.76
CA VAL G 247 -16.13 -12.83 12.49
C VAL G 247 -16.60 -12.03 11.27
N ASN G 248 -15.65 -11.76 10.37
CA ASN G 248 -15.92 -11.02 9.14
C ASN G 248 -15.64 -11.89 7.92
N HIS G 249 -14.99 -13.02 8.15
CA HIS G 249 -14.69 -13.99 7.10
C HIS G 249 -14.01 -15.19 7.74
N ILE G 250 -14.37 -16.37 7.27
CA ILE G 250 -13.79 -17.61 7.78
C ILE G 250 -13.46 -18.53 6.61
N GLU G 251 -12.28 -19.16 6.68
CA GLU G 251 -11.79 -20.01 5.61
C GLU G 251 -11.05 -21.22 6.17
N PRO G 252 -11.46 -22.45 5.79
CA PRO G 252 -10.80 -23.68 6.24
C PRO G 252 -9.38 -23.83 5.70
N VAL G 253 -8.61 -24.72 6.30
CA VAL G 253 -7.26 -25.08 5.84
C VAL G 253 -6.87 -26.48 6.33
N SER G 254 -6.51 -27.35 5.39
CA SER G 254 -6.08 -28.69 5.75
C SER G 254 -4.56 -28.74 5.91
N LYS G 255 -4.11 -28.77 7.17
CA LYS G 255 -2.68 -28.78 7.49
C LYS G 255 -2.12 -30.20 7.51
N SER H 1 9.14 11.12 54.22
CA SER H 1 8.20 12.17 53.74
C SER H 1 8.89 13.08 52.73
N VAL H 2 8.66 12.79 51.45
CA VAL H 2 9.17 13.62 50.33
C VAL H 2 8.08 13.75 49.27
N ASP H 3 7.69 14.97 48.91
CA ASP H 3 6.64 15.18 47.93
C ASP H 3 7.12 14.87 46.52
N ARG H 4 6.16 14.72 45.60
CA ARG H 4 6.44 14.35 44.22
C ARG H 4 7.46 15.25 43.53
N GLU H 5 7.17 16.55 43.48
CA GLU H 5 8.01 17.52 42.78
C GLU H 5 9.49 17.16 42.86
N GLU H 6 10.00 17.15 44.09
CA GLU H 6 11.41 16.89 44.36
C GLU H 6 11.82 15.48 43.96
N MET H 7 10.93 14.51 44.20
CA MET H 7 11.22 13.12 43.88
C MET H 7 11.51 12.93 42.39
N ILE H 8 10.75 13.61 41.54
CA ILE H 8 10.97 13.57 40.08
C ILE H 8 12.38 14.03 39.73
N GLU H 9 12.80 15.15 40.34
CA GLU H 9 14.12 15.70 40.13
C GLU H 9 15.19 14.77 40.68
N ARG H 10 15.04 14.37 41.95
CA ARG H 10 16.00 13.48 42.61
C ARG H 10 16.18 12.17 41.85
N PHE H 11 15.11 11.71 41.22
CA PHE H 11 15.13 10.53 40.37
C PHE H 11 15.84 10.82 39.06
N ALA H 12 15.50 11.95 38.46
CA ALA H 12 16.18 12.42 37.24
C ALA H 12 17.68 12.36 37.49
N ASN H 13 18.13 13.07 38.51
CA ASN H 13 19.54 13.04 38.92
C ASN H 13 20.05 11.62 39.10
N PHE H 14 19.37 10.84 39.94
CA PHE H 14 19.76 9.45 40.18
C PHE H 14 20.13 8.71 38.89
N LEU H 15 19.23 8.77 37.91
CA LEU H 15 19.41 8.05 36.64
C LEU H 15 20.69 8.41 35.90
N ARG H 16 20.88 9.71 35.69
CA ARG H 16 21.98 10.20 34.89
C ARG H 16 23.29 10.29 35.69
N GLU H 17 23.18 10.43 37.02
CA GLU H 17 24.35 10.65 37.88
C GLU H 17 24.90 9.41 38.61
N TYR H 18 24.08 8.36 38.76
CA TYR H 18 24.52 7.13 39.42
C TYR H 18 25.58 6.41 38.59
N THR H 19 26.58 5.90 39.30
CA THR H 19 27.63 5.09 38.71
C THR H 19 27.98 4.00 39.71
N ASP H 20 28.09 2.77 39.25
CA ASP H 20 28.39 1.64 40.13
C ASP H 20 29.84 1.68 40.67
N GLU H 21 30.52 0.54 40.60
CA GLU H 21 31.89 0.42 41.07
C GLU H 21 32.91 0.61 39.93
N ASP H 22 32.40 0.79 38.72
CA ASP H 22 33.26 0.94 37.55
C ASP H 22 33.10 2.33 36.91
N GLY H 23 31.99 3.00 37.22
CA GLY H 23 31.66 4.27 36.60
C GLY H 23 30.53 4.14 35.60
N ASN H 24 29.90 2.96 35.58
CA ASN H 24 28.77 2.66 34.70
C ASN H 24 27.57 3.52 35.07
N PRO H 25 27.16 4.42 34.17
CA PRO H 25 25.90 5.11 34.43
C PRO H 25 24.71 4.22 34.06
N VAL H 26 24.85 2.91 34.33
CA VAL H 26 23.93 1.85 33.88
C VAL H 26 22.52 2.26 33.50
N TYR H 27 21.98 3.25 34.20
CA TYR H 27 20.62 3.73 33.92
C TYR H 27 20.54 4.56 32.65
N ARG H 28 21.63 5.24 32.30
CA ARG H 28 21.77 5.83 30.98
C ARG H 28 21.82 4.74 29.91
N GLY H 29 22.51 3.63 30.23
CA GLY H 29 22.59 2.48 29.35
C GLY H 29 21.29 1.70 29.22
N LYS H 30 20.38 1.94 30.16
CA LYS H 30 19.05 1.33 30.14
C LYS H 30 18.00 2.26 29.51
N ILE H 31 18.09 3.56 29.77
CA ILE H 31 17.29 4.56 29.06
C ILE H 31 17.55 4.47 27.54
N THR H 32 18.73 3.93 27.20
CA THR H 32 19.16 3.74 25.81
C THR H 32 18.42 2.58 25.15
N ASP H 33 18.34 1.44 25.81
CA ASP H 33 17.64 0.27 25.30
C ASP H 33 16.13 0.51 25.13
N LEU H 34 15.70 1.73 25.47
CA LEU H 34 14.31 2.16 25.25
C LEU H 34 14.07 2.59 23.82
N LEU H 35 15.14 3.02 23.15
CA LEU H 35 15.02 3.69 21.86
C LEU H 35 15.45 2.84 20.66
N THR H 36 15.90 1.61 20.91
CA THR H 36 16.43 0.75 19.85
C THR H 36 15.34 0.12 18.97
N ILE H 37 15.76 -0.83 18.14
CA ILE H 37 14.88 -1.57 17.22
C ILE H 37 13.77 -2.31 17.97
N THR H 38 14.17 -3.11 18.96
CA THR H 38 13.26 -3.86 19.80
C THR H 38 13.12 -3.15 21.15
N PRO H 39 12.25 -2.13 21.22
CA PRO H 39 12.18 -1.30 22.42
C PRO H 39 11.43 -1.96 23.57
N LYS H 40 11.92 -1.72 24.79
CA LYS H 40 11.23 -2.15 26.00
C LYS H 40 10.49 -0.94 26.57
N ARG H 41 9.41 -1.17 27.31
CA ARG H 41 8.63 -0.06 27.85
C ARG H 41 8.81 0.13 29.35
N SER H 42 9.92 -0.37 29.88
CA SER H 42 10.18 -0.26 31.31
C SER H 42 11.67 -0.24 31.66
N VAL H 43 12.01 0.51 32.69
CA VAL H 43 13.37 0.62 33.19
C VAL H 43 13.49 -0.06 34.55
N ALA H 44 14.17 -1.20 34.58
CA ALA H 44 14.33 -1.95 35.81
C ALA H 44 15.34 -1.24 36.73
N ILE H 45 14.88 -0.84 37.92
CA ILE H 45 15.74 -0.16 38.90
C ILE H 45 16.06 -1.07 40.08
N ASP H 46 17.34 -1.31 40.31
CA ASP H 46 17.80 -2.07 41.47
C ASP H 46 17.65 -1.14 42.66
N TRP H 47 16.98 -1.61 43.70
CA TRP H 47 16.70 -0.76 44.85
C TRP H 47 17.97 -0.42 45.61
N MET H 48 18.87 -1.40 45.69
CA MET H 48 20.14 -1.16 46.33
C MET H 48 20.89 0.00 45.66
N HIS H 49 20.81 0.07 44.32
CA HIS H 49 21.46 1.15 43.59
C HIS H 49 20.90 2.48 44.03
N LEU H 50 19.57 2.57 44.07
CA LEU H 50 18.89 3.77 44.56
C LEU H 50 19.30 4.11 45.98
N ASN H 51 19.32 3.09 46.85
CA ASN H 51 19.62 3.27 48.28
C ASN H 51 20.97 3.92 48.50
N SER H 52 22.01 3.33 47.91
CA SER H 52 23.39 3.79 48.11
C SER H 52 23.56 5.25 47.70
N PHE H 53 22.93 5.61 46.58
CA PHE H 53 22.96 6.96 46.04
C PHE H 53 22.13 7.92 46.91
N ASP H 54 20.90 7.51 47.20
CA ASP H 54 19.95 8.32 47.93
C ASP H 54 19.03 7.37 48.68
N SER H 55 19.36 7.12 49.94
CA SER H 55 18.61 6.16 50.76
C SER H 55 17.37 6.78 51.35
N GLU H 56 17.34 8.12 51.38
CA GLU H 56 16.17 8.86 51.86
C GLU H 56 14.99 8.78 50.86
N LEU H 57 15.31 8.64 49.58
CA LEU H 57 14.31 8.43 48.54
C LEU H 57 13.89 6.95 48.43
N ALA H 58 14.87 6.05 48.49
CA ALA H 58 14.64 4.62 48.43
C ALA H 58 13.68 4.16 49.51
N HIS H 59 13.68 4.91 50.62
CA HIS H 59 12.71 4.71 51.70
C HIS H 59 11.47 5.57 51.53
N GLU H 60 11.05 5.71 50.29
CA GLU H 60 9.82 6.39 49.94
C GLU H 60 9.10 5.59 48.89
N VAL H 61 9.84 5.00 47.96
CA VAL H 61 9.23 4.06 47.04
C VAL H 61 8.73 2.84 47.80
N ILE H 62 9.28 2.61 48.99
CA ILE H 62 8.79 1.53 49.84
C ILE H 62 7.62 2.00 50.67
N GLU H 63 7.76 3.16 51.28
CA GLU H 63 6.72 3.73 52.16
C GLU H 63 5.64 4.50 51.42
N ASN H 64 5.79 4.66 50.11
CA ASN H 64 4.82 5.37 49.31
C ASN H 64 4.94 5.05 47.82
N PRO H 65 4.79 3.76 47.44
CA PRO H 65 5.11 3.40 46.06
C PRO H 65 4.21 4.05 45.02
N GLU H 66 2.95 4.37 45.37
CA GLU H 66 2.08 5.06 44.41
C GLU H 66 2.67 6.41 43.95
N GLU H 67 3.14 7.23 44.88
CA GLU H 67 3.86 8.47 44.55
C GLU H 67 5.22 8.19 43.90
N GLY H 68 6.01 7.34 44.56
CA GLY H 68 7.38 7.00 44.16
C GLY H 68 7.53 6.47 42.75
N ILE H 69 6.77 5.42 42.41
CA ILE H 69 6.85 4.81 41.08
C ILE H 69 6.47 5.86 40.05
N SER H 70 5.32 6.50 40.29
CA SER H 70 4.81 7.58 39.45
C SER H 70 5.84 8.69 39.18
N ALA H 71 6.44 9.24 40.25
CA ALA H 71 7.47 10.28 40.16
C ALA H 71 8.69 9.83 39.36
N ALA H 72 9.12 8.59 39.61
CA ALA H 72 10.23 7.97 38.89
C ALA H 72 9.92 7.84 37.40
N GLU H 73 8.66 7.62 37.07
CA GLU H 73 8.22 7.50 35.67
C GLU H 73 8.13 8.85 34.96
N ASP H 74 7.92 9.94 35.71
CA ASP H 74 8.01 11.31 35.18
C ASP H 74 9.47 11.70 34.96
N ALA H 75 10.35 11.09 35.76
CA ALA H 75 11.77 11.35 35.68
C ALA H 75 12.37 10.74 34.42
N ILE H 76 12.01 9.50 34.11
CA ILE H 76 12.49 8.85 32.89
C ILE H 76 11.96 9.60 31.67
N GLN H 77 10.78 10.19 31.84
CA GLN H 77 10.13 10.99 30.80
C GLN H 77 10.96 12.24 30.48
N ILE H 78 11.45 12.90 31.53
CA ILE H 78 12.24 14.11 31.39
C ILE H 78 13.66 13.87 30.83
N VAL H 79 14.40 12.93 31.40
CA VAL H 79 15.75 12.62 30.92
C VAL H 79 15.76 12.01 29.50
N LEU H 80 14.58 11.83 28.94
CA LEU H 80 14.42 11.45 27.53
C LEU H 80 14.15 12.71 26.72
N ARG H 81 13.28 13.57 27.28
CA ARG H 81 12.85 14.81 26.66
C ARG H 81 14.01 15.81 26.53
N GLU H 82 14.88 15.83 27.52
CA GLU H 82 16.04 16.70 27.53
C GLU H 82 17.26 16.05 26.88
N ASP H 83 17.69 14.91 27.43
CA ASP H 83 18.96 14.29 27.05
C ASP H 83 18.94 13.50 25.73
N PHE H 84 17.77 13.35 25.12
CA PHE H 84 17.65 12.58 23.89
C PHE H 84 16.65 13.20 22.91
N GLN H 85 16.08 14.34 23.29
CA GLN H 85 15.10 15.08 22.49
C GLN H 85 13.86 14.27 22.08
N ARG H 86 13.70 13.09 22.66
CA ARG H 86 12.57 12.22 22.36
C ARG H 86 11.39 12.57 23.25
N GLU H 87 10.22 12.75 22.63
CA GLU H 87 8.98 13.03 23.35
C GLU H 87 7.89 12.15 22.76
N ASP H 88 8.21 11.53 21.63
CA ASP H 88 7.30 10.65 20.91
C ASP H 88 7.06 9.32 21.63
N VAL H 89 8.08 8.81 22.32
CA VAL H 89 7.97 7.57 23.09
C VAL H 89 6.74 7.64 24.00
N GLY H 90 6.07 6.51 24.16
CA GLY H 90 4.90 6.42 25.03
C GLY H 90 5.27 6.49 26.50
N LYS H 91 4.59 5.69 27.32
CA LYS H 91 4.86 5.63 28.75
C LYS H 91 5.84 4.52 29.07
N ILE H 92 6.77 4.81 29.97
CA ILE H 92 7.77 3.85 30.41
C ILE H 92 7.59 3.56 31.90
N HIS H 93 7.65 2.27 32.25
CA HIS H 93 7.41 1.82 33.61
C HIS H 93 8.68 1.83 34.46
N ALA H 94 8.57 2.33 35.68
CA ALA H 94 9.67 2.28 36.64
C ALA H 94 9.40 1.10 37.56
N ARG H 95 10.12 0.01 37.34
CA ARG H 95 9.90 -1.23 38.06
C ARG H 95 11.06 -1.51 38.99
N PHE H 96 10.81 -1.43 40.31
CA PHE H 96 11.86 -1.64 41.32
C PHE H 96 12.02 -3.10 41.61
N TYR H 97 13.23 -3.52 41.91
CA TYR H 97 13.47 -4.89 42.32
C TYR H 97 14.57 -4.94 43.34
N ASN H 98 14.74 -6.11 43.96
CA ASN H 98 15.82 -6.31 44.90
C ASN H 98 15.75 -5.34 46.10
N LEU H 99 14.69 -5.46 46.88
CA LEU H 99 14.49 -4.66 48.08
C LEU H 99 15.16 -5.33 49.26
N PRO H 100 15.16 -4.66 50.43
CA PRO H 100 15.82 -5.22 51.61
C PRO H 100 15.00 -6.33 52.29
N GLU H 101 13.82 -5.96 52.79
CA GLU H 101 12.90 -6.87 53.46
C GLU H 101 12.20 -7.74 52.41
N THR H 102 12.50 -9.03 52.42
CA THR H 102 11.86 -9.94 51.48
C THR H 102 10.88 -10.88 52.20
N LEU H 103 9.60 -10.48 52.21
CA LEU H 103 8.52 -11.17 52.93
C LEU H 103 8.16 -12.55 52.42
N MET H 104 7.40 -13.25 53.25
CA MET H 104 6.82 -14.55 52.91
C MET H 104 5.34 -14.24 52.79
N VAL H 105 4.66 -14.88 51.84
CA VAL H 105 3.22 -14.69 51.66
C VAL H 105 2.48 -14.70 53.00
N LYS H 106 2.82 -15.65 53.87
CA LYS H 106 2.16 -15.81 55.19
C LYS H 106 2.37 -14.63 56.15
N ASP H 107 3.53 -13.98 56.04
CA ASP H 107 3.86 -12.86 56.90
C ASP H 107 3.26 -11.54 56.40
N ILE H 108 2.84 -11.51 55.13
CA ILE H 108 2.25 -10.32 54.57
C ILE H 108 1.04 -9.96 55.44
N GLY H 109 1.01 -8.75 55.95
CA GLY H 109 -0.02 -8.40 56.88
C GLY H 109 -0.45 -6.97 56.68
N ALA H 110 -1.42 -6.56 57.50
CA ALA H 110 -2.03 -5.23 57.45
C ALA H 110 -1.00 -4.13 57.53
N GLU H 111 0.10 -4.38 58.22
CA GLU H 111 1.18 -3.40 58.31
C GLU H 111 1.67 -2.95 56.92
N HIS H 112 1.69 -3.87 55.95
CA HIS H 112 2.22 -3.54 54.64
C HIS H 112 1.22 -3.00 53.67
N ILE H 113 0.03 -2.62 54.14
CA ILE H 113 -0.99 -2.08 53.23
C ILE H 113 -0.41 -0.85 52.57
N ASN H 114 -0.55 -0.80 51.25
CA ASN H 114 -0.09 0.33 50.43
C ASN H 114 1.41 0.63 50.50
N LYS H 115 2.19 -0.31 50.99
CA LYS H 115 3.63 -0.13 50.97
C LYS H 115 4.15 -1.08 49.92
N LEU H 116 5.22 -0.72 49.22
CA LEU H 116 5.83 -1.67 48.28
C LEU H 116 6.46 -2.78 49.08
N ILE H 117 6.07 -4.02 48.80
CA ILE H 117 6.72 -5.17 49.43
C ILE H 117 7.43 -6.03 48.40
N GLN H 118 8.31 -6.89 48.89
CA GLN H 118 8.92 -7.89 48.03
C GLN H 118 8.42 -9.22 48.53
N VAL H 119 8.06 -10.11 47.61
CA VAL H 119 7.67 -11.48 47.99
C VAL H 119 8.30 -12.52 47.09
N GLU H 120 8.99 -13.48 47.71
CA GLU H 120 9.40 -14.66 46.98
C GLU H 120 8.30 -15.66 47.14
N GLY H 121 8.09 -16.46 46.11
CA GLY H 121 7.18 -17.61 46.21
C GLY H 121 7.11 -18.43 44.93
N ILE H 122 6.11 -19.30 44.85
CA ILE H 122 5.89 -20.04 43.63
C ILE H 122 4.48 -19.73 43.06
N VAL H 123 4.44 -19.36 41.78
CA VAL H 123 3.23 -19.14 41.01
C VAL H 123 2.40 -20.41 40.81
N THR H 124 1.19 -20.42 41.35
CA THR H 124 0.32 -21.57 41.26
C THR H 124 -0.74 -21.40 40.17
N ARG H 125 -0.99 -20.18 39.75
CA ARG H 125 -2.04 -19.89 38.79
C ARG H 125 -1.69 -18.70 37.93
N VAL H 126 -2.19 -18.71 36.69
CA VAL H 126 -2.18 -17.53 35.83
C VAL H 126 -3.47 -17.44 35.01
N GLY H 127 -4.07 -16.25 34.96
CA GLY H 127 -5.34 -16.05 34.26
C GLY H 127 -5.15 -15.71 32.79
N GLU H 128 -6.26 -15.61 32.07
CA GLU H 128 -6.22 -15.21 30.67
C GLU H 128 -5.75 -13.76 30.57
N ILE H 129 -5.21 -13.41 29.41
CA ILE H 129 -4.73 -12.06 29.18
C ILE H 129 -5.91 -11.18 28.74
N LYS H 130 -6.50 -10.46 29.68
CA LYS H 130 -7.71 -9.70 29.40
C LYS H 130 -7.43 -8.23 29.35
N PRO H 131 -8.18 -7.48 28.51
CA PRO H 131 -8.10 -6.02 28.39
C PRO H 131 -8.65 -5.28 29.59
N PHE H 132 -7.87 -4.39 30.17
CA PHE H 132 -8.31 -3.65 31.33
C PHE H 132 -8.44 -2.20 30.95
N VAL H 133 -9.57 -1.60 31.30
CA VAL H 133 -9.81 -0.18 30.97
C VAL H 133 -9.09 0.79 31.91
N SER H 134 -7.83 1.08 31.61
CA SER H 134 -7.03 1.99 32.44
C SER H 134 -7.67 3.37 32.62
N VAL H 135 -8.23 3.90 31.54
CA VAL H 135 -8.88 5.20 31.56
C VAL H 135 -10.21 5.12 30.85
N ALA H 136 -11.29 5.07 31.62
CA ALA H 136 -12.64 4.94 31.08
C ALA H 136 -13.16 6.29 30.63
N VAL H 137 -13.49 6.39 29.35
CA VAL H 137 -14.04 7.60 28.76
C VAL H 137 -15.55 7.44 28.53
N PHE H 138 -16.33 8.12 29.37
CA PHE H 138 -17.79 8.10 29.25
C PHE H 138 -18.28 9.18 28.29
N VAL H 139 -19.28 8.82 27.48
CA VAL H 139 -19.88 9.77 26.53
C VAL H 139 -21.39 9.88 26.77
N CYS H 140 -21.87 11.12 26.75
CA CYS H 140 -23.29 11.44 26.89
C CYS H 140 -23.98 11.29 25.55
N LYS H 141 -25.16 10.68 25.55
CA LYS H 141 -25.93 10.52 24.31
C LYS H 141 -27.07 11.52 24.18
N ASP H 142 -26.94 12.65 24.89
CA ASP H 142 -27.90 13.74 24.82
C ASP H 142 -27.22 15.03 24.35
N CYS H 143 -26.03 15.31 24.88
CA CYS H 143 -25.26 16.49 24.49
C CYS H 143 -23.87 16.13 23.95
N GLY H 144 -23.50 14.85 24.07
CA GLY H 144 -22.22 14.37 23.55
C GLY H 144 -21.02 14.79 24.38
N HIS H 145 -21.25 15.18 25.63
CA HIS H 145 -20.17 15.60 26.53
C HIS H 145 -19.29 14.41 26.89
N GLU H 146 -17.98 14.66 26.98
CA GLU H 146 -17.00 13.63 27.32
C GLU H 146 -16.49 13.75 28.76
N MET H 147 -16.45 12.63 29.47
CA MET H 147 -15.97 12.56 30.84
C MET H 147 -14.91 11.50 31.00
N ILE H 148 -13.77 11.89 31.57
CA ILE H 148 -12.63 10.99 31.76
C ILE H 148 -12.53 10.55 33.22
N VAL H 149 -12.54 9.23 33.44
CA VAL H 149 -12.35 8.65 34.77
C VAL H 149 -11.32 7.53 34.71
N PRO H 150 -10.18 7.70 35.42
CA PRO H 150 -9.15 6.68 35.49
C PRO H 150 -9.59 5.54 36.39
N GLN H 151 -9.34 4.32 35.96
CA GLN H 151 -9.76 3.14 36.71
C GLN H 151 -8.58 2.44 37.38
N LYS H 152 -8.89 1.68 38.41
CA LYS H 152 -7.90 1.00 39.19
C LYS H 152 -8.18 -0.50 39.09
N PRO H 153 -7.20 -1.31 38.62
CA PRO H 153 -7.38 -2.73 38.27
C PRO H 153 -7.85 -3.65 39.40
N TYR H 154 -7.77 -3.19 40.65
CA TYR H 154 -8.29 -3.97 41.77
C TYR H 154 -9.66 -3.50 42.23
N GLU H 155 -9.85 -2.18 42.24
CA GLU H 155 -11.12 -1.55 42.58
C GLU H 155 -12.16 -1.90 41.52
N SER H 156 -13.42 -1.96 41.93
CA SER H 156 -14.53 -2.17 40.99
C SER H 156 -14.65 -0.99 40.02
N LEU H 157 -15.31 -1.22 38.89
CA LEU H 157 -15.51 -0.17 37.88
C LEU H 157 -16.26 1.03 38.44
N GLU H 158 -15.66 2.21 38.30
CA GLU H 158 -16.28 3.44 38.78
C GLU H 158 -16.96 4.14 37.60
N LYS H 159 -18.28 4.03 37.54
CA LYS H 159 -19.07 4.65 36.48
C LYS H 159 -19.43 6.09 36.86
N VAL H 160 -20.33 6.69 36.09
CA VAL H 160 -20.93 7.98 36.43
C VAL H 160 -22.37 8.02 35.90
N LYS H 161 -23.32 8.20 36.82
CA LYS H 161 -24.75 8.08 36.51
C LYS H 161 -25.40 9.37 36.00
N LYS H 162 -24.69 10.49 36.08
CA LYS H 162 -25.23 11.78 35.66
C LYS H 162 -24.20 12.61 34.89
N CYS H 163 -24.65 13.22 33.79
CA CYS H 163 -23.80 14.02 32.93
C CYS H 163 -23.26 15.24 33.66
N GLU H 164 -21.99 15.54 33.42
CA GLU H 164 -21.33 16.68 34.05
C GLU H 164 -21.81 18.00 33.43
N GLN H 165 -22.16 17.96 32.15
CA GLN H 165 -22.59 19.15 31.43
C GLN H 165 -24.11 19.37 31.51
N CYS H 166 -24.88 18.49 30.89
CA CYS H 166 -26.34 18.66 30.81
C CYS H 166 -27.10 17.94 31.92
N GLY H 167 -26.41 17.08 32.67
CA GLY H 167 -27.03 16.35 33.77
C GLY H 167 -27.97 15.24 33.35
N SER H 168 -27.87 14.84 32.08
CA SER H 168 -28.69 13.74 31.55
C SER H 168 -28.17 12.39 32.05
N LYS H 169 -29.05 11.63 32.68
CA LYS H 169 -28.72 10.30 33.19
C LYS H 169 -28.73 9.25 32.06
N ASN H 170 -28.17 9.65 30.92
CA ASN H 170 -28.05 8.81 29.74
C ASN H 170 -26.59 8.78 29.31
N ILE H 171 -25.77 8.09 30.09
CA ILE H 171 -24.33 8.00 29.83
C ILE H 171 -23.94 6.56 29.51
N GLU H 172 -22.99 6.41 28.59
CA GLU H 172 -22.46 5.11 28.20
C GLU H 172 -20.94 5.15 28.11
N LEU H 173 -20.32 3.98 28.20
CA LEU H 173 -18.88 3.86 28.03
C LEU H 173 -18.54 3.73 26.55
N ASP H 174 -17.69 4.63 26.06
CA ASP H 174 -17.20 4.58 24.70
C ASP H 174 -15.91 3.76 24.62
N VAL H 175 -16.03 2.56 24.06
CA VAL H 175 -14.89 1.65 23.94
C VAL H 175 -13.69 2.31 23.25
N ASN H 176 -13.92 2.95 22.10
CA ASN H 176 -12.83 3.51 21.30
C ASN H 176 -12.04 4.62 22.01
N LYS H 177 -12.74 5.56 22.60
CA LYS H 177 -12.12 6.70 23.28
C LYS H 177 -11.39 6.31 24.56
N SER H 178 -11.75 5.16 25.14
CA SER H 178 -11.12 4.65 26.36
C SER H 178 -9.77 4.01 26.12
N SER H 179 -8.96 3.99 27.18
CA SER H 179 -7.66 3.35 27.13
C SER H 179 -7.69 1.96 27.76
N PHE H 180 -7.23 0.98 26.99
CA PHE H 180 -7.10 -0.37 27.48
C PHE H 180 -5.65 -0.80 27.52
N VAL H 181 -5.36 -1.68 28.46
CA VAL H 181 -4.04 -2.24 28.59
C VAL H 181 -4.26 -3.70 28.84
N ASN H 182 -3.30 -4.53 28.45
CA ASN H 182 -3.36 -5.93 28.80
C ASN H 182 -3.33 -6.08 30.32
N PHE H 183 -4.00 -7.13 30.77
CA PHE H 183 -4.13 -7.46 32.18
C PHE H 183 -4.01 -8.98 32.35
N GLN H 184 -3.37 -9.41 33.42
CA GLN H 184 -3.35 -10.84 33.77
C GLN H 184 -3.28 -11.03 35.27
N SER H 185 -4.21 -11.83 35.79
CA SER H 185 -4.13 -12.26 37.19
C SER H 185 -3.30 -13.56 37.35
N PHE H 186 -2.78 -13.73 38.56
CA PHE H 186 -1.96 -14.87 38.94
C PHE H 186 -1.90 -15.09 40.47
N ARG H 187 -1.68 -16.34 40.85
CA ARG H 187 -1.55 -16.73 42.26
C ARG H 187 -0.15 -17.19 42.57
N ILE H 188 0.33 -16.89 43.78
CA ILE H 188 1.58 -17.44 44.30
C ILE H 188 1.44 -17.68 45.77
N GLN H 189 2.08 -18.75 46.24
CA GLN H 189 2.00 -19.12 47.64
C GLN H 189 3.42 -19.40 48.05
N ASP H 190 3.67 -19.31 49.36
CA ASP H 190 4.94 -19.73 49.92
C ASP H 190 5.13 -21.21 49.56
N ARG H 191 6.35 -21.60 49.24
CA ARG H 191 6.54 -22.99 48.88
C ARG H 191 6.33 -23.78 50.15
N PRO H 192 5.69 -24.95 50.04
CA PRO H 192 5.49 -25.80 51.21
C PRO H 192 6.80 -26.26 51.84
N GLU H 193 7.81 -26.55 51.01
CA GLU H 193 9.11 -27.00 51.52
C GLU H 193 9.66 -26.15 52.67
N THR H 194 9.22 -24.90 52.76
CA THR H 194 9.68 -23.98 53.81
C THR H 194 8.60 -23.70 54.82
N LEU H 195 7.70 -24.65 55.01
CA LEU H 195 6.73 -24.55 56.10
C LEU H 195 7.00 -25.64 57.11
N LYS H 196 6.14 -25.73 58.12
CA LYS H 196 6.36 -26.61 59.23
C LYS H 196 5.13 -27.45 59.46
N GLY H 197 5.39 -28.75 59.64
CA GLY H 197 4.37 -29.77 59.92
C GLY H 197 2.97 -29.43 59.43
N GLY H 198 2.09 -29.11 60.35
CA GLY H 198 0.69 -28.91 60.02
C GLY H 198 0.27 -27.50 59.63
N GLU H 199 1.12 -26.78 58.91
CA GLU H 199 0.78 -25.46 58.40
C GLU H 199 -0.03 -25.54 57.10
N MET H 200 -0.88 -24.54 56.87
CA MET H 200 -1.65 -24.41 55.63
C MET H 200 -0.91 -23.39 54.75
N PRO H 201 -0.33 -23.85 53.61
CA PRO H 201 0.38 -22.87 52.81
C PRO H 201 -0.57 -21.79 52.41
N ARG H 202 -0.16 -20.54 52.61
CA ARG H 202 -1.01 -19.37 52.33
C ARG H 202 -0.65 -18.74 50.99
N PHE H 203 -1.66 -18.47 50.19
CA PHE H 203 -1.43 -17.89 48.88
C PHE H 203 -1.87 -16.43 48.79
N ILE H 204 -1.44 -15.78 47.72
CA ILE H 204 -1.89 -14.44 47.39
C ILE H 204 -2.08 -14.25 45.89
N ASP H 205 -3.22 -13.65 45.56
CA ASP H 205 -3.51 -13.14 44.20
C ASP H 205 -2.89 -11.75 43.92
N GLY H 206 -2.48 -11.60 42.66
CA GLY H 206 -1.71 -10.50 42.21
C GLY H 206 -2.11 -10.18 40.78
N ILE H 207 -1.77 -8.95 40.39
CA ILE H 207 -2.14 -8.37 39.11
C ILE H 207 -0.88 -7.95 38.36
N LEU H 208 -0.90 -8.15 37.04
CA LEU H 208 0.18 -7.70 36.18
C LEU H 208 -0.48 -6.88 35.08
N LEU H 209 0.24 -5.86 34.60
CA LEU H 209 -0.25 -5.04 33.51
C LEU H 209 0.81 -4.87 32.42
N ASP H 210 0.39 -4.27 31.30
CA ASP H 210 1.28 -3.95 30.18
C ASP H 210 2.35 -5.00 29.86
N ASP H 211 3.60 -4.55 29.87
CA ASP H 211 4.77 -5.35 29.54
C ASP H 211 5.03 -6.56 30.44
N ILE H 212 4.69 -6.47 31.72
CA ILE H 212 4.91 -7.58 32.65
C ILE H 212 3.82 -8.67 32.58
N VAL H 213 2.87 -8.48 31.68
CA VAL H 213 1.84 -9.48 31.43
C VAL H 213 2.50 -10.71 30.81
N ASP H 214 1.93 -11.88 31.06
CA ASP H 214 2.41 -13.13 30.48
C ASP H 214 3.93 -13.31 30.61
N VAL H 215 4.46 -13.09 31.81
CA VAL H 215 5.89 -13.29 32.08
C VAL H 215 6.17 -14.58 32.86
N ALA H 216 5.16 -15.11 33.56
CA ALA H 216 5.32 -16.34 34.33
C ALA H 216 4.27 -17.39 34.05
N LEU H 217 4.63 -18.63 34.28
CA LEU H 217 3.72 -19.73 34.09
C LEU H 217 3.52 -20.47 35.42
N PRO H 218 2.41 -21.20 35.55
CA PRO H 218 2.23 -21.97 36.76
C PRO H 218 3.38 -22.95 37.00
N GLY H 219 4.06 -22.75 38.13
CA GLY H 219 5.19 -23.61 38.53
C GLY H 219 6.53 -22.91 38.62
N ASP H 220 6.53 -21.59 38.43
CA ASP H 220 7.75 -20.77 38.40
C ASP H 220 8.02 -20.18 39.76
N ARG H 221 9.22 -20.36 40.28
CA ARG H 221 9.63 -19.61 41.46
C ARG H 221 9.86 -18.19 41.01
N VAL H 222 9.31 -17.22 41.71
CA VAL H 222 9.46 -15.84 41.30
C VAL H 222 9.74 -15.00 42.51
N ILE H 223 10.30 -13.82 42.29
CA ILE H 223 10.49 -12.85 43.36
C ILE H 223 9.85 -11.59 42.88
N VAL H 224 8.61 -11.41 43.30
CA VAL H 224 7.85 -10.27 42.85
C VAL H 224 7.98 -9.08 43.82
N THR H 225 7.86 -7.88 43.29
CA THR H 225 7.82 -6.70 44.11
C THR H 225 6.47 -6.13 43.82
N GLY H 226 5.90 -5.31 44.68
CA GLY H 226 4.60 -4.71 44.35
C GLY H 226 3.95 -3.96 45.48
N ILE H 227 2.75 -3.45 45.22
CA ILE H 227 2.01 -2.80 46.26
C ILE H 227 0.89 -3.70 46.79
N LEU H 228 0.93 -3.91 48.11
CA LEU H 228 -0.11 -4.61 48.81
C LEU H 228 -1.40 -3.77 48.76
N ARG H 229 -2.44 -4.35 48.16
CA ARG H 229 -3.72 -3.68 48.06
C ARG H 229 -4.76 -4.45 48.84
N VAL H 230 -5.83 -3.78 49.24
CA VAL H 230 -6.87 -4.44 50.00
C VAL H 230 -8.21 -4.16 49.41
N VAL H 231 -9.06 -5.17 49.40
CA VAL H 231 -10.42 -5.06 48.90
C VAL H 231 -11.35 -5.82 49.87
N LEU H 232 -12.66 -5.90 49.58
CA LEU H 232 -13.59 -6.64 50.44
C LEU H 232 -13.88 -8.04 49.93
N GLU H 233 -14.58 -8.85 50.73
CA GLU H 233 -14.85 -10.22 50.35
C GLU H 233 -16.20 -10.36 49.65
N LYS H 234 -16.22 -11.16 48.58
CA LYS H 234 -17.41 -11.44 47.73
C LYS H 234 -18.60 -10.50 48.00
N ARG H 235 -19.41 -10.90 48.98
CA ARG H 235 -20.67 -10.23 49.33
C ARG H 235 -20.50 -8.83 49.93
N GLU H 236 -19.29 -8.52 50.39
CA GLU H 236 -18.94 -7.18 50.91
C GLU H 236 -19.74 -6.77 52.16
N LYS H 237 -19.78 -7.64 53.17
CA LYS H 237 -20.61 -7.36 54.35
C LYS H 237 -19.88 -7.10 55.68
N THR H 238 -18.58 -7.40 55.70
CA THR H 238 -17.77 -7.35 56.92
C THR H 238 -16.65 -6.26 56.88
N PRO H 239 -15.97 -5.99 58.02
CA PRO H 239 -14.79 -5.12 57.97
C PRO H 239 -13.45 -5.85 57.68
N ILE H 240 -13.53 -7.11 57.25
CA ILE H 240 -12.35 -7.91 56.93
C ILE H 240 -12.02 -7.84 55.42
N PHE H 241 -10.76 -7.57 55.08
CA PHE H 241 -10.40 -7.24 53.69
C PHE H 241 -9.61 -8.35 52.99
N ARG H 242 -9.37 -8.19 51.68
CA ARG H 242 -8.70 -9.21 50.87
C ARG H 242 -7.38 -8.66 50.31
N LYS H 243 -6.25 -9.31 50.61
CA LYS H 243 -4.95 -8.79 50.15
C LYS H 243 -4.65 -9.13 48.69
N ILE H 244 -4.49 -8.06 47.88
CA ILE H 244 -4.13 -8.18 46.48
C ILE H 244 -2.79 -7.52 46.27
N LEU H 245 -1.92 -8.14 45.49
CA LEU H 245 -0.59 -7.58 45.22
C LEU H 245 -0.50 -7.04 43.81
N GLU H 246 -0.52 -5.72 43.69
CA GLU H 246 -0.37 -5.05 42.40
C GLU H 246 1.11 -5.09 42.04
N VAL H 247 1.52 -6.14 41.32
CA VAL H 247 2.93 -6.37 40.99
C VAL H 247 3.59 -5.18 40.28
N ASN H 248 4.72 -4.74 40.85
CA ASN H 248 5.51 -3.64 40.27
C ASN H 248 6.71 -4.13 39.50
N HIS H 249 7.11 -5.36 39.76
CA HIS H 249 8.26 -5.97 39.08
C HIS H 249 8.25 -7.45 39.42
N ILE H 250 8.64 -8.26 38.45
CA ILE H 250 8.68 -9.71 38.62
C ILE H 250 9.95 -10.23 37.97
N GLU H 251 10.54 -11.26 38.58
CA GLU H 251 11.86 -11.76 38.19
C GLU H 251 12.00 -13.21 38.61
N PRO H 252 12.35 -14.10 37.66
CA PRO H 252 12.48 -15.53 37.96
C PRO H 252 13.73 -15.83 38.76
N VAL H 253 13.79 -17.03 39.33
CA VAL H 253 14.96 -17.55 40.05
C VAL H 253 14.95 -19.08 40.00
N SER H 254 16.08 -19.67 39.65
CA SER H 254 16.20 -21.14 39.60
C SER H 254 16.94 -21.70 40.83
N LYS H 255 16.17 -22.14 41.81
CA LYS H 255 16.73 -22.65 43.08
C LYS H 255 17.26 -24.08 42.96
N SER I 1 -19.32 -3.14 91.20
CA SER I 1 -19.68 -1.86 90.51
C SER I 1 -18.64 -0.76 90.78
N VAL I 2 -17.72 -0.60 89.84
CA VAL I 2 -16.70 0.46 89.91
C VAL I 2 -16.63 1.16 88.55
N ASP I 3 -16.72 2.49 88.57
CA ASP I 3 -16.63 3.27 87.34
C ASP I 3 -15.18 3.38 86.86
N ARG I 4 -15.00 3.75 85.59
CA ARG I 4 -13.70 3.80 84.92
C ARG I 4 -12.62 4.59 85.66
N GLU I 5 -12.90 5.85 85.96
CA GLU I 5 -11.96 6.80 86.58
C GLU I 5 -11.11 6.18 87.69
N GLU I 6 -11.79 5.56 88.66
CA GLU I 6 -11.15 4.93 89.80
C GLU I 6 -10.36 3.68 89.41
N MET I 7 -10.94 2.88 88.51
CA MET I 7 -10.32 1.65 88.02
C MET I 7 -8.95 1.93 87.40
N ILE I 8 -8.88 2.97 86.57
CA ILE I 8 -7.60 3.42 85.98
C ILE I 8 -6.56 3.57 87.07
N GLU I 9 -6.92 4.31 88.13
CA GLU I 9 -6.02 4.57 89.25
C GLU I 9 -5.68 3.32 90.04
N ARG I 10 -6.70 2.54 90.38
CA ARG I 10 -6.50 1.28 91.10
C ARG I 10 -5.55 0.36 90.34
N PHE I 11 -5.73 0.30 89.02
CA PHE I 11 -4.86 -0.48 88.14
C PHE I 11 -3.44 0.06 88.14
N ALA I 12 -3.31 1.39 87.97
CA ALA I 12 -2.01 2.05 88.01
C ALA I 12 -1.26 1.63 89.27
N ASN I 13 -1.92 1.78 90.41
CA ASN I 13 -1.39 1.32 91.69
C ASN I 13 -1.03 -0.16 91.65
N PHE I 14 -1.98 -1.01 91.27
CA PHE I 14 -1.73 -2.44 91.18
C PHE I 14 -0.37 -2.72 90.52
N LEU I 15 -0.20 -2.19 89.31
CA LEU I 15 0.99 -2.44 88.49
C LEU I 15 2.31 -2.10 89.21
N ARG I 16 2.37 -0.90 89.77
CA ARG I 16 3.60 -0.41 90.40
C ARG I 16 3.77 -0.90 91.85
N GLU I 17 2.66 -1.27 92.49
CA GLU I 17 2.67 -1.62 93.91
C GLU I 17 2.67 -3.12 94.21
N TYR I 18 2.11 -3.92 93.30
CA TYR I 18 2.06 -5.38 93.51
C TYR I 18 3.44 -5.98 93.63
N THR I 19 3.58 -6.90 94.58
CA THR I 19 4.80 -7.67 94.78
C THR I 19 4.39 -9.10 95.13
N ASP I 20 5.02 -10.07 94.47
CA ASP I 20 4.68 -11.49 94.71
C ASP I 20 5.14 -12.00 96.08
N GLU I 21 5.74 -13.18 96.11
CA GLU I 21 6.24 -13.80 97.33
C GLU I 21 7.71 -13.47 97.61
N ASP I 22 8.31 -12.67 96.73
CA ASP I 22 9.74 -12.33 96.83
C ASP I 22 9.99 -10.82 96.84
N GLY I 23 8.93 -10.05 96.65
CA GLY I 23 9.04 -8.59 96.54
C GLY I 23 9.18 -8.13 95.10
N ASN I 24 8.96 -9.05 94.16
CA ASN I 24 9.05 -8.76 92.73
C ASN I 24 7.88 -7.93 92.25
N PRO I 25 8.14 -6.67 91.85
CA PRO I 25 7.07 -5.87 91.26
C PRO I 25 6.87 -6.26 89.79
N VAL I 26 6.93 -7.57 89.53
CA VAL I 26 6.92 -8.17 88.18
C VAL I 26 6.32 -7.32 87.07
N TYR I 27 5.24 -6.61 87.37
CA TYR I 27 4.56 -5.77 86.39
C TYR I 27 5.38 -4.56 85.97
N ARG I 28 6.18 -4.04 86.90
CA ARG I 28 7.22 -3.07 86.55
C ARG I 28 8.24 -3.71 85.60
N GLY I 29 8.56 -4.97 85.86
CA GLY I 29 9.45 -5.75 84.99
C GLY I 29 8.84 -6.03 83.63
N LYS I 30 7.51 -5.96 83.55
CA LYS I 30 6.80 -6.16 82.29
C LYS I 30 6.56 -4.87 81.54
N ILE I 31 6.28 -3.78 82.26
CA ILE I 31 6.20 -2.45 81.66
C ILE I 31 7.60 -2.04 81.14
N THR I 32 8.61 -2.82 81.53
CA THR I 32 9.99 -2.63 81.08
C THR I 32 10.26 -3.29 79.73
N ASP I 33 9.82 -4.54 79.59
CA ASP I 33 9.94 -5.29 78.34
C ASP I 33 9.07 -4.66 77.24
N LEU I 34 8.56 -3.46 77.53
CA LEU I 34 7.75 -2.69 76.58
C LEU I 34 8.57 -1.63 75.84
N LEU I 35 9.75 -1.32 76.37
CA LEU I 35 10.58 -0.23 75.83
C LEU I 35 11.90 -0.71 75.23
N THR I 36 12.13 -2.01 75.28
CA THR I 36 13.39 -2.61 74.82
C THR I 36 13.49 -2.71 73.30
N ILE I 37 14.58 -3.32 72.84
CA ILE I 37 14.90 -3.50 71.42
C ILE I 37 13.78 -4.18 70.63
N THR I 38 13.38 -5.36 71.10
CA THR I 38 12.29 -6.12 70.51
C THR I 38 11.03 -5.91 71.36
N PRO I 39 10.32 -4.77 71.15
CA PRO I 39 9.22 -4.39 72.03
C PRO I 39 7.97 -5.23 71.84
N LYS I 40 7.32 -5.55 72.96
CA LYS I 40 6.01 -6.18 72.96
C LYS I 40 4.97 -5.07 73.07
N ARG I 41 3.75 -5.35 72.62
CA ARG I 41 2.67 -4.36 72.69
C ARG I 41 1.57 -4.75 73.68
N SER I 42 1.87 -5.70 74.58
CA SER I 42 0.90 -6.17 75.57
C SER I 42 1.50 -6.60 76.91
N VAL I 43 0.76 -6.34 77.99
CA VAL I 43 1.14 -6.73 79.36
C VAL I 43 0.24 -7.86 79.89
N ALA I 44 0.82 -9.05 80.03
CA ALA I 44 0.08 -10.23 80.49
C ALA I 44 -0.14 -10.20 82.01
N ILE I 45 -1.34 -9.80 82.42
CA ILE I 45 -1.69 -9.77 83.85
C ILE I 45 -2.32 -11.09 84.28
N ASP I 46 -1.73 -11.72 85.30
CA ASP I 46 -2.33 -12.90 85.92
C ASP I 46 -3.49 -12.45 86.80
N TRP I 47 -4.67 -13.02 86.56
CA TRP I 47 -5.87 -12.64 87.29
C TRP I 47 -5.71 -12.86 88.80
N MET I 48 -5.07 -13.97 89.16
CA MET I 48 -4.82 -14.34 90.56
C MET I 48 -3.96 -13.32 91.29
N HIS I 49 -3.04 -12.70 90.56
CA HIS I 49 -2.22 -11.64 91.12
C HIS I 49 -3.08 -10.41 91.40
N LEU I 50 -3.96 -10.10 90.46
CA LEU I 50 -4.84 -8.95 90.57
C LEU I 50 -5.84 -9.16 91.70
N ASN I 51 -6.35 -10.39 91.78
CA ASN I 51 -7.33 -10.82 92.78
C ASN I 51 -6.83 -10.68 94.22
N SER I 52 -5.65 -11.22 94.50
CA SER I 52 -5.09 -11.18 95.85
C SER I 52 -4.74 -9.75 96.30
N PHE I 53 -4.38 -8.88 95.35
CA PHE I 53 -4.09 -7.47 95.64
C PHE I 53 -5.38 -6.67 95.72
N ASP I 54 -6.30 -6.92 94.79
CA ASP I 54 -7.55 -6.21 94.71
C ASP I 54 -8.61 -7.10 94.06
N SER I 55 -9.26 -7.94 94.85
CA SER I 55 -10.28 -8.88 94.36
C SER I 55 -11.60 -8.22 93.97
N GLU I 56 -11.80 -6.99 94.46
CA GLU I 56 -13.00 -6.20 94.18
C GLU I 56 -12.92 -5.57 92.79
N LEU I 57 -11.70 -5.52 92.24
CA LEU I 57 -11.48 -5.05 90.88
C LEU I 57 -11.42 -6.26 89.93
N ALA I 58 -10.82 -7.35 90.42
CA ALA I 58 -10.72 -8.60 89.67
C ALA I 58 -12.10 -9.11 89.29
N HIS I 59 -13.07 -8.79 90.12
CA HIS I 59 -14.46 -9.11 89.86
C HIS I 59 -15.17 -7.96 89.14
N GLU I 60 -14.44 -7.28 88.27
CA GLU I 60 -14.98 -6.22 87.44
C GLU I 60 -14.53 -6.41 86.01
N VAL I 61 -13.28 -6.81 85.84
CA VAL I 61 -12.76 -7.21 84.54
C VAL I 61 -13.52 -8.42 84.03
N ILE I 62 -13.97 -9.26 84.95
CA ILE I 62 -14.76 -10.43 84.61
C ILE I 62 -16.21 -10.05 84.32
N GLU I 63 -16.79 -9.21 85.17
CA GLU I 63 -18.20 -8.85 85.00
C GLU I 63 -18.40 -7.71 83.99
N ASN I 64 -17.32 -6.97 83.70
CA ASN I 64 -17.41 -5.85 82.76
C ASN I 64 -16.10 -5.61 82.00
N PRO I 65 -15.68 -6.61 81.19
CA PRO I 65 -14.39 -6.59 80.52
C PRO I 65 -14.16 -5.40 79.59
N GLU I 66 -15.22 -4.85 79.01
CA GLU I 66 -15.06 -3.71 78.10
C GLU I 66 -14.53 -2.46 78.80
N GLU I 67 -14.97 -2.24 80.04
CA GLU I 67 -14.41 -1.15 80.84
C GLU I 67 -13.13 -1.59 81.54
N GLY I 68 -13.15 -2.79 82.10
CA GLY I 68 -12.01 -3.38 82.83
C GLY I 68 -10.70 -3.56 82.06
N ILE I 69 -10.78 -3.99 80.80
CA ILE I 69 -9.60 -4.06 79.95
C ILE I 69 -9.19 -2.64 79.55
N SER I 70 -10.18 -1.86 79.12
CA SER I 70 -9.97 -0.48 78.67
C SER I 70 -9.38 0.44 79.75
N ALA I 71 -9.81 0.26 81.00
CA ALA I 71 -9.29 1.06 82.11
C ALA I 71 -7.87 0.64 82.51
N ALA I 72 -7.58 -0.66 82.35
CA ALA I 72 -6.25 -1.21 82.63
C ALA I 72 -5.21 -0.82 81.57
N GLU I 73 -5.67 -0.44 80.39
CA GLU I 73 -4.77 -0.03 79.30
C GLU I 73 -4.39 1.44 79.42
N ASP I 74 -5.32 2.25 79.91
CA ASP I 74 -5.06 3.65 80.24
C ASP I 74 -4.16 3.77 81.48
N ALA I 75 -4.14 2.72 82.30
CA ALA I 75 -3.30 2.66 83.49
C ALA I 75 -1.86 2.32 83.13
N ILE I 76 -1.69 1.42 82.16
CA ILE I 76 -0.38 1.12 81.57
C ILE I 76 0.12 2.37 80.83
N GLN I 77 -0.82 3.10 80.21
CA GLN I 77 -0.54 4.35 79.51
C GLN I 77 0.02 5.45 80.42
N ILE I 78 -0.45 5.46 81.67
CA ILE I 78 -0.03 6.47 82.65
C ILE I 78 1.28 6.13 83.35
N VAL I 79 1.42 4.89 83.83
CA VAL I 79 2.65 4.44 84.52
C VAL I 79 3.87 4.36 83.60
N LEU I 80 3.68 4.80 82.36
CA LEU I 80 4.77 4.97 81.40
C LEU I 80 5.04 6.46 81.19
N ARG I 81 3.96 7.23 81.15
CA ARG I 81 4.00 8.67 80.98
C ARG I 81 4.61 9.36 82.20
N GLU I 82 4.39 8.77 83.38
CA GLU I 82 4.91 9.29 84.63
C GLU I 82 6.25 8.66 84.99
N ASP I 83 6.28 7.33 85.06
CA ASP I 83 7.40 6.59 85.64
C ASP I 83 8.52 6.31 84.67
N PHE I 84 8.31 6.63 83.39
CA PHE I 84 9.33 6.39 82.36
C PHE I 84 9.40 7.53 81.33
N GLN I 85 8.61 8.59 81.57
CA GLN I 85 8.55 9.78 80.69
C GLN I 85 8.20 9.50 79.22
N ARG I 86 7.87 8.24 78.93
CA ARG I 86 7.53 7.81 77.57
C ARG I 86 6.07 8.10 77.25
N GLU I 87 5.84 8.76 76.13
CA GLU I 87 4.50 9.07 75.64
C GLU I 87 4.42 8.72 74.17
N ASP I 88 5.59 8.43 73.60
CA ASP I 88 5.75 8.07 72.19
C ASP I 88 5.19 6.68 71.86
N VAL I 89 5.39 5.72 72.77
CA VAL I 89 4.89 4.35 72.60
C VAL I 89 3.42 4.37 72.22
N GLY I 90 3.03 3.46 71.33
CA GLY I 90 1.64 3.35 70.88
C GLY I 90 0.73 2.79 71.96
N LYS I 91 -0.30 2.07 71.55
CA LYS I 91 -1.24 1.49 72.48
C LYS I 91 -0.77 0.11 72.94
N ILE I 92 -0.90 -0.15 74.24
CA ILE I 92 -0.54 -1.45 74.82
C ILE I 92 -1.81 -2.19 75.24
N HIS I 93 -1.82 -3.50 75.02
CA HIS I 93 -2.99 -4.33 75.37
C HIS I 93 -2.90 -4.86 76.79
N ALA I 94 -4.01 -4.80 77.52
CA ALA I 94 -4.12 -5.45 78.81
C ALA I 94 -4.73 -6.82 78.55
N ARG I 95 -3.91 -7.86 78.67
CA ARG I 95 -4.35 -9.24 78.42
C ARG I 95 -4.33 -10.07 79.71
N PHE I 96 -5.50 -10.26 80.32
CA PHE I 96 -5.60 -11.04 81.57
C PHE I 96 -5.68 -12.52 81.26
N TYR I 97 -5.17 -13.34 82.18
CA TYR I 97 -5.20 -14.79 82.02
C TYR I 97 -5.32 -15.46 83.36
N ASN I 98 -5.50 -16.78 83.33
CA ASN I 98 -5.64 -17.60 84.52
C ASN I 98 -6.78 -17.14 85.43
N LEU I 99 -8.00 -17.25 84.91
CA LEU I 99 -9.21 -16.87 85.61
C LEU I 99 -9.66 -18.01 86.53
N PRO I 100 -10.64 -17.75 87.44
CA PRO I 100 -11.04 -18.81 88.35
C PRO I 100 -11.94 -19.82 87.65
N GLU I 101 -13.09 -19.34 87.15
CA GLU I 101 -14.03 -20.15 86.39
C GLU I 101 -13.45 -20.46 85.01
N THR I 102 -13.09 -21.73 84.83
CA THR I 102 -12.57 -22.23 83.56
C THR I 102 -13.65 -23.08 82.89
N LEU I 103 -14.42 -22.43 82.01
CA LEU I 103 -15.53 -23.06 81.30
C LEU I 103 -15.12 -24.13 80.29
N MET I 104 -16.11 -24.88 79.82
CA MET I 104 -15.97 -25.79 78.70
C MET I 104 -16.81 -25.23 77.56
N VAL I 105 -16.35 -25.40 76.33
CA VAL I 105 -17.05 -24.87 75.15
C VAL I 105 -18.58 -25.06 75.25
N LYS I 106 -19.00 -26.30 75.51
CA LYS I 106 -20.43 -26.64 75.58
C LYS I 106 -21.20 -25.89 76.68
N ASP I 107 -20.49 -25.48 77.73
CA ASP I 107 -21.10 -24.80 78.87
C ASP I 107 -21.39 -23.33 78.58
N ILE I 108 -20.61 -22.76 77.66
CA ILE I 108 -20.70 -21.34 77.31
C ILE I 108 -22.13 -20.95 76.93
N GLY I 109 -22.77 -20.17 77.79
CA GLY I 109 -24.17 -19.79 77.62
C GLY I 109 -24.45 -18.29 77.59
N ALA I 110 -25.72 -17.96 77.41
CA ALA I 110 -26.17 -16.57 77.34
C ALA I 110 -25.80 -15.78 78.59
N GLU I 111 -25.60 -16.47 79.71
CA GLU I 111 -25.24 -15.83 80.98
C GLU I 111 -23.92 -15.07 80.84
N HIS I 112 -23.01 -15.62 80.05
CA HIS I 112 -21.68 -15.05 79.85
C HIS I 112 -21.63 -13.96 78.81
N ILE I 113 -22.76 -13.65 78.15
CA ILE I 113 -22.75 -12.57 77.13
C ILE I 113 -22.09 -11.31 77.70
N ASN I 114 -21.07 -10.83 76.99
CA ASN I 114 -20.32 -9.62 77.37
C ASN I 114 -19.54 -9.68 78.69
N LYS I 115 -19.35 -10.88 79.24
CA LYS I 115 -18.44 -11.08 80.38
C LYS I 115 -17.14 -11.74 79.91
N LEU I 116 -16.05 -11.43 80.57
CA LEU I 116 -14.79 -12.09 80.26
C LEU I 116 -14.86 -13.51 80.80
N ILE I 117 -14.72 -14.48 79.90
CA ILE I 117 -14.72 -15.89 80.29
C ILE I 117 -13.38 -16.53 79.97
N GLN I 118 -13.16 -17.72 80.52
CA GLN I 118 -11.98 -18.51 80.23
C GLN I 118 -12.42 -19.84 79.65
N VAL I 119 -11.72 -20.32 78.64
CA VAL I 119 -12.09 -21.56 77.95
C VAL I 119 -10.86 -22.41 77.68
N GLU I 120 -10.93 -23.67 78.11
CA GLU I 120 -9.93 -24.64 77.68
C GLU I 120 -10.51 -25.41 76.52
N GLY I 121 -9.69 -25.66 75.50
CA GLY I 121 -10.14 -26.40 74.32
C GLY I 121 -9.04 -26.67 73.31
N ILE I 122 -9.40 -27.38 72.24
CA ILE I 122 -8.47 -27.68 71.14
C ILE I 122 -8.84 -26.92 69.85
N VAL I 123 -7.84 -26.25 69.26
CA VAL I 123 -8.06 -25.46 68.06
C VAL I 123 -8.21 -26.37 66.86
N THR I 124 -9.35 -26.26 66.18
CA THR I 124 -9.61 -27.09 65.01
C THR I 124 -9.41 -26.36 63.70
N ARG I 125 -9.35 -25.03 63.77
CA ARG I 125 -9.21 -24.22 62.57
C ARG I 125 -8.47 -22.92 62.87
N VAL I 126 -7.78 -22.39 61.87
CA VAL I 126 -7.22 -21.02 61.91
C VAL I 126 -7.26 -20.36 60.51
N GLY I 127 -7.80 -19.15 60.44
CA GLY I 127 -8.01 -18.47 59.16
C GLY I 127 -6.74 -17.78 58.71
N GLU I 128 -6.78 -17.18 57.53
CA GLU I 128 -5.70 -16.32 57.03
C GLU I 128 -5.59 -15.06 57.91
N ILE I 129 -4.39 -14.49 57.98
CA ILE I 129 -4.23 -13.21 58.64
C ILE I 129 -4.67 -12.18 57.64
N LYS I 130 -5.89 -11.68 57.87
CA LYS I 130 -6.48 -10.64 57.05
C LYS I 130 -6.40 -9.28 57.75
N PRO I 131 -6.38 -8.19 56.98
CA PRO I 131 -6.44 -6.83 57.54
C PRO I 131 -7.83 -6.35 58.00
N PHE I 132 -7.99 -6.03 59.27
CA PHE I 132 -9.28 -5.52 59.77
C PHE I 132 -9.24 -4.01 60.02
N VAL I 133 -10.22 -3.29 59.50
CA VAL I 133 -10.31 -1.84 59.74
C VAL I 133 -10.82 -1.48 61.14
N SER I 134 -9.90 -1.12 62.05
CA SER I 134 -10.26 -0.88 63.43
C SER I 134 -10.98 0.46 63.56
N VAL I 135 -10.54 1.42 62.75
CA VAL I 135 -11.14 2.74 62.71
C VAL I 135 -11.29 3.13 61.25
N ALA I 136 -12.50 3.01 60.73
CA ALA I 136 -12.78 3.35 59.34
C ALA I 136 -13.00 4.85 59.16
N VAL I 137 -12.42 5.39 58.10
CA VAL I 137 -12.63 6.80 57.78
C VAL I 137 -13.31 6.91 56.43
N PHE I 138 -14.58 7.32 56.48
CA PHE I 138 -15.38 7.53 55.29
C PHE I 138 -15.21 8.95 54.77
N VAL I 139 -14.98 9.07 53.46
CA VAL I 139 -14.79 10.37 52.82
C VAL I 139 -15.91 10.64 51.82
N CYS I 140 -16.39 11.89 51.82
CA CYS I 140 -17.39 12.36 50.87
C CYS I 140 -16.72 12.85 49.59
N LYS I 141 -17.30 12.50 48.44
CA LYS I 141 -16.73 12.94 47.16
C LYS I 141 -17.51 14.08 46.53
N ASP I 142 -18.20 14.84 47.37
CA ASP I 142 -18.91 16.05 46.96
C ASP I 142 -18.35 17.27 47.67
N CYS I 143 -18.19 17.14 48.99
CA CYS I 143 -17.63 18.22 49.81
C CYS I 143 -16.29 17.83 50.43
N GLY I 144 -15.99 16.53 50.42
CA GLY I 144 -14.74 16.01 50.97
C GLY I 144 -14.75 15.86 52.48
N HIS I 145 -15.94 15.86 53.08
CA HIS I 145 -16.09 15.73 54.54
C HIS I 145 -15.65 14.34 55.03
N GLU I 146 -14.98 14.32 56.18
CA GLU I 146 -14.48 13.09 56.78
C GLU I 146 -15.34 12.61 57.95
N MET I 147 -15.60 11.30 57.97
CA MET I 147 -16.41 10.68 59.02
C MET I 147 -15.71 9.46 59.60
N ILE I 148 -15.44 9.50 60.91
CA ILE I 148 -14.76 8.43 61.64
C ILE I 148 -15.74 7.43 62.25
N VAL I 149 -15.57 6.14 61.95
CA VAL I 149 -16.46 5.09 62.42
C VAL I 149 -15.69 3.87 62.92
N PRO I 150 -15.44 3.77 64.24
CA PRO I 150 -14.77 2.58 64.74
C PRO I 150 -15.58 1.32 64.45
N GLN I 151 -14.89 0.25 64.08
CA GLN I 151 -15.55 -0.99 63.72
C GLN I 151 -15.27 -2.05 64.78
N LYS I 152 -16.16 -3.03 64.89
CA LYS I 152 -15.93 -4.15 65.77
C LYS I 152 -15.61 -5.36 64.90
N PRO I 153 -14.59 -6.13 65.26
CA PRO I 153 -14.17 -7.31 64.47
C PRO I 153 -15.24 -8.39 64.24
N TYR I 154 -16.19 -8.53 65.16
CA TYR I 154 -17.25 -9.56 65.06
C TYR I 154 -18.52 -9.04 64.43
N GLU I 155 -18.80 -7.75 64.66
CA GLU I 155 -19.93 -7.06 64.07
C GLU I 155 -19.68 -6.84 62.59
N SER I 156 -20.74 -6.69 61.81
CA SER I 156 -20.59 -6.47 60.37
C SER I 156 -20.15 -5.05 60.11
N LEU I 157 -19.75 -4.78 58.87
CA LEU I 157 -19.27 -3.46 58.51
C LEU I 157 -20.35 -2.41 58.67
N GLU I 158 -20.09 -1.44 59.54
CA GLU I 158 -21.01 -0.34 59.74
C GLU I 158 -20.60 0.80 58.80
N LYS I 159 -21.28 0.89 57.65
CA LYS I 159 -21.03 1.97 56.70
C LYS I 159 -21.84 3.22 57.10
N VAL I 160 -21.84 4.20 56.21
CA VAL I 160 -22.70 5.38 56.35
C VAL I 160 -23.15 5.79 54.94
N LYS I 161 -24.47 5.90 54.78
CA LYS I 161 -25.08 6.15 53.46
C LYS I 161 -25.31 7.63 53.13
N LYS I 162 -25.20 8.49 54.15
CA LYS I 162 -25.42 9.91 53.95
C LYS I 162 -24.35 10.77 54.64
N CYS I 163 -23.85 11.77 53.92
CA CYS I 163 -22.84 12.69 54.43
C CYS I 163 -23.34 13.46 55.64
N GLU I 164 -22.47 13.60 56.63
CA GLU I 164 -22.80 14.34 57.86
C GLU I 164 -22.89 15.86 57.64
N GLN I 165 -22.13 16.36 56.66
CA GLN I 165 -22.05 17.80 56.39
C GLN I 165 -23.03 18.26 55.30
N CYS I 166 -22.85 17.77 54.08
CA CYS I 166 -23.68 18.20 52.95
C CYS I 166 -24.89 17.28 52.69
N GLY I 167 -24.87 16.09 53.27
CA GLY I 167 -25.97 15.15 53.09
C GLY I 167 -25.98 14.49 51.73
N SER I 168 -24.81 14.45 51.07
CA SER I 168 -24.65 13.76 49.80
C SER I 168 -24.52 12.26 50.03
N LYS I 169 -25.30 11.49 49.28
CA LYS I 169 -25.29 10.03 49.38
C LYS I 169 -24.20 9.45 48.47
N ASN I 170 -23.07 10.15 48.42
CA ASN I 170 -21.91 9.76 47.63
C ASN I 170 -20.70 9.65 48.54
N ILE I 171 -20.71 8.62 49.38
CA ILE I 171 -19.63 8.39 50.35
C ILE I 171 -18.83 7.14 49.99
N GLU I 172 -17.55 7.14 50.35
CA GLU I 172 -16.67 6.02 50.07
C GLU I 172 -15.69 5.81 51.22
N LEU I 173 -15.11 4.61 51.28
CA LEU I 173 -14.13 4.25 52.30
C LEU I 173 -12.72 4.58 51.85
N ASP I 174 -12.02 5.40 52.63
CA ASP I 174 -10.65 5.82 52.32
C ASP I 174 -9.68 4.88 52.98
N VAL I 175 -9.06 4.04 52.16
CA VAL I 175 -8.15 3.04 52.67
C VAL I 175 -7.11 3.70 53.59
N ASN I 176 -6.36 4.65 53.04
CA ASN I 176 -5.22 5.27 53.72
C ASN I 176 -5.52 5.98 55.04
N LYS I 177 -6.62 6.73 55.07
CA LYS I 177 -7.03 7.44 56.28
C LYS I 177 -7.56 6.48 57.35
N SER I 178 -7.93 5.27 56.93
CA SER I 178 -8.40 4.19 57.82
C SER I 178 -7.29 3.38 58.49
N SER I 179 -7.48 3.13 59.79
CA SER I 179 -6.54 2.32 60.55
C SER I 179 -6.95 0.88 60.36
N PHE I 180 -5.96 0.02 60.18
CA PHE I 180 -6.19 -1.40 60.09
C PHE I 180 -5.35 -2.08 61.14
N VAL I 181 -5.72 -3.30 61.50
CA VAL I 181 -4.89 -4.16 62.35
C VAL I 181 -4.88 -5.59 61.81
N ASN I 182 -3.90 -6.39 62.20
CA ASN I 182 -4.01 -7.77 61.84
C ASN I 182 -5.21 -8.42 62.52
N PHE I 183 -5.74 -9.46 61.89
CA PHE I 183 -6.92 -10.16 62.33
C PHE I 183 -6.81 -11.62 61.87
N GLN I 184 -7.26 -12.54 62.69
CA GLN I 184 -7.27 -13.95 62.34
C GLN I 184 -8.40 -14.65 63.07
N SER I 185 -9.31 -15.26 62.33
CA SER I 185 -10.34 -16.08 62.95
C SER I 185 -9.80 -17.48 63.27
N PHE I 186 -10.45 -18.17 64.21
CA PHE I 186 -10.04 -19.51 64.60
C PHE I 186 -11.15 -20.21 65.39
N ARG I 187 -11.23 -21.52 65.23
CA ARG I 187 -12.25 -22.33 65.89
C ARG I 187 -11.65 -23.19 66.99
N ILE I 188 -12.35 -23.29 68.12
CA ILE I 188 -12.05 -24.31 69.14
C ILE I 188 -13.30 -25.11 69.57
N GLN I 189 -13.10 -26.42 69.73
CA GLN I 189 -14.15 -27.33 70.22
C GLN I 189 -13.59 -28.33 71.21
N ASP I 190 -14.42 -28.76 72.15
CA ASP I 190 -14.05 -29.77 73.12
C ASP I 190 -13.62 -31.06 72.42
N ARG I 191 -12.74 -31.81 73.05
CA ARG I 191 -12.29 -33.10 72.56
C ARG I 191 -13.43 -34.12 72.70
N PRO I 192 -13.65 -35.00 71.69
CA PRO I 192 -14.74 -36.00 71.74
C PRO I 192 -14.60 -37.01 72.88
N GLU I 193 -13.38 -37.18 73.37
CA GLU I 193 -13.04 -38.10 74.44
C GLU I 193 -13.41 -37.56 75.83
N THR I 194 -12.90 -36.38 76.15
CA THR I 194 -13.26 -35.65 77.38
C THR I 194 -14.66 -35.03 77.22
N LEU I 195 -15.48 -35.70 76.43
CA LEU I 195 -16.88 -35.38 76.21
C LEU I 195 -17.69 -36.63 76.49
N LYS I 196 -17.40 -37.26 77.63
CA LYS I 196 -18.05 -38.50 78.10
C LYS I 196 -18.93 -39.21 77.07
N GLY I 197 -18.40 -40.29 76.51
CA GLY I 197 -19.12 -41.09 75.52
C GLY I 197 -19.25 -40.38 74.19
N GLY I 198 -20.30 -40.72 73.45
CA GLY I 198 -20.56 -40.12 72.13
C GLY I 198 -21.69 -39.11 72.13
N GLU I 199 -21.41 -37.92 71.61
CA GLU I 199 -22.41 -36.86 71.48
C GLU I 199 -22.20 -36.13 70.16
N MET I 200 -21.27 -35.18 70.18
CA MET I 200 -20.85 -34.36 69.06
C MET I 200 -20.25 -33.11 69.69
N PRO I 201 -18.91 -33.09 69.86
CA PRO I 201 -18.29 -31.95 70.51
C PRO I 201 -18.66 -30.66 69.80
N ARG I 202 -19.37 -29.77 70.49
CA ARG I 202 -19.72 -28.46 69.93
C ARG I 202 -18.49 -27.56 69.99
N PHE I 203 -18.44 -26.58 69.09
CA PHE I 203 -17.31 -25.65 68.98
C PHE I 203 -17.72 -24.20 69.11
N ILE I 204 -16.71 -23.34 69.14
CA ILE I 204 -16.92 -21.89 69.13
C ILE I 204 -15.85 -21.18 68.28
N ASP I 205 -16.30 -20.21 67.48
CA ASP I 205 -15.39 -19.42 66.66
C ASP I 205 -14.89 -18.19 67.44
N GLY I 206 -13.61 -17.86 67.27
CA GLY I 206 -12.98 -16.73 67.93
C GLY I 206 -12.23 -15.75 67.05
N ILE I 207 -11.85 -14.63 67.63
CA ILE I 207 -11.14 -13.55 66.95
C ILE I 207 -9.81 -13.17 67.64
N LEU I 208 -8.74 -13.10 66.86
CA LEU I 208 -7.45 -12.64 67.37
C LEU I 208 -7.08 -11.35 66.67
N LEU I 209 -6.48 -10.44 67.42
CA LEU I 209 -6.07 -9.14 66.87
C LEU I 209 -4.63 -8.79 67.23
N ASP I 210 -4.00 -7.97 66.40
CA ASP I 210 -2.65 -7.50 66.68
C ASP I 210 -1.69 -8.63 67.09
N ASP I 211 -0.97 -8.42 68.18
CA ASP I 211 0.10 -9.32 68.62
C ASP I 211 -0.31 -10.77 68.85
N ILE I 212 -1.57 -11.02 69.22
CA ILE I 212 -2.01 -12.39 69.45
C ILE I 212 -2.43 -13.08 68.16
N VAL I 213 -2.16 -12.45 67.02
CA VAL I 213 -2.48 -13.06 65.75
C VAL I 213 -1.45 -14.15 65.46
N ASP I 214 -1.89 -15.23 64.81
CA ASP I 214 -1.01 -16.33 64.39
C ASP I 214 -0.20 -16.85 65.56
N VAL I 215 -0.89 -17.16 66.64
CA VAL I 215 -0.23 -17.71 67.80
C VAL I 215 -0.53 -19.20 67.96
N ALA I 216 -1.55 -19.68 67.25
CA ALA I 216 -1.93 -21.08 67.37
C ALA I 216 -2.19 -21.73 66.01
N LEU I 217 -1.88 -23.02 65.91
CA LEU I 217 -2.17 -23.80 64.71
C LEU I 217 -3.20 -24.86 65.05
N PRO I 218 -3.87 -25.44 64.03
CA PRO I 218 -4.83 -26.51 64.26
C PRO I 218 -4.25 -27.70 65.02
N GLY I 219 -4.91 -28.08 66.11
CA GLY I 219 -4.48 -29.21 66.94
C GLY I 219 -3.81 -28.81 68.24
N ASP I 220 -3.66 -27.51 68.47
CA ASP I 220 -3.05 -27.00 69.69
C ASP I 220 -4.06 -27.01 70.83
N ARG I 221 -3.66 -27.51 71.99
CA ARG I 221 -4.42 -27.35 73.21
C ARG I 221 -4.12 -25.95 73.74
N VAL I 222 -5.15 -25.14 73.89
CA VAL I 222 -4.98 -23.77 74.36
C VAL I 222 -5.93 -23.46 75.50
N ILE I 223 -5.57 -22.41 76.24
CA ILE I 223 -6.48 -21.85 77.22
C ILE I 223 -6.63 -20.38 76.87
N VAL I 224 -7.76 -20.06 76.26
CA VAL I 224 -8.09 -18.70 75.88
C VAL I 224 -8.94 -17.99 76.94
N THR I 225 -8.75 -16.68 77.02
CA THR I 225 -9.61 -15.83 77.81
C THR I 225 -10.22 -14.89 76.80
N GLY I 226 -11.42 -14.38 77.08
CA GLY I 226 -12.03 -13.43 76.17
C GLY I 226 -13.44 -13.01 76.48
N ILE I 227 -13.96 -12.12 75.65
CA ILE I 227 -15.31 -11.62 75.81
C ILE I 227 -16.27 -12.38 74.90
N LEU I 228 -17.30 -12.95 75.51
CA LEU I 228 -18.34 -13.65 74.78
C LEU I 228 -19.25 -12.62 74.09
N ARG I 229 -19.31 -12.71 72.77
CA ARG I 229 -20.05 -11.73 72.01
C ARG I 229 -21.11 -12.46 71.25
N VAL I 230 -22.13 -11.71 70.80
CA VAL I 230 -23.26 -12.31 70.08
C VAL I 230 -23.67 -11.51 68.86
N VAL I 231 -24.21 -12.20 67.85
CA VAL I 231 -24.67 -11.54 66.63
C VAL I 231 -25.82 -12.27 65.95
N LEU I 232 -26.77 -11.48 65.45
CA LEU I 232 -27.90 -11.97 64.69
C LEU I 232 -27.47 -13.02 63.69
N GLU I 233 -27.88 -14.25 63.97
CA GLU I 233 -27.51 -15.45 63.23
C GLU I 233 -27.89 -15.38 61.75
N LYS I 234 -27.02 -15.97 60.91
CA LYS I 234 -27.23 -16.11 59.46
C LYS I 234 -28.30 -15.18 58.86
N ARG I 235 -29.48 -15.75 58.64
CA ARG I 235 -30.63 -15.11 57.98
C ARG I 235 -30.90 -13.66 58.40
N GLU I 236 -30.54 -13.32 59.64
CA GLU I 236 -30.77 -11.97 60.19
C GLU I 236 -32.27 -11.70 60.37
N LYS I 237 -33.06 -12.78 60.42
CA LYS I 237 -34.51 -12.68 60.56
C LYS I 237 -35.01 -13.43 61.80
N THR I 238 -34.28 -14.47 62.20
CA THR I 238 -34.58 -15.25 63.41
C THR I 238 -33.93 -14.61 64.65
N PRO I 239 -34.65 -14.59 65.80
CA PRO I 239 -34.13 -13.91 66.99
C PRO I 239 -33.14 -14.74 67.81
N ILE I 240 -32.58 -15.76 67.18
CA ILE I 240 -31.53 -16.57 67.82
C ILE I 240 -30.16 -15.94 67.50
N PHE I 241 -29.14 -16.25 68.29
CA PHE I 241 -27.84 -15.60 68.11
C PHE I 241 -26.66 -16.57 67.90
N ARG I 242 -25.51 -15.98 67.58
CA ARG I 242 -24.29 -16.72 67.33
C ARG I 242 -23.21 -16.29 68.31
N LYS I 243 -22.61 -17.26 68.98
CA LYS I 243 -21.59 -16.96 69.99
C LYS I 243 -20.19 -16.87 69.37
N ILE I 244 -19.58 -15.69 69.51
CA ILE I 244 -18.23 -15.40 69.04
C ILE I 244 -17.35 -14.98 70.21
N LEU I 245 -16.18 -15.58 70.32
CA LEU I 245 -15.31 -15.29 71.45
C LEU I 245 -14.18 -14.35 71.03
N GLU I 246 -14.32 -13.08 71.38
CA GLU I 246 -13.33 -12.06 71.06
C GLU I 246 -12.18 -12.22 72.03
N VAL I 247 -11.10 -12.84 71.56
CA VAL I 247 -10.00 -13.29 72.43
C VAL I 247 -9.28 -12.13 73.06
N ASN I 248 -9.03 -12.26 74.36
CA ASN I 248 -8.29 -11.27 75.12
C ASN I 248 -6.91 -11.77 75.53
N HIS I 249 -6.72 -13.09 75.52
CA HIS I 249 -5.45 -13.70 75.90
C HIS I 249 -5.48 -15.18 75.60
N ILE I 250 -4.44 -15.66 74.94
CA ILE I 250 -4.30 -17.07 74.61
C ILE I 250 -2.98 -17.62 75.12
N GLU I 251 -3.01 -18.87 75.57
CA GLU I 251 -1.86 -19.53 76.17
C GLU I 251 -1.94 -21.04 75.91
N PRO I 252 -0.85 -21.63 75.40
CA PRO I 252 -0.82 -23.08 75.17
C PRO I 252 -0.66 -23.87 76.46
N VAL I 253 -0.96 -25.18 76.40
CA VAL I 253 -0.78 -26.11 77.53
C VAL I 253 -0.59 -27.56 77.05
N SER I 254 0.57 -28.14 77.37
CA SER I 254 0.86 -29.53 76.99
C SER I 254 0.30 -30.51 78.01
N LYS I 255 -0.83 -31.14 77.68
CA LYS I 255 -1.46 -32.12 78.56
C LYS I 255 -0.87 -33.50 78.36
N SER J 1 -63.25 -23.07 82.01
CA SER J 1 -63.36 -21.59 81.88
C SER J 1 -63.08 -20.89 83.22
N VAL J 2 -61.81 -20.58 83.46
CA VAL J 2 -61.36 -19.89 84.67
C VAL J 2 -60.37 -18.79 84.29
N ASP J 3 -60.59 -17.56 84.78
CA ASP J 3 -59.69 -16.45 84.48
C ASP J 3 -58.42 -16.48 85.35
N ARG J 4 -57.38 -15.77 84.89
CA ARG J 4 -56.08 -15.73 85.55
C ARG J 4 -56.14 -15.52 87.06
N GLU J 5 -56.69 -14.37 87.46
CA GLU J 5 -56.74 -13.94 88.87
C GLU J 5 -56.94 -15.08 89.86
N GLU J 6 -58.02 -15.83 89.66
CA GLU J 6 -58.42 -16.94 90.51
C GLU J 6 -57.43 -18.10 90.45
N MET J 7 -56.97 -18.41 89.23
CA MET J 7 -56.03 -19.50 88.98
C MET J 7 -54.78 -19.30 89.82
N ILE J 8 -54.29 -18.07 89.89
CA ILE J 8 -53.14 -17.76 90.73
C ILE J 8 -53.42 -18.22 92.15
N GLU J 9 -54.57 -17.81 92.68
CA GLU J 9 -54.97 -18.16 94.03
C GLU J 9 -55.14 -19.66 94.19
N ARG J 10 -55.92 -20.27 93.30
CA ARG J 10 -56.16 -21.70 93.32
C ARG J 10 -54.85 -22.48 93.31
N PHE J 11 -53.88 -21.98 92.55
CA PHE J 11 -52.57 -22.59 92.50
C PHE J 11 -51.85 -22.41 93.81
N ALA J 12 -51.86 -21.17 94.32
CA ALA J 12 -51.24 -20.87 95.60
C ALA J 12 -51.72 -21.89 96.61
N ASN J 13 -53.04 -21.95 96.76
CA ASN J 13 -53.68 -22.91 97.64
C ASN J 13 -53.23 -24.34 97.38
N PHE J 14 -53.26 -24.75 96.11
CA PHE J 14 -52.83 -26.10 95.75
C PHE J 14 -51.44 -26.44 96.27
N LEU J 15 -50.51 -25.49 96.11
CA LEU J 15 -49.12 -25.70 96.47
C LEU J 15 -48.95 -25.95 97.96
N ARG J 16 -49.46 -25.03 98.77
CA ARG J 16 -49.30 -25.06 100.21
C ARG J 16 -50.27 -26.04 100.91
N GLU J 17 -51.37 -26.37 100.24
CA GLU J 17 -52.44 -27.19 100.84
C GLU J 17 -52.47 -28.66 100.43
N TYR J 18 -51.89 -28.99 99.27
CA TYR J 18 -51.86 -30.37 98.82
C TYR J 18 -51.01 -31.25 99.73
N THR J 19 -51.53 -32.43 100.04
CA THR J 19 -50.80 -33.45 100.80
C THR J 19 -51.10 -34.78 100.14
N ASP J 20 -50.08 -35.60 99.92
CA ASP J 20 -50.26 -36.91 99.28
C ASP J 20 -50.96 -37.92 100.20
N GLU J 21 -50.50 -39.17 100.16
CA GLU J 21 -51.08 -40.23 100.98
C GLU J 21 -50.41 -40.33 102.36
N ASP J 22 -49.47 -39.42 102.62
CA ASP J 22 -48.69 -39.43 103.87
C ASP J 22 -48.73 -38.08 104.58
N GLY J 23 -49.46 -37.13 104.00
CA GLY J 23 -49.53 -35.77 104.55
C GLY J 23 -48.38 -34.89 104.09
N ASN J 24 -47.62 -35.38 103.11
CA ASN J 24 -46.49 -34.63 102.56
C ASN J 24 -46.97 -33.45 101.73
N PRO J 25 -46.73 -32.22 102.21
CA PRO J 25 -47.04 -31.06 101.39
C PRO J 25 -45.98 -30.89 100.30
N VAL J 26 -45.51 -32.02 99.77
CA VAL J 26 -44.44 -32.11 98.77
C VAL J 26 -44.03 -30.83 98.06
N TYR J 27 -45.01 -30.03 97.65
CA TYR J 27 -44.74 -28.78 96.93
C TYR J 27 -44.12 -27.69 97.80
N ARG J 28 -44.38 -27.74 99.10
CA ARG J 28 -43.64 -26.92 100.07
C ARG J 28 -42.17 -27.36 100.11
N GLY J 29 -41.96 -28.67 100.01
CA GLY J 29 -40.60 -29.25 99.95
C GLY J 29 -39.86 -28.93 98.67
N LYS J 30 -40.62 -28.58 97.63
CA LYS J 30 -40.04 -28.19 96.34
C LYS J 30 -39.88 -26.69 96.20
N ILE J 31 -40.75 -25.93 96.88
CA ILE J 31 -40.57 -24.49 97.04
C ILE J 31 -39.37 -24.22 97.98
N THR J 32 -38.96 -25.27 98.70
CA THR J 32 -37.79 -25.24 99.57
C THR J 32 -36.50 -25.43 98.77
N ASP J 33 -36.48 -26.45 97.91
CA ASP J 33 -35.33 -26.76 97.07
C ASP J 33 -35.02 -25.60 96.10
N LEU J 34 -35.79 -24.51 96.23
CA LEU J 34 -35.61 -23.30 95.43
C LEU J 34 -34.65 -22.30 96.09
N LEU J 35 -34.42 -22.45 97.39
CA LEU J 35 -33.70 -21.45 98.18
C LEU J 35 -32.35 -21.94 98.72
N THR J 36 -32.00 -23.19 98.39
CA THR J 36 -30.78 -23.80 98.90
C THR J 36 -29.51 -23.35 98.16
N ILE J 37 -28.39 -23.96 98.52
CA ILE J 37 -27.06 -23.69 97.93
C ILE J 37 -27.05 -23.85 96.40
N THR J 38 -27.51 -25.00 95.93
CA THR J 38 -27.65 -25.29 94.52
C THR J 38 -29.13 -25.12 94.13
N PRO J 39 -29.55 -23.87 93.84
CA PRO J 39 -30.97 -23.61 93.62
C PRO J 39 -31.44 -23.98 92.22
N LYS J 40 -32.65 -24.51 92.14
CA LYS J 40 -33.28 -24.80 90.87
C LYS J 40 -34.20 -23.67 90.52
N ARG J 41 -34.52 -23.50 89.24
CA ARG J 41 -35.37 -22.39 88.80
C ARG J 41 -36.74 -22.81 88.30
N SER J 42 -37.12 -24.06 88.56
CA SER J 42 -38.43 -24.57 88.17
C SER J 42 -39.00 -25.59 89.17
N VAL J 43 -40.34 -25.62 89.27
CA VAL J 43 -41.06 -26.58 90.11
C VAL J 43 -41.77 -27.61 89.22
N ALA J 44 -41.46 -28.89 89.43
CA ALA J 44 -42.06 -29.98 88.65
C ALA J 44 -43.40 -30.44 89.24
N ILE J 45 -44.49 -29.90 88.69
CA ILE J 45 -45.85 -30.23 89.15
C ILE J 45 -46.40 -31.49 88.47
N ASP J 46 -46.73 -32.49 89.27
CA ASP J 46 -47.41 -33.68 88.76
C ASP J 46 -48.88 -33.37 88.53
N TRP J 47 -49.33 -33.59 87.30
CA TRP J 47 -50.68 -33.21 86.90
C TRP J 47 -51.74 -33.97 87.68
N MET J 48 -51.47 -35.26 87.93
CA MET J 48 -52.38 -36.13 88.69
C MET J 48 -52.56 -35.63 90.12
N HIS J 49 -51.51 -35.04 90.68
CA HIS J 49 -51.59 -34.37 91.97
C HIS J 49 -52.50 -33.15 91.89
N LEU J 50 -52.29 -32.32 90.87
CA LEU J 50 -53.15 -31.17 90.63
C LEU J 50 -54.61 -31.59 90.42
N ASN J 51 -54.79 -32.61 89.59
CA ASN J 51 -56.11 -33.11 89.22
C ASN J 51 -56.93 -33.57 90.42
N SER J 52 -56.38 -34.47 91.23
CA SER J 52 -57.07 -34.96 92.42
C SER J 52 -57.46 -33.85 93.40
N PHE J 53 -56.62 -32.83 93.53
CA PHE J 53 -56.86 -31.70 94.42
C PHE J 53 -57.87 -30.72 93.83
N ASP J 54 -57.69 -30.40 92.55
CA ASP J 54 -58.58 -29.50 91.83
C ASP J 54 -58.56 -29.88 90.35
N SER J 55 -59.49 -30.75 89.96
CA SER J 55 -59.53 -31.24 88.59
C SER J 55 -60.12 -30.21 87.62
N GLU J 56 -60.84 -29.24 88.18
CA GLU J 56 -61.40 -28.14 87.40
C GLU J 56 -60.31 -27.15 86.93
N LEU J 57 -59.19 -27.14 87.64
CA LEU J 57 -58.04 -26.34 87.27
C LEU J 57 -57.15 -27.13 86.32
N ALA J 58 -56.83 -28.36 86.71
CA ALA J 58 -56.02 -29.28 85.91
C ALA J 58 -56.46 -29.33 84.45
N HIS J 59 -57.76 -29.09 84.25
CA HIS J 59 -58.34 -29.04 82.92
C HIS J 59 -58.39 -27.62 82.38
N GLU J 60 -57.44 -26.82 82.84
CA GLU J 60 -57.26 -25.47 82.35
C GLU J 60 -55.86 -25.31 81.81
N VAL J 61 -54.89 -25.89 82.52
CA VAL J 61 -53.50 -25.91 82.06
C VAL J 61 -53.35 -26.69 80.75
N ILE J 62 -54.25 -27.65 80.53
CA ILE J 62 -54.23 -28.40 79.28
C ILE J 62 -54.94 -27.61 78.19
N GLU J 63 -56.13 -27.09 78.53
CA GLU J 63 -56.94 -26.36 77.56
C GLU J 63 -56.49 -24.94 77.39
N ASN J 64 -55.58 -24.50 78.24
CA ASN J 64 -55.09 -23.13 78.16
C ASN J 64 -53.73 -22.91 78.84
N PRO J 65 -52.68 -23.60 78.36
CA PRO J 65 -51.37 -23.59 79.02
C PRO J 65 -50.69 -22.23 79.09
N GLU J 66 -51.04 -21.29 78.22
CA GLU J 66 -50.41 -19.96 78.30
C GLU J 66 -50.80 -19.21 79.59
N GLU J 67 -52.10 -19.18 79.89
CA GLU J 67 -52.59 -18.61 81.15
C GLU J 67 -52.21 -19.50 82.34
N GLY J 68 -52.57 -20.77 82.23
CA GLY J 68 -52.31 -21.77 83.26
C GLY J 68 -50.89 -21.77 83.77
N ILE J 69 -49.93 -22.02 82.87
CA ILE J 69 -48.53 -22.03 83.28
C ILE J 69 -48.17 -20.69 83.92
N SER J 70 -48.56 -19.59 83.26
CA SER J 70 -48.29 -18.22 83.72
C SER J 70 -48.91 -17.90 85.10
N ALA J 71 -50.16 -18.32 85.31
CA ALA J 71 -50.83 -18.14 86.58
C ALA J 71 -50.12 -18.92 87.68
N ALA J 72 -49.72 -20.16 87.37
CA ALA J 72 -49.00 -21.03 88.31
C ALA J 72 -47.65 -20.48 88.76
N GLU J 73 -46.98 -19.76 87.86
CA GLU J 73 -45.69 -19.15 88.18
C GLU J 73 -45.88 -17.95 89.12
N ASP J 74 -46.88 -17.12 88.86
CA ASP J 74 -47.31 -16.04 89.75
C ASP J 74 -47.73 -16.57 91.13
N ALA J 75 -48.17 -17.82 91.16
CA ALA J 75 -48.54 -18.49 92.40
C ALA J 75 -47.30 -18.88 93.20
N ILE J 76 -46.33 -19.53 92.55
CA ILE J 76 -45.07 -19.85 93.21
C ILE J 76 -44.38 -18.56 93.69
N GLN J 77 -44.51 -17.51 92.89
CA GLN J 77 -43.96 -16.17 93.19
C GLN J 77 -44.51 -15.60 94.50
N ILE J 78 -45.80 -15.83 94.73
CA ILE J 78 -46.49 -15.32 95.91
C ILE J 78 -46.19 -16.14 97.16
N VAL J 79 -46.28 -17.47 97.06
CA VAL J 79 -46.00 -18.36 98.19
C VAL J 79 -44.53 -18.33 98.65
N LEU J 80 -43.70 -17.58 97.93
CA LEU J 80 -42.35 -17.29 98.39
C LEU J 80 -42.41 -15.97 99.12
N ARG J 81 -42.98 -14.97 98.45
CA ARG J 81 -43.11 -13.62 98.96
C ARG J 81 -43.80 -13.58 100.33
N GLU J 82 -44.78 -14.48 100.54
CA GLU J 82 -45.58 -14.53 101.78
C GLU J 82 -45.06 -15.49 102.84
N ASP J 83 -44.71 -16.71 102.42
CA ASP J 83 -44.39 -17.79 103.35
C ASP J 83 -42.89 -17.94 103.60
N PHE J 84 -42.08 -17.19 102.88
CA PHE J 84 -40.63 -17.24 103.06
C PHE J 84 -39.96 -15.85 103.02
N GLN J 85 -40.78 -14.82 102.81
CA GLN J 85 -40.34 -13.41 102.75
C GLN J 85 -39.32 -13.10 101.64
N ARG J 86 -39.12 -14.05 100.74
CA ARG J 86 -38.17 -13.92 99.63
C ARG J 86 -38.84 -13.30 98.41
N GLU J 87 -38.25 -12.22 97.91
CA GLU J 87 -38.74 -11.54 96.71
C GLU J 87 -37.56 -11.35 95.76
N ASP J 88 -36.37 -11.61 96.29
CA ASP J 88 -35.11 -11.51 95.56
C ASP J 88 -34.99 -12.56 94.46
N VAL J 89 -35.53 -13.76 94.72
CA VAL J 89 -35.48 -14.87 93.78
C VAL J 89 -36.02 -14.42 92.43
N GLY J 90 -35.38 -14.87 91.35
CA GLY J 90 -35.76 -14.49 89.99
C GLY J 90 -37.12 -15.04 89.60
N LYS J 91 -37.23 -15.48 88.36
CA LYS J 91 -38.45 -16.11 87.91
C LYS J 91 -38.33 -17.63 88.00
N ILE J 92 -39.39 -18.28 88.48
CA ILE J 92 -39.42 -19.74 88.54
C ILE J 92 -40.38 -20.27 87.47
N HIS J 93 -40.05 -21.44 86.92
CA HIS J 93 -40.87 -22.07 85.89
C HIS J 93 -41.82 -23.10 86.48
N ALA J 94 -43.06 -23.09 86.00
CA ALA J 94 -44.00 -24.12 86.38
C ALA J 94 -43.97 -25.13 85.28
N ARG J 95 -43.47 -26.33 85.58
CA ARG J 95 -43.38 -27.39 84.58
C ARG J 95 -44.22 -28.62 84.92
N PHE J 96 -45.36 -28.79 84.24
CA PHE J 96 -46.29 -29.90 84.50
C PHE J 96 -45.90 -31.14 83.75
N TYR J 97 -46.05 -32.28 84.39
CA TYR J 97 -45.71 -33.56 83.75
C TYR J 97 -46.75 -34.60 84.11
N ASN J 98 -46.65 -35.76 83.47
CA ASN J 98 -47.57 -36.87 83.73
C ASN J 98 -49.04 -36.48 83.50
N LEU J 99 -49.34 -36.13 82.25
CA LEU J 99 -50.70 -35.80 81.81
C LEU J 99 -51.50 -37.09 81.50
N PRO J 100 -52.82 -36.97 81.32
CA PRO J 100 -53.62 -38.17 81.04
C PRO J 100 -53.46 -38.67 79.59
N GLU J 101 -53.76 -37.79 78.64
CA GLU J 101 -53.59 -38.05 77.20
C GLU J 101 -52.12 -37.92 76.81
N THR J 102 -51.57 -38.99 76.22
CA THR J 102 -50.15 -39.03 75.85
C THR J 102 -49.97 -39.31 74.35
N LEU J 103 -49.94 -38.23 73.55
CA LEU J 103 -49.97 -38.33 72.08
C LEU J 103 -48.77 -39.02 71.43
N MET J 104 -48.92 -39.36 70.15
CA MET J 104 -47.82 -39.80 69.31
C MET J 104 -47.58 -38.68 68.29
N VAL J 105 -46.31 -38.48 67.92
CA VAL J 105 -45.93 -37.43 66.96
C VAL J 105 -46.87 -37.33 65.74
N LYS J 106 -47.19 -38.47 65.13
CA LYS J 106 -48.06 -38.53 63.94
C LYS J 106 -49.50 -38.11 64.23
N ASP J 107 -49.91 -38.24 65.49
CA ASP J 107 -51.27 -37.89 65.93
C ASP J 107 -51.44 -36.38 66.20
N ILE J 108 -50.36 -35.71 66.57
CA ILE J 108 -50.39 -34.27 66.78
C ILE J 108 -51.01 -33.58 65.56
N GLY J 109 -52.11 -32.88 65.78
CA GLY J 109 -52.80 -32.21 64.70
C GLY J 109 -53.16 -30.78 65.06
N ALA J 110 -54.01 -30.18 64.22
CA ALA J 110 -54.47 -28.80 64.36
C ALA J 110 -55.41 -28.61 65.54
N GLU J 111 -56.00 -29.70 66.02
CA GLU J 111 -56.82 -29.65 67.23
C GLU J 111 -56.04 -29.18 68.45
N HIS J 112 -54.78 -29.62 68.58
CA HIS J 112 -53.92 -29.27 69.71
C HIS J 112 -53.22 -27.92 69.61
N ILE J 113 -53.59 -27.09 68.63
CA ILE J 113 -52.94 -25.77 68.50
C ILE J 113 -53.11 -24.95 69.79
N ASN J 114 -52.00 -24.51 70.35
CA ASN J 114 -51.99 -23.75 71.60
C ASN J 114 -52.48 -24.48 72.87
N LYS J 115 -52.72 -25.79 72.77
CA LYS J 115 -53.05 -26.64 73.93
C LYS J 115 -51.81 -27.34 74.47
N LEU J 116 -51.75 -27.55 75.79
CA LEU J 116 -50.64 -28.32 76.36
C LEU J 116 -50.85 -29.78 76.03
N ILE J 117 -49.89 -30.35 75.31
CA ILE J 117 -49.95 -31.76 74.93
C ILE J 117 -48.81 -32.52 75.59
N GLN J 118 -48.89 -33.84 75.55
CA GLN J 118 -47.81 -34.70 76.01
C GLN J 118 -47.43 -35.55 74.83
N VAL J 119 -46.14 -35.78 74.62
CA VAL J 119 -45.70 -36.60 73.49
C VAL J 119 -44.58 -37.55 73.91
N GLU J 120 -44.72 -38.82 73.58
CA GLU J 120 -43.61 -39.75 73.72
C GLU J 120 -42.89 -39.84 72.39
N GLY J 121 -41.58 -40.10 72.43
CA GLY J 121 -40.81 -40.24 71.20
C GLY J 121 -39.32 -40.44 71.42
N ILE J 122 -38.59 -40.44 70.32
CA ILE J 122 -37.13 -40.56 70.34
C ILE J 122 -36.51 -39.32 69.72
N VAL J 123 -35.51 -38.76 70.38
CA VAL J 123 -34.83 -37.57 69.88
C VAL J 123 -33.91 -37.99 68.73
N THR J 124 -34.06 -37.33 67.58
CA THR J 124 -33.21 -37.57 66.41
C THR J 124 -32.18 -36.47 66.19
N ARG J 125 -32.43 -35.29 66.76
CA ARG J 125 -31.54 -34.12 66.60
C ARG J 125 -31.54 -33.17 67.80
N VAL J 126 -30.40 -32.53 68.05
CA VAL J 126 -30.27 -31.45 69.02
C VAL J 126 -29.36 -30.34 68.47
N GLY J 127 -29.82 -29.10 68.52
CA GLY J 127 -29.04 -27.96 68.00
C GLY J 127 -28.07 -27.41 69.01
N GLU J 128 -27.23 -26.47 68.57
CA GLU J 128 -26.32 -25.77 69.48
C GLU J 128 -27.12 -24.94 70.49
N ILE J 129 -26.58 -24.82 71.69
CA ILE J 129 -27.21 -23.99 72.70
C ILE J 129 -26.92 -22.53 72.39
N LYS J 130 -27.89 -21.89 71.75
CA LYS J 130 -27.72 -20.49 71.32
C LYS J 130 -28.45 -19.54 72.25
N PRO J 131 -27.97 -18.29 72.36
CA PRO J 131 -28.65 -17.26 73.15
C PRO J 131 -29.87 -16.71 72.44
N PHE J 132 -31.01 -16.77 73.13
CA PHE J 132 -32.24 -16.20 72.61
C PHE J 132 -32.51 -14.88 73.33
N VAL J 133 -32.90 -13.87 72.55
CA VAL J 133 -33.29 -12.59 73.12
C VAL J 133 -34.76 -12.59 73.60
N SER J 134 -34.97 -12.92 74.88
CA SER J 134 -36.32 -13.03 75.43
C SER J 134 -37.02 -11.68 75.38
N VAL J 135 -36.27 -10.64 75.70
CA VAL J 135 -36.78 -9.29 75.68
C VAL J 135 -35.75 -8.44 74.94
N ALA J 136 -36.15 -7.80 73.84
CA ALA J 136 -35.22 -7.00 73.03
C ALA J 136 -35.38 -5.49 73.18
N VAL J 137 -34.25 -4.79 73.10
CA VAL J 137 -34.18 -3.34 73.28
C VAL J 137 -33.48 -2.67 72.10
N PHE J 138 -34.24 -1.96 71.27
CA PHE J 138 -33.68 -1.22 70.14
C PHE J 138 -33.27 0.17 70.57
N VAL J 139 -32.19 0.68 69.99
CA VAL J 139 -31.70 2.03 70.27
C VAL J 139 -31.57 2.81 68.96
N CYS J 140 -31.90 4.09 69.02
CA CYS J 140 -31.73 5.00 67.90
C CYS J 140 -30.36 5.66 67.98
N LYS J 141 -29.69 5.79 66.84
CA LYS J 141 -28.37 6.41 66.83
C LYS J 141 -28.40 7.85 66.31
N ASP J 142 -29.59 8.45 66.37
CA ASP J 142 -29.76 9.84 65.98
C ASP J 142 -30.21 10.69 67.17
N CYS J 143 -31.11 10.13 67.98
CA CYS J 143 -31.62 10.80 69.18
C CYS J 143 -31.33 10.00 70.45
N GLY J 144 -30.98 8.73 70.28
CA GLY J 144 -30.67 7.86 71.41
C GLY J 144 -31.89 7.28 72.10
N HIS J 145 -33.06 7.38 71.44
CA HIS J 145 -34.32 6.88 72.01
C HIS J 145 -34.32 5.36 72.13
N GLU J 146 -34.84 4.86 73.25
CA GLU J 146 -34.89 3.44 73.53
C GLU J 146 -36.30 2.87 73.28
N MET J 147 -36.34 1.73 72.61
CA MET J 147 -37.60 1.07 72.27
C MET J 147 -37.55 -0.41 72.61
N ILE J 148 -38.43 -0.84 73.52
CA ILE J 148 -38.43 -2.22 73.97
C ILE J 148 -39.49 -3.05 73.23
N VAL J 149 -39.10 -4.25 72.80
CA VAL J 149 -39.99 -5.14 72.05
C VAL J 149 -39.74 -6.60 72.49
N PRO J 150 -40.75 -7.23 73.12
CA PRO J 150 -40.58 -8.62 73.54
C PRO J 150 -40.50 -9.57 72.34
N GLN J 151 -39.72 -10.64 72.47
CA GLN J 151 -39.58 -11.62 71.39
C GLN J 151 -40.11 -12.99 71.78
N LYS J 152 -40.57 -13.75 70.80
CA LYS J 152 -41.07 -15.09 71.06
C LYS J 152 -40.14 -16.08 70.38
N PRO J 153 -39.68 -17.12 71.10
CA PRO J 153 -38.64 -18.05 70.62
C PRO J 153 -39.02 -18.82 69.34
N TYR J 154 -40.31 -18.91 69.02
CA TYR J 154 -40.76 -19.58 67.79
C TYR J 154 -41.05 -18.63 66.64
N GLU J 155 -41.53 -17.42 66.95
CA GLU J 155 -41.80 -16.41 65.94
C GLU J 155 -40.50 -15.81 65.44
N SER J 156 -40.53 -15.23 64.24
CA SER J 156 -39.38 -14.55 63.67
C SER J 156 -39.11 -13.23 64.40
N LEU J 157 -37.87 -12.76 64.33
CA LEU J 157 -37.47 -11.53 65.02
C LEU J 157 -38.28 -10.35 64.53
N GLU J 158 -38.79 -9.59 65.49
CA GLU J 158 -39.61 -8.45 65.23
C GLU J 158 -38.79 -7.20 65.47
N LYS J 159 -38.25 -6.65 64.38
CA LYS J 159 -37.46 -5.44 64.45
C LYS J 159 -38.38 -4.23 64.46
N VAL J 160 -37.79 -3.05 64.31
CA VAL J 160 -38.53 -1.80 64.11
C VAL J 160 -37.72 -0.87 63.20
N LYS J 161 -38.27 -0.58 62.03
CA LYS J 161 -37.55 0.15 60.98
C LYS J 161 -37.55 1.67 61.13
N LYS J 162 -38.35 2.19 62.06
CA LYS J 162 -38.45 3.63 62.24
C LYS J 162 -38.50 4.01 63.72
N CYS J 163 -37.86 5.12 64.06
CA CYS J 163 -37.78 5.60 65.43
C CYS J 163 -39.12 6.14 65.93
N GLU J 164 -39.52 5.69 67.12
CA GLU J 164 -40.75 6.13 67.75
C GLU J 164 -40.71 7.63 68.01
N GLN J 165 -39.53 8.13 68.37
CA GLN J 165 -39.35 9.52 68.79
C GLN J 165 -39.14 10.47 67.61
N CYS J 166 -37.98 10.36 66.98
CA CYS J 166 -37.57 11.28 65.91
C CYS J 166 -37.87 10.74 64.50
N GLY J 167 -38.30 9.48 64.43
CA GLY J 167 -38.69 8.87 63.15
C GLY J 167 -37.54 8.53 62.23
N SER J 168 -36.31 8.57 62.76
CA SER J 168 -35.11 8.26 61.97
C SER J 168 -35.00 6.78 61.68
N LYS J 169 -34.82 6.46 60.41
CA LYS J 169 -34.68 5.07 59.97
C LYS J 169 -33.25 4.59 60.20
N ASN J 170 -32.74 4.87 61.39
CA ASN J 170 -31.39 4.47 61.80
C ASN J 170 -31.45 3.85 63.19
N ILE J 171 -32.01 2.64 63.28
CA ILE J 171 -32.16 1.94 64.55
C ILE J 171 -31.28 0.70 64.58
N GLU J 172 -30.77 0.38 65.77
CA GLU J 172 -29.98 -0.82 65.97
C GLU J 172 -30.38 -1.52 67.26
N LEU J 173 -30.22 -2.84 67.29
CA LEU J 173 -30.44 -3.61 68.50
C LEU J 173 -29.25 -3.45 69.43
N ASP J 174 -29.51 -3.11 70.70
CA ASP J 174 -28.45 -2.97 71.70
C ASP J 174 -28.29 -4.24 72.54
N VAL J 175 -27.17 -4.93 72.36
CA VAL J 175 -26.96 -6.24 72.99
C VAL J 175 -26.96 -6.18 74.52
N ASN J 176 -26.32 -5.16 75.09
CA ASN J 176 -26.24 -5.01 76.55
C ASN J 176 -27.57 -4.73 77.20
N LYS J 177 -28.30 -3.77 76.64
CA LYS J 177 -29.60 -3.34 77.13
C LYS J 177 -30.68 -4.42 77.02
N SER J 178 -30.44 -5.41 76.15
CA SER J 178 -31.39 -6.50 75.92
C SER J 178 -31.19 -7.68 76.87
N SER J 179 -32.19 -8.55 76.94
CA SER J 179 -32.18 -9.73 77.81
C SER J 179 -32.13 -11.01 76.99
N PHE J 180 -31.27 -11.93 77.42
CA PHE J 180 -31.04 -13.19 76.71
C PHE J 180 -31.20 -14.40 77.62
N VAL J 181 -31.54 -15.53 77.01
CA VAL J 181 -31.65 -16.82 77.71
C VAL J 181 -31.13 -17.97 76.83
N ASN J 182 -30.55 -18.99 77.46
CA ASN J 182 -30.15 -20.17 76.69
C ASN J 182 -31.35 -20.70 75.92
N PHE J 183 -31.06 -21.35 74.79
CA PHE J 183 -32.08 -21.85 73.83
C PHE J 183 -31.47 -23.07 73.14
N GLN J 184 -32.29 -24.10 72.90
CA GLN J 184 -31.83 -25.26 72.12
C GLN J 184 -32.94 -25.95 71.32
N SER J 185 -32.81 -25.99 69.99
CA SER J 185 -33.77 -26.75 69.17
C SER J 185 -33.46 -28.25 69.17
N PHE J 186 -34.47 -29.04 68.81
CA PHE J 186 -34.36 -30.49 68.85
C PHE J 186 -35.57 -31.09 68.16
N ARG J 187 -35.34 -32.21 67.50
CA ARG J 187 -36.37 -32.92 66.78
C ARG J 187 -36.65 -34.27 67.42
N ILE J 188 -37.92 -34.63 67.50
CA ILE J 188 -38.34 -35.99 67.86
C ILE J 188 -39.34 -36.55 66.85
N GLN J 189 -39.04 -37.74 66.35
CA GLN J 189 -39.90 -38.43 65.39
C GLN J 189 -40.42 -39.70 66.02
N ASP J 190 -41.64 -40.07 65.66
CA ASP J 190 -42.22 -41.30 66.15
C ASP J 190 -41.24 -42.44 65.96
N ARG J 191 -41.13 -43.27 66.98
CA ARG J 191 -40.18 -44.39 67.04
C ARG J 191 -40.23 -45.30 65.80
N PRO J 192 -39.12 -46.01 65.50
CA PRO J 192 -39.16 -46.90 64.33
C PRO J 192 -39.85 -48.23 64.59
N GLU J 193 -39.85 -48.69 65.84
CA GLU J 193 -40.42 -49.99 66.20
C GLU J 193 -41.95 -49.97 66.40
N THR J 194 -42.43 -49.10 67.28
CA THR J 194 -43.86 -49.09 67.63
C THR J 194 -44.75 -48.48 66.54
N LEU J 195 -44.15 -47.68 65.66
CA LEU J 195 -44.84 -47.23 64.45
C LEU J 195 -45.11 -48.47 63.61
N LYS J 196 -46.20 -48.47 62.85
CA LYS J 196 -46.61 -49.69 62.15
C LYS J 196 -45.73 -50.07 60.96
N GLY J 197 -44.82 -49.18 60.56
CA GLY J 197 -43.86 -49.46 59.50
C GLY J 197 -44.49 -49.62 58.12
N GLY J 198 -43.64 -49.73 57.10
CA GLY J 198 -44.10 -49.80 55.71
C GLY J 198 -44.37 -48.43 55.13
N GLU J 199 -44.38 -47.43 55.99
CA GLU J 199 -44.59 -46.03 55.62
C GLU J 199 -43.28 -45.27 55.82
N MET J 200 -43.39 -44.11 56.45
CA MET J 200 -42.26 -43.28 56.79
C MET J 200 -42.61 -42.56 58.09
N PRO J 201 -41.69 -42.57 59.08
CA PRO J 201 -41.98 -41.94 60.38
C PRO J 201 -42.27 -40.45 60.27
N ARG J 202 -43.03 -39.93 61.24
CA ARG J 202 -43.33 -38.51 61.30
C ARG J 202 -42.53 -37.83 62.40
N PHE J 203 -42.09 -36.60 62.14
CA PHE J 203 -41.19 -35.86 63.03
C PHE J 203 -41.80 -34.58 63.60
N ILE J 204 -41.25 -34.06 64.69
CA ILE J 204 -41.60 -32.71 65.16
C ILE J 204 -40.46 -31.93 65.84
N ASP J 205 -40.29 -30.68 65.43
CA ASP J 205 -39.27 -29.79 65.98
C ASP J 205 -39.74 -29.06 67.23
N GLY J 206 -38.85 -29.00 68.21
CA GLY J 206 -39.18 -28.47 69.51
C GLY J 206 -38.16 -27.47 69.98
N ILE J 207 -38.54 -26.74 71.02
CA ILE J 207 -37.73 -25.68 71.58
C ILE J 207 -37.52 -26.00 73.06
N LEU J 208 -36.31 -25.75 73.56
CA LEU J 208 -36.01 -25.82 75.00
C LEU J 208 -35.44 -24.50 75.46
N LEU J 209 -35.83 -24.03 76.64
CA LEU J 209 -35.25 -22.79 77.18
C LEU J 209 -34.75 -22.92 78.62
N ASP J 210 -33.97 -21.93 79.06
CA ASP J 210 -33.40 -21.93 80.40
C ASP J 210 -32.86 -23.29 80.88
N ASP J 211 -33.36 -23.71 82.04
CA ASP J 211 -32.88 -24.90 82.75
C ASP J 211 -33.07 -26.24 82.01
N ILE J 212 -34.00 -26.28 81.07
CA ILE J 212 -34.28 -27.49 80.30
C ILE J 212 -33.48 -27.59 79.00
N VAL J 213 -32.55 -26.67 78.80
CA VAL J 213 -31.63 -26.72 77.68
C VAL J 213 -30.62 -27.84 77.91
N ASP J 214 -30.16 -28.47 76.82
CA ASP J 214 -29.12 -29.52 76.86
C ASP J 214 -29.46 -30.67 77.82
N VAL J 215 -30.73 -31.06 77.83
CA VAL J 215 -31.18 -32.11 78.73
C VAL J 215 -31.26 -33.49 78.06
N ALA J 216 -31.23 -33.51 76.73
CA ALA J 216 -31.24 -34.77 76.00
C ALA J 216 -30.29 -34.77 74.80
N LEU J 217 -29.78 -35.94 74.47
CA LEU J 217 -28.91 -36.15 73.31
C LEU J 217 -29.65 -36.96 72.25
N PRO J 218 -29.19 -36.91 70.98
CA PRO J 218 -29.85 -37.71 69.95
C PRO J 218 -29.83 -39.22 70.25
N GLY J 219 -31.01 -39.83 70.24
CA GLY J 219 -31.15 -41.25 70.54
C GLY J 219 -31.78 -41.54 71.89
N ASP J 220 -32.15 -40.48 72.61
CA ASP J 220 -32.81 -40.62 73.91
C ASP J 220 -34.31 -40.78 73.73
N ARG J 221 -34.90 -41.73 74.46
CA ARG J 221 -36.35 -41.85 74.53
C ARG J 221 -36.85 -40.86 75.57
N VAL J 222 -37.76 -39.99 75.14
CA VAL J 222 -38.26 -38.92 76.02
C VAL J 222 -39.79 -38.82 76.04
N ILE J 223 -40.30 -38.29 77.15
CA ILE J 223 -41.73 -37.96 77.27
C ILE J 223 -41.83 -36.47 77.56
N VAL J 224 -42.00 -35.70 76.49
CA VAL J 224 -42.03 -34.26 76.61
C VAL J 224 -43.45 -33.78 76.81
N THR J 225 -43.60 -32.67 77.50
CA THR J 225 -44.86 -31.97 77.54
C THR J 225 -44.60 -30.66 76.80
N GLY J 226 -45.65 -29.98 76.36
CA GLY J 226 -45.44 -28.69 75.72
C GLY J 226 -46.62 -28.08 75.03
N ILE J 227 -46.45 -26.85 74.56
CA ILE J 227 -47.49 -26.19 73.80
C ILE J 227 -47.19 -26.30 72.31
N LEU J 228 -48.16 -26.87 71.59
CA LEU J 228 -48.14 -26.97 70.15
C LEU J 228 -48.29 -25.56 69.58
N ARG J 229 -47.27 -25.11 68.84
CA ARG J 229 -47.26 -23.78 68.24
C ARG J 229 -47.30 -23.88 66.73
N VAL J 230 -47.94 -22.86 66.13
CA VAL J 230 -47.99 -22.82 64.67
C VAL J 230 -47.45 -21.54 64.08
N VAL J 231 -46.82 -21.68 62.92
CA VAL J 231 -46.22 -20.58 62.18
C VAL J 231 -46.28 -20.94 60.70
N LEU J 232 -45.99 -19.97 59.83
CA LEU J 232 -46.05 -20.26 58.39
C LEU J 232 -44.83 -21.03 57.89
N GLU J 233 -45.04 -21.92 56.92
CA GLU J 233 -43.93 -22.61 56.26
C GLU J 233 -42.99 -21.58 55.67
N LYS J 234 -41.70 -21.72 55.95
CA LYS J 234 -40.64 -20.81 55.47
C LYS J 234 -41.13 -19.74 54.49
N ARG J 235 -41.55 -20.16 53.31
CA ARG J 235 -41.98 -19.28 52.21
C ARG J 235 -43.09 -18.31 52.57
N GLU J 236 -44.07 -18.79 53.34
CA GLU J 236 -45.20 -17.98 53.80
C GLU J 236 -46.13 -17.55 52.66
N LYS J 237 -46.31 -18.45 51.68
CA LYS J 237 -47.17 -18.17 50.53
C LYS J 237 -48.54 -18.85 50.62
N THR J 238 -48.62 -19.96 51.35
CA THR J 238 -49.88 -20.69 51.50
C THR J 238 -50.40 -20.60 52.93
N PRO J 239 -51.71 -20.79 53.11
CA PRO J 239 -52.32 -20.77 54.44
C PRO J 239 -52.09 -22.04 55.24
N ILE J 240 -51.03 -22.78 54.90
CA ILE J 240 -50.65 -24.01 55.60
C ILE J 240 -49.59 -23.66 56.67
N PHE J 241 -49.60 -24.34 57.81
CA PHE J 241 -48.72 -23.98 58.92
C PHE J 241 -47.65 -25.02 59.31
N ARG J 242 -46.74 -24.61 60.17
CA ARG J 242 -45.67 -25.46 60.65
C ARG J 242 -45.79 -25.71 62.15
N LYS J 243 -45.77 -26.98 62.55
CA LYS J 243 -46.02 -27.36 63.94
C LYS J 243 -44.71 -27.34 64.74
N ILE J 244 -44.60 -26.45 65.72
CA ILE J 244 -43.45 -26.39 66.64
C ILE J 244 -43.91 -26.72 68.04
N LEU J 245 -43.09 -27.47 68.77
CA LEU J 245 -43.44 -27.85 70.13
C LEU J 245 -42.61 -27.07 71.13
N GLU J 246 -43.22 -26.06 71.77
CA GLU J 246 -42.54 -25.26 72.80
C GLU J 246 -42.53 -26.05 74.11
N VAL J 247 -41.44 -26.76 74.37
CA VAL J 247 -41.41 -27.75 75.46
C VAL J 247 -41.59 -27.06 76.82
N ASN J 248 -42.43 -27.66 77.66
CA ASN J 248 -42.69 -27.17 79.01
C ASN J 248 -42.18 -28.13 80.06
N HIS J 249 -41.76 -29.31 79.62
CA HIS J 249 -41.20 -30.29 80.52
C HIS J 249 -40.76 -31.50 79.73
N ILE J 250 -39.57 -31.97 80.04
CA ILE J 250 -39.01 -33.15 79.42
C ILE J 250 -38.51 -34.11 80.49
N GLU J 251 -38.69 -35.40 80.25
CA GLU J 251 -38.32 -36.42 81.20
C GLU J 251 -37.93 -37.68 80.44
N PRO J 252 -36.74 -38.26 80.77
CA PRO J 252 -36.30 -39.49 80.10
C PRO J 252 -37.06 -40.74 80.56
N VAL J 253 -37.00 -41.79 79.75
CA VAL J 253 -37.59 -43.10 80.08
C VAL J 253 -36.82 -44.23 79.40
N SER J 254 -36.35 -45.19 80.18
CA SER J 254 -35.64 -46.35 79.64
C SER J 254 -36.60 -47.52 79.41
N LYS J 255 -36.98 -47.71 78.15
CA LYS J 255 -37.91 -48.78 77.79
C LYS J 255 -37.19 -50.12 77.60
N SER K 1 -78.87 -25.19 35.78
CA SER K 1 -78.98 -23.77 36.23
C SER K 1 -80.00 -23.65 37.38
N VAL K 2 -79.49 -23.78 38.61
CA VAL K 2 -80.30 -23.67 39.83
C VAL K 2 -79.51 -22.86 40.85
N ASP K 3 -80.14 -21.86 41.44
CA ASP K 3 -79.49 -21.03 42.44
C ASP K 3 -79.44 -21.73 43.80
N ARG K 4 -78.57 -21.24 44.69
CA ARG K 4 -78.35 -21.78 46.03
C ARG K 4 -79.64 -22.03 46.82
N GLU K 5 -80.35 -20.96 47.13
CA GLU K 5 -81.57 -21.02 47.93
C GLU K 5 -82.32 -22.34 47.73
N GLU K 6 -82.70 -22.59 46.48
CA GLU K 6 -83.48 -23.75 46.08
C GLU K 6 -82.73 -25.06 46.29
N MET K 7 -81.44 -25.08 45.96
CA MET K 7 -80.59 -26.28 46.12
C MET K 7 -80.58 -26.77 47.57
N ILE K 8 -80.46 -25.82 48.50
CA ILE K 8 -80.47 -26.13 49.91
C ILE K 8 -81.73 -26.95 50.21
N GLU K 9 -82.88 -26.38 49.87
CA GLU K 9 -84.18 -27.02 50.05
C GLU K 9 -84.28 -28.40 49.41
N ARG K 10 -83.99 -28.47 48.10
CA ARG K 10 -84.00 -29.73 47.37
C ARG K 10 -83.08 -30.75 48.02
N PHE K 11 -81.97 -30.28 48.56
CA PHE K 11 -81.04 -31.16 49.26
C PHE K 11 -81.65 -31.65 50.55
N ALA K 12 -82.19 -30.71 51.34
CA ALA K 12 -82.87 -31.04 52.59
C ALA K 12 -83.87 -32.16 52.32
N ASN K 13 -84.80 -31.88 51.41
CA ASN K 13 -85.75 -32.87 50.94
C ASN K 13 -85.05 -34.18 50.58
N PHE K 14 -84.09 -34.13 49.64
CA PHE K 14 -83.36 -35.34 49.26
C PHE K 14 -83.02 -36.18 50.48
N LEU K 15 -82.32 -35.57 51.43
CA LEU K 15 -81.79 -36.28 52.59
C LEU K 15 -82.87 -37.02 53.37
N ARG K 16 -83.95 -36.31 53.67
CA ARG K 16 -85.01 -36.85 54.51
C ARG K 16 -86.00 -37.71 53.73
N GLU K 17 -86.14 -37.45 52.43
CA GLU K 17 -87.15 -38.12 51.60
C GLU K 17 -86.65 -39.32 50.79
N TYR K 18 -85.35 -39.36 50.48
CA TYR K 18 -84.80 -40.47 49.68
C TYR K 18 -84.90 -41.80 50.42
N THR K 19 -85.35 -42.82 49.69
CA THR K 19 -85.41 -44.21 50.18
C THR K 19 -84.97 -45.15 49.08
N ASP K 20 -84.12 -46.12 49.42
CA ASP K 20 -83.56 -47.02 48.40
C ASP K 20 -84.57 -48.02 47.87
N GLU K 21 -84.14 -49.27 47.71
CA GLU K 21 -85.02 -50.33 47.22
C GLU K 21 -85.71 -51.07 48.37
N ASP K 22 -85.46 -50.64 49.59
CA ASP K 22 -86.03 -51.27 50.78
C ASP K 22 -86.76 -50.26 51.66
N GLY K 23 -86.82 -49.02 51.19
CA GLY K 23 -87.42 -47.94 51.96
C GLY K 23 -86.49 -47.34 53.01
N ASN K 24 -85.19 -47.62 52.90
CA ASN K 24 -84.19 -47.09 53.82
C ASN K 24 -83.93 -45.61 53.55
N PRO K 25 -84.28 -44.73 54.52
CA PRO K 25 -83.93 -43.33 54.35
C PRO K 25 -82.45 -43.09 54.67
N VAL K 26 -81.63 -44.06 54.29
CA VAL K 26 -80.17 -44.11 54.54
C VAL K 26 -79.49 -42.81 54.98
N TYR K 27 -79.90 -41.69 54.42
CA TYR K 27 -79.30 -40.39 54.77
C TYR K 27 -79.74 -39.85 56.13
N ARG K 28 -80.92 -40.24 56.58
CA ARG K 28 -81.31 -40.05 57.98
C ARG K 28 -80.44 -40.92 58.88
N GLY K 29 -80.13 -42.14 58.41
CA GLY K 29 -79.28 -43.08 59.13
C GLY K 29 -77.83 -42.65 59.25
N LYS K 30 -77.40 -41.74 58.37
CA LYS K 30 -76.04 -41.21 58.42
C LYS K 30 -75.99 -39.88 59.11
N ILE K 31 -77.06 -39.10 59.02
CA ILE K 31 -77.21 -37.87 59.81
C ILE K 31 -77.32 -38.25 61.32
N THR K 32 -77.58 -39.53 61.56
CA THR K 32 -77.61 -40.11 62.90
C THR K 32 -76.22 -40.40 63.42
N ASP K 33 -75.37 -40.94 62.55
CA ASP K 33 -73.98 -41.26 62.89
C ASP K 33 -73.18 -39.99 63.10
N LEU K 34 -73.85 -38.85 62.98
CA LEU K 34 -73.26 -37.55 63.23
C LEU K 34 -73.25 -37.18 64.71
N LEU K 35 -74.19 -37.76 65.47
CA LEU K 35 -74.46 -37.32 66.84
C LEU K 35 -74.01 -38.29 67.94
N THR K 36 -73.52 -39.46 67.55
CA THR K 36 -73.16 -40.53 68.48
C THR K 36 -71.91 -40.23 69.33
N ILE K 37 -71.44 -41.26 70.03
CA ILE K 37 -70.23 -41.18 70.86
C ILE K 37 -68.97 -40.84 70.06
N THR K 38 -68.77 -41.57 68.97
CA THR K 38 -67.69 -41.33 68.01
C THR K 38 -68.27 -40.64 66.78
N PRO K 39 -68.50 -39.30 66.86
CA PRO K 39 -69.18 -38.62 65.77
C PRO K 39 -68.29 -38.38 64.56
N LYS K 40 -68.90 -38.42 63.38
CA LYS K 40 -68.22 -38.16 62.12
C LYS K 40 -68.63 -36.77 61.68
N ARG K 41 -67.76 -36.09 60.94
CA ARG K 41 -68.04 -34.70 60.55
C ARG K 41 -68.47 -34.55 59.10
N SER K 42 -68.72 -35.67 58.43
CA SER K 42 -69.13 -35.65 57.03
C SER K 42 -70.17 -36.71 56.68
N VAL K 43 -70.98 -36.39 55.67
CA VAL K 43 -72.05 -37.25 55.17
C VAL K 43 -71.71 -37.72 53.76
N ALA K 44 -71.45 -39.02 53.59
CA ALA K 44 -71.03 -39.55 52.28
C ALA K 44 -72.21 -39.76 51.33
N ILE K 45 -72.38 -38.86 50.37
CA ILE K 45 -73.50 -38.93 49.44
C ILE K 45 -73.12 -39.66 48.16
N ASP K 46 -73.86 -40.74 47.86
CA ASP K 46 -73.70 -41.46 46.60
C ASP K 46 -74.41 -40.65 45.51
N TRP K 47 -73.68 -40.32 44.45
CA TRP K 47 -74.21 -39.45 43.41
C TRP K 47 -75.40 -40.09 42.70
N MET K 48 -75.30 -41.40 42.47
CA MET K 48 -76.34 -42.16 41.81
C MET K 48 -77.66 -42.04 42.56
N HIS K 49 -77.61 -42.14 43.89
CA HIS K 49 -78.79 -41.92 44.73
C HIS K 49 -79.36 -40.52 44.49
N LEU K 50 -78.51 -39.51 44.51
CA LEU K 50 -78.94 -38.14 44.23
C LEU K 50 -79.55 -38.05 42.84
N ASN K 51 -78.89 -38.67 41.87
CA ASN K 51 -79.32 -38.62 40.48
C ASN K 51 -80.72 -39.18 40.28
N SER K 52 -80.97 -40.38 40.81
CA SER K 52 -82.26 -41.04 40.63
C SER K 52 -83.42 -40.24 41.26
N PHE K 53 -83.18 -39.67 42.43
CA PHE K 53 -84.17 -38.85 43.14
C PHE K 53 -84.40 -37.52 42.44
N ASP K 54 -83.30 -36.88 42.05
CA ASP K 54 -83.32 -35.57 41.39
C ASP K 54 -82.05 -35.43 40.59
N SER K 55 -82.10 -35.82 39.31
CA SER K 55 -80.92 -35.77 38.45
C SER K 55 -80.62 -34.38 37.90
N GLU K 56 -81.54 -33.44 38.07
CA GLU K 56 -81.32 -32.06 37.66
C GLU K 56 -80.43 -31.32 38.64
N LEU K 57 -80.36 -31.85 39.86
CA LEU K 57 -79.50 -31.30 40.90
C LEU K 57 -78.16 -32.00 40.85
N ALA K 58 -78.18 -33.32 40.74
CA ALA K 58 -76.98 -34.14 40.56
C ALA K 58 -76.10 -33.64 39.41
N HIS K 59 -76.71 -32.90 38.49
CA HIS K 59 -76.01 -32.28 37.38
C HIS K 59 -75.72 -30.82 37.65
N GLU K 60 -75.59 -30.49 38.93
CA GLU K 60 -75.23 -29.16 39.36
C GLU K 60 -74.08 -29.25 40.31
N VAL K 61 -74.06 -30.29 41.13
CA VAL K 61 -72.92 -30.54 42.00
C VAL K 61 -71.70 -30.79 41.11
N ILE K 62 -71.96 -31.38 39.94
CA ILE K 62 -70.91 -31.65 38.98
C ILE K 62 -70.49 -30.37 38.27
N GLU K 63 -71.45 -29.71 37.63
CA GLU K 63 -71.18 -28.48 36.88
C GLU K 63 -70.94 -27.25 37.73
N ASN K 64 -71.14 -27.37 39.04
CA ASN K 64 -71.02 -26.24 39.95
C ASN K 64 -70.77 -26.64 41.41
N PRO K 65 -69.71 -27.42 41.64
CA PRO K 65 -69.51 -28.01 42.96
C PRO K 65 -69.41 -26.98 44.09
N GLU K 66 -68.84 -25.80 43.81
CA GLU K 66 -68.67 -24.81 44.88
C GLU K 66 -69.99 -24.36 45.51
N GLU K 67 -71.00 -24.12 44.67
CA GLU K 67 -72.37 -23.86 45.15
C GLU K 67 -73.01 -25.13 45.65
N GLY K 68 -72.87 -26.20 44.87
CA GLY K 68 -73.48 -27.50 45.15
C GLY K 68 -73.07 -28.09 46.48
N ILE K 69 -71.77 -28.20 46.71
CA ILE K 69 -71.24 -28.79 47.94
C ILE K 69 -71.69 -27.93 49.10
N SER K 70 -71.46 -26.62 48.96
CA SER K 70 -71.86 -25.64 49.96
C SER K 70 -73.35 -25.74 50.33
N ALA K 71 -74.23 -25.66 49.32
CA ALA K 71 -75.67 -25.73 49.54
C ALA K 71 -76.09 -26.98 50.29
N ALA K 72 -75.50 -28.12 49.91
CA ALA K 72 -75.78 -29.42 50.52
C ALA K 72 -75.36 -29.44 51.97
N GLU K 73 -74.35 -28.64 52.31
CA GLU K 73 -73.88 -28.58 53.68
C GLU K 73 -74.83 -27.77 54.56
N ASP K 74 -75.42 -26.71 54.00
CA ASP K 74 -76.46 -25.94 54.67
C ASP K 74 -77.71 -26.78 54.89
N ALA K 75 -77.93 -27.72 53.99
CA ALA K 75 -79.06 -28.62 54.07
C ALA K 75 -78.88 -29.56 55.24
N ILE K 76 -77.69 -30.16 55.35
CA ILE K 76 -77.37 -31.02 56.49
C ILE K 76 -77.48 -30.22 57.79
N GLN K 77 -77.17 -28.93 57.71
CA GLN K 77 -77.27 -28.01 58.84
C GLN K 77 -78.72 -27.83 59.30
N ILE K 78 -79.61 -27.65 58.33
CA ILE K 78 -81.04 -27.44 58.56
C ILE K 78 -81.74 -28.72 59.03
N VAL K 79 -81.42 -29.85 58.40
CA VAL K 79 -82.02 -31.13 58.78
C VAL K 79 -81.46 -31.70 60.08
N LEU K 80 -80.68 -30.89 60.79
CA LEU K 80 -80.24 -31.21 62.13
C LEU K 80 -80.89 -30.25 63.11
N ARG K 81 -80.98 -28.99 62.68
CA ARG K 81 -81.61 -27.93 63.46
C ARG K 81 -83.11 -28.16 63.67
N GLU K 82 -83.78 -28.70 62.65
CA GLU K 82 -85.22 -28.97 62.69
C GLU K 82 -85.55 -30.36 63.23
N ASP K 83 -84.97 -31.38 62.60
CA ASP K 83 -85.33 -32.78 62.85
C ASP K 83 -84.62 -33.43 64.03
N PHE K 84 -83.74 -32.69 64.69
CA PHE K 84 -82.96 -33.22 65.81
C PHE K 84 -82.64 -32.16 66.88
N GLN K 85 -83.14 -30.94 66.67
CA GLN K 85 -82.96 -29.80 67.59
C GLN K 85 -81.50 -29.46 67.94
N ARG K 86 -80.57 -30.00 67.17
CA ARG K 86 -79.15 -29.77 67.38
C ARG K 86 -78.67 -28.61 66.52
N GLU K 87 -77.97 -27.68 67.16
CA GLU K 87 -77.38 -26.52 66.48
C GLU K 87 -75.95 -26.36 66.99
N ASP K 88 -75.63 -27.15 68.01
CA ASP K 88 -74.31 -27.16 68.64
C ASP K 88 -73.25 -27.80 67.75
N VAL K 89 -73.65 -28.81 66.98
CA VAL K 89 -72.76 -29.52 66.05
C VAL K 89 -72.02 -28.50 65.18
N GLY K 90 -70.73 -28.74 64.95
CA GLY K 90 -69.91 -27.86 64.11
C GLY K 90 -70.35 -27.91 62.67
N LYS K 91 -69.40 -27.77 61.75
CA LYS K 91 -69.71 -27.88 60.32
C LYS K 91 -69.52 -29.30 59.81
N ILE K 92 -70.44 -29.74 58.95
CA ILE K 92 -70.43 -31.09 58.40
C ILE K 92 -70.21 -31.09 56.87
N HIS K 93 -69.31 -31.96 56.41
CA HIS K 93 -68.90 -31.99 55.01
C HIS K 93 -69.83 -32.82 54.12
N ALA K 94 -70.17 -32.27 52.96
CA ALA K 94 -70.98 -32.98 51.98
C ALA K 94 -70.05 -33.64 50.98
N ARG K 95 -69.86 -34.94 51.11
CA ARG K 95 -68.85 -35.63 50.32
C ARG K 95 -69.47 -36.58 49.29
N PHE K 96 -69.51 -36.16 48.01
CA PHE K 96 -70.15 -36.95 46.92
C PHE K 96 -69.20 -37.95 46.33
N TYR K 97 -69.70 -39.15 46.06
CA TYR K 97 -68.88 -40.16 45.43
C TYR K 97 -69.64 -40.87 44.35
N ASN K 98 -68.97 -41.81 43.69
CA ASN K 98 -69.59 -42.59 42.64
C ASN K 98 -70.28 -41.72 41.57
N LEU K 99 -69.47 -40.93 40.87
CA LEU K 99 -69.93 -40.08 39.77
C LEU K 99 -69.99 -40.92 38.51
N PRO K 100 -70.59 -40.38 37.44
CA PRO K 100 -70.74 -41.15 36.21
C PRO K 100 -69.44 -41.25 35.43
N GLU K 101 -68.92 -40.09 35.03
CA GLU K 101 -67.71 -39.94 34.24
C GLU K 101 -66.49 -40.07 35.14
N THR K 102 -65.71 -41.11 34.88
CA THR K 102 -64.53 -41.36 35.70
C THR K 102 -63.24 -41.19 34.87
N LEU K 103 -62.65 -39.98 34.95
CA LEU K 103 -61.47 -39.56 34.16
C LEU K 103 -60.16 -40.19 34.57
N MET K 104 -59.22 -40.20 33.63
CA MET K 104 -57.82 -40.60 33.88
C MET K 104 -57.04 -39.31 34.21
N VAL K 105 -55.92 -39.45 34.92
CA VAL K 105 -55.11 -38.28 35.28
C VAL K 105 -54.76 -37.51 34.00
N LYS K 106 -54.23 -38.23 33.02
CA LYS K 106 -53.85 -37.64 31.72
C LYS K 106 -54.99 -36.92 30.97
N ASP K 107 -56.24 -37.30 31.24
CA ASP K 107 -57.37 -36.78 30.50
C ASP K 107 -57.86 -35.46 31.12
N ILE K 108 -57.58 -35.29 32.40
CA ILE K 108 -58.01 -34.09 33.11
C ILE K 108 -57.45 -32.97 32.31
N GLY K 109 -58.34 -32.11 31.85
CA GLY K 109 -57.93 -30.93 31.10
C GLY K 109 -58.68 -29.68 31.50
N ALA K 110 -58.47 -28.64 30.70
CA ALA K 110 -59.03 -27.31 30.90
C ALA K 110 -60.54 -27.34 31.02
N GLU K 111 -61.17 -28.24 30.27
CA GLU K 111 -62.63 -28.40 30.31
C GLU K 111 -63.19 -28.54 31.72
N HIS K 112 -62.47 -29.23 32.60
CA HIS K 112 -62.97 -29.55 33.92
C HIS K 112 -62.70 -28.52 34.99
N ILE K 113 -62.05 -27.41 34.64
CA ILE K 113 -61.76 -26.34 35.61
C ILE K 113 -63.01 -26.00 36.41
N ASN K 114 -62.92 -26.17 37.72
CA ASN K 114 -64.02 -25.85 38.64
C ASN K 114 -65.28 -26.71 38.44
N LYS K 115 -65.13 -27.94 37.98
CA LYS K 115 -66.22 -28.90 37.88
C LYS K 115 -65.84 -30.04 38.77
N LEU K 116 -66.81 -30.66 39.43
CA LEU K 116 -66.48 -31.84 40.22
C LEU K 116 -66.16 -32.95 39.25
N ILE K 117 -64.93 -33.46 39.33
CA ILE K 117 -64.51 -34.61 38.53
C ILE K 117 -64.23 -35.77 39.46
N GLN K 118 -64.02 -36.93 38.86
CA GLN K 118 -63.72 -38.15 39.62
C GLN K 118 -62.53 -38.78 38.96
N VAL K 119 -61.55 -39.19 39.74
CA VAL K 119 -60.34 -39.78 39.14
C VAL K 119 -59.91 -41.05 39.81
N GLU K 120 -59.68 -42.09 39.01
CA GLU K 120 -59.02 -43.28 39.53
C GLU K 120 -57.53 -43.19 39.30
N GLY K 121 -56.75 -43.49 40.33
CA GLY K 121 -55.31 -43.21 40.30
C GLY K 121 -54.56 -43.96 41.38
N ILE K 122 -53.24 -43.84 41.37
CA ILE K 122 -52.42 -44.55 42.35
C ILE K 122 -51.61 -43.47 43.02
N VAL K 123 -51.69 -43.46 44.33
CA VAL K 123 -51.02 -42.47 45.15
C VAL K 123 -49.55 -42.75 45.18
N THR K 124 -48.79 -41.75 44.74
CA THR K 124 -47.34 -41.83 44.65
C THR K 124 -46.67 -41.11 45.82
N ARG K 125 -47.38 -40.15 46.43
CA ARG K 125 -46.83 -39.32 47.50
C ARG K 125 -47.89 -38.78 48.45
N VAL K 126 -47.49 -38.54 49.70
CA VAL K 126 -48.33 -37.90 50.71
C VAL K 126 -47.50 -36.97 51.59
N GLY K 127 -48.02 -35.77 51.84
CA GLY K 127 -47.30 -34.78 52.63
C GLY K 127 -47.46 -34.98 54.13
N GLU K 128 -46.85 -34.09 54.90
CA GLU K 128 -47.00 -34.09 56.35
C GLU K 128 -48.35 -33.49 56.64
N ILE K 129 -48.94 -33.86 57.78
CA ILE K 129 -50.23 -33.32 58.15
C ILE K 129 -50.03 -31.98 58.79
N LYS K 130 -50.23 -30.94 58.02
CA LYS K 130 -49.98 -29.60 58.49
C LYS K 130 -51.28 -28.89 58.79
N PRO K 131 -51.24 -27.93 59.70
CA PRO K 131 -52.39 -27.09 60.02
C PRO K 131 -52.68 -26.00 58.98
N PHE K 132 -53.92 -25.98 58.51
CA PHE K 132 -54.36 -25.00 57.53
C PHE K 132 -55.34 -24.00 58.15
N VAL K 133 -55.03 -22.70 58.10
CA VAL K 133 -55.98 -21.69 58.56
C VAL K 133 -57.11 -21.53 57.56
N SER K 134 -58.23 -22.17 57.87
CA SER K 134 -59.42 -22.11 57.01
C SER K 134 -60.18 -20.79 57.16
N VAL K 135 -59.94 -20.10 58.27
CA VAL K 135 -60.48 -18.75 58.50
C VAL K 135 -59.46 -17.86 59.23
N ALA K 136 -58.77 -17.01 58.48
CA ALA K 136 -57.86 -16.06 59.09
C ALA K 136 -58.67 -14.94 59.75
N VAL K 137 -59.00 -15.12 61.03
CA VAL K 137 -59.66 -14.07 61.81
C VAL K 137 -58.65 -12.97 62.16
N PHE K 138 -58.78 -11.84 61.46
CA PHE K 138 -57.86 -10.73 61.63
C PHE K 138 -58.33 -9.76 62.71
N VAL K 139 -57.37 -9.28 63.50
CA VAL K 139 -57.63 -8.37 64.60
C VAL K 139 -56.88 -7.05 64.41
N CYS K 140 -57.58 -5.95 64.66
CA CYS K 140 -56.99 -4.62 64.59
C CYS K 140 -56.41 -4.23 65.94
N LYS K 141 -55.16 -3.75 65.93
CA LYS K 141 -54.50 -3.38 67.17
C LYS K 141 -54.66 -1.90 67.52
N ASP K 142 -55.62 -1.25 66.87
CA ASP K 142 -55.91 0.17 67.11
C ASP K 142 -57.30 0.36 67.71
N CYS K 143 -58.25 -0.45 67.25
CA CYS K 143 -59.63 -0.37 67.72
C CYS K 143 -60.15 -1.72 68.19
N GLY K 144 -59.42 -2.78 67.88
CA GLY K 144 -59.79 -4.13 68.29
C GLY K 144 -60.87 -4.78 67.45
N HIS K 145 -61.23 -4.16 66.33
CA HIS K 145 -62.24 -4.69 65.42
C HIS K 145 -61.83 -6.07 64.90
N GLU K 146 -62.81 -6.93 64.66
CA GLU K 146 -62.58 -8.27 64.13
C GLU K 146 -63.10 -8.42 62.72
N MET K 147 -62.30 -9.07 61.88
CA MET K 147 -62.64 -9.31 60.48
C MET K 147 -62.42 -10.77 60.12
N ILE K 148 -63.47 -11.40 59.60
CA ILE K 148 -63.44 -12.81 59.25
C ILE K 148 -63.17 -12.96 57.75
N VAL K 149 -62.16 -13.76 57.41
CA VAL K 149 -61.88 -14.08 56.01
C VAL K 149 -61.59 -15.57 55.88
N PRO K 150 -62.47 -16.31 55.16
CA PRO K 150 -62.22 -17.71 54.87
C PRO K 150 -61.08 -17.85 53.88
N GLN K 151 -60.29 -18.90 54.05
CA GLN K 151 -59.17 -19.14 53.17
C GLN K 151 -59.47 -20.38 52.37
N LYS K 152 -58.70 -20.58 51.30
CA LYS K 152 -58.79 -21.77 50.45
C LYS K 152 -57.42 -22.44 50.52
N PRO K 153 -57.37 -23.78 50.68
CA PRO K 153 -56.12 -24.55 50.79
C PRO K 153 -55.16 -24.48 49.59
N TYR K 154 -55.64 -24.08 48.42
CA TYR K 154 -54.77 -23.99 47.26
C TYR K 154 -54.43 -22.56 46.90
N GLU K 155 -55.34 -21.63 47.16
CA GLU K 155 -55.09 -20.23 46.90
C GLU K 155 -54.11 -19.72 47.95
N SER K 156 -53.46 -18.60 47.66
CA SER K 156 -52.52 -17.96 48.60
C SER K 156 -53.26 -17.28 49.75
N LEU K 157 -52.57 -17.05 50.86
CA LEU K 157 -53.23 -16.44 52.02
C LEU K 157 -53.74 -15.05 51.71
N GLU K 158 -55.03 -14.86 51.91
CA GLU K 158 -55.67 -13.58 51.62
C GLU K 158 -55.77 -12.78 52.90
N LYS K 159 -54.83 -11.86 53.06
CA LYS K 159 -54.80 -10.97 54.21
C LYS K 159 -55.78 -9.81 53.98
N VAL K 160 -55.61 -8.77 54.79
CA VAL K 160 -56.28 -7.48 54.57
C VAL K 160 -55.41 -6.38 55.20
N LYS K 161 -54.99 -5.44 54.38
CA LYS K 161 -54.02 -4.42 54.79
C LYS K 161 -54.65 -3.22 55.50
N LYS K 162 -55.97 -3.11 55.44
CA LYS K 162 -56.68 -1.97 56.03
C LYS K 162 -57.88 -2.40 56.86
N CYS K 163 -58.04 -1.75 58.02
CA CYS K 163 -59.15 -2.02 58.93
C CYS K 163 -60.49 -1.61 58.33
N GLU K 164 -61.48 -2.47 58.54
CA GLU K 164 -62.83 -2.25 58.04
C GLU K 164 -63.51 -1.14 58.84
N GLN K 165 -63.15 -1.04 60.12
CA GLN K 165 -63.78 -0.07 61.01
C GLN K 165 -63.05 1.27 60.99
N CYS K 166 -61.88 1.32 61.62
CA CYS K 166 -61.12 2.56 61.78
C CYS K 166 -60.15 2.82 60.62
N GLY K 167 -59.97 1.83 59.76
CA GLY K 167 -59.10 1.97 58.60
C GLY K 167 -57.60 1.81 58.87
N SER K 168 -57.24 1.62 60.14
CA SER K 168 -55.82 1.50 60.53
C SER K 168 -55.13 0.32 59.85
N LYS K 169 -54.04 0.60 59.14
CA LYS K 169 -53.27 -0.45 58.48
C LYS K 169 -52.34 -1.14 59.46
N ASN K 170 -52.87 -1.40 60.66
CA ASN K 170 -52.17 -2.08 61.72
C ASN K 170 -52.99 -3.31 62.13
N ILE K 171 -53.05 -4.28 61.21
CA ILE K 171 -53.82 -5.52 61.39
C ILE K 171 -52.91 -6.74 61.49
N GLU K 172 -53.32 -7.70 62.31
CA GLU K 172 -52.58 -8.96 62.49
C GLU K 172 -53.54 -10.15 62.46
N LEU K 173 -53.01 -11.34 62.25
CA LEU K 173 -53.81 -12.54 62.34
C LEU K 173 -53.89 -12.99 63.79
N ASP K 174 -55.10 -13.29 64.26
CA ASP K 174 -55.28 -13.84 65.59
C ASP K 174 -55.38 -15.36 65.55
N VAL K 175 -54.27 -16.05 65.85
CA VAL K 175 -54.21 -17.52 65.87
C VAL K 175 -55.38 -18.18 66.60
N ASN K 176 -55.70 -17.72 67.80
CA ASN K 176 -56.71 -18.34 68.64
C ASN K 176 -58.13 -18.22 68.10
N LYS K 177 -58.52 -17.00 67.74
CA LYS K 177 -59.85 -16.74 67.21
C LYS K 177 -60.05 -17.33 65.81
N SER K 178 -58.95 -17.70 65.15
CA SER K 178 -59.02 -18.34 63.85
C SER K 178 -59.36 -19.82 63.96
N SER K 179 -59.77 -20.40 62.83
CA SER K 179 -60.05 -21.83 62.76
C SER K 179 -58.96 -22.53 61.97
N PHE K 180 -58.48 -23.65 62.52
CA PHE K 180 -57.48 -24.45 61.84
C PHE K 180 -58.02 -25.82 61.63
N VAL K 181 -57.73 -26.39 60.48
CA VAL K 181 -58.09 -27.76 60.19
C VAL K 181 -56.85 -28.46 59.73
N ASN K 182 -56.82 -29.77 59.94
CA ASN K 182 -55.78 -30.61 59.36
C ASN K 182 -55.80 -30.51 57.83
N PHE K 183 -54.61 -30.49 57.23
CA PHE K 183 -54.40 -30.43 55.77
C PHE K 183 -53.33 -31.44 55.39
N GLN K 184 -53.48 -32.10 54.26
CA GLN K 184 -52.45 -32.99 53.78
C GLN K 184 -52.42 -33.02 52.26
N SER K 185 -51.28 -32.66 51.69
CA SER K 185 -51.08 -32.82 50.25
C SER K 185 -50.69 -34.24 49.81
N PHE K 186 -51.10 -34.61 48.61
CA PHE K 186 -50.81 -35.91 48.09
C PHE K 186 -50.86 -35.91 46.55
N ARG K 187 -50.11 -36.82 45.95
CA ARG K 187 -50.02 -36.92 44.53
C ARG K 187 -50.46 -38.32 44.06
N ILE K 188 -51.19 -38.34 42.93
CA ILE K 188 -51.53 -39.54 42.18
C ILE K 188 -51.31 -39.44 40.67
N GLN K 189 -50.91 -40.55 40.07
CA GLN K 189 -50.75 -40.61 38.64
C GLN K 189 -51.60 -41.74 38.16
N ASP K 190 -51.68 -41.91 36.84
CA ASP K 190 -52.26 -43.09 36.26
C ASP K 190 -51.29 -44.27 36.43
N ARG K 191 -51.79 -45.48 36.41
CA ARG K 191 -50.81 -46.56 36.55
C ARG K 191 -50.31 -47.13 35.25
N PRO K 192 -49.00 -47.37 35.18
CA PRO K 192 -48.40 -47.68 33.91
C PRO K 192 -49.03 -48.84 33.13
N GLU K 193 -49.57 -49.85 33.81
CA GLU K 193 -50.21 -50.94 33.06
C GLU K 193 -51.42 -50.45 32.26
N THR K 194 -52.08 -49.38 32.72
CA THR K 194 -53.22 -48.81 31.97
C THR K 194 -52.82 -47.83 30.88
N LEU K 195 -51.53 -47.73 30.60
CA LEU K 195 -51.04 -46.82 29.59
C LEU K 195 -50.56 -47.58 28.38
N LYS K 196 -50.39 -46.84 27.29
CA LYS K 196 -50.09 -47.40 26.01
C LYS K 196 -48.77 -46.81 25.59
N GLY K 197 -48.35 -47.12 24.37
CA GLY K 197 -47.10 -46.65 23.75
C GLY K 197 -46.09 -45.85 24.51
N GLY K 198 -45.48 -44.88 23.84
CA GLY K 198 -44.59 -43.93 24.47
C GLY K 198 -45.29 -42.89 25.32
N GLU K 199 -46.41 -43.28 25.90
CA GLU K 199 -47.15 -42.46 26.82
C GLU K 199 -46.46 -42.35 28.18
N MET K 200 -46.35 -41.12 28.71
CA MET K 200 -45.80 -40.94 30.06
C MET K 200 -46.87 -40.79 31.15
N PRO K 201 -46.68 -41.48 32.29
CA PRO K 201 -47.61 -41.35 33.40
C PRO K 201 -47.59 -39.93 33.87
N ARG K 202 -48.74 -39.28 33.74
CA ARG K 202 -48.89 -37.90 34.19
C ARG K 202 -49.49 -37.97 35.59
N PHE K 203 -49.08 -37.08 36.47
CA PHE K 203 -49.63 -37.10 37.80
C PHE K 203 -50.38 -35.81 38.08
N ILE K 204 -51.14 -35.82 39.16
CA ILE K 204 -51.72 -34.62 39.69
C ILE K 204 -51.64 -34.59 41.22
N ASP K 205 -51.30 -33.40 41.72
CA ASP K 205 -51.25 -33.11 43.16
C ASP K 205 -52.64 -32.74 43.64
N GLY K 206 -52.88 -32.98 44.93
CA GLY K 206 -54.20 -32.90 45.51
C GLY K 206 -54.16 -32.47 46.98
N ILE K 207 -55.28 -31.94 47.45
CA ILE K 207 -55.38 -31.48 48.80
C ILE K 207 -56.44 -32.30 49.53
N LEU K 208 -56.17 -32.65 50.77
CA LEU K 208 -57.16 -33.25 51.65
C LEU K 208 -57.37 -32.36 52.90
N LEU K 209 -58.59 -32.31 53.42
CA LEU K 209 -58.85 -31.53 54.64
C LEU K 209 -59.71 -32.26 55.70
N ASP K 210 -59.57 -31.82 56.96
CA ASP K 210 -60.29 -32.43 58.09
C ASP K 210 -60.22 -33.94 58.12
N ASP K 211 -61.40 -34.55 58.10
CA ASP K 211 -61.60 -35.97 58.29
C ASP K 211 -61.00 -36.89 57.23
N ILE K 212 -60.83 -36.39 56.01
CA ILE K 212 -60.23 -37.18 54.92
C ILE K 212 -58.71 -37.10 54.90
N VAL K 213 -58.14 -36.41 55.89
CA VAL K 213 -56.71 -36.27 56.03
C VAL K 213 -56.14 -37.61 56.46
N ASP K 214 -54.95 -37.94 55.99
CA ASP K 214 -54.26 -39.18 56.37
C ASP K 214 -55.10 -40.46 56.15
N VAL K 215 -55.76 -40.53 55.00
CA VAL K 215 -56.60 -41.69 54.68
C VAL K 215 -55.93 -42.65 53.66
N ALA K 216 -54.85 -42.19 53.02
CA ALA K 216 -54.13 -43.02 52.04
C ALA K 216 -52.64 -42.85 52.19
N LEU K 217 -51.92 -43.93 51.90
CA LEU K 217 -50.49 -43.94 51.88
C LEU K 217 -50.01 -44.04 50.44
N PRO K 218 -48.76 -43.66 50.17
CA PRO K 218 -48.08 -44.00 48.92
C PRO K 218 -48.16 -45.49 48.55
N GLY K 219 -48.74 -45.80 47.39
CA GLY K 219 -48.96 -47.17 46.93
C GLY K 219 -50.42 -47.61 46.91
N ASP K 220 -51.32 -46.72 47.31
CA ASP K 220 -52.75 -47.03 47.41
C ASP K 220 -53.43 -46.74 46.09
N ARG K 221 -54.20 -47.69 45.59
CA ARG K 221 -55.06 -47.45 44.43
C ARG K 221 -56.30 -46.81 45.00
N VAL K 222 -56.58 -45.58 44.58
CA VAL K 222 -57.71 -44.82 45.12
C VAL K 222 -58.61 -44.31 44.00
N ILE K 223 -59.81 -43.87 44.38
CA ILE K 223 -60.73 -43.19 43.47
C ILE K 223 -61.19 -41.92 44.14
N VAL K 224 -60.54 -40.83 43.79
CA VAL K 224 -60.98 -39.54 44.36
C VAL K 224 -62.04 -38.77 43.58
N THR K 225 -62.95 -38.17 44.32
CA THR K 225 -63.79 -37.15 43.70
C THR K 225 -63.16 -35.83 44.04
N GLY K 226 -63.45 -34.80 43.27
CA GLY K 226 -63.02 -33.48 43.71
C GLY K 226 -63.19 -32.33 42.77
N ILE K 227 -62.75 -31.17 43.21
CA ILE K 227 -62.77 -30.05 42.32
C ILE K 227 -61.41 -29.85 41.66
N LEU K 228 -61.43 -29.74 40.33
CA LEU K 228 -60.30 -29.29 39.53
C LEU K 228 -60.04 -27.77 39.70
N ARG K 229 -58.82 -27.48 40.16
CA ARG K 229 -58.43 -26.15 40.53
C ARG K 229 -57.21 -25.77 39.72
N VAL K 230 -57.05 -24.49 39.41
CA VAL K 230 -55.84 -24.07 38.68
C VAL K 230 -55.11 -22.93 39.32
N VAL K 231 -53.79 -23.01 39.24
CA VAL K 231 -52.88 -22.06 39.84
C VAL K 231 -51.73 -21.84 38.86
N LEU K 232 -50.92 -20.81 39.09
CA LEU K 232 -49.80 -20.52 38.21
C LEU K 232 -48.61 -21.46 38.47
N GLU K 233 -47.72 -21.59 37.49
CA GLU K 233 -46.57 -22.46 37.70
C GLU K 233 -45.51 -21.67 38.45
N LYS K 234 -44.93 -22.29 39.48
CA LYS K 234 -43.87 -21.69 40.30
C LYS K 234 -43.50 -20.28 39.86
N ARG K 235 -42.71 -20.21 38.78
CA ARG K 235 -42.21 -18.97 38.20
C ARG K 235 -43.18 -17.83 38.33
N GLU K 236 -44.45 -18.09 38.00
CA GLU K 236 -45.51 -17.10 38.08
C GLU K 236 -45.31 -16.03 37.00
N LYS K 237 -44.70 -16.45 35.89
CA LYS K 237 -44.47 -15.57 34.74
C LYS K 237 -44.71 -16.32 33.45
N THR K 238 -45.95 -16.78 33.23
CA THR K 238 -46.31 -17.64 32.11
C THR K 238 -47.85 -17.86 32.13
N PRO K 239 -48.52 -17.87 30.95
CA PRO K 239 -49.95 -18.11 30.93
C PRO K 239 -50.32 -19.59 30.96
N ILE K 240 -49.43 -20.38 31.54
CA ILE K 240 -49.66 -21.81 31.68
C ILE K 240 -49.95 -22.09 33.15
N PHE K 241 -50.92 -22.98 33.39
CA PHE K 241 -51.40 -23.21 34.74
C PHE K 241 -51.12 -24.58 35.35
N ARG K 242 -51.29 -24.64 36.66
CA ARG K 242 -51.04 -25.88 37.38
C ARG K 242 -52.37 -26.48 37.85
N LYS K 243 -52.59 -27.74 37.51
CA LYS K 243 -53.85 -28.38 37.90
C LYS K 243 -53.73 -28.99 39.29
N ILE K 244 -54.64 -28.61 40.19
CA ILE K 244 -54.69 -29.18 41.52
C ILE K 244 -56.08 -29.72 41.73
N LEU K 245 -56.17 -30.70 42.61
CA LEU K 245 -57.44 -31.35 42.82
C LEU K 245 -57.80 -31.19 44.29
N GLU K 246 -58.73 -30.29 44.56
CA GLU K 246 -59.27 -30.15 45.90
C GLU K 246 -60.18 -31.38 46.15
N VAL K 247 -59.65 -32.39 46.85
CA VAL K 247 -60.43 -33.62 47.01
C VAL K 247 -61.69 -33.34 47.80
N ASN K 248 -62.75 -34.05 47.45
CA ASN K 248 -64.05 -33.93 48.13
C ASN K 248 -64.52 -35.29 48.63
N HIS K 249 -63.84 -36.34 48.20
CA HIS K 249 -64.12 -37.68 48.69
C HIS K 249 -63.08 -38.60 48.12
N ILE K 250 -62.59 -39.50 48.97
CA ILE K 250 -61.56 -40.46 48.57
C ILE K 250 -61.93 -41.87 49.04
N GLU K 251 -61.64 -42.88 48.23
CA GLU K 251 -62.12 -44.24 48.51
C GLU K 251 -61.22 -45.30 47.89
N PRO K 252 -60.70 -46.21 48.71
CA PRO K 252 -59.82 -47.25 48.18
C PRO K 252 -60.54 -48.28 47.32
N VAL K 253 -59.75 -48.98 46.50
CA VAL K 253 -60.22 -50.10 45.66
C VAL K 253 -59.10 -51.11 45.44
N SER K 254 -59.35 -52.36 45.84
CA SER K 254 -58.38 -53.43 45.63
C SER K 254 -58.59 -54.09 44.28
N LYS K 255 -57.73 -53.76 43.31
CA LYS K 255 -57.88 -54.24 41.93
C LYS K 255 -57.09 -55.52 41.64
N SER L 1 -50.06 -8.85 -0.73
CA SER L 1 -50.52 -7.80 0.21
C SER L 1 -52.04 -7.62 0.15
N VAL L 2 -52.74 -8.27 1.06
CA VAL L 2 -54.20 -8.18 1.16
C VAL L 2 -54.55 -7.89 2.61
N ASP L 3 -55.46 -6.95 2.84
CA ASP L 3 -55.88 -6.63 4.21
C ASP L 3 -57.00 -7.54 4.65
N ARG L 4 -57.14 -7.68 5.97
CA ARG L 4 -58.11 -8.59 6.58
C ARG L 4 -59.50 -8.54 5.97
N GLU L 5 -60.12 -7.37 6.02
CA GLU L 5 -61.48 -7.12 5.51
C GLU L 5 -61.84 -7.95 4.29
N GLU L 6 -60.98 -7.87 3.28
CA GLU L 6 -61.19 -8.55 2.00
C GLU L 6 -60.90 -10.05 2.08
N MET L 7 -59.89 -10.41 2.87
CA MET L 7 -59.53 -11.80 3.05
C MET L 7 -60.73 -12.57 3.55
N ILE L 8 -61.35 -12.06 4.62
CA ILE L 8 -62.52 -12.68 5.23
C ILE L 8 -63.53 -13.07 4.15
N GLU L 9 -63.90 -12.09 3.34
CA GLU L 9 -64.86 -12.30 2.27
C GLU L 9 -64.35 -13.33 1.27
N ARG L 10 -63.14 -13.11 0.74
CA ARG L 10 -62.57 -14.05 -0.21
C ARG L 10 -62.57 -15.47 0.36
N PHE L 11 -62.24 -15.60 1.63
CA PHE L 11 -62.23 -16.88 2.30
C PHE L 11 -63.61 -17.44 2.35
N ALA L 12 -64.56 -16.58 2.73
CA ALA L 12 -65.96 -16.94 2.80
C ALA L 12 -66.37 -17.53 1.46
N ASN L 13 -66.13 -16.77 0.40
CA ASN L 13 -66.38 -17.23 -0.96
C ASN L 13 -65.73 -18.56 -1.25
N PHE L 14 -64.43 -18.67 -0.93
CA PHE L 14 -63.70 -19.92 -1.13
C PHE L 14 -64.47 -21.12 -0.58
N LEU L 15 -64.84 -21.02 0.69
CA LEU L 15 -65.52 -22.08 1.43
C LEU L 15 -66.79 -22.61 0.76
N ARG L 16 -67.65 -21.68 0.36
CA ARG L 16 -68.95 -22.02 -0.17
C ARG L 16 -68.92 -22.25 -1.69
N GLU L 17 -67.94 -21.64 -2.35
CA GLU L 17 -67.88 -21.72 -3.81
C GLU L 17 -66.93 -22.78 -4.36
N TYR L 18 -65.94 -23.19 -3.57
CA TYR L 18 -64.97 -24.18 -4.07
C TYR L 18 -65.62 -25.52 -4.37
N THR L 19 -65.17 -26.12 -5.46
CA THR L 19 -65.63 -27.43 -5.92
C THR L 19 -64.41 -28.13 -6.50
N ASP L 20 -64.21 -29.38 -6.14
CA ASP L 20 -63.06 -30.14 -6.62
C ASP L 20 -63.21 -30.53 -8.10
N GLU L 21 -62.93 -31.79 -8.41
CA GLU L 21 -63.07 -32.31 -9.77
C GLU L 21 -64.41 -32.99 -9.99
N ASP L 22 -65.22 -33.06 -8.92
CA ASP L 22 -66.54 -33.68 -8.99
C ASP L 22 -67.60 -32.71 -8.50
N GLY L 23 -67.29 -31.42 -8.50
CA GLY L 23 -68.20 -30.41 -8.01
C GLY L 23 -68.56 -30.54 -6.54
N ASN L 24 -67.77 -31.29 -5.78
CA ASN L 24 -67.95 -31.41 -4.34
C ASN L 24 -67.52 -30.12 -3.67
N PRO L 25 -68.46 -29.43 -2.99
CA PRO L 25 -68.10 -28.20 -2.29
C PRO L 25 -67.40 -28.49 -0.95
N VAL L 26 -66.63 -29.58 -0.92
CA VAL L 26 -65.96 -30.14 0.27
C VAL L 26 -65.98 -29.33 1.56
N TYR L 27 -65.85 -28.01 1.46
CA TYR L 27 -65.84 -27.15 2.65
C TYR L 27 -67.22 -26.88 3.21
N ARG L 28 -68.26 -27.09 2.41
CA ARG L 28 -69.63 -27.16 2.91
C ARG L 28 -69.85 -28.44 3.70
N GLY L 29 -69.39 -29.55 3.13
CA GLY L 29 -69.40 -30.84 3.82
C GLY L 29 -68.56 -30.88 5.07
N LYS L 30 -67.65 -29.90 5.20
CA LYS L 30 -66.77 -29.77 6.36
C LYS L 30 -67.32 -28.78 7.39
N ILE L 31 -67.94 -27.70 6.93
CA ILE L 31 -68.65 -26.79 7.84
C ILE L 31 -69.90 -27.51 8.37
N THR L 32 -70.22 -28.65 7.75
CA THR L 32 -71.34 -29.49 8.18
C THR L 32 -70.95 -30.37 9.37
N ASP L 33 -69.80 -31.02 9.27
CA ASP L 33 -69.31 -31.89 10.33
C ASP L 33 -68.93 -31.08 11.58
N LEU L 34 -69.29 -29.80 11.58
CA LEU L 34 -69.11 -28.92 12.72
C LEU L 34 -70.34 -28.91 13.63
N LEU L 35 -71.48 -29.35 13.09
CA LEU L 35 -72.75 -29.20 13.78
C LEU L 35 -73.37 -30.52 14.21
N THR L 36 -72.73 -31.64 13.85
CA THR L 36 -73.27 -32.96 14.14
C THR L 36 -73.15 -33.37 15.62
N ILE L 37 -73.50 -34.62 15.88
CA ILE L 37 -73.38 -35.27 17.18
C ILE L 37 -72.01 -35.07 17.84
N THR L 38 -70.98 -35.56 17.15
CA THR L 38 -69.60 -35.50 17.61
C THR L 38 -68.89 -34.35 16.90
N PRO L 39 -69.08 -33.10 17.40
CA PRO L 39 -68.56 -31.96 16.67
C PRO L 39 -67.04 -31.84 16.78
N LYS L 40 -66.42 -31.40 15.69
CA LYS L 40 -65.01 -31.05 15.69
C LYS L 40 -64.96 -29.55 15.87
N ARG L 41 -63.80 -29.01 16.19
CA ARG L 41 -63.70 -27.58 16.43
C ARG L 41 -62.85 -26.85 15.40
N SER L 42 -62.58 -27.50 14.27
CA SER L 42 -61.72 -26.93 13.24
C SER L 42 -61.99 -27.42 11.82
N VAL L 43 -61.63 -26.60 10.84
CA VAL L 43 -61.82 -26.91 9.42
C VAL L 43 -60.46 -27.14 8.79
N ALA L 44 -60.22 -28.36 8.32
CA ALA L 44 -58.94 -28.70 7.70
C ALA L 44 -58.93 -28.22 6.24
N ILE L 45 -58.19 -27.15 5.94
CA ILE L 45 -58.15 -26.61 4.57
C ILE L 45 -56.89 -27.05 3.85
N ASP L 46 -57.05 -27.71 2.70
CA ASP L 46 -55.90 -28.11 1.84
C ASP L 46 -55.45 -26.88 1.12
N TRP L 47 -54.20 -26.51 1.34
CA TRP L 47 -53.67 -25.32 0.72
C TRP L 47 -53.82 -25.32 -0.81
N MET L 48 -53.50 -26.45 -1.43
CA MET L 48 -53.62 -26.58 -2.89
C MET L 48 -55.00 -26.19 -3.39
N HIS L 49 -56.04 -26.58 -2.65
CA HIS L 49 -57.42 -26.24 -2.98
C HIS L 49 -57.61 -24.73 -2.92
N LEU L 50 -57.08 -24.10 -1.89
CA LEU L 50 -57.15 -22.66 -1.79
C LEU L 50 -56.38 -22.03 -2.92
N ASN L 51 -55.18 -22.54 -3.18
CA ASN L 51 -54.31 -22.04 -4.24
C ASN L 51 -54.95 -22.07 -5.61
N SER L 52 -55.56 -23.21 -5.96
CA SER L 52 -56.17 -23.35 -7.28
C SER L 52 -57.39 -22.43 -7.49
N PHE L 53 -58.12 -22.17 -6.40
CA PHE L 53 -59.25 -21.26 -6.43
C PHE L 53 -58.81 -19.80 -6.34
N ASP L 54 -57.92 -19.50 -5.42
CA ASP L 54 -57.40 -18.15 -5.23
C ASP L 54 -55.97 -18.22 -4.69
N SER L 55 -54.99 -18.21 -5.59
CA SER L 55 -53.59 -18.40 -5.19
C SER L 55 -53.00 -17.13 -4.64
N GLU L 56 -53.66 -16.02 -4.92
CA GLU L 56 -53.20 -14.73 -4.44
C GLU L 56 -53.51 -14.59 -2.95
N LEU L 57 -54.41 -15.41 -2.47
CA LEU L 57 -54.75 -15.45 -1.06
C LEU L 57 -53.95 -16.54 -0.34
N ALA L 58 -53.86 -17.71 -0.96
CA ALA L 58 -53.02 -18.80 -0.49
C ALA L 58 -51.57 -18.39 -0.25
N HIS L 59 -51.13 -17.33 -0.93
CA HIS L 59 -49.77 -16.79 -0.75
C HIS L 59 -49.74 -15.66 0.27
N GLU L 60 -50.79 -15.58 1.09
CA GLU L 60 -50.89 -14.59 2.15
C GLU L 60 -50.95 -15.28 3.50
N VAL L 61 -51.63 -16.42 3.54
CA VAL L 61 -51.64 -17.27 4.72
C VAL L 61 -50.22 -17.74 5.02
N ILE L 62 -49.43 -17.94 3.97
CA ILE L 62 -48.05 -18.34 4.13
C ILE L 62 -47.21 -17.13 4.50
N GLU L 63 -47.48 -16.01 3.86
CA GLU L 63 -46.67 -14.82 4.12
C GLU L 63 -47.23 -13.94 5.24
N ASN L 64 -48.32 -14.37 5.84
CA ASN L 64 -48.90 -13.61 6.93
C ASN L 64 -49.93 -14.40 7.72
N PRO L 65 -49.55 -15.59 8.23
CA PRO L 65 -50.49 -16.53 8.82
C PRO L 65 -51.34 -15.95 9.94
N GLU L 66 -50.82 -14.97 10.69
CA GLU L 66 -51.60 -14.39 11.79
C GLU L 66 -52.86 -13.66 11.34
N GLU L 67 -52.82 -13.09 10.13
CA GLU L 67 -54.02 -12.44 9.55
C GLU L 67 -54.79 -13.46 8.75
N GLY L 68 -54.08 -14.21 7.92
CA GLY L 68 -54.67 -15.24 7.08
C GLY L 68 -55.51 -16.23 7.86
N ILE L 69 -54.90 -16.95 8.79
CA ILE L 69 -55.64 -17.90 9.62
C ILE L 69 -56.76 -17.14 10.34
N SER L 70 -56.41 -16.04 11.00
CA SER L 70 -57.35 -15.21 11.70
C SER L 70 -58.58 -14.91 10.85
N ALA L 71 -58.34 -14.45 9.61
CA ALA L 71 -59.40 -14.02 8.70
C ALA L 71 -60.27 -15.17 8.23
N ALA L 72 -59.61 -16.30 7.92
CA ALA L 72 -60.29 -17.56 7.55
C ALA L 72 -61.21 -18.08 8.64
N GLU L 73 -60.87 -17.76 9.89
CA GLU L 73 -61.67 -18.17 11.03
C GLU L 73 -62.88 -17.27 11.19
N ASP L 74 -62.75 -16.03 10.76
CA ASP L 74 -63.88 -15.11 10.71
C ASP L 74 -64.81 -15.45 9.56
N ALA L 75 -64.26 -16.07 8.51
CA ALA L 75 -65.06 -16.55 7.38
C ALA L 75 -65.89 -17.78 7.71
N ILE L 76 -65.30 -18.74 8.43
CA ILE L 76 -66.06 -19.90 8.89
C ILE L 76 -67.14 -19.43 9.86
N GLN L 77 -66.83 -18.40 10.64
CA GLN L 77 -67.81 -17.81 11.55
C GLN L 77 -69.02 -17.19 10.84
N ILE L 78 -68.79 -16.59 9.68
CA ILE L 78 -69.85 -15.96 8.91
C ILE L 78 -70.70 -16.97 8.12
N VAL L 79 -70.06 -17.80 7.31
CA VAL L 79 -70.80 -18.82 6.56
C VAL L 79 -71.57 -19.79 7.45
N LEU L 80 -71.42 -19.66 8.77
CA LEU L 80 -72.21 -20.43 9.72
C LEU L 80 -73.41 -19.61 10.14
N ARG L 81 -73.14 -18.31 10.32
CA ARG L 81 -74.12 -17.32 10.79
C ARG L 81 -75.15 -17.02 9.70
N GLU L 82 -74.73 -16.98 8.45
CA GLU L 82 -75.64 -16.71 7.33
C GLU L 82 -76.28 -17.98 6.77
N ASP L 83 -75.47 -19.00 6.47
CA ASP L 83 -75.93 -20.19 5.75
C ASP L 83 -76.47 -21.31 6.64
N PHE L 84 -76.30 -21.19 7.95
CA PHE L 84 -76.75 -22.23 8.89
C PHE L 84 -77.47 -21.68 10.12
N GLN L 85 -77.62 -20.35 10.18
CA GLN L 85 -78.28 -19.65 11.28
C GLN L 85 -77.72 -19.98 12.68
N ARG L 86 -76.53 -20.57 12.73
CA ARG L 86 -75.89 -20.91 13.99
C ARG L 86 -74.87 -19.85 14.41
N GLU L 87 -75.06 -19.33 15.63
CA GLU L 87 -74.18 -18.33 16.24
C GLU L 87 -73.82 -18.80 17.64
N ASP L 88 -74.37 -19.94 18.00
CA ASP L 88 -74.13 -20.56 19.28
C ASP L 88 -72.76 -21.22 19.33
N VAL L 89 -72.33 -21.78 18.19
CA VAL L 89 -71.04 -22.48 18.09
C VAL L 89 -69.91 -21.61 18.63
N GLY L 90 -68.94 -22.25 19.29
CA GLY L 90 -67.77 -21.55 19.83
C GLY L 90 -66.87 -21.06 18.70
N LYS L 91 -65.57 -21.01 18.94
CA LYS L 91 -64.63 -20.64 17.88
C LYS L 91 -64.07 -21.89 17.16
N ILE L 92 -64.02 -21.83 15.81
CA ILE L 92 -63.47 -22.93 15.01
C ILE L 92 -62.10 -22.59 14.41
N HIS L 93 -61.22 -23.59 14.40
CA HIS L 93 -59.86 -23.39 13.90
C HIS L 93 -59.78 -23.56 12.41
N ALA L 94 -59.05 -22.67 11.75
CA ALA L 94 -58.77 -22.77 10.35
C ALA L 94 -57.38 -23.38 10.35
N ARG L 95 -57.29 -24.61 9.88
CA ARG L 95 -56.02 -25.30 9.93
C ARG L 95 -55.61 -25.66 8.50
N PHE L 96 -54.53 -25.04 8.01
CA PHE L 96 -54.03 -25.32 6.65
C PHE L 96 -52.99 -26.43 6.63
N TYR L 97 -53.06 -27.24 5.59
CA TYR L 97 -52.13 -28.32 5.41
C TYR L 97 -51.75 -28.45 3.96
N ASN L 98 -50.81 -29.36 3.70
CA ASN L 98 -50.29 -29.59 2.36
C ASN L 98 -49.87 -28.27 1.70
N LEU L 99 -48.85 -27.65 2.24
CA LEU L 99 -48.22 -26.48 1.65
C LEU L 99 -47.25 -26.95 0.54
N PRO L 100 -46.73 -25.99 -0.25
CA PRO L 100 -45.79 -26.33 -1.31
C PRO L 100 -44.38 -26.66 -0.78
N GLU L 101 -43.84 -25.80 0.08
CA GLU L 101 -42.48 -25.97 0.63
C GLU L 101 -42.51 -26.71 1.97
N THR L 102 -41.82 -27.84 2.01
CA THR L 102 -41.75 -28.70 3.20
C THR L 102 -40.32 -28.77 3.79
N LEU L 103 -40.06 -27.89 4.77
CA LEU L 103 -38.74 -27.72 5.37
C LEU L 103 -38.23 -28.90 6.20
N MET L 104 -36.94 -28.87 6.54
CA MET L 104 -36.35 -29.80 7.49
C MET L 104 -35.96 -28.98 8.71
N VAL L 105 -36.09 -29.54 9.91
CA VAL L 105 -35.90 -28.78 11.13
C VAL L 105 -34.62 -27.93 11.11
N LYS L 106 -33.54 -28.50 10.57
CA LYS L 106 -32.24 -27.83 10.50
C LYS L 106 -32.27 -26.63 9.57
N ASP L 107 -33.18 -26.67 8.61
CA ASP L 107 -33.35 -25.62 7.61
C ASP L 107 -34.19 -24.43 8.10
N ILE L 108 -34.96 -24.64 9.15
CA ILE L 108 -35.76 -23.56 9.72
C ILE L 108 -34.84 -22.44 10.18
N GLY L 109 -35.09 -21.23 9.73
CA GLY L 109 -34.23 -20.10 10.08
C GLY L 109 -34.95 -18.79 10.25
N ALA L 110 -34.16 -17.71 10.38
CA ALA L 110 -34.67 -16.38 10.64
C ALA L 110 -35.59 -15.90 9.54
N GLU L 111 -35.39 -16.43 8.34
CA GLU L 111 -36.20 -16.09 7.17
C GLU L 111 -37.67 -16.40 7.39
N HIS L 112 -37.92 -17.52 8.08
CA HIS L 112 -39.27 -18.00 8.29
C HIS L 112 -40.01 -17.36 9.46
N ILE L 113 -39.36 -16.44 10.16
CA ILE L 113 -40.00 -15.81 11.31
C ILE L 113 -41.38 -15.29 10.91
N ASN L 114 -42.39 -15.69 11.68
CA ASN L 114 -43.78 -15.29 11.43
C ASN L 114 -44.37 -15.72 10.08
N LYS L 115 -43.72 -16.64 9.37
CA LYS L 115 -44.30 -17.19 8.16
C LYS L 115 -44.83 -18.60 8.42
N LEU L 116 -45.97 -18.95 7.84
CA LEU L 116 -46.48 -20.32 7.97
C LEU L 116 -45.56 -21.33 7.27
N ILE L 117 -44.91 -22.19 8.04
CA ILE L 117 -43.99 -23.15 7.44
C ILE L 117 -44.50 -24.57 7.57
N GLN L 118 -43.90 -25.50 6.84
CA GLN L 118 -44.27 -26.90 6.97
C GLN L 118 -43.02 -27.73 7.24
N VAL L 119 -43.07 -28.57 8.27
CA VAL L 119 -41.88 -29.29 8.75
C VAL L 119 -42.16 -30.77 8.90
N GLU L 120 -41.38 -31.62 8.24
CA GLU L 120 -41.48 -33.03 8.46
C GLU L 120 -40.50 -33.35 9.55
N GLY L 121 -40.84 -34.27 10.43
CA GLY L 121 -39.94 -34.64 11.51
C GLY L 121 -40.39 -35.81 12.36
N ILE L 122 -39.57 -36.11 13.37
CA ILE L 122 -39.93 -37.10 14.37
C ILE L 122 -40.07 -36.40 15.72
N VAL L 123 -41.17 -36.71 16.42
CA VAL L 123 -41.43 -36.15 17.75
C VAL L 123 -40.60 -36.92 18.77
N THR L 124 -39.81 -36.17 19.53
CA THR L 124 -38.96 -36.72 20.59
C THR L 124 -39.52 -36.49 22.00
N ARG L 125 -40.42 -35.52 22.15
CA ARG L 125 -41.01 -35.21 23.43
C ARG L 125 -42.44 -34.72 23.28
N VAL L 126 -43.24 -34.91 24.32
CA VAL L 126 -44.54 -34.26 24.46
C VAL L 126 -44.72 -33.93 25.95
N GLY L 127 -45.26 -32.75 26.26
CA GLY L 127 -45.44 -32.37 27.67
C GLY L 127 -46.83 -32.70 28.16
N GLU L 128 -47.08 -32.57 29.46
CA GLU L 128 -48.43 -32.75 30.01
C GLU L 128 -49.41 -31.77 29.37
N ILE L 129 -50.66 -32.17 29.22
CA ILE L 129 -51.70 -31.21 28.76
C ILE L 129 -52.05 -30.22 29.88
N LYS L 130 -51.50 -29.03 29.79
CA LYS L 130 -51.76 -27.96 30.77
C LYS L 130 -52.81 -27.02 30.27
N PRO L 131 -53.56 -26.40 31.20
CA PRO L 131 -54.51 -25.30 30.92
C PRO L 131 -53.81 -24.02 30.55
N PHE L 132 -54.11 -23.49 29.38
CA PHE L 132 -53.60 -22.17 28.98
C PHE L 132 -54.65 -21.05 29.04
N VAL L 133 -54.30 -19.94 29.68
CA VAL L 133 -55.23 -18.78 29.74
C VAL L 133 -55.24 -17.94 28.43
N SER L 134 -56.11 -18.30 27.49
CA SER L 134 -56.16 -17.65 26.18
C SER L 134 -56.70 -16.24 26.28
N VAL L 135 -57.47 -16.00 27.33
CA VAL L 135 -58.00 -14.69 27.61
C VAL L 135 -57.99 -14.48 29.12
N ALA L 136 -57.01 -13.73 29.61
CA ALA L 136 -56.94 -13.44 31.04
C ALA L 136 -57.85 -12.27 31.44
N VAL L 137 -58.64 -12.49 32.49
CA VAL L 137 -59.51 -11.47 33.06
C VAL L 137 -59.07 -11.10 34.47
N PHE L 138 -58.52 -9.89 34.62
CA PHE L 138 -58.04 -9.42 35.91
C PHE L 138 -59.12 -8.64 36.64
N VAL L 139 -59.16 -8.79 37.96
CA VAL L 139 -60.13 -8.09 38.80
C VAL L 139 -59.41 -7.24 39.82
N CYS L 140 -59.95 -6.04 40.05
CA CYS L 140 -59.48 -5.13 41.08
C CYS L 140 -60.18 -5.45 42.40
N LYS L 141 -59.42 -5.53 43.49
CA LYS L 141 -60.00 -5.82 44.79
C LYS L 141 -60.26 -4.59 45.63
N ASP L 142 -60.34 -3.43 44.97
CA ASP L 142 -60.65 -2.17 45.62
C ASP L 142 -61.95 -1.58 45.09
N CYS L 143 -62.15 -1.68 43.77
CA CYS L 143 -63.35 -1.16 43.12
C CYS L 143 -64.12 -2.25 42.36
N GLY L 144 -63.46 -3.39 42.16
CA GLY L 144 -64.06 -4.53 41.45
C GLY L 144 -64.07 -4.41 39.93
N HIS L 145 -63.36 -3.43 39.40
CA HIS L 145 -63.31 -3.19 37.95
C HIS L 145 -62.65 -4.37 37.24
N GLU L 146 -63.21 -4.75 36.08
CA GLU L 146 -62.71 -5.89 35.30
C GLU L 146 -61.95 -5.45 34.05
N MET L 147 -60.84 -6.12 33.79
CA MET L 147 -59.99 -5.84 32.64
C MET L 147 -59.62 -7.11 31.88
N ILE L 148 -59.89 -7.10 30.58
CA ILE L 148 -59.66 -8.26 29.72
C ILE L 148 -58.32 -8.14 28.99
N VAL L 149 -57.51 -9.20 29.08
CA VAL L 149 -56.18 -9.22 28.48
C VAL L 149 -55.95 -10.55 27.77
N PRO L 150 -56.10 -10.58 26.43
CA PRO L 150 -55.81 -11.84 25.73
C PRO L 150 -54.35 -12.18 25.89
N GLN L 151 -54.04 -13.46 26.09
CA GLN L 151 -52.66 -13.90 26.22
C GLN L 151 -52.23 -14.59 24.95
N LYS L 152 -50.95 -14.96 24.88
CA LYS L 152 -50.44 -15.72 23.75
C LYS L 152 -49.68 -16.90 24.30
N PRO L 153 -49.86 -18.11 23.72
CA PRO L 153 -49.28 -19.38 24.25
C PRO L 153 -47.77 -19.40 24.36
N TYR L 154 -47.06 -18.72 23.46
CA TYR L 154 -45.60 -18.67 23.46
C TYR L 154 -45.05 -17.49 24.25
N GLU L 155 -45.74 -16.36 24.23
CA GLU L 155 -45.34 -15.19 24.98
C GLU L 155 -45.59 -15.45 26.47
N SER L 156 -44.80 -14.78 27.31
CA SER L 156 -44.97 -14.80 28.76
C SER L 156 -46.26 -14.06 29.19
N LEU L 157 -46.71 -14.37 30.41
CA LEU L 157 -47.97 -13.86 30.92
C LEU L 157 -47.92 -12.36 30.97
N GLU L 158 -48.94 -11.73 30.38
CA GLU L 158 -49.07 -10.29 30.41
C GLU L 158 -50.05 -9.90 31.50
N LYS L 159 -49.52 -9.53 32.66
CA LYS L 159 -50.34 -9.07 33.78
C LYS L 159 -50.67 -7.60 33.59
N VAL L 160 -51.21 -7.00 34.65
CA VAL L 160 -51.38 -5.56 34.71
C VAL L 160 -51.28 -5.13 36.18
N LYS L 161 -50.35 -4.20 36.44
CA LYS L 161 -49.99 -3.81 37.82
C LYS L 161 -50.85 -2.67 38.39
N LYS L 162 -51.56 -1.95 37.51
CA LYS L 162 -52.38 -0.82 37.97
C LYS L 162 -53.78 -0.86 37.40
N CYS L 163 -54.77 -0.58 38.25
CA CYS L 163 -56.17 -0.56 37.87
C CYS L 163 -56.46 0.49 36.80
N GLU L 164 -57.26 0.11 35.82
CA GLU L 164 -57.66 1.00 34.74
C GLU L 164 -58.62 2.08 35.25
N GLN L 165 -59.43 1.71 36.24
CA GLN L 165 -60.44 2.61 36.78
C GLN L 165 -59.92 3.46 37.95
N CYS L 166 -59.75 2.85 39.11
CA CYS L 166 -59.35 3.58 40.31
C CYS L 166 -57.83 3.69 40.50
N GLY L 167 -57.08 2.99 39.64
CA GLY L 167 -55.62 3.03 39.69
C GLY L 167 -54.98 2.32 40.87
N SER L 168 -55.74 1.44 41.53
CA SER L 168 -55.23 0.68 42.67
C SER L 168 -54.32 -0.45 42.21
N LYS L 169 -53.12 -0.48 42.78
CA LYS L 169 -52.12 -1.51 42.47
C LYS L 169 -52.41 -2.81 43.24
N ASN L 170 -53.69 -3.12 43.34
CA ASN L 170 -54.19 -4.30 44.04
C ASN L 170 -55.06 -5.10 43.07
N ILE L 171 -54.41 -5.69 42.07
CA ILE L 171 -55.10 -6.47 41.05
C ILE L 171 -54.75 -7.96 41.19
N GLU L 172 -55.73 -8.83 40.90
CA GLU L 172 -55.51 -10.26 40.89
C GLU L 172 -56.16 -10.88 39.65
N LEU L 173 -55.64 -12.02 39.23
CA LEU L 173 -56.24 -12.74 38.12
C LEU L 173 -57.44 -13.53 38.63
N ASP L 174 -58.58 -13.42 37.93
CA ASP L 174 -59.77 -14.18 38.30
C ASP L 174 -59.90 -15.44 37.47
N VAL L 175 -59.66 -16.58 38.10
CA VAL L 175 -59.70 -17.87 37.40
C VAL L 175 -61.02 -18.09 36.66
N ASN L 176 -62.14 -17.91 37.36
CA ASN L 176 -63.46 -18.17 36.78
C ASN L 176 -63.82 -17.32 35.56
N LYS L 177 -63.66 -16.01 35.70
CA LYS L 177 -64.01 -15.05 34.64
C LYS L 177 -63.09 -15.15 33.43
N SER L 178 -61.94 -15.79 33.60
CA SER L 178 -60.96 -16.02 32.51
C SER L 178 -61.36 -17.22 31.66
N SER L 179 -60.79 -17.28 30.47
CA SER L 179 -61.02 -18.42 29.58
C SER L 179 -59.77 -19.29 29.52
N PHE L 180 -59.96 -20.59 29.50
CA PHE L 180 -58.80 -21.48 29.39
C PHE L 180 -58.96 -22.42 28.24
N VAL L 181 -57.84 -22.82 27.66
CA VAL L 181 -57.84 -23.88 26.64
C VAL L 181 -56.72 -24.86 26.92
N ASN L 182 -56.91 -26.11 26.54
CA ASN L 182 -55.84 -27.11 26.63
C ASN L 182 -54.62 -26.75 25.80
N PHE L 183 -53.44 -27.11 26.33
CA PHE L 183 -52.16 -26.70 25.78
C PHE L 183 -51.21 -27.88 25.90
N GLN L 184 -50.40 -28.14 24.90
CA GLN L 184 -49.39 -29.20 25.03
C GLN L 184 -48.12 -28.92 24.27
N SER L 185 -47.00 -28.80 24.99
CA SER L 185 -45.71 -28.67 24.33
C SER L 185 -45.15 -30.00 23.79
N PHE L 186 -44.31 -29.89 22.77
CA PHE L 186 -43.72 -31.05 22.15
C PHE L 186 -42.47 -30.67 21.35
N ARG L 187 -41.57 -31.63 21.17
CA ARG L 187 -40.37 -31.39 20.42
C ARG L 187 -40.24 -32.37 19.29
N ILE L 188 -39.77 -31.86 18.15
CA ILE L 188 -39.44 -32.68 16.99
C ILE L 188 -38.07 -32.34 16.44
N GLN L 189 -37.38 -33.35 15.93
CA GLN L 189 -36.09 -33.16 15.32
C GLN L 189 -36.04 -33.95 14.01
N ASP L 190 -35.02 -33.71 13.17
CA ASP L 190 -34.84 -34.41 11.90
C ASP L 190 -34.49 -35.85 12.19
N ARG L 191 -35.17 -36.79 11.53
CA ARG L 191 -34.83 -38.19 11.71
C ARG L 191 -33.45 -38.47 11.13
N PRO L 192 -32.54 -39.02 11.96
CA PRO L 192 -31.12 -39.23 11.65
C PRO L 192 -30.82 -40.15 10.46
N GLU L 193 -31.83 -40.82 9.93
CA GLU L 193 -31.69 -41.59 8.70
C GLU L 193 -31.45 -40.67 7.50
N THR L 194 -32.41 -39.78 7.23
CA THR L 194 -32.29 -38.78 6.17
C THR L 194 -31.54 -37.55 6.68
N LEU L 195 -30.32 -37.82 7.14
CA LEU L 195 -29.41 -36.84 7.67
C LEU L 195 -28.07 -37.57 7.64
N LYS L 196 -27.11 -37.04 6.91
CA LYS L 196 -25.82 -37.69 6.70
C LYS L 196 -25.20 -38.19 8.00
N GLY L 197 -24.65 -39.39 7.99
CA GLY L 197 -24.18 -40.06 9.19
C GLY L 197 -23.00 -39.40 9.89
N GLY L 198 -23.16 -38.13 10.24
CA GLY L 198 -22.11 -37.36 10.91
C GLY L 198 -22.65 -36.29 11.85
N GLU L 199 -23.28 -35.28 11.28
CA GLU L 199 -23.91 -34.20 12.06
C GLU L 199 -25.04 -34.71 12.94
N MET L 200 -25.03 -34.28 14.21
CA MET L 200 -26.08 -34.64 15.16
C MET L 200 -27.37 -33.90 14.78
N PRO L 201 -28.52 -34.59 14.84
CA PRO L 201 -29.80 -33.97 14.46
C PRO L 201 -30.10 -32.66 15.19
N ARG L 202 -30.84 -31.78 14.51
CA ARG L 202 -31.34 -30.54 15.10
C ARG L 202 -32.80 -30.73 15.49
N PHE L 203 -33.31 -29.85 16.36
CA PHE L 203 -34.63 -30.04 16.96
C PHE L 203 -35.37 -28.71 17.11
N ILE L 204 -36.69 -28.78 17.28
CA ILE L 204 -37.48 -27.58 17.55
C ILE L 204 -38.69 -27.85 18.46
N ASP L 205 -38.84 -27.02 19.49
CA ASP L 205 -39.99 -27.12 20.39
C ASP L 205 -41.18 -26.35 19.80
N GLY L 206 -42.38 -26.94 19.99
CA GLY L 206 -43.63 -26.40 19.43
C GLY L 206 -44.79 -26.38 20.40
N ILE L 207 -45.88 -25.75 19.98
CA ILE L 207 -47.06 -25.64 20.81
C ILE L 207 -48.29 -26.20 20.07
N LEU L 208 -49.17 -26.88 20.82
CA LEU L 208 -50.46 -27.36 20.31
C LEU L 208 -51.55 -26.80 21.21
N LEU L 209 -52.71 -26.48 20.65
CA LEU L 209 -53.83 -25.92 21.43
C LEU L 209 -55.16 -26.57 21.08
N ASP L 210 -56.14 -26.52 21.99
CA ASP L 210 -57.44 -27.12 21.76
C ASP L 210 -57.38 -28.51 21.11
N ASP L 211 -58.17 -28.67 20.07
CA ASP L 211 -58.40 -29.95 19.42
C ASP L 211 -57.15 -30.68 18.93
N ILE L 212 -56.07 -29.96 18.64
CA ILE L 212 -54.83 -30.63 18.18
C ILE L 212 -53.90 -31.03 19.34
N VAL L 213 -54.39 -30.91 20.57
CA VAL L 213 -53.67 -31.31 21.78
C VAL L 213 -53.75 -32.84 21.91
N ASP L 214 -52.69 -33.44 22.42
CA ASP L 214 -52.63 -34.91 22.56
C ASP L 214 -52.86 -35.68 21.25
N VAL L 215 -52.19 -35.28 20.17
CA VAL L 215 -52.42 -35.95 18.90
C VAL L 215 -51.22 -36.78 18.49
N ALA L 216 -50.09 -36.61 19.17
CA ALA L 216 -48.91 -37.40 18.88
C ALA L 216 -48.13 -37.75 20.14
N LEU L 217 -47.51 -38.92 20.10
CA LEU L 217 -46.68 -39.42 21.16
C LEU L 217 -45.24 -39.32 20.69
N PRO L 218 -44.29 -39.34 21.63
CA PRO L 218 -42.89 -39.51 21.24
C PRO L 218 -42.64 -40.77 20.40
N GLY L 219 -41.93 -40.59 19.28
CA GLY L 219 -41.63 -41.66 18.33
C GLY L 219 -42.40 -41.57 17.02
N ASP L 220 -43.35 -40.63 16.94
CA ASP L 220 -44.21 -40.49 15.76
C ASP L 220 -43.58 -39.62 14.71
N ARG L 221 -43.61 -40.09 13.46
CA ARG L 221 -43.21 -39.27 12.32
C ARG L 221 -44.38 -38.39 11.94
N VAL L 222 -44.22 -37.09 12.07
CA VAL L 222 -45.30 -36.16 11.75
C VAL L 222 -44.92 -35.16 10.67
N ILE L 223 -45.93 -34.49 10.12
CA ILE L 223 -45.73 -33.37 9.19
C ILE L 223 -46.55 -32.20 9.68
N VAL L 224 -45.95 -31.40 10.55
CA VAL L 224 -46.68 -30.27 11.11
C VAL L 224 -46.67 -29.11 10.15
N THR L 225 -47.67 -28.27 10.28
CA THR L 225 -47.69 -26.98 9.63
C THR L 225 -47.68 -25.99 10.80
N GLY L 226 -47.10 -24.81 10.64
CA GLY L 226 -47.09 -23.89 11.78
C GLY L 226 -46.55 -22.50 11.57
N ILE L 227 -46.67 -21.67 12.59
CA ILE L 227 -46.05 -20.36 12.53
C ILE L 227 -44.72 -20.42 13.28
N LEU L 228 -43.63 -20.06 12.61
CA LEU L 228 -42.37 -19.91 13.29
C LEU L 228 -42.45 -18.67 14.19
N ARG L 229 -42.17 -18.84 15.47
CA ARG L 229 -42.25 -17.73 16.42
C ARG L 229 -40.89 -17.58 17.09
N VAL L 230 -40.65 -16.40 17.67
CA VAL L 230 -39.37 -16.16 18.34
C VAL L 230 -39.58 -15.42 19.63
N VAL L 231 -38.73 -15.70 20.62
CA VAL L 231 -38.72 -14.92 21.87
C VAL L 231 -37.32 -14.73 22.45
N LEU L 232 -37.19 -13.73 23.33
CA LEU L 232 -35.90 -13.27 23.84
C LEU L 232 -35.08 -14.27 24.66
N GLU L 233 -34.88 -15.46 24.09
CA GLU L 233 -34.14 -16.56 24.72
C GLU L 233 -34.52 -16.76 26.19
N LYS L 234 -33.63 -17.35 26.99
CA LYS L 234 -33.89 -17.56 28.41
C LYS L 234 -34.08 -16.23 29.14
N ARG L 235 -33.00 -15.47 29.26
CA ARG L 235 -33.08 -14.14 29.87
C ARG L 235 -33.11 -13.07 28.78
N GLU L 236 -33.62 -11.90 29.13
CA GLU L 236 -33.89 -10.82 28.17
C GLU L 236 -32.72 -9.84 28.01
N LYS L 237 -31.52 -10.29 28.37
CA LYS L 237 -30.31 -9.50 28.24
C LYS L 237 -29.89 -9.48 26.77
N THR L 238 -29.36 -10.62 26.29
CA THR L 238 -28.92 -10.82 24.90
C THR L 238 -30.06 -10.60 23.87
N PRO L 239 -29.70 -10.21 22.63
CA PRO L 239 -30.66 -10.05 21.52
C PRO L 239 -30.70 -11.24 20.57
N ILE L 240 -30.53 -12.44 21.11
CA ILE L 240 -30.69 -13.66 20.34
C ILE L 240 -32.08 -14.25 20.65
N PHE L 241 -32.64 -15.02 19.72
CA PHE L 241 -34.01 -15.50 19.87
C PHE L 241 -34.11 -17.01 19.86
N ARG L 242 -35.18 -17.51 20.48
CA ARG L 242 -35.47 -18.93 20.53
C ARG L 242 -36.59 -19.22 19.54
N LYS L 243 -36.44 -20.25 18.72
CA LYS L 243 -37.49 -20.56 17.76
C LYS L 243 -38.54 -21.50 18.40
N ILE L 244 -39.80 -21.05 18.33
CA ILE L 244 -40.95 -21.84 18.75
C ILE L 244 -41.94 -22.00 17.61
N LEU L 245 -42.35 -23.24 17.33
CA LEU L 245 -43.27 -23.51 16.23
C LEU L 245 -44.68 -23.65 16.74
N GLU L 246 -45.46 -22.57 16.60
CA GLU L 246 -46.87 -22.55 16.99
C GLU L 246 -47.68 -23.34 15.97
N VAL L 247 -47.96 -24.62 16.28
CA VAL L 247 -48.54 -25.57 15.30
C VAL L 247 -49.94 -25.14 14.86
N ASN L 248 -50.16 -25.16 13.55
CA ASN L 248 -51.46 -24.86 12.95
C ASN L 248 -52.16 -26.11 12.41
N HIS L 249 -51.43 -27.21 12.29
CA HIS L 249 -52.03 -28.45 11.82
C HIS L 249 -50.96 -29.50 11.83
N ILE L 250 -51.30 -30.67 12.36
CA ILE L 250 -50.37 -31.77 12.49
C ILE L 250 -51.00 -33.02 11.92
N GLU L 251 -50.19 -33.85 11.29
CA GLU L 251 -50.67 -35.00 10.56
C GLU L 251 -49.58 -36.08 10.59
N PRO L 252 -49.97 -37.34 10.87
CA PRO L 252 -48.97 -38.40 10.85
C PRO L 252 -48.65 -38.92 9.45
N VAL L 253 -47.54 -39.67 9.34
CA VAL L 253 -47.12 -40.35 8.11
C VAL L 253 -46.28 -41.60 8.42
N SER L 254 -46.73 -42.77 7.97
CA SER L 254 -45.95 -44.00 8.17
C SER L 254 -44.98 -44.22 7.01
N LYS L 255 -43.69 -44.06 7.30
CA LYS L 255 -42.64 -44.16 6.28
C LYS L 255 -42.05 -45.56 6.19
ZN ZN Q . 21.43 -14.22 -53.35
ZN ZN R . 19.71 -15.32 -28.53
ZN ZN S . 39.73 -7.82 -20.87
ZN ZN T . 55.75 -2.39 -35.88
ZN ZN U . 58.02 -1.97 -60.86
ZN ZN V . 37.21 -8.96 -69.37
ZN ZN W . -46.00 7.14 21.40
ZN ZN X . -24.86 15.63 28.49
ZN ZN Y . -20.50 15.88 51.71
ZN ZN Z . -34.51 8.72 66.98
ZN ZN AA . -59.39 -0.69 63.52
ZN ZN BA . -59.88 -0.37 40.87
#